data_7EH5
#
_entry.id   7EH5
#
_cell.length_a   1.00
_cell.length_b   1.00
_cell.length_c   1.00
_cell.angle_alpha   90.00
_cell.angle_beta   90.00
_cell.angle_gamma   90.00
#
_symmetry.space_group_name_H-M   'P 1'
#
loop_
_entity.id
_entity.type
_entity.pdbx_description
1 polymer 'Spike glycoprotein'
2 polymer 'RBD-chAb45, heavy chain'
3 polymer 'RBD-chAb15, light chain'
4 polymer 'RBD-chAb15, heavy chain'
5 polymer 'RBD-chAb45, light chain'
6 branched 2-acetamido-2-deoxy-beta-D-glucopyranose-(1-4)-2-acetamido-2-deoxy-beta-D-glucopyranose
7 non-polymer 2-acetamido-2-deoxy-beta-D-glucopyranose
#
loop_
_entity_poly.entity_id
_entity_poly.type
_entity_poly.pdbx_seq_one_letter_code
_entity_poly.pdbx_strand_id
1 'polypeptide(L)'
;MFVFLVLLPLVSSQCVNLTTRTQLPPAYTNSFTRGVYYPDKVFRSSVLHSTQDLFLPFFSNVTWFHAIHVSGTNGTKRFD
NPVLPFNDGVYFASTEKSNIIRGWIFGTTLDSKTQSLLIVNNATNVVIKVCEFQFCNDPFLGVYYHKNNKSWMESEFRVY
SSANNCTFEYVSQPFLMDLEGKQGNFKNLREFVFKNIDGYFKIYSKHTPINLVRDLPQGFSALEPLVDLPIGINITRFQT
LLALHRSYLTPGDSSSGWTAGAAAYYVGYLQPRTFLLKYNENGTITDAVDCALDPLSETKCTLKSFTVEKGIYQTSNFRV
QPTESIVRFPNITNLCPFGEVFNATRFASVYAWNRKRISNCVADYSVLYNSASFSTFKCYGVSPTKLNDLCFTNVYADSF
VIRGDEVRQIAPGQTGKIADYNYKLPDDFTGCVIAWNSNNLDSKVGGNYNYLYRLFRKSNLKPFERDISTEIYQAGSTPC
NGVEGFNCYFPLQSYGFQPTNGVGYQPYRVVVLSFELLHAPATVCGPKKSTNLVKNKCVNFNFNGLTGTGVLTESNKKFL
PFQQFGRDIADTTDAVRDPQTLEILDITPCSFGGVSVITPGTNTSNQVAVLYQGVNCTEVPVAIHADQLTPTWRVYSTGS
NVFQTRAGCLIGAEHVNNSYECDIPIGAGICASYQTQTNSPGSASSVASQSIIAYTMSLGAENSVAYSNNSIAIPTNFTI
SVTTEILPVSMTKTSVDCTMYICGDSTECSNLLLQYGSFCTQLNRALTGIAVEQDKNTQEVFAQVKQIYKTPPIKDFGGF
NFSQILPDPSKPSKRSFIEDLLFNKVTLADAGFIKQYGDCLGDIAARDLICAQKFNGLTVLPPLLTDEMIAQYTSALLAG
TITSGWTFGAGAALQIPFAMQMAYRFNGIGVTQNVLYENQKLIANQFNSAIGKIQDSLSSTASALGKLQDVVNQNAQALN
TLVKQLSSNFGAISSVLNDILSRLDPPEAEVQIDRLITGRLQSLQTYVTQQLIRAAEIRASANLAATKMSECVLGQSKRV
DFCGKGYHLMSFPQSAPHGVVFLHVTYVPAQEKNFTTAPAICHDGKAHFPREGVFVSNGTHWFVTQRNFYEPQIITTDNT
FVSGNCDVVIGIVNNTVYDPLQPELDSFKEELDKYFKNHTSPDVDLGDISGINASVVNIQKEIDRLNEVAKNLNESLIDL
QELGKYEQEFGSGGYIPEAPRDGQAYVRKDGEWVLLSTFLKGQDNSADIQHSGRPLESRGPFEQKLISEEDLNMHTGHHH
HHH
;
A,B,C
2 'polypeptide(L)'
;EVQLQQSGPELVKPGASVKISCKTSGYTFTEYTIYWVKQSLGKSLEWIGGNNPNNDDTTYKQFFKGKATLTVDKSSSTAY
MELRSLTSEDSAVYYCARDGYPYYYALDFWGQGTSVTVSSASTKGPSVFPLAPSSKSTSGGTAALGCLVKDYFPEPVTVS
WNSGALTSGVHTFPAVLQSSGLYSLSSVVTVPSSSLGTQTYICNVNHKPSNTKVDKKVEPKSCDKTHTCPPCPAPELLGG
PSVFLFPPKPKDTLMISRTPEVTCVVVDVSHEDPEVKFNWYVDGVEVHNAKTKPREEQYNSTYRVVSVLTVLHQDWLNGK
EYKCKVSNKALPAPIEKTISKAKGQPREPQVYTLPPSRDELTKNQVSLTCLVKGFYPSDIAVEWESNGQPENNYKTTPPV
LDSDGSFFLYSKLTVDKSRWQQGNVFSCSVMHEALHNHYTQKSLSLSPG
;
H,I,J
3 'polypeptide(L)'
;DIQLTQSPAILSVSPGERVSFSCRASQSIGTSIHWYQQRTNGSPRHLIKYASESISGIPSRFSGSGSGTDFTLTINGVES
EDIADYYCQQGHNWPLTFGAGTKLELKRATVAAPSVFIFPPSDEQLKSGTASVVCLLNNFYPREAKVQWKVDNALQSGNS
QESVTEQDSKDSTYSLSSTLTLSKADYEKHKVYACEVTHQGLSSPVTKSFNRGEC
;
O,P,Q
4 'polypeptide(L)'
;EVQLEESGPGLVQPSQSLSITCTVSDFSLTTYGVHWVRQSPGKGLEWLGVIWSGGSTDYNAAFISRLSISKDNSKSQVFF
KMNSLQTNDTAIYYCARMGDGYYVGAMDYWGQGTSVTVSSASTKGPSVFPLAPSSKSTSGGTAALGCLVKDYFPEPVTVS
WNSGALTSGVHTFPAVLQSSGLYSLSSVVTVPSSSLGTQTYICNVNHKPSNTKVDKKVEPKSCDKTHTCPPCPAPELLGG
PSVFLFPPKPKDTLMISRTPEVTCVVVDVSHEDPEVKFNWYVDGVEVHNAKTKPREEQYNSTYRVVSVLTVLHQDWLNGK
EYKCKVSNKALPAPIEKTISKAKGQPREPQVYTLPPSRDELTKNQVSLTCLVKGFYPSDIAVEWESNGQPENNYKTTPPV
LDSDGSFFLYSKLTVDKSRWQQGNVFSCSVMHEALHNHYTQKSLSLSPG
;
F,D,E
5 'polypeptide(L)'
;DIVMTQSQKFMSTSVGDRVSVTCKSSQNVGTNVAWYQQKPGQSPKALIYSASYRYSGVPDHFTGSGSGTDFTLTISNVQS
ADLAEYFCQQYNNYPWTFGGGTKLEIKRTVAAPSVFIFPPSDEQLKSGTASVVCLLNNFYPREAKVQWKVDNALQSGNSQ
ESVTEQDSKDSTYSLSSTLTLSKADYEKHKVYACEVTHQGLSSPVTKSFNRGEC
;
L,M,N
#
# COMPACT_ATOMS: atom_id res chain seq x y z
N ALA A 27 24.53 -19.43 -52.42
CA ALA A 27 24.20 -20.84 -52.20
C ALA A 27 23.56 -21.04 -50.84
N TYR A 28 22.73 -22.08 -50.73
CA TYR A 28 22.04 -22.41 -49.49
C TYR A 28 22.35 -23.85 -49.10
N THR A 29 22.48 -24.08 -47.80
CA THR A 29 22.81 -25.40 -47.26
C THR A 29 21.86 -25.74 -46.13
N ASN A 30 21.52 -27.03 -46.01
CA ASN A 30 20.57 -27.50 -45.02
C ASN A 30 21.32 -27.98 -43.78
N SER A 31 21.02 -27.35 -42.64
CA SER A 31 21.62 -27.72 -41.36
C SER A 31 20.76 -28.82 -40.74
N PHE A 32 21.23 -30.05 -40.80
CA PHE A 32 20.44 -31.20 -40.37
C PHE A 32 20.11 -31.16 -38.88
N THR A 33 21.12 -31.30 -38.02
CA THR A 33 20.88 -31.36 -36.59
C THR A 33 21.92 -30.65 -35.74
N ARG A 34 22.90 -29.96 -36.33
CA ARG A 34 23.96 -29.35 -35.55
C ARG A 34 23.44 -28.14 -34.79
N GLY A 35 24.25 -27.67 -33.85
CA GLY A 35 23.92 -26.49 -33.08
C GLY A 35 23.45 -26.79 -31.67
N VAL A 36 24.13 -27.70 -30.99
CA VAL A 36 23.77 -28.11 -29.63
C VAL A 36 24.94 -27.82 -28.71
N TYR A 37 24.68 -27.10 -27.62
CA TYR A 37 25.70 -26.76 -26.65
C TYR A 37 25.07 -26.74 -25.25
N TYR A 38 25.92 -26.87 -24.25
CA TYR A 38 25.44 -26.87 -22.87
C TYR A 38 24.94 -25.49 -22.49
N PRO A 39 23.68 -25.34 -22.10
CA PRO A 39 23.18 -24.00 -21.72
C PRO A 39 23.68 -23.53 -20.38
N ASP A 40 24.15 -24.44 -19.52
CA ASP A 40 24.58 -24.09 -18.18
C ASP A 40 25.87 -24.84 -17.88
N LYS A 41 26.28 -24.84 -16.61
CA LYS A 41 27.48 -25.51 -16.16
C LYS A 41 27.15 -26.50 -15.04
N VAL A 42 26.07 -27.25 -15.20
CA VAL A 42 25.62 -28.19 -14.19
C VAL A 42 25.86 -29.61 -14.70
N PHE A 43 25.63 -30.58 -13.82
CA PHE A 43 25.78 -31.99 -14.16
C PHE A 43 24.51 -32.75 -13.80
N ARG A 44 24.10 -33.64 -14.69
CA ARG A 44 22.93 -34.49 -14.47
C ARG A 44 23.27 -35.90 -14.93
N SER A 45 22.53 -36.88 -14.40
CA SER A 45 22.80 -38.29 -14.67
C SER A 45 21.53 -38.95 -15.19
N SER A 46 21.42 -39.10 -16.50
CA SER A 46 20.35 -39.86 -17.16
C SER A 46 18.97 -39.35 -16.75
N VAL A 47 18.73 -38.07 -17.03
CA VAL A 47 17.43 -37.46 -16.75
C VAL A 47 17.10 -36.50 -17.88
N LEU A 48 15.83 -36.50 -18.28
CA LEU A 48 15.39 -35.60 -19.33
C LEU A 48 15.26 -34.18 -18.79
N HIS A 49 15.63 -33.20 -19.61
CA HIS A 49 15.55 -31.81 -19.22
C HIS A 49 15.00 -30.98 -20.37
N SER A 50 14.30 -29.90 -20.01
CA SER A 50 13.75 -28.97 -20.98
C SER A 50 14.36 -27.60 -20.75
N THR A 51 14.88 -26.99 -21.82
CA THR A 51 15.58 -25.71 -21.74
C THR A 51 15.07 -24.78 -22.82
N GLN A 52 14.96 -23.50 -22.48
CA GLN A 52 14.61 -22.45 -23.42
C GLN A 52 15.76 -21.48 -23.52
N ASP A 53 16.38 -21.42 -24.70
CA ASP A 53 17.54 -20.56 -24.94
C ASP A 53 17.70 -20.40 -26.45
N LEU A 54 18.74 -19.68 -26.86
CA LEU A 54 19.00 -19.46 -28.27
C LEU A 54 19.59 -20.72 -28.89
N PHE A 55 19.02 -21.15 -30.01
CA PHE A 55 19.48 -22.36 -30.68
C PHE A 55 19.25 -22.22 -32.17
N LEU A 56 20.00 -23.00 -32.94
CA LEU A 56 19.80 -23.05 -34.38
C LEU A 56 18.65 -24.01 -34.69
N PRO A 57 17.61 -23.56 -35.38
CA PRO A 57 16.52 -24.46 -35.73
C PRO A 57 17.00 -25.59 -36.62
N PHE A 58 16.45 -26.79 -36.39
CA PHE A 58 16.84 -27.94 -37.19
C PHE A 58 16.26 -27.82 -38.61
N PHE A 59 16.98 -28.42 -39.55
CA PHE A 59 16.58 -28.42 -40.96
C PHE A 59 16.42 -27.00 -41.50
N SER A 60 17.23 -26.07 -40.99
CA SER A 60 17.18 -24.69 -41.43
C SER A 60 18.15 -24.46 -42.59
N ASN A 61 18.12 -23.26 -43.12
CA ASN A 61 18.96 -22.87 -44.26
C ASN A 61 20.06 -21.95 -43.79
N VAL A 62 21.29 -22.27 -44.19
CA VAL A 62 22.46 -21.47 -43.84
C VAL A 62 23.17 -21.06 -45.12
N THR A 63 23.80 -19.89 -45.06
CA THR A 63 24.46 -19.30 -46.23
C THR A 63 25.85 -19.90 -46.39
N TRP A 64 26.18 -20.27 -47.63
CA TRP A 64 27.49 -20.79 -47.97
C TRP A 64 28.29 -19.72 -48.68
N PHE A 65 29.47 -19.42 -48.16
CA PHE A 65 30.35 -18.40 -48.72
C PHE A 65 31.56 -19.07 -49.35
N HIS A 66 31.93 -18.61 -50.55
CA HIS A 66 33.08 -19.13 -51.27
C HIS A 66 34.19 -18.08 -51.26
N ALA A 67 35.39 -18.49 -50.87
CA ALA A 67 36.54 -17.59 -50.75
C ALA A 67 37.68 -18.13 -51.60
N ILE A 68 37.95 -17.47 -52.71
CA ILE A 68 39.07 -17.84 -53.58
C ILE A 68 39.79 -16.59 -54.05
N ASN A 81 34.99 -11.62 -48.59
CA ASN A 81 34.81 -11.42 -47.15
C ASN A 81 33.87 -10.25 -46.81
N PRO A 82 32.61 -10.36 -47.22
CA PRO A 82 31.68 -9.24 -46.98
C PRO A 82 31.29 -9.10 -45.52
N VAL A 83 30.46 -8.11 -45.22
CA VAL A 83 30.05 -7.79 -43.85
C VAL A 83 28.68 -8.39 -43.60
N LEU A 84 28.52 -9.05 -42.46
CA LEU A 84 27.26 -9.67 -42.09
C LEU A 84 26.84 -9.19 -40.71
N PRO A 85 25.53 -9.09 -40.47
CA PRO A 85 25.07 -8.67 -39.14
C PRO A 85 25.38 -9.71 -38.08
N PHE A 86 25.58 -9.23 -36.85
CA PHE A 86 25.84 -10.12 -35.73
C PHE A 86 24.56 -10.79 -35.26
N ASN A 87 23.59 -9.99 -34.82
CA ASN A 87 22.22 -10.45 -34.56
C ASN A 87 22.18 -11.55 -33.49
N ASP A 88 22.71 -11.23 -32.32
CA ASP A 88 22.58 -12.06 -31.12
C ASP A 88 23.08 -13.48 -31.35
N GLY A 89 24.37 -13.59 -31.63
CA GLY A 89 25.01 -14.89 -31.76
C GLY A 89 25.10 -15.40 -33.18
N VAL A 90 26.23 -16.02 -33.52
CA VAL A 90 26.46 -16.58 -34.84
C VAL A 90 27.01 -17.99 -34.67
N TYR A 91 26.90 -18.77 -35.74
CA TYR A 91 27.42 -20.13 -35.78
C TYR A 91 28.45 -20.23 -36.90
N PHE A 92 29.63 -20.74 -36.58
CA PHE A 92 30.73 -20.79 -37.52
C PHE A 92 31.26 -22.22 -37.65
N ALA A 93 31.57 -22.63 -38.87
CA ALA A 93 32.21 -23.90 -39.15
C ALA A 93 33.32 -23.68 -40.16
N SER A 94 34.40 -24.44 -40.03
CA SER A 94 35.56 -24.33 -40.91
C SER A 94 35.85 -25.70 -41.52
N THR A 95 35.92 -25.77 -42.84
CA THR A 95 36.18 -27.02 -43.55
C THR A 95 37.51 -26.99 -44.30
N GLU A 96 38.42 -26.10 -43.93
CA GLU A 96 39.69 -25.94 -44.61
C GLU A 96 40.79 -26.62 -43.80
N LYS A 97 41.52 -27.53 -44.44
CA LYS A 97 42.62 -28.21 -43.78
C LYS A 97 43.81 -27.28 -43.55
N SER A 98 44.10 -26.42 -44.52
CA SER A 98 45.21 -25.47 -44.39
C SER A 98 44.88 -24.40 -43.36
N ASN A 99 45.92 -23.94 -42.66
CA ASN A 99 45.77 -22.94 -41.61
C ASN A 99 45.77 -21.53 -42.20
N ILE A 100 44.74 -21.25 -42.99
CA ILE A 100 44.56 -19.96 -43.63
C ILE A 100 43.53 -19.11 -42.90
N ILE A 101 42.38 -19.69 -42.58
CA ILE A 101 41.35 -18.98 -41.82
C ILE A 101 41.83 -18.87 -40.38
N ARG A 102 42.13 -17.65 -39.95
CA ARG A 102 42.81 -17.44 -38.68
C ARG A 102 41.99 -16.63 -37.67
N GLY A 103 41.54 -15.43 -38.04
CA GLY A 103 40.98 -14.51 -37.08
C GLY A 103 39.68 -13.90 -37.56
N TRP A 104 39.01 -13.21 -36.62
CA TRP A 104 37.77 -12.51 -36.88
C TRP A 104 37.83 -11.15 -36.20
N ILE A 105 37.17 -10.16 -36.80
CA ILE A 105 37.12 -8.81 -36.27
C ILE A 105 35.67 -8.47 -35.96
N PHE A 106 35.41 -8.09 -34.72
CA PHE A 106 34.08 -7.71 -34.28
C PHE A 106 34.03 -6.22 -33.99
N GLY A 107 32.81 -5.68 -34.01
CA GLY A 107 32.64 -4.27 -33.72
C GLY A 107 31.27 -3.79 -34.17
N THR A 108 31.11 -2.47 -34.16
CA THR A 108 29.88 -1.83 -34.60
C THR A 108 30.07 -0.72 -35.62
N THR A 109 31.27 -0.13 -35.72
CA THR A 109 31.53 0.92 -36.70
C THR A 109 32.76 0.67 -37.55
N LEU A 110 33.58 -0.34 -37.22
CA LEU A 110 34.80 -0.65 -37.97
C LEU A 110 35.71 0.57 -38.07
N ASP A 111 35.87 1.27 -36.93
CA ASP A 111 36.70 2.46 -36.89
C ASP A 111 37.23 2.64 -35.47
N SER A 112 38.25 3.49 -35.33
CA SER A 112 38.86 3.74 -34.04
C SER A 112 37.97 4.55 -33.12
N LYS A 113 36.85 5.09 -33.63
CA LYS A 113 35.93 5.83 -32.76
C LYS A 113 35.33 4.95 -31.68
N THR A 114 34.97 3.71 -32.04
CA THR A 114 34.38 2.77 -31.10
C THR A 114 35.29 1.56 -30.94
N GLN A 115 35.28 0.97 -29.75
CA GLN A 115 36.12 -0.20 -29.49
C GLN A 115 35.71 -1.35 -30.40
N SER A 116 36.72 -2.06 -30.90
CA SER A 116 36.51 -3.20 -31.80
C SER A 116 37.24 -4.40 -31.22
N LEU A 117 36.49 -5.48 -30.98
CA LEU A 117 37.10 -6.70 -30.48
C LEU A 117 37.95 -7.34 -31.58
N LEU A 118 39.11 -7.85 -31.19
CA LEU A 118 40.03 -8.48 -32.12
C LEU A 118 40.54 -9.79 -31.54
N ILE A 119 40.50 -10.85 -32.34
CA ILE A 119 41.04 -12.15 -31.97
C ILE A 119 42.01 -12.58 -33.06
N VAL A 120 43.24 -12.90 -32.67
CA VAL A 120 44.30 -13.24 -33.61
C VAL A 120 44.95 -14.53 -33.16
N ASN A 121 45.13 -15.46 -34.09
CA ASN A 121 45.84 -16.72 -33.83
C ASN A 121 47.28 -16.58 -34.30
N ASN A 122 48.22 -16.88 -33.40
CA ASN A 122 49.64 -16.78 -33.67
C ASN A 122 50.28 -18.13 -33.99
N ALA A 123 49.46 -19.16 -34.23
CA ALA A 123 49.89 -20.52 -34.53
C ALA A 123 50.53 -21.18 -33.31
N THR A 124 50.68 -20.43 -32.22
CA THR A 124 51.14 -20.96 -30.94
C THR A 124 50.32 -20.48 -29.75
N ASN A 125 49.65 -19.34 -29.86
CA ASN A 125 48.81 -18.81 -28.79
C ASN A 125 47.82 -17.83 -29.37
N VAL A 126 46.78 -17.53 -28.61
CA VAL A 126 45.73 -16.61 -29.03
C VAL A 126 45.82 -15.34 -28.20
N VAL A 127 45.67 -14.20 -28.85
CA VAL A 127 45.68 -12.90 -28.20
C VAL A 127 44.35 -12.21 -28.46
N ILE A 128 43.75 -11.67 -27.39
CA ILE A 128 42.47 -11.01 -27.46
C ILE A 128 42.63 -9.59 -26.97
N LYS A 129 42.16 -8.62 -27.76
CA LYS A 129 42.27 -7.21 -27.39
C LYS A 129 41.06 -6.47 -27.91
N VAL A 130 40.42 -5.70 -27.02
CA VAL A 130 39.29 -4.85 -27.39
C VAL A 130 39.76 -3.44 -27.77
N CYS A 131 41.07 -3.24 -27.86
CA CYS A 131 41.62 -1.91 -28.13
C CYS A 131 41.20 -1.42 -29.52
N GLU A 132 40.99 -0.12 -29.62
CA GLU A 132 40.44 0.46 -30.84
C GLU A 132 41.41 0.31 -32.01
N PHE A 133 40.86 0.03 -33.19
CA PHE A 133 41.61 -0.02 -34.42
C PHE A 133 40.85 0.72 -35.51
N GLN A 134 41.59 1.30 -36.45
CA GLN A 134 40.98 2.07 -37.52
C GLN A 134 40.39 1.12 -38.58
N PHE A 135 39.79 1.72 -39.60
CA PHE A 135 39.15 0.95 -40.65
C PHE A 135 40.19 0.16 -41.46
N CYS A 136 39.81 -1.04 -41.86
CA CYS A 136 40.68 -1.92 -42.65
C CYS A 136 39.79 -2.70 -43.62
N ASN A 137 39.66 -2.18 -44.85
CA ASN A 137 38.86 -2.87 -45.85
C ASN A 137 39.44 -4.22 -46.20
N ASP A 138 40.76 -4.32 -46.33
CA ASP A 138 41.41 -5.56 -46.67
C ASP A 138 42.18 -6.13 -45.48
N PRO A 139 42.10 -7.45 -45.25
CA PRO A 139 42.84 -8.04 -44.13
C PRO A 139 44.33 -8.08 -44.41
N PHE A 140 45.11 -8.05 -43.34
CA PHE A 140 46.57 -8.12 -43.42
C PHE A 140 46.94 -9.59 -43.62
N LEU A 141 46.86 -10.03 -44.88
CA LEU A 141 47.13 -11.43 -45.20
C LEU A 141 48.60 -11.78 -44.92
N GLY A 142 49.52 -10.93 -45.34
CA GLY A 142 50.94 -11.19 -45.17
C GLY A 142 51.54 -12.14 -46.17
N VAL A 143 50.76 -12.62 -47.14
CA VAL A 143 51.23 -13.56 -48.16
C VAL A 143 51.86 -14.81 -47.52
N VAL A 159 47.06 -6.41 -37.68
CA VAL A 159 46.57 -5.11 -38.12
C VAL A 159 47.34 -3.99 -37.44
N TYR A 160 47.81 -3.05 -38.23
CA TYR A 160 48.61 -1.92 -37.74
C TYR A 160 47.90 -0.59 -38.00
N SER A 161 46.56 -0.61 -37.97
CA SER A 161 45.80 0.60 -38.24
C SER A 161 46.06 1.67 -37.19
N SER A 162 45.69 1.40 -35.95
CA SER A 162 45.87 2.35 -34.86
C SER A 162 45.75 1.61 -33.53
N ALA A 163 46.20 2.27 -32.47
CA ALA A 163 46.11 1.76 -31.10
C ALA A 163 45.70 2.91 -30.20
N ASN A 164 44.39 3.06 -30.00
CA ASN A 164 43.83 4.14 -29.22
C ASN A 164 42.98 3.57 -28.09
N ASN A 165 43.15 4.12 -26.88
CA ASN A 165 42.36 3.74 -25.71
C ASN A 165 42.41 2.23 -25.48
N CYS A 166 43.61 1.68 -25.54
CA CYS A 166 43.80 0.24 -25.37
C CYS A 166 43.64 -0.13 -23.89
N THR A 167 42.54 -0.81 -23.57
CA THR A 167 42.17 -1.08 -22.18
C THR A 167 42.41 -2.52 -21.76
N PHE A 168 41.86 -3.48 -22.49
CA PHE A 168 41.89 -4.88 -22.09
C PHE A 168 42.85 -5.68 -22.97
N GLU A 169 43.50 -6.66 -22.36
CA GLU A 169 44.39 -7.58 -23.05
C GLU A 169 44.26 -8.96 -22.43
N TYR A 170 44.38 -9.99 -23.26
CA TYR A 170 44.28 -11.37 -22.80
C TYR A 170 45.17 -12.24 -23.67
N VAL A 171 45.85 -13.21 -23.04
CA VAL A 171 46.67 -14.18 -23.72
C VAL A 171 46.25 -15.57 -23.28
N SER A 172 46.03 -16.47 -24.23
CA SER A 172 45.66 -17.85 -23.94
C SER A 172 46.24 -18.73 -25.04
N GLN A 173 45.77 -19.97 -25.10
CA GLN A 173 46.27 -20.92 -26.10
C GLN A 173 45.91 -20.49 -27.51
N LYS A 187 38.03 -34.68 -43.39
CA LYS A 187 38.44 -33.33 -43.09
C LYS A 187 37.98 -32.91 -41.69
N ASN A 188 38.51 -31.80 -41.21
CA ASN A 188 38.21 -31.31 -39.86
C ASN A 188 37.20 -30.17 -39.94
N LEU A 189 36.20 -30.21 -39.06
CA LEU A 189 35.14 -29.21 -39.00
C LEU A 189 35.18 -28.58 -37.62
N ARG A 190 35.99 -27.54 -37.47
CA ARG A 190 36.14 -26.84 -36.19
C ARG A 190 34.90 -25.99 -35.96
N GLU A 191 33.92 -26.53 -35.26
CA GLU A 191 32.70 -25.80 -34.97
C GLU A 191 32.94 -24.78 -33.86
N PHE A 192 32.40 -23.57 -34.06
CA PHE A 192 32.48 -22.52 -33.05
C PHE A 192 31.14 -21.82 -32.95
N VAL A 193 30.75 -21.47 -31.73
CA VAL A 193 29.53 -20.73 -31.46
C VAL A 193 29.89 -19.52 -30.62
N PHE A 194 29.55 -18.33 -31.12
CA PHE A 194 29.87 -17.08 -30.45
C PHE A 194 28.59 -16.48 -29.90
N LYS A 195 28.62 -16.08 -28.63
CA LYS A 195 27.48 -15.49 -27.97
C LYS A 195 27.92 -14.25 -27.18
N ASN A 196 27.01 -13.28 -27.07
CA ASN A 196 27.29 -12.05 -26.32
C ASN A 196 26.00 -11.61 -25.66
N ILE A 197 25.91 -11.81 -24.34
CA ILE A 197 24.72 -11.44 -23.58
C ILE A 197 25.17 -10.85 -22.24
N ASP A 198 24.38 -9.90 -21.73
CA ASP A 198 24.59 -9.24 -20.44
C ASP A 198 26.06 -8.88 -20.21
N GLY A 199 26.68 -8.32 -21.25
CA GLY A 199 28.04 -7.86 -21.13
C GLY A 199 29.09 -8.95 -21.05
N TYR A 200 28.73 -10.19 -21.36
CA TYR A 200 29.64 -11.32 -21.29
C TYR A 200 29.76 -11.97 -22.66
N PHE A 201 31.00 -12.32 -23.03
CA PHE A 201 31.29 -12.95 -24.31
C PHE A 201 31.72 -14.39 -24.07
N LYS A 202 31.07 -15.33 -24.75
CA LYS A 202 31.34 -16.75 -24.60
C LYS A 202 31.71 -17.35 -25.94
N ILE A 203 32.71 -18.24 -25.94
CA ILE A 203 33.14 -18.95 -27.13
C ILE A 203 33.08 -20.44 -26.84
N TYR A 204 32.32 -21.17 -27.64
CA TYR A 204 32.16 -22.61 -27.49
C TYR A 204 32.82 -23.30 -28.67
N SER A 205 33.74 -24.21 -28.39
CA SER A 205 34.54 -24.86 -29.41
C SER A 205 34.42 -26.37 -29.32
N LYS A 206 34.59 -27.03 -30.46
CA LYS A 206 34.61 -28.48 -30.54
C LYS A 206 35.30 -28.91 -31.82
N HIS A 207 36.25 -29.83 -31.70
CA HIS A 207 37.00 -30.32 -32.83
C HIS A 207 36.36 -31.59 -33.38
N THR A 208 36.76 -31.95 -34.60
CA THR A 208 36.25 -33.16 -35.25
C THR A 208 37.40 -33.99 -35.78
N PRO A 209 37.35 -35.31 -35.63
CA PRO A 209 38.43 -36.16 -36.14
C PRO A 209 38.46 -36.19 -37.67
N ILE A 210 37.31 -36.45 -38.29
CA ILE A 210 37.23 -36.53 -39.74
C ILE A 210 35.82 -36.21 -40.20
N PRO A 217 27.79 -31.31 -43.46
CA PRO A 217 27.96 -31.45 -42.00
C PRO A 217 26.85 -32.25 -41.36
N GLN A 218 26.89 -33.57 -41.52
CA GLN A 218 25.87 -34.46 -40.99
C GLN A 218 26.41 -35.21 -39.77
N GLY A 219 25.59 -35.29 -38.73
CA GLY A 219 25.97 -35.92 -37.49
C GLY A 219 25.65 -35.04 -36.29
N PHE A 220 25.72 -35.66 -35.12
CA PHE A 220 25.43 -34.99 -33.86
C PHE A 220 26.69 -34.89 -33.02
N SER A 221 26.87 -33.72 -32.39
CA SER A 221 28.05 -33.47 -31.58
C SER A 221 27.68 -32.52 -30.45
N ALA A 222 28.55 -32.46 -29.44
CA ALA A 222 28.36 -31.63 -28.27
C ALA A 222 29.31 -30.45 -28.30
N LEU A 223 28.84 -29.30 -27.84
CA LEU A 223 29.64 -28.08 -27.76
C LEU A 223 29.75 -27.66 -26.29
N GLU A 224 30.96 -27.31 -25.87
CA GLU A 224 31.24 -26.98 -24.49
C GLU A 224 31.90 -25.61 -24.39
N PRO A 225 31.68 -24.89 -23.28
CA PRO A 225 32.25 -23.55 -23.16
C PRO A 225 33.75 -23.58 -22.92
N LEU A 226 34.46 -22.68 -23.60
CA LEU A 226 35.91 -22.59 -23.46
C LEU A 226 36.31 -21.51 -22.45
N VAL A 227 35.94 -20.26 -22.73
CA VAL A 227 36.32 -19.13 -21.89
C VAL A 227 35.16 -18.16 -21.79
N ASP A 228 35.30 -17.19 -20.88
CA ASP A 228 34.33 -16.12 -20.69
C ASP A 228 35.06 -14.80 -20.64
N LEU A 229 34.54 -13.80 -21.35
CA LEU A 229 35.17 -12.49 -21.43
C LEU A 229 34.20 -11.42 -20.92
N PRO A 230 34.48 -10.78 -19.79
CA PRO A 230 33.63 -9.67 -19.29
C PRO A 230 34.02 -8.32 -19.88
N ILE A 231 33.58 -8.08 -21.11
CA ILE A 231 33.92 -6.86 -21.84
C ILE A 231 32.79 -5.84 -21.78
N GLY A 232 31.58 -6.23 -22.15
CA GLY A 232 30.44 -5.33 -22.09
C GLY A 232 30.37 -4.36 -23.25
N ILE A 233 30.22 -4.88 -24.47
CA ILE A 233 30.14 -4.05 -25.67
C ILE A 233 29.24 -4.77 -26.68
N ASN A 234 28.49 -3.99 -27.45
CA ASN A 234 27.41 -4.55 -28.26
C ASN A 234 27.93 -5.42 -29.39
N ILE A 235 28.68 -4.82 -30.32
CA ILE A 235 29.07 -5.44 -31.59
C ILE A 235 27.84 -5.79 -32.39
N THR A 236 27.56 -5.03 -33.45
CA THR A 236 26.44 -5.31 -34.34
C THR A 236 26.86 -5.95 -35.66
N ARG A 237 28.17 -5.99 -35.95
CA ARG A 237 28.66 -6.55 -37.20
C ARG A 237 30.00 -7.22 -36.94
N PHE A 238 30.39 -8.09 -37.86
CA PHE A 238 31.70 -8.72 -37.76
C PHE A 238 32.22 -9.04 -39.16
N GLN A 239 33.53 -9.19 -39.26
CA GLN A 239 34.19 -9.45 -40.53
C GLN A 239 35.13 -10.64 -40.38
N THR A 240 35.44 -11.27 -41.50
CA THR A 240 36.27 -12.47 -41.53
C THR A 240 37.65 -12.13 -42.10
N LEU A 241 38.69 -12.70 -41.49
CA LEU A 241 40.06 -12.48 -41.91
C LEU A 241 40.66 -13.75 -42.46
N LEU A 242 41.45 -13.63 -43.53
CA LEU A 242 42.09 -14.78 -44.15
C LEU A 242 43.60 -14.72 -43.98
N ALA A 264 36.24 -21.44 -47.75
CA ALA A 264 34.82 -21.73 -47.71
C ALA A 264 34.37 -22.06 -46.29
N TYR A 265 33.20 -21.57 -45.92
CA TYR A 265 32.66 -21.80 -44.59
C TYR A 265 31.14 -21.61 -44.63
N TYR A 266 30.48 -22.01 -43.56
CA TYR A 266 29.04 -21.88 -43.41
C TYR A 266 28.74 -20.91 -42.27
N VAL A 267 27.69 -20.10 -42.44
CA VAL A 267 27.27 -19.15 -41.43
C VAL A 267 25.79 -19.35 -41.17
N GLY A 268 25.41 -19.45 -39.90
CA GLY A 268 24.03 -19.63 -39.53
C GLY A 268 23.53 -18.58 -38.57
N TYR A 269 22.38 -18.82 -37.95
CA TYR A 269 21.82 -17.89 -36.98
C TYR A 269 21.02 -18.66 -35.94
N LEU A 270 20.80 -18.03 -34.80
CA LEU A 270 20.12 -18.63 -33.67
C LEU A 270 18.78 -17.96 -33.41
N GLN A 271 17.86 -18.71 -32.82
CA GLN A 271 16.53 -18.22 -32.49
C GLN A 271 16.18 -18.62 -31.06
N PRO A 272 15.35 -17.83 -30.37
CA PRO A 272 14.92 -18.18 -29.01
C PRO A 272 13.87 -19.29 -28.99
N ARG A 273 14.35 -20.53 -29.08
CA ARG A 273 13.51 -21.71 -29.15
C ARG A 273 13.57 -22.48 -27.83
N THR A 274 12.91 -23.63 -27.81
CA THR A 274 12.90 -24.52 -26.67
C THR A 274 13.38 -25.89 -27.12
N PHE A 275 14.28 -26.48 -26.33
CA PHE A 275 14.91 -27.75 -26.69
C PHE A 275 14.76 -28.75 -25.56
N LEU A 276 14.76 -30.03 -25.91
CA LEU A 276 14.73 -31.13 -24.96
C LEU A 276 16.02 -31.92 -25.09
N LEU A 277 16.68 -32.16 -23.96
CA LEU A 277 17.97 -32.83 -23.93
C LEU A 277 17.87 -34.09 -23.09
N LYS A 278 18.55 -35.15 -23.55
CA LYS A 278 18.58 -36.43 -22.85
C LYS A 278 20.00 -36.67 -22.37
N TYR A 279 20.28 -36.26 -21.14
CA TYR A 279 21.60 -36.45 -20.56
C TYR A 279 21.92 -37.94 -20.43
N ASN A 280 23.19 -38.28 -20.64
CA ASN A 280 23.64 -39.65 -20.49
C ASN A 280 24.03 -39.92 -19.04
N GLU A 281 24.40 -41.17 -18.76
CA GLU A 281 24.84 -41.52 -17.42
C GLU A 281 26.17 -40.87 -17.09
N ASN A 282 27.06 -40.74 -18.09
CA ASN A 282 28.24 -39.90 -17.92
C ASN A 282 27.89 -38.44 -17.70
N GLY A 283 26.71 -38.02 -18.17
CA GLY A 283 26.32 -36.63 -18.11
C GLY A 283 26.56 -35.86 -19.40
N THR A 284 27.18 -36.49 -20.39
CA THR A 284 27.40 -35.84 -21.68
C THR A 284 26.11 -35.88 -22.50
N ILE A 285 25.78 -34.74 -23.12
CA ILE A 285 24.58 -34.66 -23.93
C ILE A 285 24.73 -35.53 -25.17
N THR A 286 23.66 -36.26 -25.49
CA THR A 286 23.73 -37.20 -26.61
C THR A 286 22.49 -37.21 -27.50
N ASP A 287 21.50 -36.36 -27.23
CA ASP A 287 20.31 -36.32 -28.07
C ASP A 287 19.57 -35.02 -27.81
N ALA A 288 19.11 -34.38 -28.90
CA ALA A 288 18.34 -33.15 -28.82
C ALA A 288 17.06 -33.31 -29.63
N VAL A 289 15.97 -32.79 -29.07
CA VAL A 289 14.66 -32.86 -29.71
C VAL A 289 14.05 -31.47 -29.71
N ASP A 290 13.59 -31.03 -30.89
CA ASP A 290 12.95 -29.71 -30.99
C ASP A 290 11.60 -29.72 -30.29
N CYS A 291 11.01 -28.54 -30.18
CA CYS A 291 9.73 -28.40 -29.50
C CYS A 291 8.65 -27.75 -30.36
N ALA A 292 8.99 -27.25 -31.55
CA ALA A 292 7.99 -26.64 -32.42
C ALA A 292 8.16 -27.03 -33.88
N LEU A 293 9.05 -27.99 -34.20
CA LEU A 293 9.26 -28.36 -35.59
C LEU A 293 8.06 -29.12 -36.16
N ASP A 294 7.56 -30.09 -35.42
CA ASP A 294 6.51 -30.97 -35.89
C ASP A 294 5.53 -31.24 -34.75
N PRO A 295 4.28 -31.59 -35.06
CA PRO A 295 3.35 -32.00 -34.00
C PRO A 295 3.89 -33.13 -33.14
N LEU A 296 4.71 -34.02 -33.70
CA LEU A 296 5.34 -35.05 -32.89
C LEU A 296 6.26 -34.42 -31.84
N SER A 297 6.98 -33.37 -32.22
CA SER A 297 7.81 -32.66 -31.25
C SER A 297 6.96 -32.03 -30.15
N GLU A 298 5.79 -31.49 -30.52
CA GLU A 298 4.89 -30.94 -29.52
C GLU A 298 4.40 -32.03 -28.57
N THR A 299 4.08 -33.21 -29.11
CA THR A 299 3.67 -34.33 -28.25
C THR A 299 4.78 -34.74 -27.30
N LYS A 300 6.02 -34.78 -27.80
CA LYS A 300 7.14 -35.14 -26.94
C LYS A 300 7.35 -34.09 -25.85
N CYS A 301 7.18 -32.81 -26.19
CA CYS A 301 7.31 -31.75 -25.19
C CYS A 301 6.22 -31.86 -24.12
N THR A 302 4.98 -32.09 -24.55
CA THR A 302 3.88 -32.16 -23.59
C THR A 302 3.82 -33.47 -22.83
N LEU A 303 4.56 -34.49 -23.27
CA LEU A 303 4.61 -35.76 -22.55
C LEU A 303 5.87 -35.93 -21.72
N LYS A 304 6.95 -35.22 -22.06
CA LYS A 304 8.25 -35.24 -21.38
C LYS A 304 8.97 -36.57 -21.53
N SER A 305 8.36 -37.56 -22.19
CA SER A 305 8.98 -38.85 -22.40
C SER A 305 9.58 -38.92 -23.80
N PHE A 306 10.71 -39.61 -23.91
CA PHE A 306 11.39 -39.72 -25.20
C PHE A 306 10.68 -40.66 -26.16
N THR A 307 9.79 -41.51 -25.67
CA THR A 307 9.03 -42.43 -26.52
C THR A 307 7.57 -42.35 -26.13
N VAL A 308 6.69 -42.24 -27.13
CA VAL A 308 5.26 -42.12 -26.92
C VAL A 308 4.58 -43.39 -27.41
N GLU A 309 3.64 -43.90 -26.63
CA GLU A 309 2.93 -45.12 -26.97
C GLU A 309 1.78 -44.83 -27.92
N LYS A 310 1.24 -45.90 -28.51
CA LYS A 310 0.14 -45.76 -29.45
C LYS A 310 -1.12 -45.31 -28.73
N GLY A 311 -1.79 -44.30 -29.29
CA GLY A 311 -2.99 -43.76 -28.72
C GLY A 311 -3.22 -42.34 -29.19
N ILE A 312 -4.08 -41.64 -28.47
CA ILE A 312 -4.43 -40.25 -28.78
C ILE A 312 -4.00 -39.37 -27.60
N TYR A 313 -3.40 -38.23 -27.92
CA TYR A 313 -2.87 -37.33 -26.92
C TYR A 313 -3.25 -35.90 -27.27
N GLN A 314 -3.29 -35.06 -26.23
CA GLN A 314 -3.62 -33.65 -26.38
C GLN A 314 -2.41 -32.81 -26.00
N THR A 315 -2.09 -31.83 -26.85
CA THR A 315 -0.91 -30.99 -26.65
C THR A 315 -1.27 -29.55 -26.34
N SER A 316 -2.04 -28.89 -27.21
CA SER A 316 -2.30 -27.46 -27.06
C SER A 316 -3.66 -27.14 -27.68
N ASN A 317 -3.90 -25.86 -27.91
CA ASN A 317 -5.13 -25.38 -28.50
C ASN A 317 -4.82 -24.24 -29.46
N PHE A 318 -5.75 -24.00 -30.38
CA PHE A 318 -5.61 -22.95 -31.38
C PHE A 318 -6.79 -22.00 -31.30
N ARG A 319 -6.57 -20.78 -31.79
CA ARG A 319 -7.61 -19.77 -31.83
C ARG A 319 -7.34 -18.83 -32.98
N VAL A 320 -8.35 -18.61 -33.83
CA VAL A 320 -8.18 -17.77 -35.01
C VAL A 320 -7.99 -16.32 -34.58
N GLN A 321 -6.96 -15.69 -35.11
CA GLN A 321 -6.69 -14.29 -34.77
C GLN A 321 -7.75 -13.38 -35.38
N PRO A 322 -8.01 -12.23 -34.77
CA PRO A 322 -9.00 -11.31 -35.33
C PRO A 322 -8.49 -10.58 -36.57
N THR A 323 -9.28 -9.64 -37.06
CA THR A 323 -8.94 -8.90 -38.27
C THR A 323 -9.17 -7.40 -38.07
N GLU A 324 -9.20 -6.64 -39.17
CA GLU A 324 -9.36 -5.21 -39.08
C GLU A 324 -10.67 -4.85 -38.38
N SER A 325 -10.64 -3.75 -37.62
CA SER A 325 -11.78 -3.32 -36.84
C SER A 325 -12.69 -2.41 -37.65
N ILE A 326 -13.94 -2.32 -37.22
CA ILE A 326 -14.94 -1.44 -37.83
C ILE A 326 -15.65 -0.68 -36.73
N VAL A 327 -15.83 0.62 -36.93
CA VAL A 327 -16.52 1.49 -35.99
C VAL A 327 -17.62 2.23 -36.73
N ARG A 328 -18.80 2.30 -36.14
CA ARG A 328 -19.95 2.95 -36.75
C ARG A 328 -20.61 3.90 -35.77
N PHE A 329 -21.18 4.97 -36.31
CA PHE A 329 -21.85 6.01 -35.54
C PHE A 329 -23.10 6.43 -36.29
N PRO A 330 -24.10 6.98 -35.59
CA PRO A 330 -25.30 7.45 -36.28
C PRO A 330 -25.01 8.63 -37.20
N ASN A 331 -26.01 9.00 -37.99
CA ASN A 331 -25.84 10.05 -38.98
C ASN A 331 -25.58 11.41 -38.33
N ILE A 332 -26.06 11.61 -37.10
CA ILE A 332 -25.96 12.85 -36.33
C ILE A 332 -26.00 14.08 -37.22
N THR A 333 -27.07 14.20 -38.02
CA THR A 333 -27.24 15.36 -38.91
C THR A 333 -28.09 16.40 -38.19
N ASN A 334 -27.43 17.12 -37.28
CA ASN A 334 -28.07 18.16 -36.48
C ASN A 334 -27.24 19.43 -36.52
N LEU A 335 -26.86 19.85 -37.73
CA LEU A 335 -26.04 21.05 -37.90
C LEU A 335 -26.78 22.28 -37.38
N CYS A 336 -26.07 23.09 -36.62
CA CYS A 336 -26.59 24.29 -35.99
C CYS A 336 -26.07 25.55 -36.69
N PRO A 337 -26.63 26.74 -36.37
CA PRO A 337 -26.34 27.95 -37.18
C PRO A 337 -24.88 28.37 -37.20
N PHE A 338 -23.98 27.59 -36.62
CA PHE A 338 -22.54 27.79 -36.74
C PHE A 338 -22.14 28.20 -38.16
N GLY A 339 -22.68 27.53 -39.17
CA GLY A 339 -22.38 27.87 -40.54
C GLY A 339 -22.95 29.19 -40.99
N GLU A 340 -23.96 29.71 -40.28
CA GLU A 340 -24.60 30.97 -40.64
C GLU A 340 -24.05 32.18 -39.90
N VAL A 341 -23.54 31.99 -38.68
CA VAL A 341 -23.07 33.13 -37.90
C VAL A 341 -21.88 33.79 -38.57
N PHE A 342 -21.02 33.01 -39.23
CA PHE A 342 -19.92 33.61 -39.99
C PHE A 342 -20.41 34.35 -41.22
N ASN A 343 -21.52 33.93 -41.81
CA ASN A 343 -22.07 34.58 -42.99
C ASN A 343 -23.09 35.65 -42.66
N ALA A 344 -23.26 35.97 -41.37
CA ALA A 344 -24.25 36.97 -40.97
C ALA A 344 -23.92 38.33 -41.58
N THR A 345 -24.95 39.02 -42.05
CA THR A 345 -24.75 40.29 -42.75
C THR A 345 -24.53 41.45 -41.78
N ARG A 346 -25.52 41.70 -40.92
CA ARG A 346 -25.49 42.84 -40.02
C ARG A 346 -25.36 42.38 -38.57
N PHE A 347 -24.35 42.89 -37.89
CA PHE A 347 -24.14 42.64 -36.47
C PHE A 347 -24.49 43.90 -35.67
N ALA A 348 -24.27 43.83 -34.36
CA ALA A 348 -24.58 44.92 -33.47
C ALA A 348 -23.37 45.84 -33.32
N SER A 349 -23.45 46.79 -32.39
CA SER A 349 -22.38 47.74 -32.17
C SER A 349 -21.22 47.09 -31.42
N VAL A 350 -20.09 47.79 -31.41
CA VAL A 350 -18.89 47.25 -30.75
C VAL A 350 -19.07 47.25 -29.23
N TYR A 351 -19.66 48.32 -28.68
CA TYR A 351 -19.89 48.36 -27.23
C TYR A 351 -21.00 47.40 -26.84
N ALA A 352 -22.08 47.33 -27.62
CA ALA A 352 -23.15 46.39 -27.38
C ALA A 352 -22.97 45.22 -28.35
N TRP A 353 -22.07 44.33 -27.99
CA TRP A 353 -21.74 43.19 -28.84
C TRP A 353 -22.87 42.16 -28.84
N ASN A 354 -23.11 41.56 -30.00
CA ASN A 354 -24.12 40.53 -30.13
C ASN A 354 -23.68 39.27 -29.40
N ARG A 355 -24.59 38.69 -28.63
CA ARG A 355 -24.33 37.49 -27.85
C ARG A 355 -25.19 36.35 -28.34
N LYS A 356 -24.58 35.19 -28.58
CA LYS A 356 -25.29 34.01 -29.04
C LYS A 356 -24.85 32.80 -28.24
N ARG A 357 -25.83 31.96 -27.88
CA ARG A 357 -25.57 30.72 -27.18
C ARG A 357 -25.98 29.55 -28.07
N ILE A 358 -25.09 28.58 -28.22
CA ILE A 358 -25.31 27.44 -29.09
C ILE A 358 -25.31 26.17 -28.24
N SER A 359 -26.34 25.35 -28.40
CA SER A 359 -26.46 24.10 -27.67
C SER A 359 -27.24 23.09 -28.51
N ASN A 360 -27.01 21.81 -28.21
CA ASN A 360 -27.71 20.70 -28.85
C ASN A 360 -27.50 20.70 -30.37
N CYS A 361 -26.24 20.63 -30.77
CA CYS A 361 -25.90 20.49 -32.18
C CYS A 361 -24.55 19.79 -32.30
N VAL A 362 -24.31 19.24 -33.48
CA VAL A 362 -23.03 18.62 -33.81
C VAL A 362 -22.54 19.24 -35.10
N ALA A 363 -21.39 19.91 -35.04
CA ALA A 363 -20.83 20.58 -36.20
C ALA A 363 -19.31 20.44 -36.18
N ASP A 364 -18.73 20.48 -37.37
CA ASP A 364 -17.29 20.33 -37.51
C ASP A 364 -16.59 21.67 -37.31
N TYR A 365 -15.44 21.63 -36.64
CA TYR A 365 -14.62 22.81 -36.43
C TYR A 365 -13.36 22.83 -37.28
N SER A 366 -13.05 21.72 -37.97
CA SER A 366 -11.86 21.69 -38.82
C SER A 366 -12.04 22.53 -40.08
N VAL A 367 -13.26 22.59 -40.60
CA VAL A 367 -13.53 23.34 -41.82
C VAL A 367 -13.39 24.84 -41.65
N LEU A 368 -13.23 25.31 -40.40
CA LEU A 368 -13.13 26.75 -40.16
C LEU A 368 -11.79 27.30 -40.64
N TYR A 369 -10.70 26.80 -40.05
CA TYR A 369 -9.37 27.30 -40.42
C TYR A 369 -8.93 26.81 -41.79
N ASN A 370 -9.55 25.75 -42.30
CA ASN A 370 -9.17 25.25 -43.62
C ASN A 370 -9.61 26.19 -44.74
N SER A 371 -10.53 27.11 -44.46
CA SER A 371 -10.99 28.05 -45.47
C SER A 371 -9.90 29.07 -45.78
N ALA A 372 -9.98 29.63 -46.98
CA ALA A 372 -9.00 30.61 -47.46
C ALA A 372 -9.52 32.04 -47.34
N SER A 373 -10.32 32.34 -46.32
CA SER A 373 -10.86 33.67 -46.12
C SER A 373 -10.61 34.25 -44.73
N PHE A 374 -10.21 33.44 -43.76
CA PHE A 374 -10.02 33.92 -42.40
C PHE A 374 -8.70 34.66 -42.30
N SER A 375 -8.76 35.93 -41.90
CA SER A 375 -7.54 36.74 -41.79
C SER A 375 -6.76 36.40 -40.52
N THR A 376 -7.37 36.59 -39.36
CA THR A 376 -6.74 36.31 -38.07
C THR A 376 -7.48 35.18 -37.39
N PHE A 377 -6.74 34.17 -36.95
CA PHE A 377 -7.32 33.00 -36.29
C PHE A 377 -6.37 32.59 -35.17
N LYS A 378 -6.69 33.01 -33.94
CA LYS A 378 -5.84 32.77 -32.78
C LYS A 378 -6.66 32.12 -31.69
N CYS A 379 -6.36 30.86 -31.37
CA CYS A 379 -6.99 30.13 -30.29
C CYS A 379 -6.04 30.05 -29.11
N TYR A 380 -6.55 30.31 -27.92
CA TYR A 380 -5.74 30.35 -26.70
C TYR A 380 -5.90 29.12 -25.83
N GLY A 381 -7.15 28.71 -25.57
CA GLY A 381 -7.40 27.61 -24.67
C GLY A 381 -7.13 26.23 -25.21
N VAL A 382 -6.92 26.09 -26.52
CA VAL A 382 -6.68 24.80 -27.13
C VAL A 382 -5.99 25.01 -28.46
N SER A 383 -5.23 24.01 -28.90
CA SER A 383 -4.55 24.10 -30.18
C SER A 383 -5.57 24.13 -31.31
N PRO A 384 -5.33 24.92 -32.37
CA PRO A 384 -6.32 25.04 -33.44
C PRO A 384 -6.65 23.72 -34.15
N THR A 385 -5.70 22.80 -34.20
CA THR A 385 -5.89 21.55 -34.92
C THR A 385 -6.59 20.47 -34.10
N LYS A 386 -6.89 20.74 -32.83
CA LYS A 386 -7.49 19.75 -31.94
C LYS A 386 -8.92 20.10 -31.54
N LEU A 387 -9.55 21.03 -32.26
CA LEU A 387 -10.94 21.37 -31.96
C LEU A 387 -11.87 20.18 -32.21
N ASN A 388 -11.64 19.45 -33.31
CA ASN A 388 -12.49 18.32 -33.63
C ASN A 388 -12.31 17.18 -32.65
N ASP A 389 -11.08 16.97 -32.18
CA ASP A 389 -10.81 15.84 -31.29
C ASP A 389 -11.57 15.96 -29.98
N LEU A 390 -11.58 17.15 -29.40
CA LEU A 390 -12.25 17.38 -28.12
C LEU A 390 -13.58 18.08 -28.33
N CYS A 391 -14.32 18.24 -27.22
CA CYS A 391 -15.59 18.95 -27.27
C CYS A 391 -15.92 19.45 -25.87
N PHE A 392 -16.75 20.48 -25.82
CA PHE A 392 -17.08 21.17 -24.58
C PHE A 392 -18.57 21.42 -24.54
N THR A 393 -19.00 22.26 -23.58
CA THR A 393 -20.41 22.56 -23.40
C THR A 393 -20.56 24.06 -23.20
N ASN A 394 -21.76 24.57 -23.50
CA ASN A 394 -22.13 25.98 -23.34
C ASN A 394 -21.23 26.87 -24.21
N VAL A 395 -21.36 26.66 -25.52
CA VAL A 395 -20.62 27.45 -26.49
C VAL A 395 -21.24 28.84 -26.58
N TYR A 396 -20.40 29.86 -26.43
CA TYR A 396 -20.84 31.26 -26.47
C TYR A 396 -20.11 31.97 -27.59
N ALA A 397 -20.85 32.73 -28.40
CA ALA A 397 -20.29 33.46 -29.53
C ALA A 397 -20.54 34.95 -29.33
N ASP A 398 -19.48 35.75 -29.42
CA ASP A 398 -19.57 37.20 -29.35
C ASP A 398 -19.12 37.77 -30.69
N SER A 399 -20.00 38.55 -31.31
CA SER A 399 -19.76 39.10 -32.64
C SER A 399 -19.88 40.62 -32.61
N PHE A 400 -18.93 41.29 -33.25
CA PHE A 400 -18.93 42.74 -33.34
C PHE A 400 -17.98 43.15 -34.47
N VAL A 401 -17.86 44.46 -34.67
CA VAL A 401 -16.99 45.02 -35.69
C VAL A 401 -16.10 46.08 -35.04
N ILE A 402 -14.79 45.96 -35.26
CA ILE A 402 -13.81 46.89 -34.69
C ILE A 402 -12.98 47.48 -35.82
N ARG A 403 -12.04 48.33 -35.44
CA ARG A 403 -11.16 48.97 -36.42
C ARG A 403 -10.08 48.00 -36.88
N GLY A 404 -9.43 48.36 -37.98
CA GLY A 404 -8.41 47.49 -38.54
C GLY A 404 -7.19 47.34 -37.67
N ASP A 405 -6.75 48.43 -37.05
CA ASP A 405 -5.53 48.44 -36.25
C ASP A 405 -5.80 48.27 -34.76
N GLU A 406 -6.85 47.52 -34.41
CA GLU A 406 -7.16 47.27 -33.00
C GLU A 406 -7.48 45.81 -32.72
N VAL A 407 -7.12 44.89 -33.62
CA VAL A 407 -7.38 43.47 -33.38
C VAL A 407 -6.57 42.94 -32.21
N ARG A 408 -5.39 43.52 -31.98
CA ARG A 408 -4.54 43.06 -30.89
C ARG A 408 -5.12 43.39 -29.52
N GLN A 409 -6.09 44.31 -29.45
CA GLN A 409 -6.69 44.66 -28.17
C GLN A 409 -7.48 43.51 -27.57
N ILE A 410 -8.02 42.63 -28.41
CA ILE A 410 -8.82 41.51 -27.94
C ILE A 410 -7.89 40.37 -27.53
N ALA A 411 -7.46 40.39 -26.28
CA ALA A 411 -6.54 39.38 -25.74
C ALA A 411 -6.56 39.48 -24.22
N PRO A 412 -6.33 38.38 -23.52
CA PRO A 412 -6.37 38.41 -22.06
C PRO A 412 -5.22 39.22 -21.49
N GLY A 413 -5.56 40.28 -20.75
CA GLY A 413 -4.57 41.09 -20.06
C GLY A 413 -3.83 42.06 -20.96
N GLN A 414 -4.57 42.99 -21.58
CA GLN A 414 -3.97 44.04 -22.40
C GLN A 414 -4.66 45.36 -22.10
N THR A 415 -4.11 46.43 -22.67
CA THR A 415 -4.61 47.78 -22.48
C THR A 415 -5.35 48.25 -23.73
N GLY A 416 -5.76 49.51 -23.71
CA GLY A 416 -6.48 50.09 -24.83
C GLY A 416 -7.83 50.65 -24.43
N LYS A 417 -8.22 51.78 -25.05
CA LYS A 417 -9.50 52.39 -24.71
C LYS A 417 -10.67 51.47 -25.05
N ILE A 418 -10.63 50.84 -26.22
CA ILE A 418 -11.69 49.90 -26.58
C ILE A 418 -11.61 48.64 -25.73
N ALA A 419 -10.38 48.16 -25.46
CA ALA A 419 -10.20 46.97 -24.65
C ALA A 419 -10.60 47.17 -23.19
N ASP A 420 -10.82 48.40 -22.75
CA ASP A 420 -11.19 48.70 -21.37
C ASP A 420 -12.59 49.27 -21.22
N TYR A 421 -13.12 49.95 -22.22
CA TYR A 421 -14.41 50.60 -22.13
C TYR A 421 -15.45 50.04 -23.10
N ASN A 422 -15.07 49.13 -23.99
CA ASN A 422 -16.00 48.49 -24.91
C ASN A 422 -16.11 47.00 -24.71
N TYR A 423 -14.98 46.29 -24.60
CA TYR A 423 -15.00 44.86 -24.34
C TYR A 423 -13.65 44.44 -23.77
N LYS A 424 -13.68 43.70 -22.67
CA LYS A 424 -12.46 43.19 -22.05
C LYS A 424 -12.60 41.69 -21.86
N LEU A 425 -11.58 40.96 -22.29
CA LEU A 425 -11.56 39.51 -22.13
C LEU A 425 -10.93 39.12 -20.80
N PRO A 426 -11.56 38.25 -20.01
CA PRO A 426 -10.94 37.83 -18.76
C PRO A 426 -9.65 37.06 -19.01
N ASP A 427 -8.74 37.14 -18.03
CA ASP A 427 -7.44 36.50 -18.19
C ASP A 427 -7.58 34.98 -18.32
N ASP A 428 -8.46 34.37 -17.54
CA ASP A 428 -8.70 32.93 -17.61
C ASP A 428 -9.75 32.65 -18.69
N PHE A 429 -9.32 32.83 -19.93
CA PHE A 429 -10.17 32.63 -21.10
C PHE A 429 -9.70 31.42 -21.87
N THR A 430 -10.63 30.52 -22.18
CA THR A 430 -10.36 29.31 -22.96
C THR A 430 -11.26 29.32 -24.18
N GLY A 431 -10.74 29.85 -25.29
CA GLY A 431 -11.52 29.92 -26.51
C GLY A 431 -10.68 30.28 -27.72
N CYS A 432 -11.29 30.97 -28.69
CA CYS A 432 -10.59 31.35 -29.91
C CYS A 432 -11.19 32.65 -30.43
N VAL A 433 -10.40 33.36 -31.24
CA VAL A 433 -10.79 34.63 -31.82
C VAL A 433 -10.57 34.58 -33.32
N ILE A 434 -11.59 34.99 -34.08
CA ILE A 434 -11.53 35.00 -35.54
C ILE A 434 -11.85 36.40 -36.02
N ALA A 435 -11.01 36.93 -36.92
CA ALA A 435 -11.22 38.23 -37.51
C ALA A 435 -10.92 38.15 -39.01
N TRP A 436 -11.76 38.82 -39.81
CA TRP A 436 -11.57 38.83 -41.26
C TRP A 436 -12.02 40.18 -41.80
N ASN A 437 -11.54 40.50 -43.00
CA ASN A 437 -11.83 41.78 -43.61
C ASN A 437 -13.27 41.84 -44.10
N SER A 438 -13.92 42.98 -43.86
CA SER A 438 -15.27 43.24 -44.33
C SER A 438 -15.39 44.66 -44.85
N ASN A 439 -14.33 45.16 -45.49
CA ASN A 439 -14.33 46.54 -45.96
C ASN A 439 -15.39 46.76 -47.04
N ASN A 440 -15.51 45.82 -47.97
CA ASN A 440 -16.49 45.94 -49.04
C ASN A 440 -17.93 45.94 -48.53
N LEU A 441 -18.16 45.38 -47.34
CA LEU A 441 -19.52 45.35 -46.81
C LEU A 441 -19.95 46.71 -46.29
N ASP A 442 -19.02 47.52 -45.78
CA ASP A 442 -19.34 48.81 -45.18
C ASP A 442 -18.85 49.99 -46.00
N SER A 443 -18.19 49.76 -47.13
CA SER A 443 -17.69 50.85 -47.95
C SER A 443 -18.85 51.58 -48.64
N LYS A 444 -18.60 52.83 -48.99
CA LYS A 444 -19.61 53.65 -49.67
C LYS A 444 -19.81 53.17 -51.11
N GLY A 447 -17.86 56.14 -45.46
CA GLY A 447 -19.02 55.53 -46.08
C GLY A 447 -20.05 55.04 -45.09
N ASN A 448 -19.58 54.44 -44.00
CA ASN A 448 -20.43 53.93 -42.94
C ASN A 448 -20.34 54.83 -41.72
N TYR A 449 -21.49 55.28 -41.22
CA TYR A 449 -21.54 56.17 -40.07
C TYR A 449 -22.56 55.75 -39.03
N ASN A 450 -23.07 54.52 -39.12
CA ASN A 450 -24.02 54.00 -38.14
C ASN A 450 -23.31 53.31 -36.97
N TYR A 451 -21.99 53.27 -36.97
CA TYR A 451 -21.22 52.61 -35.93
C TYR A 451 -20.87 53.61 -34.83
N LEU A 452 -20.99 53.17 -33.59
CA LEU A 452 -20.61 53.97 -32.43
C LEU A 452 -19.68 53.16 -31.54
N TYR A 453 -18.75 53.85 -30.86
CA TYR A 453 -17.83 53.19 -29.95
C TYR A 453 -17.72 54.00 -28.67
N ARG A 454 -17.57 53.29 -27.56
CA ARG A 454 -17.43 53.92 -26.25
C ARG A 454 -15.99 54.37 -26.04
N LEU A 455 -15.83 55.57 -25.50
CA LEU A 455 -14.51 56.13 -25.22
C LEU A 455 -14.34 56.68 -23.82
N PHE A 456 -15.41 57.08 -23.14
CA PHE A 456 -15.34 57.66 -21.80
C PHE A 456 -16.15 56.81 -20.83
N ARG A 457 -15.51 56.40 -19.74
CA ARG A 457 -16.19 55.66 -18.70
C ARG A 457 -15.43 55.86 -17.39
N LYS A 458 -16.16 55.72 -16.27
CA LYS A 458 -15.56 55.95 -14.97
C LYS A 458 -14.51 54.91 -14.64
N SER A 459 -14.76 53.64 -14.94
CA SER A 459 -13.86 52.56 -14.59
C SER A 459 -13.82 51.54 -15.71
N ASN A 460 -12.87 50.61 -15.61
CA ASN A 460 -12.74 49.56 -16.59
C ASN A 460 -13.93 48.60 -16.51
N LEU A 461 -14.28 47.99 -17.64
CA LEU A 461 -15.39 47.07 -17.68
C LEU A 461 -15.06 45.78 -16.95
N LYS A 462 -16.09 45.15 -16.41
CA LYS A 462 -15.97 43.84 -15.80
C LYS A 462 -15.86 42.77 -16.89
N PRO A 463 -15.27 41.61 -16.56
CA PRO A 463 -15.22 40.52 -17.55
C PRO A 463 -16.60 40.08 -17.97
N PHE A 464 -16.79 39.95 -19.29
CA PHE A 464 -18.07 39.53 -19.87
C PHE A 464 -19.22 40.40 -19.39
N GLU A 465 -18.98 41.71 -19.33
CA GLU A 465 -19.97 42.67 -18.88
C GLU A 465 -20.62 43.35 -20.07
N ARG A 466 -21.95 43.31 -20.12
CA ARG A 466 -22.72 43.95 -21.19
C ARG A 466 -23.19 45.31 -20.67
N ASP A 467 -22.26 46.26 -20.63
CA ASP A 467 -22.52 47.60 -20.11
C ASP A 467 -23.10 48.44 -21.23
N ILE A 468 -24.43 48.55 -21.26
CA ILE A 468 -25.14 49.40 -22.20
C ILE A 468 -25.82 50.51 -21.42
N SER A 469 -25.47 51.75 -21.74
CA SER A 469 -26.02 52.92 -21.05
C SER A 469 -25.64 54.17 -21.82
N THR A 470 -26.36 55.25 -21.56
CA THR A 470 -26.07 56.55 -22.11
C THR A 470 -26.10 57.60 -21.01
N GLU A 471 -25.13 58.50 -21.03
CA GLU A 471 -25.00 59.54 -20.02
C GLU A 471 -23.93 60.52 -20.48
N ILE A 472 -24.12 61.79 -20.13
CA ILE A 472 -23.16 62.83 -20.48
C ILE A 472 -21.95 62.68 -19.57
N TYR A 473 -20.82 62.29 -20.14
CA TYR A 473 -19.61 62.05 -19.36
C TYR A 473 -19.10 63.36 -18.77
N GLN A 474 -18.66 63.31 -17.52
CA GLN A 474 -18.15 64.47 -16.82
C GLN A 474 -16.63 64.39 -16.69
N ALA A 475 -15.97 65.52 -16.96
CA ALA A 475 -14.51 65.60 -16.87
C ALA A 475 -14.05 66.82 -16.09
N GLY A 476 -14.88 67.34 -15.20
CA GLY A 476 -14.53 68.53 -14.45
C GLY A 476 -15.12 68.50 -13.06
N SER A 477 -14.57 69.37 -12.20
CA SER A 477 -15.05 69.45 -10.82
C SER A 477 -16.50 69.92 -10.76
N THR A 478 -16.85 70.91 -11.57
CA THR A 478 -18.20 71.47 -11.52
C THR A 478 -19.21 70.44 -12.02
N PRO A 479 -20.41 70.41 -11.45
CA PRO A 479 -21.44 69.51 -11.95
C PRO A 479 -21.88 69.88 -13.36
N CYS A 480 -22.29 68.87 -14.12
CA CYS A 480 -22.71 69.05 -15.50
C CYS A 480 -24.20 68.78 -15.62
N ASN A 481 -24.92 69.72 -16.24
CA ASN A 481 -26.36 69.59 -16.42
C ASN A 481 -26.77 70.35 -17.67
N GLY A 482 -27.93 69.99 -18.20
CA GLY A 482 -28.47 70.66 -19.36
C GLY A 482 -27.92 70.14 -20.68
N VAL A 483 -27.13 70.97 -21.35
CA VAL A 483 -26.55 70.62 -22.64
C VAL A 483 -25.05 70.43 -22.46
N GLU A 484 -24.47 69.62 -23.35
CA GLU A 484 -23.04 69.33 -23.27
C GLU A 484 -22.22 70.58 -23.54
N GLY A 485 -21.22 70.81 -22.70
CA GLY A 485 -20.30 71.92 -22.87
C GLY A 485 -18.90 71.52 -22.45
N PHE A 486 -18.22 72.38 -21.70
CA PHE A 486 -16.92 72.01 -21.16
C PHE A 486 -17.08 70.94 -20.10
N ASN A 487 -16.18 69.95 -20.13
CA ASN A 487 -16.22 68.80 -19.22
C ASN A 487 -17.53 68.04 -19.33
N CYS A 488 -18.17 68.12 -20.50
CA CYS A 488 -19.43 67.42 -20.76
C CYS A 488 -19.33 66.84 -22.17
N TYR A 489 -19.04 65.55 -22.26
CA TYR A 489 -18.76 64.90 -23.53
C TYR A 489 -19.68 63.70 -23.72
N PHE A 490 -19.92 63.38 -24.99
CA PHE A 490 -20.77 62.25 -25.34
C PHE A 490 -19.91 61.00 -25.47
N PRO A 491 -20.14 59.96 -24.67
CA PRO A 491 -19.19 58.84 -24.62
C PRO A 491 -19.06 58.06 -25.92
N LEU A 492 -20.05 58.14 -26.81
CA LEU A 492 -20.02 57.40 -28.06
C LEU A 492 -19.55 58.32 -29.20
N GLN A 493 -18.78 57.75 -30.12
CA GLN A 493 -18.29 58.48 -31.28
C GLN A 493 -18.39 57.58 -32.51
N SER A 494 -18.43 58.22 -33.67
CA SER A 494 -18.65 57.51 -34.93
C SER A 494 -17.34 57.00 -35.53
N TYR A 495 -17.47 56.18 -36.56
CA TYR A 495 -16.34 55.67 -37.33
C TYR A 495 -16.29 56.36 -38.69
N GLY A 496 -15.09 56.76 -39.09
CA GLY A 496 -14.88 57.30 -40.42
C GLY A 496 -14.52 56.21 -41.41
N PHE A 497 -15.48 55.33 -41.71
CA PHE A 497 -15.24 54.20 -42.61
C PHE A 497 -15.39 54.65 -44.06
N GLN A 498 -14.46 55.49 -44.48
CA GLN A 498 -14.45 55.94 -45.87
C GLN A 498 -13.96 54.81 -46.78
N PRO A 499 -14.56 54.65 -47.96
CA PRO A 499 -14.10 53.58 -48.87
C PRO A 499 -12.69 53.78 -49.37
N THR A 500 -12.15 55.01 -49.33
CA THR A 500 -10.82 55.30 -49.82
C THR A 500 -9.74 55.13 -48.74
N ASN A 501 -10.01 54.33 -47.73
CA ASN A 501 -9.06 54.10 -46.64
C ASN A 501 -8.40 52.75 -46.79
N GLY A 502 -7.07 52.72 -46.70
CA GLY A 502 -6.33 51.48 -46.81
C GLY A 502 -6.31 50.68 -45.52
N VAL A 503 -5.16 50.06 -45.22
CA VAL A 503 -5.04 49.27 -44.01
C VAL A 503 -5.08 50.17 -42.79
N GLY A 504 -5.57 49.63 -41.68
CA GLY A 504 -5.65 50.36 -40.44
C GLY A 504 -6.98 51.04 -40.19
N TYR A 505 -7.81 51.21 -41.21
CA TYR A 505 -9.11 51.83 -41.05
C TYR A 505 -10.26 50.99 -41.57
N GLN A 506 -10.00 49.90 -42.28
CA GLN A 506 -11.08 49.09 -42.83
C GLN A 506 -11.80 48.33 -41.72
N PRO A 507 -13.12 48.24 -41.79
CA PRO A 507 -13.86 47.50 -40.75
C PRO A 507 -13.60 46.01 -40.84
N TYR A 508 -13.36 45.39 -39.69
CA TYR A 508 -13.12 43.96 -39.58
C TYR A 508 -14.19 43.34 -38.68
N ARG A 509 -14.79 42.26 -39.16
CA ARG A 509 -15.78 41.52 -38.39
C ARG A 509 -15.06 40.49 -37.52
N VAL A 510 -15.32 40.53 -36.21
CA VAL A 510 -14.63 39.71 -35.24
C VAL A 510 -15.64 38.85 -34.51
N VAL A 511 -15.37 37.54 -34.43
CA VAL A 511 -16.19 36.60 -33.71
C VAL A 511 -15.32 35.90 -32.67
N VAL A 512 -15.77 35.91 -31.42
CA VAL A 512 -15.05 35.29 -30.31
C VAL A 512 -15.88 34.13 -29.80
N LEU A 513 -15.27 32.95 -29.72
CA LEU A 513 -15.94 31.73 -29.28
C LEU A 513 -15.38 31.30 -27.93
N SER A 514 -16.27 30.98 -27.00
CA SER A 514 -15.90 30.50 -25.68
C SER A 514 -16.72 29.27 -25.34
N PHE A 515 -16.18 28.45 -24.44
CA PHE A 515 -16.82 27.19 -24.08
C PHE A 515 -16.55 26.87 -22.63
N GLU A 516 -17.36 25.98 -22.08
CA GLU A 516 -17.24 25.53 -20.69
C GLU A 516 -16.93 24.04 -20.67
N LEU A 517 -16.15 23.64 -19.65
CA LEU A 517 -15.66 22.27 -19.56
C LEU A 517 -16.66 21.38 -18.83
N LEU A 518 -17.80 21.17 -19.49
CA LEU A 518 -18.77 20.14 -19.12
C LEU A 518 -19.26 20.33 -17.68
N HIS A 519 -19.97 21.44 -17.45
CA HIS A 519 -20.66 21.64 -16.19
C HIS A 519 -22.00 20.93 -16.14
N ALA A 520 -22.47 20.39 -17.26
CA ALA A 520 -23.74 19.72 -17.38
C ALA A 520 -23.57 18.52 -18.31
N PRO A 521 -24.58 17.67 -18.48
CA PRO A 521 -24.48 16.61 -19.50
C PRO A 521 -24.20 17.21 -20.87
N ALA A 522 -23.35 16.52 -21.63
CA ALA A 522 -22.87 17.05 -22.91
C ALA A 522 -24.01 17.25 -23.89
N THR A 523 -24.02 18.40 -24.55
CA THR A 523 -25.02 18.74 -25.56
C THR A 523 -24.43 18.93 -26.94
N VAL A 524 -23.24 19.54 -27.05
CA VAL A 524 -22.58 19.75 -28.33
C VAL A 524 -21.23 19.06 -28.30
N CYS A 525 -20.95 18.26 -29.34
CA CYS A 525 -19.65 17.64 -29.50
C CYS A 525 -19.38 17.44 -30.98
N GLY A 526 -18.11 17.27 -31.30
CA GLY A 526 -17.68 17.14 -32.68
C GLY A 526 -18.19 15.87 -33.33
N PRO A 527 -18.38 15.92 -34.65
CA PRO A 527 -18.85 14.74 -35.37
C PRO A 527 -17.79 13.63 -35.39
N LYS A 528 -18.25 12.40 -35.50
CA LYS A 528 -17.40 11.23 -35.56
C LYS A 528 -17.55 10.54 -36.92
N LYS A 529 -16.55 9.74 -37.26
CA LYS A 529 -16.48 9.08 -38.55
C LYS A 529 -16.86 7.61 -38.41
N SER A 530 -17.70 7.14 -39.34
CA SER A 530 -18.14 5.74 -39.37
C SER A 530 -17.63 5.09 -40.63
N THR A 531 -17.00 3.93 -40.49
CA THR A 531 -16.45 3.19 -41.62
C THR A 531 -17.49 2.23 -42.16
N ASN A 532 -17.07 1.36 -43.09
CA ASN A 532 -17.96 0.37 -43.67
C ASN A 532 -18.06 -0.84 -42.76
N LEU A 533 -18.67 -1.91 -43.26
CA LEU A 533 -18.87 -3.13 -42.49
C LEU A 533 -18.48 -4.34 -43.34
N VAL A 534 -18.12 -5.43 -42.65
CA VAL A 534 -17.73 -6.66 -43.30
C VAL A 534 -18.51 -7.81 -42.67
N LYS A 535 -18.56 -8.94 -43.38
CA LYS A 535 -19.26 -10.12 -42.93
C LYS A 535 -18.37 -11.34 -43.06
N ASN A 536 -18.68 -12.35 -42.24
CA ASN A 536 -17.95 -13.62 -42.24
C ASN A 536 -16.46 -13.42 -41.98
N LYS A 537 -16.14 -12.49 -41.08
CA LYS A 537 -14.76 -12.22 -40.70
C LYS A 537 -14.67 -12.05 -39.19
N CYS A 538 -13.62 -12.61 -38.61
CA CYS A 538 -13.36 -12.46 -37.17
C CYS A 538 -12.94 -11.02 -36.92
N VAL A 539 -13.90 -10.19 -36.48
CA VAL A 539 -13.71 -8.75 -36.38
C VAL A 539 -14.01 -8.30 -34.96
N ASN A 540 -13.13 -7.47 -34.41
CA ASN A 540 -13.39 -6.78 -33.16
C ASN A 540 -13.90 -5.38 -33.45
N PHE A 541 -14.77 -4.88 -32.57
CA PHE A 541 -15.41 -3.59 -32.81
C PHE A 541 -15.83 -2.99 -31.48
N ASN A 542 -16.18 -1.70 -31.52
CA ASN A 542 -16.72 -0.98 -30.38
C ASN A 542 -18.20 -0.68 -30.52
N PHE A 543 -18.63 -0.25 -31.71
CA PHE A 543 -20.02 -0.03 -32.08
C PHE A 543 -20.76 0.78 -31.01
N ASN A 544 -20.35 2.05 -30.91
CA ASN A 544 -21.09 3.05 -30.13
C ASN A 544 -21.16 2.68 -28.64
N GLY A 545 -20.13 2.00 -28.15
CA GLY A 545 -20.02 1.78 -26.72
C GLY A 545 -19.88 0.35 -26.25
N LEU A 546 -20.61 -0.59 -26.85
CA LEU A 546 -20.58 -1.99 -26.44
C LEU A 546 -19.61 -2.74 -27.34
N THR A 547 -18.37 -2.92 -26.86
CA THR A 547 -17.36 -3.60 -27.64
C THR A 547 -17.64 -5.09 -27.73
N GLY A 548 -17.19 -5.69 -28.82
CA GLY A 548 -17.37 -7.12 -29.02
C GLY A 548 -16.52 -7.69 -30.14
N THR A 549 -16.05 -8.92 -29.97
CA THR A 549 -15.25 -9.62 -30.96
C THR A 549 -16.00 -10.86 -31.41
N GLY A 550 -16.15 -11.03 -32.72
CA GLY A 550 -16.86 -12.17 -33.24
C GLY A 550 -17.04 -12.05 -34.75
N VAL A 551 -17.94 -12.88 -35.26
CA VAL A 551 -18.23 -12.95 -36.69
C VAL A 551 -19.66 -12.47 -36.91
N LEU A 552 -19.83 -11.63 -37.94
CA LEU A 552 -21.13 -11.07 -38.25
C LEU A 552 -21.93 -12.02 -39.15
N THR A 553 -23.24 -12.07 -38.90
CA THR A 553 -24.13 -12.88 -39.71
C THR A 553 -25.55 -12.33 -39.58
N GLU A 554 -26.39 -12.70 -40.55
CA GLU A 554 -27.77 -12.24 -40.56
C GLU A 554 -28.56 -12.88 -39.43
N SER A 555 -29.53 -12.13 -38.90
CA SER A 555 -30.36 -12.58 -37.79
C SER A 555 -31.83 -12.33 -38.12
N ASN A 556 -32.69 -13.26 -37.70
CA ASN A 556 -34.12 -13.16 -37.94
C ASN A 556 -34.88 -12.56 -36.76
N LYS A 557 -34.17 -12.11 -35.73
CA LYS A 557 -34.84 -11.55 -34.55
C LYS A 557 -35.55 -10.26 -34.89
N LYS A 558 -36.65 -10.00 -34.17
CA LYS A 558 -37.43 -8.78 -34.32
C LYS A 558 -37.27 -7.92 -33.08
N PHE A 559 -36.95 -6.64 -33.28
CA PHE A 559 -36.71 -5.71 -32.19
C PHE A 559 -37.77 -4.62 -32.20
N LEU A 560 -38.28 -4.29 -31.02
CA LEU A 560 -39.16 -3.15 -30.90
C LEU A 560 -38.36 -1.86 -31.12
N PRO A 561 -39.02 -0.78 -31.55
CA PRO A 561 -38.28 0.43 -31.95
C PRO A 561 -37.55 1.13 -30.81
N PHE A 562 -37.53 0.59 -29.59
CA PHE A 562 -36.90 1.29 -28.46
C PHE A 562 -35.83 0.47 -27.75
N GLN A 563 -35.33 -0.61 -28.35
CA GLN A 563 -34.17 -1.30 -27.83
C GLN A 563 -32.93 -0.92 -28.62
N GLN A 564 -31.77 -1.34 -28.10
CA GLN A 564 -30.49 -1.11 -28.74
C GLN A 564 -29.73 -2.38 -29.03
N PHE A 565 -29.75 -3.35 -28.11
CA PHE A 565 -29.05 -4.60 -28.31
C PHE A 565 -29.75 -5.69 -27.51
N GLY A 566 -29.51 -6.93 -27.89
CA GLY A 566 -30.13 -8.08 -27.26
C GLY A 566 -29.09 -8.97 -26.61
N ARG A 567 -29.45 -9.54 -25.45
CA ARG A 567 -28.58 -10.46 -24.74
C ARG A 567 -29.40 -11.65 -24.28
N ASP A 568 -28.73 -12.77 -24.03
CA ASP A 568 -29.37 -13.99 -23.60
C ASP A 568 -29.11 -14.30 -22.13
N ILE A 569 -27.84 -14.31 -21.71
CA ILE A 569 -27.49 -14.59 -20.33
C ILE A 569 -26.08 -14.10 -20.09
N ALA A 570 -25.80 -13.69 -18.85
CA ALA A 570 -24.48 -13.24 -18.42
C ALA A 570 -23.97 -12.07 -19.29
N ASP A 571 -24.89 -11.20 -19.69
CA ASP A 571 -24.58 -10.01 -20.48
C ASP A 571 -23.80 -10.37 -21.75
N THR A 572 -24.17 -11.47 -22.37
CA THR A 572 -23.56 -11.91 -23.62
C THR A 572 -24.41 -11.40 -24.77
N THR A 573 -23.93 -10.33 -25.41
CA THR A 573 -24.69 -9.73 -26.52
C THR A 573 -24.75 -10.68 -27.70
N ASP A 574 -25.95 -10.90 -28.22
CA ASP A 574 -26.16 -11.79 -29.34
C ASP A 574 -26.75 -11.09 -30.56
N ALA A 575 -27.81 -10.32 -30.38
CA ALA A 575 -28.47 -9.61 -31.48
C ALA A 575 -28.28 -8.12 -31.29
N VAL A 576 -27.71 -7.47 -32.31
CA VAL A 576 -27.36 -6.06 -32.25
C VAL A 576 -27.86 -5.38 -33.52
N ARG A 577 -28.42 -4.18 -33.37
CA ARG A 577 -28.97 -3.43 -34.49
C ARG A 577 -28.10 -2.21 -34.78
N ASP A 578 -27.73 -2.04 -36.05
CA ASP A 578 -26.88 -0.94 -36.47
C ASP A 578 -27.70 0.36 -36.65
N PRO A 579 -27.07 1.52 -36.46
CA PRO A 579 -27.81 2.78 -36.58
C PRO A 579 -28.11 3.18 -38.02
N GLN A 580 -27.13 3.04 -38.91
CA GLN A 580 -27.28 3.57 -40.27
C GLN A 580 -28.36 2.82 -41.04
N THR A 581 -28.28 1.48 -41.05
CA THR A 581 -29.18 0.68 -41.87
C THR A 581 -30.44 0.27 -41.11
N LEU A 582 -30.43 0.35 -39.78
CA LEU A 582 -31.55 -0.10 -38.96
C LEU A 582 -31.85 -1.57 -39.22
N GLU A 583 -30.80 -2.38 -39.25
CA GLU A 583 -30.89 -3.82 -39.50
C GLU A 583 -30.32 -4.58 -38.32
N ILE A 584 -30.94 -5.71 -37.99
CA ILE A 584 -30.52 -6.52 -36.86
C ILE A 584 -29.46 -7.51 -37.33
N LEU A 585 -28.38 -7.64 -36.55
CA LEU A 585 -27.28 -8.53 -36.87
C LEU A 585 -27.02 -9.46 -35.70
N ASP A 586 -26.42 -10.61 -36.00
CA ASP A 586 -26.11 -11.63 -35.01
C ASP A 586 -24.61 -11.72 -34.82
N ILE A 587 -24.19 -11.95 -33.58
CA ILE A 587 -22.79 -12.06 -33.20
C ILE A 587 -22.52 -13.49 -32.73
N THR A 588 -21.53 -14.14 -33.32
CA THR A 588 -21.13 -15.48 -32.94
C THR A 588 -19.65 -15.47 -32.57
N PRO A 589 -19.27 -16.04 -31.43
CA PRO A 589 -17.85 -16.04 -31.04
C PRO A 589 -16.99 -16.77 -32.05
N CYS A 590 -15.78 -16.27 -32.26
CA CYS A 590 -14.87 -16.85 -33.24
C CYS A 590 -14.43 -18.24 -32.81
N SER A 591 -14.23 -19.10 -33.79
CA SER A 591 -13.97 -20.51 -33.53
C SER A 591 -12.64 -20.71 -32.83
N PHE A 592 -12.62 -21.61 -31.85
CA PHE A 592 -11.40 -21.97 -31.14
C PHE A 592 -11.61 -23.32 -30.48
N GLY A 593 -10.50 -24.01 -30.24
CA GLY A 593 -10.55 -25.32 -29.61
C GLY A 593 -9.17 -25.93 -29.54
N GLY A 594 -9.11 -27.08 -28.89
CA GLY A 594 -7.86 -27.79 -28.72
C GLY A 594 -7.50 -28.64 -29.92
N VAL A 595 -6.29 -29.20 -29.87
CA VAL A 595 -5.80 -30.11 -30.90
C VAL A 595 -5.54 -31.46 -30.26
N SER A 596 -5.50 -32.48 -31.10
CA SER A 596 -5.18 -33.84 -30.67
C SER A 596 -4.31 -34.49 -31.73
N VAL A 597 -3.44 -35.39 -31.29
CA VAL A 597 -2.53 -36.12 -32.17
C VAL A 597 -2.83 -37.60 -32.04
N ILE A 598 -2.94 -38.27 -33.19
CA ILE A 598 -3.19 -39.71 -33.25
C ILE A 598 -1.97 -40.36 -33.87
N THR A 599 -1.33 -41.24 -33.12
CA THR A 599 -0.11 -41.89 -33.57
C THR A 599 -0.22 -43.40 -33.39
N PRO A 600 0.39 -44.17 -34.26
CA PRO A 600 0.38 -45.64 -34.13
C PRO A 600 1.47 -46.23 -33.26
N GLY A 601 2.25 -45.42 -32.58
CA GLY A 601 3.32 -45.92 -31.73
C GLY A 601 4.68 -45.54 -32.27
N THR A 602 5.60 -45.23 -31.37
CA THR A 602 6.93 -44.81 -31.78
C THR A 602 7.72 -45.95 -32.40
N ASN A 603 7.41 -47.20 -32.03
CA ASN A 603 8.18 -48.33 -32.53
C ASN A 603 8.07 -48.45 -34.04
N THR A 604 6.86 -48.35 -34.57
CA THR A 604 6.59 -48.70 -35.95
C THR A 604 7.00 -47.58 -36.91
N SER A 605 6.40 -46.40 -36.73
CA SER A 605 6.66 -45.28 -37.62
C SER A 605 6.59 -43.99 -36.81
N ASN A 606 6.58 -42.86 -37.50
CA ASN A 606 6.51 -41.55 -36.86
C ASN A 606 5.58 -40.61 -37.60
N GLN A 607 4.55 -41.16 -38.27
CA GLN A 607 3.55 -40.37 -38.95
C GLN A 607 2.35 -40.19 -38.03
N VAL A 608 1.90 -38.94 -37.88
CA VAL A 608 0.86 -38.59 -36.93
C VAL A 608 -0.26 -37.85 -37.65
N ALA A 609 -1.49 -38.14 -37.25
CA ALA A 609 -2.66 -37.44 -37.80
C ALA A 609 -3.13 -36.39 -36.80
N VAL A 610 -3.42 -35.20 -37.31
CA VAL A 610 -3.83 -34.06 -36.49
C VAL A 610 -5.34 -33.93 -36.58
N LEU A 611 -5.99 -33.81 -35.43
CA LEU A 611 -7.44 -33.69 -35.35
C LEU A 611 -7.82 -32.42 -34.61
N TYR A 612 -8.72 -31.63 -35.21
CA TYR A 612 -9.26 -30.44 -34.58
C TYR A 612 -10.67 -30.72 -34.08
N GLN A 613 -10.96 -30.30 -32.86
CA GLN A 613 -12.19 -30.66 -32.17
C GLN A 613 -13.19 -29.51 -32.21
N GLY A 614 -14.40 -29.81 -32.64
CA GLY A 614 -15.51 -28.87 -32.53
C GLY A 614 -15.33 -27.57 -33.29
N VAL A 615 -14.72 -27.62 -34.47
CA VAL A 615 -14.53 -26.44 -35.30
C VAL A 615 -14.84 -26.81 -36.75
N ASN A 616 -15.63 -25.98 -37.41
CA ASN A 616 -15.88 -26.12 -38.84
C ASN A 616 -14.61 -25.72 -39.59
N CYS A 617 -13.89 -26.72 -40.12
CA CYS A 617 -12.56 -26.50 -40.64
C CYS A 617 -12.54 -26.21 -42.14
N THR A 618 -13.58 -25.56 -42.66
CA THR A 618 -13.53 -25.09 -44.04
C THR A 618 -12.40 -24.09 -44.27
N GLU A 619 -11.95 -23.41 -43.21
CA GLU A 619 -10.81 -22.49 -43.29
C GLU A 619 -9.96 -22.73 -42.04
N VAL A 620 -8.97 -23.61 -42.17
CA VAL A 620 -8.08 -23.94 -41.06
C VAL A 620 -7.04 -22.85 -40.80
N PRO A 621 -6.50 -22.14 -41.81
CA PRO A 621 -5.47 -21.19 -41.36
C PRO A 621 -6.06 -19.86 -40.88
N VAL A 635 3.19 -28.96 -45.53
CA VAL A 635 2.99 -29.68 -44.28
C VAL A 635 1.53 -30.07 -44.10
N TYR A 636 1.17 -30.41 -42.87
CA TYR A 636 -0.20 -30.81 -42.55
C TYR A 636 -1.07 -29.59 -42.25
N SER A 637 -1.15 -28.69 -43.23
CA SER A 637 -1.98 -27.49 -43.12
C SER A 637 -3.14 -27.51 -44.11
N THR A 638 -2.85 -27.66 -45.41
CA THR A 638 -3.91 -27.67 -46.41
C THR A 638 -3.69 -28.79 -47.42
N GLY A 639 -2.44 -29.18 -47.63
CA GLY A 639 -2.13 -30.16 -48.65
C GLY A 639 -2.68 -31.53 -48.33
N SER A 640 -2.66 -31.92 -47.06
CA SER A 640 -3.13 -33.23 -46.66
C SER A 640 -4.65 -33.34 -46.81
N ASN A 641 -5.13 -34.57 -46.94
CA ASN A 641 -6.56 -34.81 -47.10
C ASN A 641 -7.31 -34.43 -45.84
N VAL A 642 -8.56 -34.00 -46.03
CA VAL A 642 -9.41 -33.53 -44.94
C VAL A 642 -10.65 -34.40 -44.89
N PHE A 643 -10.94 -34.94 -43.71
CA PHE A 643 -12.16 -35.71 -43.45
C PHE A 643 -12.91 -35.06 -42.30
N GLN A 644 -14.18 -34.72 -42.54
CA GLN A 644 -14.98 -34.00 -41.56
C GLN A 644 -15.81 -35.00 -40.75
N THR A 645 -15.73 -34.89 -39.43
CA THR A 645 -16.45 -35.77 -38.52
C THR A 645 -17.50 -34.96 -37.75
N ARG A 646 -18.19 -35.66 -36.84
CA ARG A 646 -19.16 -35.00 -35.97
C ARG A 646 -18.48 -34.23 -34.84
N ALA A 647 -17.21 -34.51 -34.56
CA ALA A 647 -16.45 -33.85 -33.50
C ALA A 647 -15.33 -33.01 -34.09
N GLY A 648 -15.62 -32.35 -35.20
CA GLY A 648 -14.60 -31.56 -35.89
C GLY A 648 -14.14 -32.23 -37.16
N CYS A 649 -12.85 -32.14 -37.45
CA CYS A 649 -12.31 -32.80 -38.62
C CYS A 649 -10.84 -33.13 -38.38
N LEU A 650 -10.35 -34.11 -39.12
CA LEU A 650 -8.97 -34.57 -39.00
C LEU A 650 -8.27 -34.47 -40.35
N ILE A 651 -6.95 -34.35 -40.31
CA ILE A 651 -6.12 -34.25 -41.50
C ILE A 651 -4.98 -35.24 -41.40
N GLY A 652 -4.42 -35.58 -42.55
CA GLY A 652 -3.32 -36.52 -42.63
C GLY A 652 -3.74 -37.96 -42.80
N ALA A 653 -5.03 -38.26 -42.72
CA ALA A 653 -5.53 -39.62 -42.86
C ALA A 653 -6.66 -39.65 -43.87
N GLU A 654 -6.71 -40.74 -44.64
CA GLU A 654 -7.72 -40.91 -45.67
C GLU A 654 -8.99 -41.49 -45.04
N HIS A 655 -9.95 -41.89 -45.86
CA HIS A 655 -11.22 -42.40 -45.41
C HIS A 655 -11.46 -43.79 -46.00
N VAL A 656 -11.97 -44.70 -45.19
CA VAL A 656 -12.30 -46.06 -45.61
C VAL A 656 -13.71 -46.37 -45.10
N ASN A 657 -14.54 -46.93 -45.98
CA ASN A 657 -15.93 -47.22 -45.66
C ASN A 657 -16.17 -48.71 -45.41
N ASN A 658 -15.16 -49.41 -44.90
CA ASN A 658 -15.30 -50.80 -44.49
C ASN A 658 -15.64 -50.85 -43.00
N SER A 659 -15.56 -52.04 -42.41
CA SER A 659 -15.83 -52.22 -40.98
C SER A 659 -14.74 -53.07 -40.36
N TYR A 660 -14.17 -52.59 -39.24
CA TYR A 660 -13.16 -53.32 -38.49
C TYR A 660 -13.35 -53.02 -37.01
N GLU A 661 -12.51 -53.63 -36.19
CA GLU A 661 -12.52 -53.38 -34.76
C GLU A 661 -11.91 -52.01 -34.45
N CYS A 662 -12.10 -51.55 -33.22
CA CYS A 662 -11.64 -50.24 -32.79
C CYS A 662 -10.43 -50.41 -31.88
N ASP A 663 -9.35 -49.70 -32.20
CA ASP A 663 -8.12 -49.73 -31.41
C ASP A 663 -7.88 -48.44 -30.64
N ILE A 664 -7.90 -47.31 -31.31
CA ILE A 664 -7.71 -46.01 -30.69
C ILE A 664 -8.99 -45.20 -30.88
N PRO A 665 -9.84 -45.11 -29.86
CA PRO A 665 -11.11 -44.39 -30.02
C PRO A 665 -10.90 -42.90 -30.31
N ILE A 666 -11.74 -42.37 -31.19
CA ILE A 666 -11.77 -40.94 -31.49
C ILE A 666 -13.01 -40.27 -30.90
N GLY A 667 -14.18 -40.72 -31.30
CA GLY A 667 -15.42 -40.13 -30.83
C GLY A 667 -16.46 -40.19 -31.93
N ALA A 668 -17.71 -39.92 -31.54
CA ALA A 668 -18.86 -39.93 -32.44
C ALA A 668 -19.01 -41.25 -33.18
N GLY A 669 -18.64 -42.35 -32.53
CA GLY A 669 -18.82 -43.66 -33.11
C GLY A 669 -17.81 -44.06 -34.16
N ILE A 670 -16.75 -43.28 -34.36
CA ILE A 670 -15.71 -43.63 -35.33
C ILE A 670 -14.35 -43.58 -34.66
N CYS A 671 -13.41 -44.32 -35.23
CA CYS A 671 -12.06 -44.36 -34.69
C CYS A 671 -11.10 -44.82 -35.79
N ALA A 672 -9.82 -44.54 -35.58
CA ALA A 672 -8.79 -44.77 -36.57
C ALA A 672 -7.80 -45.82 -36.07
N SER A 673 -7.24 -46.57 -37.02
CA SER A 673 -6.26 -47.60 -36.73
C SER A 673 -5.13 -47.50 -37.75
N TYR A 674 -4.14 -48.36 -37.60
CA TYR A 674 -2.99 -48.40 -38.49
C TYR A 674 -2.99 -49.71 -39.26
N GLN A 675 -2.77 -49.63 -40.57
CA GLN A 675 -2.70 -50.81 -41.42
C GLN A 675 -1.35 -50.90 -42.11
N SER A 691 -1.23 -48.21 -43.83
CA SER A 691 -1.17 -46.80 -43.43
C SER A 691 -2.20 -46.50 -42.35
N ILE A 692 -2.34 -45.22 -42.02
CA ILE A 692 -3.32 -44.79 -41.02
C ILE A 692 -4.64 -44.50 -41.73
N ILE A 693 -5.73 -45.08 -41.21
CA ILE A 693 -7.05 -44.96 -41.81
C ILE A 693 -8.08 -44.78 -40.71
N ALA A 694 -9.06 -43.91 -40.95
CA ALA A 694 -10.15 -43.66 -40.02
C ALA A 694 -11.45 -44.19 -40.62
N TYR A 695 -12.19 -44.97 -39.83
CA TYR A 695 -13.42 -45.60 -40.29
C TYR A 695 -14.40 -45.65 -39.13
N THR A 696 -15.53 -46.30 -39.35
CA THR A 696 -16.56 -46.47 -38.33
C THR A 696 -16.43 -47.84 -37.69
N MET A 697 -16.48 -47.88 -36.36
CA MET A 697 -16.22 -49.12 -35.65
C MET A 697 -17.27 -50.17 -36.00
N SER A 698 -16.81 -51.42 -36.13
CA SER A 698 -17.71 -52.54 -36.35
C SER A 698 -18.19 -53.06 -34.99
N LEU A 699 -19.47 -53.38 -34.91
CA LEU A 699 -20.05 -53.83 -33.64
C LEU A 699 -19.50 -55.19 -33.21
N GLY A 700 -18.93 -55.96 -34.13
CA GLY A 700 -18.37 -57.26 -33.85
C GLY A 700 -18.92 -58.28 -34.83
N ALA A 701 -18.75 -59.55 -34.48
CA ALA A 701 -19.26 -60.62 -35.32
C ALA A 701 -20.78 -60.64 -35.32
N GLU A 702 -21.36 -60.92 -36.48
CA GLU A 702 -22.81 -60.96 -36.65
C GLU A 702 -23.24 -62.37 -37.03
N ASN A 703 -24.21 -62.90 -36.29
CA ASN A 703 -24.74 -64.23 -36.58
C ASN A 703 -26.15 -64.32 -36.03
N SER A 704 -26.91 -65.28 -36.55
CA SER A 704 -28.28 -65.52 -36.13
C SER A 704 -28.43 -66.97 -35.68
N VAL A 705 -29.13 -67.17 -34.58
CA VAL A 705 -29.36 -68.49 -34.02
C VAL A 705 -30.60 -69.10 -34.67
N ALA A 706 -30.52 -70.40 -34.98
CA ALA A 706 -31.63 -71.11 -35.62
C ALA A 706 -32.63 -71.49 -34.55
N TYR A 707 -33.47 -70.53 -34.18
CA TYR A 707 -34.48 -70.76 -33.16
C TYR A 707 -35.70 -71.47 -33.75
N SER A 708 -36.22 -72.44 -33.01
CA SER A 708 -37.43 -73.14 -33.41
C SER A 708 -38.12 -73.63 -32.14
N ASN A 709 -39.40 -73.97 -32.29
CA ASN A 709 -40.18 -74.34 -31.12
C ASN A 709 -40.01 -75.81 -30.72
N ASN A 710 -39.27 -76.61 -31.49
CA ASN A 710 -39.04 -78.00 -31.14
C ASN A 710 -37.59 -78.39 -31.42
N SER A 711 -36.64 -77.53 -31.05
CA SER A 711 -35.23 -77.80 -31.28
C SER A 711 -34.43 -77.37 -30.06
N ILE A 712 -33.59 -78.27 -29.55
CA ILE A 712 -32.69 -77.97 -28.44
C ILE A 712 -31.29 -78.45 -28.80
N ALA A 713 -30.31 -77.90 -28.09
CA ALA A 713 -28.90 -78.22 -28.30
C ALA A 713 -28.25 -78.56 -26.98
N ILE A 714 -27.43 -79.60 -26.97
CA ILE A 714 -26.77 -80.07 -25.76
C ILE A 714 -25.27 -80.22 -26.03
N PRO A 715 -24.41 -79.59 -25.24
CA PRO A 715 -22.96 -79.76 -25.46
C PRO A 715 -22.51 -81.18 -25.17
N THR A 716 -21.44 -81.59 -25.85
CA THR A 716 -20.89 -82.92 -25.69
C THR A 716 -19.48 -82.95 -25.11
N ASN A 717 -18.75 -81.84 -25.14
CA ASN A 717 -17.39 -81.79 -24.64
C ASN A 717 -17.21 -80.56 -23.75
N PHE A 718 -16.23 -80.63 -22.86
CA PHE A 718 -15.98 -79.56 -21.91
C PHE A 718 -14.49 -79.27 -21.84
N THR A 719 -14.17 -78.03 -21.50
CA THR A 719 -12.79 -77.57 -21.38
C THR A 719 -12.64 -76.76 -20.10
N ILE A 720 -11.41 -76.68 -19.62
CA ILE A 720 -11.07 -75.94 -18.41
C ILE A 720 -10.04 -74.89 -18.76
N SER A 721 -10.33 -73.63 -18.40
CA SER A 721 -9.45 -72.50 -18.69
C SER A 721 -9.13 -71.76 -17.41
N VAL A 722 -8.14 -70.86 -17.50
CA VAL A 722 -7.71 -70.06 -16.37
C VAL A 722 -7.67 -68.59 -16.79
N THR A 723 -8.16 -67.71 -15.93
CA THR A 723 -8.17 -66.27 -16.16
C THR A 723 -7.53 -65.57 -14.97
N THR A 724 -7.02 -64.37 -15.21
CA THR A 724 -6.32 -63.60 -14.20
C THR A 724 -7.01 -62.25 -13.97
N GLU A 725 -7.05 -61.83 -12.71
CA GLU A 725 -7.55 -60.52 -12.33
C GLU A 725 -6.57 -59.87 -11.36
N ILE A 726 -6.47 -58.55 -11.43
CA ILE A 726 -5.56 -57.78 -10.60
C ILE A 726 -6.33 -56.67 -9.91
N LEU A 727 -6.12 -56.52 -8.60
CA LEU A 727 -6.81 -55.52 -7.81
C LEU A 727 -5.84 -54.87 -6.83
N PRO A 728 -5.75 -53.55 -6.80
CA PRO A 728 -4.91 -52.87 -5.81
C PRO A 728 -5.60 -52.80 -4.46
N VAL A 729 -4.79 -52.88 -3.41
CA VAL A 729 -5.31 -52.85 -2.04
C VAL A 729 -4.64 -51.80 -1.16
N SER A 730 -3.47 -51.28 -1.51
CA SER A 730 -2.79 -50.32 -0.65
C SER A 730 -1.85 -49.49 -1.48
N MET A 731 -1.41 -48.37 -0.91
CA MET A 731 -0.48 -47.45 -1.57
C MET A 731 0.50 -46.94 -0.53
N THR A 732 1.51 -46.22 -1.01
CA THR A 732 2.54 -45.71 -0.12
C THR A 732 1.95 -44.69 0.85
N LYS A 733 2.44 -44.72 2.09
CA LYS A 733 1.98 -43.82 3.14
C LYS A 733 2.94 -42.63 3.21
N THR A 734 2.40 -41.42 3.09
CA THR A 734 3.19 -40.20 3.06
C THR A 734 2.80 -39.32 4.23
N SER A 735 3.79 -38.84 4.98
CA SER A 735 3.58 -37.90 6.07
C SER A 735 4.48 -36.69 5.83
N VAL A 736 3.89 -35.50 5.91
CA VAL A 736 4.59 -34.24 5.64
C VAL A 736 4.34 -33.28 6.79
N ASP A 737 5.40 -32.59 7.21
CA ASP A 737 5.29 -31.56 8.24
C ASP A 737 4.98 -30.21 7.60
N CYS A 738 4.56 -29.25 8.43
CA CYS A 738 4.21 -27.93 7.96
C CYS A 738 5.30 -26.89 8.20
N THR A 739 5.99 -26.97 9.32
CA THR A 739 7.00 -25.97 9.64
C THR A 739 8.14 -25.96 8.63
N MET A 740 8.64 -27.14 8.26
CA MET A 740 9.76 -27.21 7.34
C MET A 740 9.36 -26.79 5.92
N TYR A 741 8.13 -27.11 5.51
CA TYR A 741 7.73 -26.85 4.13
C TYR A 741 7.68 -25.35 3.83
N ILE A 742 7.16 -24.56 4.76
CA ILE A 742 6.86 -23.16 4.48
C ILE A 742 7.82 -22.19 5.15
N CYS A 743 8.54 -22.60 6.19
CA CYS A 743 9.42 -21.70 6.92
C CYS A 743 10.90 -21.91 6.63
N GLY A 744 11.35 -23.16 6.58
CA GLY A 744 12.77 -23.41 6.36
C GLY A 744 13.66 -22.90 7.47
N ASP A 745 13.27 -23.13 8.72
CA ASP A 745 14.03 -22.71 9.89
C ASP A 745 14.20 -21.19 9.93
N SER A 746 13.06 -20.49 9.94
CA SER A 746 13.03 -19.05 10.07
C SER A 746 12.06 -18.67 11.17
N THR A 747 12.53 -17.84 12.12
CA THR A 747 11.68 -17.45 13.23
C THR A 747 10.57 -16.49 12.79
N GLU A 748 10.85 -15.63 11.81
CA GLU A 748 9.83 -14.70 11.34
C GLU A 748 8.66 -15.44 10.69
N CYS A 749 8.96 -16.48 9.90
CA CYS A 749 7.91 -17.26 9.28
C CYS A 749 7.05 -17.95 10.33
N SER A 750 7.68 -18.50 11.38
CA SER A 750 6.93 -19.13 12.45
C SER A 750 6.05 -18.12 13.18
N ASN A 751 6.59 -16.92 13.45
CA ASN A 751 5.82 -15.89 14.12
C ASN A 751 4.61 -15.48 13.29
N LEU A 752 4.80 -15.33 11.98
CA LEU A 752 3.67 -14.98 11.12
C LEU A 752 2.65 -16.12 11.04
N LEU A 753 3.13 -17.37 11.01
CA LEU A 753 2.22 -18.52 10.98
C LEU A 753 1.43 -18.64 12.28
N LEU A 754 2.00 -18.18 13.39
CA LEU A 754 1.28 -18.24 14.67
C LEU A 754 -0.02 -17.46 14.64
N GLN A 755 -0.15 -16.49 13.73
CA GLN A 755 -1.37 -15.72 13.57
C GLN A 755 -2.31 -16.30 12.53
N TYR A 756 -1.98 -17.45 11.94
CA TYR A 756 -2.77 -18.04 10.87
C TYR A 756 -3.41 -19.36 11.30
N GLY A 757 -3.78 -19.47 12.57
CA GLY A 757 -4.44 -20.68 13.02
C GLY A 757 -3.50 -21.88 13.10
N SER A 758 -4.10 -23.07 13.03
CA SER A 758 -3.40 -24.33 13.19
C SER A 758 -3.84 -25.31 12.11
N PHE A 759 -3.84 -24.85 10.85
CA PHE A 759 -4.30 -25.69 9.75
C PHE A 759 -3.47 -26.96 9.62
N CYS A 760 -2.15 -26.84 9.73
CA CYS A 760 -1.30 -28.00 9.52
C CYS A 760 -1.47 -29.05 10.60
N THR A 761 -1.96 -28.66 11.78
CA THR A 761 -2.35 -29.66 12.76
C THR A 761 -3.48 -30.53 12.23
N GLN A 762 -4.49 -29.90 11.61
CA GLN A 762 -5.56 -30.66 10.98
C GLN A 762 -5.03 -31.51 9.84
N LEU A 763 -4.09 -30.98 9.07
CA LEU A 763 -3.50 -31.75 7.98
C LEU A 763 -2.78 -32.98 8.50
N ASN A 764 -2.02 -32.84 9.58
CA ASN A 764 -1.33 -33.98 10.17
C ASN A 764 -2.32 -35.00 10.72
N ARG A 765 -3.39 -34.52 11.36
CA ARG A 765 -4.42 -35.43 11.85
C ARG A 765 -5.05 -36.22 10.70
N ALA A 766 -5.35 -35.53 9.59
CA ALA A 766 -5.93 -36.22 8.44
C ALA A 766 -4.96 -37.24 7.87
N LEU A 767 -3.67 -36.91 7.80
CA LEU A 767 -2.69 -37.84 7.27
C LEU A 767 -2.57 -39.07 8.17
N THR A 768 -2.57 -38.87 9.49
CA THR A 768 -2.52 -40.00 10.41
C THR A 768 -3.76 -40.87 10.26
N GLY A 769 -4.93 -40.25 10.11
CA GLY A 769 -6.13 -41.02 9.88
C GLY A 769 -6.06 -41.84 8.60
N ILE A 770 -5.50 -41.25 7.54
CA ILE A 770 -5.33 -41.99 6.29
C ILE A 770 -4.39 -43.17 6.48
N ALA A 771 -3.29 -42.96 7.21
CA ALA A 771 -2.34 -44.04 7.44
C ALA A 771 -2.97 -45.20 8.22
N VAL A 772 -3.70 -44.88 9.29
CA VAL A 772 -4.33 -45.93 10.07
C VAL A 772 -5.42 -46.62 9.25
N GLU A 773 -6.12 -45.87 8.39
CA GLU A 773 -7.11 -46.50 7.52
C GLU A 773 -6.44 -47.47 6.55
N GLN A 774 -5.28 -47.09 6.00
CA GLN A 774 -4.57 -48.00 5.11
C GLN A 774 -4.14 -49.26 5.83
N ASP A 775 -3.63 -49.11 7.06
CA ASP A 775 -3.20 -50.28 7.82
C ASP A 775 -4.37 -51.20 8.11
N LYS A 776 -5.49 -50.64 8.56
CA LYS A 776 -6.68 -51.46 8.81
C LYS A 776 -7.15 -52.13 7.54
N ASN A 777 -7.09 -51.42 6.41
CA ASN A 777 -7.56 -51.96 5.14
C ASN A 777 -6.73 -53.17 4.73
N THR A 778 -5.40 -53.04 4.76
CA THR A 778 -4.57 -54.17 4.35
C THR A 778 -4.71 -55.34 5.32
N GLN A 779 -4.83 -55.04 6.62
CA GLN A 779 -5.04 -56.12 7.58
C GLN A 779 -6.34 -56.86 7.30
N GLU A 780 -7.41 -56.13 7.00
CA GLU A 780 -8.69 -56.77 6.73
C GLU A 780 -8.63 -57.60 5.46
N VAL A 781 -7.98 -57.09 4.42
CA VAL A 781 -7.92 -57.83 3.16
C VAL A 781 -7.11 -59.11 3.31
N PHE A 782 -5.94 -59.03 3.95
CA PHE A 782 -5.05 -60.18 3.97
C PHE A 782 -5.33 -61.14 5.11
N ALA A 783 -5.34 -60.65 6.34
CA ALA A 783 -5.50 -61.51 7.51
C ALA A 783 -6.93 -62.05 7.56
N GLN A 784 -7.10 -63.33 7.21
CA GLN A 784 -8.42 -63.94 7.21
C GLN A 784 -8.41 -65.35 7.76
N VAL A 785 -7.35 -65.78 8.44
CA VAL A 785 -7.25 -67.12 8.99
C VAL A 785 -6.81 -67.03 10.45
N LYS A 786 -7.10 -68.10 11.19
CA LYS A 786 -6.75 -68.18 12.60
C LYS A 786 -5.46 -68.94 12.87
N GLN A 787 -5.01 -69.77 11.93
CA GLN A 787 -3.80 -70.56 12.07
C GLN A 787 -2.92 -70.35 10.85
N ILE A 788 -1.76 -71.00 10.85
CA ILE A 788 -0.84 -70.98 9.72
C ILE A 788 -0.58 -72.43 9.33
N TYR A 789 -1.20 -72.87 8.24
CA TYR A 789 -1.09 -74.25 7.82
C TYR A 789 0.19 -74.49 7.03
N LYS A 790 0.55 -75.76 6.90
CA LYS A 790 1.69 -76.17 6.10
C LYS A 790 1.28 -77.30 5.18
N THR A 791 1.75 -77.25 3.94
CA THR A 791 1.43 -78.30 2.98
C THR A 791 2.09 -79.61 3.39
N PRO A 792 1.43 -80.75 3.14
CA PRO A 792 2.02 -82.03 3.48
C PRO A 792 3.26 -82.29 2.66
N PRO A 793 4.25 -83.02 3.22
CA PRO A 793 5.46 -83.32 2.45
C PRO A 793 5.21 -84.09 1.17
N ILE A 794 4.23 -84.98 1.16
CA ILE A 794 3.92 -85.77 -0.03
C ILE A 794 2.98 -84.97 -0.93
N LYS A 795 3.23 -85.03 -2.24
CA LYS A 795 2.43 -84.33 -3.24
C LYS A 795 1.98 -85.34 -4.29
N ASP A 796 0.84 -85.99 -4.03
CA ASP A 796 0.22 -86.92 -4.96
C ASP A 796 -1.28 -86.63 -5.05
N PHE A 797 -1.60 -85.57 -5.78
CA PHE A 797 -2.98 -85.09 -5.92
C PHE A 797 -3.67 -85.74 -7.11
N GLY A 798 -3.70 -87.07 -7.14
CA GLY A 798 -4.38 -87.81 -8.18
C GLY A 798 -3.80 -87.68 -9.57
N GLY A 799 -2.84 -86.78 -9.79
CA GLY A 799 -2.26 -86.59 -11.10
C GLY A 799 -2.05 -85.14 -11.44
N PHE A 800 -2.66 -84.25 -10.67
CA PHE A 800 -2.50 -82.82 -10.90
C PHE A 800 -1.10 -82.37 -10.53
N ASN A 801 -0.66 -81.28 -11.13
CA ASN A 801 0.66 -80.71 -10.87
C ASN A 801 0.49 -79.31 -10.29
N PHE A 802 1.12 -79.07 -9.15
CA PHE A 802 1.01 -77.78 -8.45
C PHE A 802 2.38 -77.20 -8.10
N SER A 803 3.45 -77.68 -8.73
CA SER A 803 4.79 -77.21 -8.37
C SER A 803 4.98 -75.75 -8.73
N GLN A 804 4.36 -75.29 -9.82
CA GLN A 804 4.55 -73.91 -10.26
C GLN A 804 3.87 -72.89 -9.36
N ILE A 805 2.96 -73.32 -8.48
CA ILE A 805 2.22 -72.41 -7.62
C ILE A 805 2.62 -72.56 -6.16
N LEU A 806 2.93 -73.77 -5.73
CA LEU A 806 3.31 -73.98 -4.34
C LEU A 806 4.65 -73.29 -4.04
N PRO A 807 4.82 -72.81 -2.82
CA PRO A 807 6.06 -72.09 -2.48
C PRO A 807 7.27 -72.99 -2.55
N ASP A 808 8.41 -72.39 -2.90
CA ASP A 808 9.67 -73.12 -3.02
C ASP A 808 10.58 -72.75 -1.87
N PRO A 809 10.86 -73.67 -0.93
CA PRO A 809 11.75 -73.33 0.18
C PRO A 809 13.18 -73.02 -0.23
N SER A 810 13.61 -73.45 -1.43
CA SER A 810 14.97 -73.19 -1.87
C SER A 810 15.24 -71.70 -2.04
N LYS A 811 14.26 -70.97 -2.57
CA LYS A 811 14.44 -69.55 -2.80
C LYS A 811 14.56 -68.81 -1.47
N PRO A 812 15.38 -67.76 -1.41
CA PRO A 812 15.54 -67.03 -0.14
C PRO A 812 14.26 -66.41 0.39
N SER A 813 13.39 -65.93 -0.50
CA SER A 813 12.16 -65.28 -0.10
C SER A 813 11.00 -66.24 0.10
N LYS A 814 11.21 -67.54 -0.17
CA LYS A 814 10.16 -68.55 -0.04
C LYS A 814 8.94 -68.18 -0.85
N ARG A 815 9.17 -67.69 -2.07
CA ARG A 815 8.10 -67.22 -2.94
C ARG A 815 8.00 -68.10 -4.18
N SER A 816 6.78 -68.27 -4.66
CA SER A 816 6.51 -69.12 -5.81
C SER A 816 6.99 -68.45 -7.11
N PHE A 817 7.02 -69.25 -8.17
CA PHE A 817 7.54 -68.78 -9.45
C PHE A 817 6.71 -67.62 -10.00
N ILE A 818 5.38 -67.75 -9.95
CA ILE A 818 4.51 -66.70 -10.48
C ILE A 818 4.71 -65.41 -9.70
N GLU A 819 4.92 -65.53 -8.39
CA GLU A 819 5.18 -64.34 -7.57
C GLU A 819 6.46 -63.64 -8.01
N ASP A 820 7.51 -64.41 -8.29
CA ASP A 820 8.76 -63.80 -8.74
C ASP A 820 8.59 -63.14 -10.10
N LEU A 821 7.85 -63.78 -11.02
CA LEU A 821 7.60 -63.14 -12.30
C LEU A 821 6.82 -61.84 -12.14
N LEU A 822 5.84 -61.83 -11.24
CA LEU A 822 5.08 -60.61 -10.99
C LEU A 822 5.96 -59.52 -10.41
N PHE A 823 6.86 -59.86 -9.48
CA PHE A 823 7.77 -58.88 -8.93
C PHE A 823 8.68 -58.31 -10.01
N ASN A 824 9.21 -59.19 -10.88
CA ASN A 824 10.15 -58.72 -11.89
C ASN A 824 9.46 -57.92 -12.99
N LYS A 825 8.19 -58.18 -13.25
CA LYS A 825 7.49 -57.48 -14.32
C LYS A 825 7.37 -55.99 -14.03
N VAL A 826 7.04 -55.63 -12.79
CA VAL A 826 6.90 -54.22 -12.43
C VAL A 826 8.28 -53.61 -12.20
N THR A 827 8.35 -52.28 -12.30
CA THR A 827 9.59 -51.56 -12.12
C THR A 827 9.35 -50.22 -11.44
N PHE A 855 15.18 -35.18 1.39
CA PHE A 855 14.21 -34.80 2.41
C PHE A 855 13.97 -33.30 2.40
N ASN A 856 12.72 -32.90 2.19
CA ASN A 856 12.33 -31.50 2.18
C ASN A 856 11.07 -31.29 3.00
N GLY A 857 11.05 -31.86 4.21
CA GLY A 857 9.89 -31.75 5.07
C GLY A 857 8.88 -32.86 4.93
N LEU A 858 9.13 -33.86 4.09
CA LEU A 858 8.22 -34.97 3.87
C LEU A 858 8.99 -36.29 3.99
N THR A 859 8.26 -37.34 4.35
CA THR A 859 8.86 -38.65 4.53
C THR A 859 7.83 -39.72 4.17
N VAL A 860 8.33 -40.92 3.90
CA VAL A 860 7.50 -42.07 3.55
C VAL A 860 7.62 -43.09 4.68
N LEU A 861 6.50 -43.32 5.38
CA LEU A 861 6.50 -44.28 6.47
C LEU A 861 6.51 -45.70 5.92
N PRO A 862 7.33 -46.59 6.48
CA PRO A 862 7.34 -47.98 6.02
C PRO A 862 6.03 -48.66 6.36
N PRO A 863 5.59 -49.59 5.52
CA PRO A 863 4.35 -50.31 5.82
C PRO A 863 4.52 -51.25 7.00
N LEU A 864 3.42 -51.47 7.73
CA LEU A 864 3.47 -52.40 8.86
C LEU A 864 3.72 -53.82 8.40
N LEU A 865 3.08 -54.24 7.31
CA LEU A 865 3.25 -55.59 6.79
C LEU A 865 4.36 -55.63 5.76
N THR A 866 5.23 -56.63 5.87
CA THR A 866 6.31 -56.86 4.94
C THR A 866 5.95 -57.98 3.98
N ASP A 867 6.85 -58.26 3.04
CA ASP A 867 6.56 -59.25 2.00
C ASP A 867 6.49 -60.66 2.58
N GLU A 868 7.32 -60.96 3.58
CA GLU A 868 7.45 -62.33 4.04
C GLU A 868 6.16 -62.85 4.66
N MET A 869 5.57 -62.06 5.57
CA MET A 869 4.34 -62.50 6.23
C MET A 869 3.18 -62.56 5.25
N ILE A 870 3.16 -61.66 4.27
CA ILE A 870 2.13 -61.70 3.24
C ILE A 870 2.25 -62.99 2.43
N ALA A 871 3.47 -63.35 2.05
CA ALA A 871 3.68 -64.59 1.32
C ALA A 871 3.28 -65.80 2.16
N GLN A 872 3.59 -65.76 3.46
CA GLN A 872 3.20 -66.86 4.33
C GLN A 872 1.68 -66.98 4.44
N TYR A 873 0.98 -65.85 4.54
CA TYR A 873 -0.48 -65.87 4.59
C TYR A 873 -1.06 -66.45 3.29
N THR A 874 -0.50 -66.04 2.14
CA THR A 874 -0.99 -66.58 0.87
C THR A 874 -0.74 -68.08 0.79
N SER A 875 0.42 -68.54 1.25
CA SER A 875 0.69 -69.98 1.26
C SER A 875 -0.28 -70.72 2.17
N ALA A 876 -0.58 -70.14 3.33
CA ALA A 876 -1.54 -70.77 4.24
C ALA A 876 -2.93 -70.87 3.63
N LEU A 877 -3.40 -69.80 2.99
CA LEU A 877 -4.69 -69.84 2.33
C LEU A 877 -4.71 -70.85 1.20
N LEU A 878 -3.63 -70.92 0.43
CA LEU A 878 -3.56 -71.88 -0.67
C LEU A 878 -3.60 -73.32 -0.14
N ALA A 879 -2.85 -73.61 0.92
CA ALA A 879 -2.88 -74.95 1.50
C ALA A 879 -4.27 -75.27 2.04
N GLY A 880 -4.91 -74.31 2.68
CA GLY A 880 -6.24 -74.54 3.21
C GLY A 880 -7.27 -74.80 2.13
N THR A 881 -7.18 -74.08 1.01
CA THR A 881 -8.13 -74.26 -0.07
C THR A 881 -7.80 -75.46 -0.96
N ILE A 882 -6.60 -76.03 -0.85
CA ILE A 882 -6.32 -77.25 -1.59
C ILE A 882 -6.62 -78.50 -0.78
N THR A 883 -5.99 -78.63 0.39
CA THR A 883 -6.03 -79.90 1.11
C THR A 883 -7.21 -80.04 2.05
N SER A 884 -8.03 -79.00 2.22
CA SER A 884 -9.12 -79.08 3.18
C SER A 884 -10.47 -78.78 2.54
N GLY A 885 -10.49 -77.90 1.55
CA GLY A 885 -11.74 -77.51 0.93
C GLY A 885 -12.31 -76.24 1.52
N TRP A 886 -13.64 -76.14 1.54
CA TRP A 886 -14.31 -74.97 2.11
C TRP A 886 -14.69 -75.16 3.56
N THR A 887 -14.41 -76.31 4.16
CA THR A 887 -14.82 -76.55 5.53
C THR A 887 -14.01 -75.71 6.50
N PHE A 888 -12.73 -75.48 6.21
CA PHE A 888 -11.88 -74.73 7.13
C PHE A 888 -12.30 -73.26 7.26
N GLY A 889 -13.14 -72.77 6.35
CA GLY A 889 -13.63 -71.41 6.47
C GLY A 889 -14.72 -71.21 7.49
N ALA A 890 -15.25 -72.30 8.05
CA ALA A 890 -16.30 -72.23 9.05
C ALA A 890 -15.84 -72.74 10.42
N GLY A 891 -15.38 -73.98 10.49
CA GLY A 891 -14.96 -74.57 11.74
C GLY A 891 -13.48 -74.91 11.77
N ALA A 892 -13.17 -76.20 11.73
CA ALA A 892 -11.79 -76.68 11.71
C ALA A 892 -11.53 -77.43 10.42
N ALA A 893 -10.29 -77.38 9.96
CA ALA A 893 -9.93 -77.98 8.69
C ALA A 893 -10.07 -79.50 8.75
N LEU A 894 -10.36 -80.10 7.59
CA LEU A 894 -10.54 -81.53 7.46
C LEU A 894 -9.65 -82.07 6.36
N GLN A 895 -9.24 -83.32 6.50
CA GLN A 895 -8.44 -84.00 5.48
C GLN A 895 -9.38 -84.67 4.49
N ILE A 896 -9.40 -84.18 3.26
CA ILE A 896 -10.25 -84.74 2.21
C ILE A 896 -9.42 -84.88 0.94
N PRO A 897 -9.45 -86.04 0.28
CA PRO A 897 -8.69 -86.18 -0.97
C PRO A 897 -9.21 -85.23 -2.04
N PHE A 898 -8.30 -84.84 -2.95
CA PHE A 898 -8.63 -83.83 -3.94
C PHE A 898 -9.72 -84.29 -4.90
N ALA A 899 -9.74 -85.58 -5.23
CA ALA A 899 -10.71 -86.09 -6.19
C ALA A 899 -12.15 -85.88 -5.71
N MET A 900 -12.41 -86.15 -4.44
CA MET A 900 -13.76 -85.96 -3.93
C MET A 900 -14.14 -84.49 -3.88
N GLN A 901 -13.18 -83.60 -3.60
CA GLN A 901 -13.48 -82.17 -3.65
C GLN A 901 -13.85 -81.74 -5.07
N MET A 902 -13.12 -82.25 -6.07
CA MET A 902 -13.51 -81.97 -7.46
C MET A 902 -14.91 -82.50 -7.75
N ALA A 903 -15.23 -83.71 -7.28
CA ALA A 903 -16.55 -84.27 -7.54
C ALA A 903 -17.64 -83.42 -6.92
N TYR A 904 -17.42 -82.95 -5.68
CA TYR A 904 -18.40 -82.10 -5.02
C TYR A 904 -18.56 -80.78 -5.76
N ARG A 905 -17.45 -80.18 -6.22
CA ARG A 905 -17.54 -78.92 -6.93
C ARG A 905 -18.30 -79.08 -8.24
N PHE A 906 -18.07 -80.20 -8.95
CA PHE A 906 -18.86 -80.46 -10.16
C PHE A 906 -20.33 -80.67 -9.83
N ASN A 907 -20.63 -81.42 -8.77
CA ASN A 907 -22.02 -81.63 -8.39
C ASN A 907 -22.70 -80.33 -8.01
N GLY A 908 -21.93 -79.35 -7.55
CA GLY A 908 -22.51 -78.08 -7.18
C GLY A 908 -23.14 -77.33 -8.34
N ILE A 909 -22.54 -77.44 -9.53
CA ILE A 909 -23.01 -76.65 -10.66
C ILE A 909 -24.08 -77.35 -11.50
N GLY A 910 -24.26 -78.66 -11.33
CA GLY A 910 -25.32 -79.35 -12.04
C GLY A 910 -24.88 -80.55 -12.84
N VAL A 911 -23.58 -80.79 -12.91
CA VAL A 911 -23.04 -81.94 -13.64
C VAL A 911 -22.86 -83.10 -12.67
N THR A 912 -23.38 -84.27 -13.07
CA THR A 912 -23.25 -85.45 -12.23
C THR A 912 -21.78 -85.83 -12.06
N GLN A 913 -21.44 -86.34 -10.86
CA GLN A 913 -20.07 -86.64 -10.52
C GLN A 913 -19.46 -87.75 -11.36
N ASN A 914 -20.25 -88.51 -12.10
CA ASN A 914 -19.71 -89.58 -12.93
C ASN A 914 -18.77 -89.04 -14.00
N VAL A 915 -19.04 -87.83 -14.50
CA VAL A 915 -18.23 -87.25 -15.56
C VAL A 915 -16.78 -87.11 -15.12
N LEU A 916 -16.57 -86.60 -13.90
CA LEU A 916 -15.22 -86.40 -13.41
C LEU A 916 -14.47 -87.72 -13.30
N TYR A 917 -15.09 -88.72 -12.67
CA TYR A 917 -14.41 -90.00 -12.46
C TYR A 917 -14.21 -90.76 -13.76
N GLU A 918 -14.97 -90.45 -14.80
CA GLU A 918 -14.74 -91.09 -16.09
C GLU A 918 -13.82 -90.29 -17.00
N ASN A 919 -13.38 -89.10 -16.59
CA ASN A 919 -12.56 -88.23 -17.42
C ASN A 919 -11.44 -87.60 -16.60
N GLN A 920 -10.80 -88.39 -15.74
CA GLN A 920 -9.78 -87.84 -14.85
C GLN A 920 -8.51 -87.46 -15.62
N LYS A 921 -8.02 -88.35 -16.48
CA LYS A 921 -6.76 -88.11 -17.18
C LYS A 921 -6.87 -86.93 -18.12
N LEU A 922 -7.97 -86.83 -18.87
CA LEU A 922 -8.15 -85.71 -19.78
C LEU A 922 -8.22 -84.39 -19.02
N ILE A 923 -8.92 -84.38 -17.87
CA ILE A 923 -9.00 -83.18 -17.06
C ILE A 923 -7.62 -82.78 -16.54
N ALA A 924 -6.84 -83.76 -16.10
CA ALA A 924 -5.50 -83.47 -15.60
C ALA A 924 -4.62 -82.88 -16.71
N ASN A 925 -4.67 -83.48 -17.89
CA ASN A 925 -3.88 -82.96 -19.01
C ASN A 925 -4.32 -81.55 -19.39
N GLN A 926 -5.63 -81.30 -19.40
CA GLN A 926 -6.13 -79.97 -19.75
C GLN A 926 -5.69 -78.94 -18.72
N PHE A 927 -5.74 -79.29 -17.44
CA PHE A 927 -5.31 -78.37 -16.40
C PHE A 927 -3.81 -78.09 -16.51
N ASN A 928 -3.02 -79.11 -16.79
CA ASN A 928 -1.58 -78.92 -16.93
C ASN A 928 -1.27 -78.01 -18.12
N SER A 929 -1.95 -78.22 -19.25
CA SER A 929 -1.74 -77.36 -20.40
C SER A 929 -2.16 -75.93 -20.11
N ALA A 930 -3.28 -75.76 -19.40
CA ALA A 930 -3.74 -74.42 -19.06
C ALA A 930 -2.73 -73.70 -18.18
N ILE A 931 -2.20 -74.38 -17.16
CA ILE A 931 -1.22 -73.73 -16.29
C ILE A 931 0.07 -73.45 -17.05
N GLY A 932 0.44 -74.35 -17.97
CA GLY A 932 1.64 -74.10 -18.76
C GLY A 932 1.51 -72.89 -19.66
N LYS A 933 0.33 -72.70 -20.27
CA LYS A 933 0.15 -71.55 -21.15
C LYS A 933 -0.02 -70.27 -20.35
N ILE A 934 -0.66 -70.31 -19.17
CA ILE A 934 -0.75 -69.10 -18.37
C ILE A 934 0.59 -68.76 -17.75
N GLN A 935 1.52 -69.72 -17.68
CA GLN A 935 2.88 -69.38 -17.26
C GLN A 935 3.51 -68.38 -18.21
N ASP A 936 3.30 -68.54 -19.51
CA ASP A 936 3.90 -67.69 -20.52
C ASP A 936 3.01 -66.52 -20.94
N SER A 937 1.71 -66.58 -20.61
CA SER A 937 0.78 -65.57 -21.10
C SER A 937 1.17 -64.17 -20.62
N LEU A 938 1.49 -64.03 -19.34
CA LEU A 938 1.82 -62.73 -18.79
C LEU A 938 3.31 -62.45 -18.79
N SER A 939 4.14 -63.38 -19.25
CA SER A 939 5.58 -63.17 -19.22
C SER A 939 6.02 -62.27 -20.37
N SER A 940 5.79 -62.70 -21.61
CA SER A 940 6.19 -61.91 -22.76
C SER A 940 5.28 -60.71 -22.96
N THR A 941 3.96 -60.91 -22.79
CA THR A 941 2.99 -59.85 -23.03
C THR A 941 3.00 -58.87 -21.86
N ALA A 942 3.36 -57.63 -22.14
CA ALA A 942 3.40 -56.58 -21.12
C ALA A 942 2.05 -55.86 -21.10
N SER A 943 2.00 -54.73 -20.39
CA SER A 943 0.82 -53.87 -20.31
C SER A 943 -0.39 -54.59 -19.70
N ALA A 944 -0.16 -55.69 -19.00
CA ALA A 944 -1.23 -56.42 -18.32
C ALA A 944 -1.39 -56.01 -16.87
N LEU A 945 -0.56 -55.09 -16.38
CA LEU A 945 -0.59 -54.61 -15.00
C LEU A 945 -0.72 -53.09 -14.99
N GLY A 946 -1.66 -52.57 -15.78
CA GLY A 946 -1.78 -51.14 -15.94
C GLY A 946 -2.20 -50.41 -14.68
N LYS A 947 -3.02 -51.04 -13.83
CA LYS A 947 -3.59 -50.35 -12.69
C LYS A 947 -2.53 -49.97 -11.66
N LEU A 948 -1.71 -50.94 -11.26
CA LEU A 948 -0.70 -50.68 -10.24
C LEU A 948 0.34 -49.66 -10.74
N GLN A 949 0.80 -49.84 -11.97
CA GLN A 949 1.76 -48.89 -12.53
C GLN A 949 1.17 -47.50 -12.63
N ASP A 950 -0.11 -47.41 -13.02
CA ASP A 950 -0.78 -46.12 -13.10
C ASP A 950 -0.86 -45.45 -11.74
N VAL A 951 -1.20 -46.22 -10.69
CA VAL A 951 -1.31 -45.66 -9.35
C VAL A 951 0.04 -45.14 -8.89
N VAL A 952 1.10 -45.94 -9.10
CA VAL A 952 2.43 -45.52 -8.68
C VAL A 952 2.86 -44.27 -9.44
N ASN A 953 2.60 -44.24 -10.75
CA ASN A 953 2.97 -43.07 -11.55
C ASN A 953 2.21 -41.84 -11.09
N GLN A 954 0.93 -41.98 -10.77
CA GLN A 954 0.16 -40.83 -10.30
C GLN A 954 0.72 -40.31 -8.98
N ASN A 955 1.06 -41.21 -8.06
CA ASN A 955 1.63 -40.76 -6.78
C ASN A 955 2.95 -40.03 -7.00
N ALA A 956 3.82 -40.61 -7.83
CA ALA A 956 5.11 -39.98 -8.10
C ALA A 956 4.93 -38.62 -8.77
N GLN A 957 3.99 -38.52 -9.71
CA GLN A 957 3.75 -37.25 -10.39
C GLN A 957 3.22 -36.20 -9.42
N ALA A 958 2.31 -36.59 -8.52
CA ALA A 958 1.81 -35.63 -7.54
C ALA A 958 2.91 -35.14 -6.62
N LEU A 959 3.76 -36.06 -6.15
CA LEU A 959 4.87 -35.64 -5.29
C LEU A 959 5.82 -34.71 -6.02
N ASN A 960 6.15 -35.06 -7.27
CA ASN A 960 7.09 -34.24 -8.05
C ASN A 960 6.51 -32.85 -8.33
N THR A 961 5.22 -32.78 -8.66
CA THR A 961 4.63 -31.47 -8.93
C THR A 961 4.51 -30.63 -7.66
N LEU A 962 4.28 -31.27 -6.51
CA LEU A 962 4.31 -30.51 -5.26
C LEU A 962 5.70 -29.97 -4.98
N VAL A 963 6.73 -30.79 -5.19
CA VAL A 963 8.10 -30.33 -4.96
C VAL A 963 8.45 -29.19 -5.91
N LYS A 964 8.02 -29.30 -7.17
CA LYS A 964 8.27 -28.22 -8.13
C LYS A 964 7.54 -26.95 -7.72
N GLN A 965 6.30 -27.06 -7.25
CA GLN A 965 5.54 -25.90 -6.81
C GLN A 965 6.15 -25.28 -5.56
N LEU A 966 6.91 -26.04 -4.78
CA LEU A 966 7.57 -25.48 -3.60
C LEU A 966 8.43 -24.28 -3.96
N SER A 967 9.14 -24.35 -5.07
CA SER A 967 9.98 -23.25 -5.55
C SER A 967 9.21 -22.48 -6.61
N SER A 968 8.57 -21.39 -6.21
CA SER A 968 7.78 -20.55 -7.11
C SER A 968 8.00 -19.09 -6.73
N ASN A 969 7.29 -18.21 -7.42
CA ASN A 969 7.39 -16.77 -7.19
C ASN A 969 6.21 -16.21 -6.42
N PHE A 970 4.99 -16.57 -6.82
CA PHE A 970 3.76 -16.10 -6.17
C PHE A 970 3.69 -14.58 -6.16
N GLY A 971 4.16 -13.95 -7.25
CA GLY A 971 4.14 -12.52 -7.37
C GLY A 971 5.24 -11.79 -6.62
N ALA A 972 6.15 -12.51 -5.97
CA ALA A 972 7.23 -11.88 -5.25
C ALA A 972 8.39 -11.58 -6.20
N ILE A 973 9.49 -11.07 -5.64
CA ILE A 973 10.68 -10.77 -6.43
C ILE A 973 11.74 -11.85 -6.31
N SER A 974 11.64 -12.75 -5.34
CA SER A 974 12.58 -13.84 -5.17
C SER A 974 11.83 -15.11 -4.83
N SER A 975 12.41 -16.25 -5.22
CA SER A 975 11.80 -17.55 -5.00
C SER A 975 12.35 -18.27 -3.78
N VAL A 976 13.22 -17.61 -3.00
CA VAL A 976 13.84 -18.22 -1.84
C VAL A 976 13.71 -17.28 -0.65
N LEU A 977 13.52 -17.88 0.53
CA LEU A 977 13.23 -17.10 1.73
C LEU A 977 14.47 -16.40 2.29
N ASN A 978 15.63 -17.06 2.22
CA ASN A 978 16.83 -16.51 2.85
C ASN A 978 17.24 -15.20 2.20
N ASP A 979 17.14 -15.11 0.87
CA ASP A 979 17.50 -13.88 0.18
C ASP A 979 16.54 -12.75 0.52
N ILE A 980 15.24 -13.01 0.43
CA ILE A 980 14.24 -11.98 0.72
C ILE A 980 14.27 -11.56 2.18
N LEU A 981 14.76 -12.42 3.07
CA LEU A 981 14.80 -12.07 4.49
C LEU A 981 15.81 -10.97 4.76
N SER A 982 16.96 -10.99 4.09
CA SER A 982 18.05 -10.06 4.37
C SER A 982 18.31 -9.12 3.18
N ARG A 983 17.26 -8.76 2.44
CA ARG A 983 17.43 -7.86 1.32
C ARG A 983 16.41 -6.73 1.33
N LEU A 984 15.26 -6.95 1.96
CA LEU A 984 14.15 -6.02 1.91
C LEU A 984 13.81 -5.49 3.30
N ASP A 985 13.13 -4.36 3.31
CA ASP A 985 12.72 -3.73 4.55
C ASP A 985 11.58 -4.54 5.19
N PRO A 986 11.59 -4.72 6.52
CA PRO A 986 10.71 -5.71 7.16
C PRO A 986 9.24 -5.49 6.86
N PRO A 987 8.75 -4.25 6.77
CA PRO A 987 7.34 -4.07 6.33
C PRO A 987 7.04 -4.69 4.97
N GLU A 988 7.99 -4.68 4.04
CA GLU A 988 7.79 -5.36 2.76
C GLU A 988 8.16 -6.84 2.84
N ALA A 989 9.14 -7.18 3.68
CA ALA A 989 9.52 -8.58 3.84
C ALA A 989 8.36 -9.40 4.38
N GLU A 990 7.61 -8.85 5.35
CA GLU A 990 6.46 -9.57 5.88
C GLU A 990 5.36 -9.72 4.83
N VAL A 991 5.18 -8.73 3.96
CA VAL A 991 4.20 -8.86 2.89
C VAL A 991 4.58 -9.98 1.94
N GLN A 992 5.86 -10.02 1.54
CA GLN A 992 6.32 -11.10 0.66
C GLN A 992 6.19 -12.45 1.33
N ILE A 993 6.54 -12.53 2.62
CA ILE A 993 6.43 -13.79 3.35
C ILE A 993 4.98 -14.23 3.44
N ASP A 994 4.06 -13.28 3.66
CA ASP A 994 2.64 -13.63 3.72
C ASP A 994 2.14 -14.14 2.39
N ARG A 995 2.57 -13.52 1.28
CA ARG A 995 2.18 -14.00 -0.04
C ARG A 995 2.68 -15.42 -0.27
N LEU A 996 3.95 -15.67 0.05
CA LEU A 996 4.49 -17.02 -0.09
C LEU A 996 3.75 -18.01 0.80
N ILE A 997 3.42 -17.59 2.02
CA ILE A 997 2.75 -18.47 2.97
C ILE A 997 1.38 -18.86 2.45
N THR A 998 0.61 -17.88 1.95
CA THR A 998 -0.74 -18.19 1.47
C THR A 998 -0.69 -19.04 0.21
N GLY A 999 0.28 -18.78 -0.68
CA GLY A 999 0.40 -19.61 -1.87
C GLY A 999 0.73 -21.06 -1.51
N ARG A 1000 1.70 -21.25 -0.63
CA ARG A 1000 2.08 -22.59 -0.23
C ARG A 1000 0.95 -23.28 0.52
N LEU A 1001 0.20 -22.53 1.32
CA LEU A 1001 -0.96 -23.11 2.01
C LEU A 1001 -2.01 -23.57 1.03
N GLN A 1002 -2.28 -22.77 -0.01
CA GLN A 1002 -3.23 -23.20 -1.03
C GLN A 1002 -2.77 -24.47 -1.72
N SER A 1003 -1.47 -24.53 -2.07
CA SER A 1003 -0.95 -25.73 -2.72
C SER A 1003 -1.07 -26.94 -1.80
N LEU A 1004 -0.76 -26.78 -0.52
CA LEU A 1004 -0.86 -27.88 0.43
C LEU A 1004 -2.30 -28.34 0.59
N GLN A 1005 -3.24 -27.40 0.65
CA GLN A 1005 -4.65 -27.78 0.76
C GLN A 1005 -5.10 -28.57 -0.46
N THR A 1006 -4.71 -28.12 -1.66
CA THR A 1006 -5.06 -28.86 -2.87
C THR A 1006 -4.49 -30.27 -2.84
N TYR A 1007 -3.22 -30.39 -2.45
CA TYR A 1007 -2.60 -31.72 -2.40
C TYR A 1007 -3.30 -32.61 -1.39
N VAL A 1008 -3.65 -32.07 -0.22
CA VAL A 1008 -4.32 -32.86 0.80
C VAL A 1008 -5.69 -33.33 0.32
N THR A 1009 -6.44 -32.45 -0.36
CA THR A 1009 -7.74 -32.84 -0.86
C THR A 1009 -7.61 -33.96 -1.90
N GLN A 1010 -6.65 -33.82 -2.83
CA GLN A 1010 -6.47 -34.87 -3.83
C GLN A 1010 -6.07 -36.19 -3.17
N GLN A 1011 -5.19 -36.13 -2.17
CA GLN A 1011 -4.80 -37.34 -1.47
C GLN A 1011 -5.99 -38.00 -0.78
N LEU A 1012 -6.86 -37.19 -0.16
CA LEU A 1012 -8.04 -37.76 0.49
C LEU A 1012 -8.96 -38.44 -0.52
N ILE A 1013 -9.17 -37.82 -1.67
CA ILE A 1013 -10.03 -38.42 -2.69
C ILE A 1013 -9.45 -39.75 -3.15
N ARG A 1014 -8.15 -39.77 -3.45
CA ARG A 1014 -7.53 -41.01 -3.92
C ARG A 1014 -7.57 -42.09 -2.85
N ALA A 1015 -7.36 -41.70 -1.58
CA ALA A 1015 -7.41 -42.67 -0.50
C ALA A 1015 -8.80 -43.27 -0.36
N ALA A 1016 -9.84 -42.46 -0.48
CA ALA A 1016 -11.20 -42.98 -0.41
C ALA A 1016 -11.47 -43.96 -1.55
N GLU A 1017 -11.04 -43.61 -2.76
CA GLU A 1017 -11.25 -44.51 -3.89
C GLU A 1017 -10.52 -45.83 -3.70
N ILE A 1018 -9.27 -45.77 -3.24
CA ILE A 1018 -8.50 -46.99 -3.02
C ILE A 1018 -9.13 -47.84 -1.92
N ARG A 1019 -9.65 -47.19 -0.87
CA ARG A 1019 -10.30 -47.92 0.19
C ARG A 1019 -11.54 -48.67 -0.32
N ALA A 1020 -12.34 -48.00 -1.16
CA ALA A 1020 -13.51 -48.68 -1.73
C ALA A 1020 -13.09 -49.86 -2.59
N SER A 1021 -12.08 -49.67 -3.43
CA SER A 1021 -11.64 -50.76 -4.31
C SER A 1021 -11.11 -51.94 -3.51
N ALA A 1022 -10.33 -51.66 -2.46
CA ALA A 1022 -9.79 -52.75 -1.64
C ALA A 1022 -10.88 -53.45 -0.85
N ASN A 1023 -11.91 -52.71 -0.41
CA ASN A 1023 -13.04 -53.36 0.24
C ASN A 1023 -13.74 -54.32 -0.71
N LEU A 1024 -13.93 -53.90 -1.96
CA LEU A 1024 -14.52 -54.79 -2.95
C LEU A 1024 -13.64 -56.03 -3.17
N ALA A 1025 -12.33 -55.83 -3.26
CA ALA A 1025 -11.42 -56.96 -3.45
C ALA A 1025 -11.49 -57.93 -2.28
N ALA A 1026 -11.54 -57.40 -1.05
CA ALA A 1026 -11.63 -58.27 0.12
C ALA A 1026 -12.94 -59.04 0.12
N THR A 1027 -14.04 -58.39 -0.27
CA THR A 1027 -15.31 -59.09 -0.35
C THR A 1027 -15.23 -60.23 -1.36
N LYS A 1028 -14.63 -59.97 -2.53
CA LYS A 1028 -14.51 -61.03 -3.53
C LYS A 1028 -13.65 -62.18 -3.02
N MET A 1029 -12.55 -61.86 -2.34
CA MET A 1029 -11.67 -62.89 -1.84
C MET A 1029 -12.36 -63.75 -0.78
N SER A 1030 -13.08 -63.11 0.14
CA SER A 1030 -13.83 -63.88 1.13
C SER A 1030 -14.99 -64.64 0.52
N GLU A 1031 -15.47 -64.21 -0.64
CA GLU A 1031 -16.60 -64.89 -1.27
C GLU A 1031 -16.15 -66.14 -2.03
N CYS A 1032 -15.30 -65.99 -3.04
CA CYS A 1032 -15.00 -67.10 -3.94
C CYS A 1032 -13.51 -67.45 -3.96
N VAL A 1033 -12.89 -67.51 -2.78
CA VAL A 1033 -11.58 -68.11 -2.63
C VAL A 1033 -11.65 -69.17 -1.54
N LEU A 1034 -12.56 -68.98 -0.59
CA LEU A 1034 -12.77 -69.93 0.50
C LEU A 1034 -13.73 -71.04 0.13
N GLY A 1035 -14.75 -70.74 -0.66
CA GLY A 1035 -15.73 -71.71 -1.08
C GLY A 1035 -16.01 -71.59 -2.56
N GLN A 1036 -17.22 -72.00 -2.94
CA GLN A 1036 -17.67 -71.97 -4.32
C GLN A 1036 -18.80 -70.96 -4.47
N SER A 1037 -18.67 -70.05 -5.42
CA SER A 1037 -19.69 -69.04 -5.65
C SER A 1037 -20.83 -69.62 -6.50
N LYS A 1038 -21.91 -68.86 -6.59
CA LYS A 1038 -23.07 -69.25 -7.37
C LYS A 1038 -23.48 -68.22 -8.40
N ARG A 1039 -23.31 -66.93 -8.11
CA ARG A 1039 -23.71 -65.89 -9.05
C ARG A 1039 -22.83 -65.92 -10.29
N VAL A 1040 -23.46 -65.78 -11.46
CA VAL A 1040 -22.74 -65.92 -12.71
C VAL A 1040 -21.89 -64.68 -12.96
N ASP A 1041 -20.68 -64.90 -13.46
CA ASP A 1041 -19.78 -63.82 -13.90
C ASP A 1041 -19.42 -62.87 -12.77
N PHE A 1042 -19.35 -63.38 -11.53
CA PHE A 1042 -18.81 -62.57 -10.44
C PHE A 1042 -17.29 -62.62 -10.45
N CYS A 1043 -16.73 -63.81 -10.28
CA CYS A 1043 -15.29 -64.04 -10.45
C CYS A 1043 -15.11 -65.15 -11.48
N GLY A 1044 -14.38 -64.84 -12.54
CA GLY A 1044 -14.22 -65.75 -13.65
C GLY A 1044 -15.33 -65.62 -14.68
N LYS A 1045 -15.11 -66.25 -15.83
CA LYS A 1045 -16.06 -66.24 -16.93
C LYS A 1045 -16.72 -67.61 -17.04
N GLY A 1046 -18.04 -67.61 -17.13
CA GLY A 1046 -18.77 -68.86 -17.17
C GLY A 1046 -18.91 -69.47 -15.78
N TYR A 1047 -19.22 -70.76 -15.76
CA TYR A 1047 -19.35 -71.48 -14.51
C TYR A 1047 -18.03 -71.50 -13.76
N HIS A 1048 -18.08 -71.22 -12.46
CA HIS A 1048 -16.89 -71.08 -11.64
C HIS A 1048 -16.64 -72.37 -10.85
N LEU A 1049 -15.36 -72.70 -10.66
CA LEU A 1049 -14.97 -73.89 -9.92
C LEU A 1049 -14.24 -73.55 -8.62
N MET A 1050 -13.16 -72.80 -8.69
CA MET A 1050 -12.40 -72.40 -7.50
C MET A 1050 -11.44 -71.30 -7.93
N SER A 1051 -10.59 -70.87 -6.99
CA SER A 1051 -9.66 -69.79 -7.26
C SER A 1051 -8.43 -69.95 -6.41
N PHE A 1052 -7.34 -69.32 -6.84
CA PHE A 1052 -6.08 -69.29 -6.12
C PHE A 1052 -5.64 -67.86 -5.95
N PRO A 1053 -5.22 -67.44 -4.76
CA PRO A 1053 -4.69 -66.09 -4.59
C PRO A 1053 -3.18 -66.03 -4.72
N GLN A 1054 -2.70 -64.88 -5.19
CA GLN A 1054 -1.27 -64.63 -5.29
C GLN A 1054 -0.99 -63.19 -4.87
N SER A 1055 0.20 -62.97 -4.31
CA SER A 1055 0.56 -61.66 -3.81
C SER A 1055 1.13 -60.79 -4.92
N ALA A 1056 1.17 -59.48 -4.65
CA ALA A 1056 1.70 -58.51 -5.59
C ALA A 1056 2.35 -57.39 -4.78
N PRO A 1057 3.24 -56.62 -5.41
CA PRO A 1057 3.91 -55.52 -4.65
C PRO A 1057 2.95 -54.55 -4.00
N HIS A 1058 1.85 -54.18 -4.67
CA HIS A 1058 0.85 -53.29 -4.10
C HIS A 1058 -0.55 -53.75 -4.43
N GLY A 1059 -0.80 -55.04 -4.32
CA GLY A 1059 -2.11 -55.56 -4.64
C GLY A 1059 -2.15 -57.08 -4.51
N VAL A 1060 -3.19 -57.65 -5.09
CA VAL A 1060 -3.40 -59.10 -5.08
C VAL A 1060 -3.75 -59.55 -6.48
N VAL A 1061 -3.41 -60.79 -6.80
CA VAL A 1061 -3.68 -61.38 -8.10
C VAL A 1061 -4.45 -62.67 -7.90
N PHE A 1062 -5.59 -62.80 -8.58
CA PHE A 1062 -6.46 -63.97 -8.47
C PHE A 1062 -6.38 -64.79 -9.75
N LEU A 1063 -6.36 -66.11 -9.60
CA LEU A 1063 -6.43 -67.03 -10.73
C LEU A 1063 -7.70 -67.85 -10.58
N HIS A 1064 -8.66 -67.64 -11.48
CA HIS A 1064 -9.92 -68.37 -11.46
C HIS A 1064 -9.85 -69.53 -12.44
N VAL A 1065 -10.32 -70.69 -12.00
CA VAL A 1065 -10.47 -71.86 -12.85
C VAL A 1065 -11.92 -71.95 -13.28
N THR A 1066 -12.16 -71.98 -14.58
CA THR A 1066 -13.50 -71.90 -15.12
C THR A 1066 -13.83 -73.13 -15.95
N TYR A 1067 -15.13 -73.40 -16.07
CA TYR A 1067 -15.65 -74.55 -16.80
C TYR A 1067 -16.45 -74.05 -17.99
N VAL A 1068 -16.09 -74.50 -19.19
CA VAL A 1068 -16.71 -74.01 -20.42
C VAL A 1068 -17.03 -75.18 -21.35
N PRO A 1069 -18.27 -75.32 -21.80
CA PRO A 1069 -18.61 -76.40 -22.73
C PRO A 1069 -18.40 -75.99 -24.19
N ALA A 1070 -18.44 -76.99 -25.06
CA ALA A 1070 -18.27 -76.80 -26.49
C ALA A 1070 -18.80 -78.05 -27.21
N GLN A 1071 -18.65 -78.05 -28.53
CA GLN A 1071 -19.04 -79.17 -29.39
C GLN A 1071 -20.53 -79.49 -29.25
N GLU A 1072 -21.34 -78.53 -29.68
CA GLU A 1072 -22.78 -78.64 -29.58
C GLU A 1072 -23.34 -79.61 -30.63
N LYS A 1073 -24.60 -80.00 -30.42
CA LYS A 1073 -25.30 -80.92 -31.32
C LYS A 1073 -26.72 -80.40 -31.53
N ASN A 1074 -27.54 -81.20 -32.21
CA ASN A 1074 -28.93 -80.87 -32.46
C ASN A 1074 -29.80 -82.07 -32.08
N PHE A 1075 -31.02 -81.79 -31.64
CA PHE A 1075 -31.93 -82.85 -31.23
C PHE A 1075 -33.37 -82.35 -31.35
N THR A 1076 -34.29 -83.30 -31.39
CA THR A 1076 -35.73 -83.03 -31.39
C THR A 1076 -36.30 -83.35 -30.02
N THR A 1077 -36.97 -82.38 -29.41
CA THR A 1077 -37.39 -82.46 -28.02
C THR A 1077 -38.91 -82.51 -27.92
N ALA A 1078 -39.39 -82.65 -26.69
CA ALA A 1078 -40.81 -82.64 -26.37
C ALA A 1078 -40.97 -82.32 -24.89
N PRO A 1079 -42.05 -81.66 -24.50
CA PRO A 1079 -42.19 -81.25 -23.10
C PRO A 1079 -42.76 -82.35 -22.19
N ALA A 1080 -43.58 -83.24 -22.72
CA ALA A 1080 -44.28 -84.21 -21.89
C ALA A 1080 -44.42 -85.52 -22.65
N ILE A 1081 -44.69 -86.58 -21.90
CA ILE A 1081 -44.87 -87.92 -22.44
C ILE A 1081 -46.23 -88.45 -22.00
N CYS A 1082 -47.00 -88.97 -22.94
CA CYS A 1082 -48.32 -89.52 -22.67
C CYS A 1082 -48.27 -91.04 -22.76
N HIS A 1083 -48.86 -91.71 -21.78
CA HIS A 1083 -48.88 -93.17 -21.74
C HIS A 1083 -50.11 -93.62 -20.98
N ASP A 1084 -50.96 -94.40 -21.64
CA ASP A 1084 -52.19 -94.93 -21.03
C ASP A 1084 -53.08 -93.81 -20.50
N GLY A 1085 -53.15 -92.71 -21.23
CA GLY A 1085 -53.99 -91.60 -20.84
C GLY A 1085 -53.47 -90.75 -19.70
N LYS A 1086 -52.22 -90.95 -19.29
CA LYS A 1086 -51.63 -90.21 -18.19
C LYS A 1086 -50.44 -89.39 -18.69
N ALA A 1087 -50.09 -88.36 -17.91
CA ALA A 1087 -48.98 -87.48 -18.25
C ALA A 1087 -47.78 -87.83 -17.39
N HIS A 1088 -46.62 -87.93 -18.01
CA HIS A 1088 -45.36 -88.24 -17.32
C HIS A 1088 -44.39 -87.08 -17.51
N PHE A 1089 -43.70 -86.72 -16.43
CA PHE A 1089 -42.75 -85.63 -16.44
C PHE A 1089 -41.41 -86.10 -15.88
N PRO A 1090 -40.30 -85.55 -16.36
CA PRO A 1090 -38.99 -85.98 -15.86
C PRO A 1090 -38.71 -85.40 -14.48
N ARG A 1091 -38.12 -86.23 -13.61
CA ARG A 1091 -37.77 -85.76 -12.27
C ARG A 1091 -36.72 -84.66 -12.34
N GLU A 1092 -35.71 -84.84 -13.19
CA GLU A 1092 -34.68 -83.82 -13.37
C GLU A 1092 -34.01 -84.06 -14.72
N GLY A 1093 -34.02 -83.04 -15.57
CA GLY A 1093 -33.43 -83.16 -16.89
C GLY A 1093 -34.32 -82.65 -17.99
N VAL A 1094 -34.26 -83.28 -19.16
CA VAL A 1094 -35.03 -82.85 -20.32
C VAL A 1094 -35.13 -84.03 -21.26
N PHE A 1095 -36.21 -84.08 -22.03
CA PHE A 1095 -36.43 -85.17 -22.96
C PHE A 1095 -35.75 -84.88 -24.30
N VAL A 1096 -35.09 -85.89 -24.85
CA VAL A 1096 -34.42 -85.79 -26.14
C VAL A 1096 -34.78 -87.01 -26.97
N SER A 1097 -34.62 -86.86 -28.28
CA SER A 1097 -34.89 -87.95 -29.21
C SER A 1097 -34.12 -87.69 -30.50
N ASN A 1098 -33.41 -88.70 -30.99
CA ASN A 1098 -32.66 -88.58 -32.23
C ASN A 1098 -33.49 -88.91 -33.46
N GLY A 1099 -34.73 -89.37 -33.28
CA GLY A 1099 -35.59 -89.67 -34.40
C GLY A 1099 -36.38 -90.95 -34.25
N THR A 1100 -35.84 -91.92 -33.50
CA THR A 1100 -36.48 -93.21 -33.32
C THR A 1100 -36.69 -93.61 -31.87
N HIS A 1101 -35.88 -93.10 -30.93
CA HIS A 1101 -35.99 -93.46 -29.53
C HIS A 1101 -35.92 -92.21 -28.67
N TRP A 1102 -36.48 -92.29 -27.47
CA TRP A 1102 -36.58 -91.17 -26.56
C TRP A 1102 -35.77 -91.44 -25.31
N PHE A 1103 -34.93 -90.48 -24.92
CA PHE A 1103 -34.03 -90.62 -23.80
C PHE A 1103 -34.10 -89.36 -22.95
N VAL A 1104 -33.55 -89.44 -21.74
CA VAL A 1104 -33.50 -88.31 -20.82
C VAL A 1104 -32.04 -88.07 -20.44
N THR A 1105 -31.61 -86.81 -20.52
CA THR A 1105 -30.24 -86.42 -20.21
C THR A 1105 -30.26 -85.22 -19.29
N GLN A 1106 -29.08 -84.89 -18.76
CA GLN A 1106 -28.95 -83.72 -17.91
C GLN A 1106 -28.92 -82.45 -18.75
N ARG A 1107 -28.82 -81.31 -18.08
CA ARG A 1107 -28.89 -80.02 -18.77
C ARG A 1107 -27.59 -79.68 -19.49
N ASN A 1108 -26.44 -80.10 -18.94
CA ASN A 1108 -25.14 -79.66 -19.43
C ASN A 1108 -24.26 -80.81 -19.90
N PHE A 1109 -24.82 -82.00 -20.14
CA PHE A 1109 -24.03 -83.11 -20.64
C PHE A 1109 -24.97 -84.08 -21.33
N TYR A 1110 -24.40 -84.94 -22.18
CA TYR A 1110 -25.18 -85.87 -22.99
C TYR A 1110 -24.79 -87.30 -22.63
N GLU A 1111 -25.53 -87.90 -21.69
CA GLU A 1111 -25.38 -89.30 -21.34
C GLU A 1111 -26.75 -89.95 -21.33
N PRO A 1112 -27.27 -90.31 -22.50
CA PRO A 1112 -28.65 -90.80 -22.59
C PRO A 1112 -28.85 -92.09 -21.78
N GLN A 1113 -30.03 -92.19 -21.17
CA GLN A 1113 -30.41 -93.35 -20.38
C GLN A 1113 -31.82 -93.77 -20.78
N ILE A 1114 -32.12 -95.06 -20.56
CA ILE A 1114 -33.43 -95.59 -20.90
C ILE A 1114 -34.47 -95.01 -19.94
N ILE A 1115 -35.56 -94.50 -20.50
CA ILE A 1115 -36.61 -93.90 -19.67
C ILE A 1115 -37.35 -94.99 -18.91
N THR A 1116 -37.48 -94.80 -17.60
CA THR A 1116 -38.20 -95.74 -16.75
C THR A 1116 -39.13 -94.97 -15.83
N THR A 1117 -39.81 -95.68 -14.92
CA THR A 1117 -40.68 -95.03 -13.96
C THR A 1117 -39.93 -94.49 -12.74
N ASP A 1118 -38.64 -94.81 -12.62
CA ASP A 1118 -37.87 -94.36 -11.47
C ASP A 1118 -37.40 -92.91 -11.59
N ASN A 1119 -37.26 -92.40 -12.81
CA ASN A 1119 -36.82 -91.03 -13.04
C ASN A 1119 -37.94 -90.18 -13.66
N THR A 1120 -39.19 -90.48 -13.32
CA THR A 1120 -40.32 -89.70 -13.79
C THR A 1120 -41.45 -89.79 -12.78
N PHE A 1121 -42.36 -88.82 -12.83
CA PHE A 1121 -43.51 -88.79 -11.96
C PHE A 1121 -44.74 -88.41 -12.76
N VAL A 1122 -45.91 -88.83 -12.27
CA VAL A 1122 -47.18 -88.65 -12.97
C VAL A 1122 -47.98 -87.56 -12.27
N SER A 1123 -48.68 -86.75 -13.07
CA SER A 1123 -49.52 -85.69 -12.53
C SER A 1123 -50.68 -85.46 -13.49
N GLY A 1124 -51.83 -86.04 -13.17
CA GLY A 1124 -53.02 -85.84 -13.98
C GLY A 1124 -52.95 -86.53 -15.33
N ASN A 1125 -53.83 -86.10 -16.23
CA ASN A 1125 -53.91 -86.62 -17.58
C ASN A 1125 -53.51 -85.54 -18.58
N CYS A 1126 -52.85 -85.95 -19.66
CA CYS A 1126 -52.34 -85.01 -20.66
C CYS A 1126 -53.42 -84.78 -21.71
N ASP A 1127 -54.22 -83.74 -21.50
CA ASP A 1127 -55.24 -83.33 -22.46
C ASP A 1127 -55.10 -81.84 -22.77
N VAL A 1128 -54.61 -81.08 -21.79
CA VAL A 1128 -54.40 -79.65 -21.97
C VAL A 1128 -52.94 -79.31 -22.25
N VAL A 1129 -52.01 -80.24 -21.96
CA VAL A 1129 -50.61 -79.98 -22.22
C VAL A 1129 -50.37 -79.82 -23.71
N ILE A 1130 -49.56 -78.82 -24.07
CA ILE A 1130 -49.25 -78.52 -25.46
C ILE A 1130 -47.93 -79.18 -25.82
N GLY A 1131 -47.91 -79.90 -26.94
CA GLY A 1131 -46.72 -80.56 -27.42
C GLY A 1131 -46.57 -82.01 -27.01
N ILE A 1132 -47.62 -82.65 -26.51
CA ILE A 1132 -47.53 -84.03 -26.10
C ILE A 1132 -47.19 -84.92 -27.29
N VAL A 1133 -46.52 -86.04 -27.00
CA VAL A 1133 -46.13 -87.01 -28.02
C VAL A 1133 -46.42 -88.41 -27.49
N ASN A 1134 -46.92 -89.27 -28.36
CA ASN A 1134 -47.20 -90.65 -27.97
C ASN A 1134 -45.90 -91.44 -27.84
N ASN A 1135 -45.86 -92.31 -26.84
CA ASN A 1135 -44.69 -93.13 -26.56
C ASN A 1135 -45.11 -94.24 -25.60
N THR A 1136 -44.13 -94.98 -25.10
CA THR A 1136 -44.35 -96.02 -24.10
C THR A 1136 -43.37 -95.85 -22.96
N VAL A 1137 -43.78 -96.27 -21.77
CA VAL A 1137 -42.97 -96.17 -20.57
C VAL A 1137 -42.67 -97.57 -20.06
N TYR A 1138 -41.39 -97.86 -19.83
CA TYR A 1138 -40.96 -99.16 -19.36
C TYR A 1138 -40.83 -99.14 -17.84
N ASP A 1139 -41.33 -100.21 -17.20
CA ASP A 1139 -41.24 -100.35 -15.76
C ASP A 1139 -40.21 -101.42 -15.39
N PRO A 1140 -39.52 -101.25 -14.26
CA PRO A 1140 -38.47 -102.21 -13.89
C PRO A 1140 -38.97 -103.42 -13.11
N LEU A 1141 -40.20 -103.38 -12.57
CA LEU A 1141 -40.71 -104.50 -11.80
C LEU A 1141 -41.14 -105.66 -12.67
N GLN A 1142 -41.63 -105.37 -13.88
CA GLN A 1142 -42.19 -106.41 -14.75
C GLN A 1142 -41.19 -107.51 -15.10
N PRO A 1143 -39.94 -107.23 -15.48
CA PRO A 1143 -39.05 -108.35 -15.88
C PRO A 1143 -38.86 -109.40 -14.81
N GLU A 1144 -38.77 -108.99 -13.53
CA GLU A 1144 -38.66 -109.96 -12.45
C GLU A 1144 -39.99 -110.36 -11.85
N LEU A 1145 -41.09 -109.73 -12.29
CA LEU A 1145 -42.41 -110.13 -11.82
C LEU A 1145 -42.82 -111.49 -12.37
N ASP A 1146 -42.14 -111.99 -13.38
CA ASP A 1146 -42.47 -113.28 -13.97
C ASP A 1146 -41.64 -114.40 -13.34
N GLU B 1 4.69 64.43 -6.26
CA GLU B 1 5.85 64.59 -7.11
C GLU B 1 5.56 65.52 -8.28
N VAL B 2 4.41 66.21 -8.20
CA VAL B 2 3.98 67.11 -9.27
C VAL B 2 4.50 68.51 -8.97
N GLN B 3 5.12 69.13 -9.97
CA GLN B 3 5.65 70.48 -9.85
C GLN B 3 5.32 71.27 -11.10
N LEU B 4 5.25 72.59 -10.95
CA LEU B 4 4.96 73.49 -12.06
C LEU B 4 5.99 74.60 -12.08
N GLN B 5 6.43 74.96 -13.28
CA GLN B 5 7.43 76.01 -13.44
C GLN B 5 6.99 76.94 -14.57
N GLN B 6 7.46 78.18 -14.50
CA GLN B 6 7.12 79.20 -15.48
C GLN B 6 8.37 80.02 -15.78
N SER B 7 8.21 81.02 -16.65
CA SER B 7 9.30 81.91 -16.98
C SER B 7 9.31 83.10 -16.01
N GLY B 8 10.27 83.99 -16.21
CA GLY B 8 10.44 85.14 -15.36
C GLY B 8 9.49 86.27 -15.73
N PRO B 9 9.75 87.46 -15.21
CA PRO B 9 8.96 88.63 -15.64
C PRO B 9 9.40 89.09 -17.02
N GLU B 10 8.47 89.72 -17.73
CA GLU B 10 8.77 90.33 -19.01
C GLU B 10 8.08 91.68 -19.09
N LEU B 11 8.60 92.53 -19.95
CA LEU B 11 8.01 93.83 -20.24
C LEU B 11 7.52 93.84 -21.68
N VAL B 12 6.38 94.49 -21.91
CA VAL B 12 5.76 94.54 -23.23
C VAL B 12 5.44 95.98 -23.58
N LYS B 13 5.34 96.24 -24.89
CA LYS B 13 4.99 97.53 -25.47
C LYS B 13 3.48 97.64 -25.66
N PRO B 14 2.93 98.85 -25.64
CA PRO B 14 1.49 99.00 -25.88
C PRO B 14 1.12 98.58 -27.29
N GLY B 15 0.30 97.52 -27.37
CA GLY B 15 -0.12 96.99 -28.65
C GLY B 15 0.92 96.12 -29.31
N ALA B 16 1.36 95.08 -28.60
CA ALA B 16 2.37 94.16 -29.10
C ALA B 16 1.93 92.74 -28.77
N SER B 17 2.81 91.77 -29.05
CA SER B 17 2.52 90.36 -28.81
C SER B 17 3.64 89.74 -27.99
N VAL B 18 3.25 88.91 -27.01
CA VAL B 18 4.19 88.20 -26.16
C VAL B 18 3.70 86.77 -25.98
N LYS B 19 4.61 85.89 -25.56
CA LYS B 19 4.30 84.48 -25.34
C LYS B 19 4.74 84.08 -23.94
N ILE B 20 3.92 83.24 -23.29
CA ILE B 20 4.21 82.70 -21.97
C ILE B 20 3.94 81.21 -21.99
N SER B 21 4.84 80.43 -21.39
CA SER B 21 4.75 78.98 -21.37
C SER B 21 4.59 78.48 -19.93
N CYS B 22 3.74 77.47 -19.77
CA CYS B 22 3.51 76.83 -18.48
C CYS B 22 3.96 75.38 -18.58
N LYS B 23 4.96 75.01 -17.79
CA LYS B 23 5.53 73.67 -17.80
C LYS B 23 5.11 72.92 -16.55
N THR B 24 4.62 71.69 -16.74
CA THR B 24 4.20 70.83 -15.64
C THR B 24 4.99 69.53 -15.70
N SER B 25 5.43 69.06 -14.53
CA SER B 25 6.23 67.85 -14.45
C SER B 25 5.71 66.99 -13.29
N GLY B 26 6.05 65.71 -13.34
CA GLY B 26 5.68 64.76 -12.31
C GLY B 26 4.42 63.97 -12.58
N TYR B 27 3.71 64.26 -13.66
CA TYR B 27 2.49 63.52 -14.00
C TYR B 27 2.30 63.57 -15.50
N THR B 28 1.55 62.59 -16.01
CA THR B 28 1.27 62.53 -17.43
C THR B 28 0.37 63.69 -17.84
N PHE B 29 0.67 64.28 -19.00
CA PHE B 29 0.04 65.53 -19.40
C PHE B 29 -1.44 65.36 -19.71
N THR B 30 -1.78 64.33 -20.49
CA THR B 30 -3.10 64.27 -21.15
C THR B 30 -4.14 63.54 -20.32
N GLU B 31 -4.29 63.90 -19.04
CA GLU B 31 -5.45 63.46 -18.27
C GLU B 31 -6.10 64.53 -17.42
N TYR B 32 -5.39 65.60 -17.05
CA TYR B 32 -5.93 66.65 -16.19
C TYR B 32 -5.92 67.98 -16.95
N THR B 33 -7.02 68.72 -16.85
CA THR B 33 -7.13 70.01 -17.52
C THR B 33 -6.19 71.03 -16.87
N ILE B 34 -5.85 72.05 -17.64
CA ILE B 34 -4.95 73.11 -17.21
C ILE B 34 -5.72 74.43 -17.21
N TYR B 35 -5.67 75.15 -16.09
CA TYR B 35 -6.39 76.40 -15.95
C TYR B 35 -5.41 77.55 -15.73
N TRP B 36 -5.86 78.75 -16.09
CA TRP B 36 -5.08 79.97 -15.93
C TRP B 36 -5.92 81.03 -15.26
N VAL B 37 -5.28 81.84 -14.41
CA VAL B 37 -5.93 82.95 -13.72
C VAL B 37 -5.00 84.15 -13.74
N LYS B 38 -5.56 85.31 -13.45
CA LYS B 38 -4.82 86.57 -13.45
C LYS B 38 -5.05 87.30 -12.13
N GLN B 39 -3.96 87.84 -11.58
CA GLN B 39 -4.03 88.67 -10.37
C GLN B 39 -3.47 90.04 -10.71
N SER B 40 -4.35 91.05 -10.72
CA SER B 40 -3.99 92.39 -11.18
C SER B 40 -3.65 93.26 -9.97
N LEU B 41 -2.44 93.04 -9.43
CA LEU B 41 -1.87 93.86 -8.36
C LEU B 41 -2.79 93.90 -7.14
N GLY B 42 -2.97 92.73 -6.54
CA GLY B 42 -3.79 92.61 -5.35
C GLY B 42 -5.27 92.87 -5.59
N LYS B 43 -5.80 92.39 -6.71
CA LYS B 43 -7.21 92.51 -7.03
C LYS B 43 -7.87 91.13 -6.98
N SER B 44 -9.18 91.12 -7.18
CA SER B 44 -9.92 89.87 -7.22
C SER B 44 -9.39 88.98 -8.34
N LEU B 45 -9.16 87.71 -8.03
CA LEU B 45 -8.64 86.79 -9.03
C LEU B 45 -9.67 86.58 -10.13
N GLU B 46 -9.22 86.72 -11.37
CA GLU B 46 -10.08 86.55 -12.54
C GLU B 46 -9.70 85.28 -13.29
N TRP B 47 -10.69 84.43 -13.54
CA TRP B 47 -10.48 83.18 -14.25
C TRP B 47 -10.12 83.50 -15.70
N ILE B 48 -8.85 83.28 -16.06
CA ILE B 48 -8.42 83.54 -17.43
C ILE B 48 -9.05 82.55 -18.39
N GLY B 49 -8.85 81.26 -18.13
CA GLY B 49 -9.40 80.25 -19.00
C GLY B 49 -8.88 78.87 -18.63
N GLY B 50 -9.24 77.91 -19.47
CA GLY B 50 -8.81 76.53 -19.28
C GLY B 50 -9.02 75.73 -20.55
N ASN B 51 -8.23 74.66 -20.68
CA ASN B 51 -8.25 73.86 -21.88
C ASN B 51 -8.00 72.40 -21.53
N ASN B 52 -8.51 71.52 -22.39
CA ASN B 52 -8.31 70.09 -22.20
C ASN B 52 -6.90 69.68 -22.63
N PRO B 53 -6.31 68.71 -21.94
CA PRO B 53 -4.95 68.28 -22.30
C PRO B 53 -4.92 67.29 -23.46
N ASN B 54 -5.98 66.50 -23.59
CA ASN B 54 -6.07 65.48 -24.62
C ASN B 54 -7.07 65.82 -25.72
N ASN B 55 -8.30 66.20 -25.34
CA ASN B 55 -9.28 66.59 -26.34
C ASN B 55 -8.92 67.91 -27.01
N ASP B 56 -8.02 68.69 -26.42
CA ASP B 56 -7.58 69.98 -26.95
C ASP B 56 -8.74 70.96 -27.10
N ASP B 57 -9.83 70.74 -26.37
CA ASP B 57 -10.97 71.64 -26.39
C ASP B 57 -10.77 72.74 -25.36
N THR B 58 -10.93 73.99 -25.79
CA THR B 58 -10.71 75.14 -24.94
C THR B 58 -11.97 75.99 -24.90
N THR B 59 -12.33 76.46 -23.71
CA THR B 59 -13.52 77.27 -23.51
C THR B 59 -13.17 78.51 -22.70
N TYR B 60 -13.92 79.58 -22.93
CA TYR B 60 -13.65 80.88 -22.34
C TYR B 60 -14.92 81.47 -21.76
N LYS B 61 -14.76 82.57 -21.03
CA LYS B 61 -15.86 83.34 -20.48
C LYS B 61 -16.19 84.50 -21.42
N GLN B 62 -17.37 85.10 -21.18
CA GLN B 62 -17.76 86.25 -22.00
C GLN B 62 -16.86 87.45 -21.78
N PHE B 63 -16.37 87.63 -20.57
CA PHE B 63 -15.42 88.72 -20.27
C PHE B 63 -13.97 88.26 -20.43
N PHE B 64 -13.66 87.68 -21.59
CA PHE B 64 -12.30 87.22 -21.86
C PHE B 64 -11.76 87.62 -23.22
N LYS B 65 -12.58 88.17 -24.12
CA LYS B 65 -12.09 88.53 -25.45
C LYS B 65 -10.89 89.46 -25.33
N GLY B 66 -9.81 89.10 -26.03
CA GLY B 66 -8.55 89.80 -25.89
C GLY B 66 -7.32 88.91 -25.94
N LYS B 67 -7.46 87.64 -25.55
CA LYS B 67 -6.39 86.66 -25.74
C LYS B 67 -6.98 85.31 -26.14
N ALA B 68 -8.12 85.32 -26.84
CA ALA B 68 -8.95 84.12 -26.94
C ALA B 68 -8.28 83.12 -27.87
N THR B 69 -7.25 82.45 -27.34
CA THR B 69 -6.60 81.33 -28.00
C THR B 69 -5.69 80.63 -27.00
N LEU B 70 -5.87 79.32 -26.86
CA LEU B 70 -5.03 78.49 -26.00
C LEU B 70 -4.56 77.27 -26.78
N THR B 71 -3.42 76.72 -26.37
CA THR B 71 -2.89 75.51 -26.98
C THR B 71 -1.99 74.79 -25.98
N VAL B 72 -1.91 73.48 -26.14
CA VAL B 72 -1.04 72.63 -25.34
C VAL B 72 -0.30 71.69 -26.29
N ASP B 73 0.98 71.46 -26.01
CA ASP B 73 1.84 70.65 -26.85
C ASP B 73 2.42 69.50 -26.03
N LYS B 74 2.48 68.31 -26.65
CA LYS B 74 3.00 67.13 -25.99
C LYS B 74 4.50 66.95 -26.17
N SER B 75 5.10 67.63 -27.17
CA SER B 75 6.54 67.49 -27.39
C SER B 75 7.32 68.01 -26.20
N SER B 76 6.92 69.14 -25.64
CA SER B 76 7.53 69.69 -24.44
C SER B 76 6.66 69.51 -23.20
N SER B 77 5.47 68.92 -23.35
CA SER B 77 4.55 68.68 -22.25
C SER B 77 4.26 69.96 -21.48
N THR B 78 3.94 71.02 -22.22
CA THR B 78 3.72 72.33 -21.65
C THR B 78 2.48 72.95 -22.29
N ALA B 79 2.08 74.11 -21.76
CA ALA B 79 0.99 74.90 -22.29
C ALA B 79 1.50 76.27 -22.68
N TYR B 80 0.96 76.81 -23.76
CA TYR B 80 1.39 78.10 -24.29
C TYR B 80 0.28 79.13 -24.08
N MET B 81 0.68 80.34 -23.69
CA MET B 81 -0.24 81.46 -23.60
C MET B 81 0.39 82.69 -24.25
N GLU B 82 -0.41 83.44 -25.01
CA GLU B 82 0.08 84.60 -25.72
C GLU B 82 -0.87 85.78 -25.51
N LEU B 83 -0.29 86.97 -25.53
CA LEU B 83 -0.99 88.22 -25.29
C LEU B 83 -0.91 89.07 -26.53
N ARG B 84 -1.98 89.79 -26.84
CA ARG B 84 -1.97 90.79 -27.90
C ARG B 84 -2.76 92.01 -27.48
N SER B 85 -2.43 93.14 -28.09
CA SER B 85 -3.11 94.42 -27.85
C SER B 85 -3.09 94.77 -26.36
N LEU B 86 -1.88 94.91 -25.82
CA LEU B 86 -1.70 95.32 -24.43
C LEU B 86 -1.96 96.81 -24.30
N THR B 87 -3.20 97.21 -24.01
CA THR B 87 -3.57 98.61 -24.17
C THR B 87 -3.13 99.47 -22.99
N SER B 88 -3.74 99.26 -21.82
CA SER B 88 -3.41 100.12 -20.69
C SER B 88 -3.29 99.43 -19.34
N GLU B 89 -3.91 98.26 -19.12
CA GLU B 89 -4.04 97.78 -17.75
C GLU B 89 -3.85 96.27 -17.58
N ASP B 90 -3.41 95.56 -18.61
CA ASP B 90 -3.21 94.12 -18.51
C ASP B 90 -1.85 93.75 -17.93
N SER B 91 -1.21 94.67 -17.23
CA SER B 91 0.07 94.40 -16.56
C SER B 91 -0.24 93.71 -15.23
N ALA B 92 -0.11 92.39 -15.19
CA ALA B 92 -0.45 91.61 -14.02
C ALA B 92 0.39 90.34 -14.01
N VAL B 93 0.16 89.50 -13.00
CA VAL B 93 0.81 88.20 -12.88
C VAL B 93 -0.21 87.13 -13.19
N TYR B 94 0.19 86.15 -13.99
CA TYR B 94 -0.69 85.09 -14.46
C TYR B 94 -0.26 83.77 -13.85
N TYR B 95 -1.20 83.08 -13.21
CA TYR B 95 -0.93 81.83 -12.52
C TYR B 95 -1.49 80.67 -13.34
N CYS B 96 -0.65 79.65 -13.55
CA CYS B 96 -1.05 78.44 -14.25
C CYS B 96 -1.28 77.34 -13.22
N ALA B 97 -2.45 76.71 -13.28
CA ALA B 97 -2.86 75.75 -12.26
C ALA B 97 -3.43 74.51 -12.91
N ARG B 98 -3.50 73.43 -12.11
CA ARG B 98 -3.99 72.14 -12.56
C ARG B 98 -4.95 71.59 -11.51
N ASP B 99 -6.01 70.93 -11.96
CA ASP B 99 -7.04 70.39 -11.09
C ASP B 99 -7.03 68.88 -11.14
N GLY B 100 -7.51 68.27 -10.05
CA GLY B 100 -7.58 66.83 -9.95
C GLY B 100 -9.00 66.30 -9.87
N TYR B 101 -9.39 65.47 -10.83
CA TYR B 101 -10.74 64.92 -10.90
C TYR B 101 -10.95 63.75 -9.94
N PRO B 102 -10.05 62.76 -9.87
CA PRO B 102 -10.31 61.64 -8.94
C PRO B 102 -10.47 62.07 -7.49
N TYR B 103 -9.74 63.10 -7.07
CA TYR B 103 -9.82 63.59 -5.71
C TYR B 103 -9.32 65.03 -5.66
N TYR B 104 -9.68 65.73 -4.58
CA TYR B 104 -9.16 67.07 -4.30
C TYR B 104 -9.45 68.03 -5.46
N TYR B 105 -10.74 68.30 -5.63
CA TYR B 105 -11.20 69.19 -6.68
C TYR B 105 -10.67 70.61 -6.47
N ALA B 106 -10.97 71.47 -7.46
CA ALA B 106 -10.78 72.91 -7.40
C ALA B 106 -9.32 73.35 -7.29
N LEU B 107 -8.50 72.93 -8.26
CA LEU B 107 -7.21 73.57 -8.55
C LEU B 107 -6.29 73.60 -7.33
N ASP B 108 -5.87 72.39 -6.94
CA ASP B 108 -4.97 72.25 -5.80
C ASP B 108 -3.68 73.03 -6.01
N PHE B 109 -2.90 72.63 -7.00
CA PHE B 109 -1.57 73.18 -7.23
C PHE B 109 -1.63 74.40 -8.13
N TRP B 110 -0.65 75.28 -7.96
CA TRP B 110 -0.56 76.51 -8.74
C TRP B 110 0.89 76.66 -9.19
N GLY B 111 1.21 77.83 -9.75
CA GLY B 111 2.55 78.13 -10.17
C GLY B 111 3.01 79.46 -9.58
N GLN B 112 4.33 79.69 -9.66
CA GLN B 112 4.90 80.93 -9.16
C GLN B 112 4.37 82.14 -9.92
N GLY B 113 3.89 81.95 -11.14
CA GLY B 113 3.29 83.03 -11.90
C GLY B 113 4.29 83.80 -12.73
N THR B 114 3.83 84.34 -13.85
CA THR B 114 4.64 85.19 -14.71
C THR B 114 4.06 86.60 -14.68
N SER B 115 4.88 87.57 -14.31
CA SER B 115 4.46 88.96 -14.18
C SER B 115 4.79 89.69 -15.49
N VAL B 116 3.76 90.25 -16.11
CA VAL B 116 3.90 91.03 -17.34
C VAL B 116 3.66 92.49 -16.99
N THR B 117 4.45 93.38 -17.59
CA THR B 117 4.34 94.81 -17.38
C THR B 117 4.29 95.52 -18.72
N VAL B 118 3.28 96.35 -18.91
CA VAL B 118 3.11 97.11 -20.15
C VAL B 118 3.68 98.51 -19.95
N SER B 119 4.55 98.93 -20.86
CA SER B 119 5.18 100.24 -20.78
C SER B 119 5.71 100.61 -22.16
N SER B 120 5.98 101.90 -22.32
CA SER B 120 6.51 102.41 -23.58
C SER B 120 7.97 102.00 -23.77
N ASP C 1 -2.91 53.62 -58.22
CA ASP C 1 -1.78 53.32 -57.35
C ASP C 1 -1.02 54.59 -56.99
N ILE C 2 -0.05 54.44 -56.08
CA ILE C 2 0.76 55.56 -55.63
C ILE C 2 2.21 55.29 -56.02
N GLN C 3 2.99 56.36 -56.11
CA GLN C 3 4.39 56.27 -56.50
C GLN C 3 5.25 57.08 -55.54
N LEU C 4 6.52 56.71 -55.46
CA LEU C 4 7.49 57.36 -54.59
C LEU C 4 8.68 57.81 -55.42
N THR C 5 9.08 59.06 -55.24
CA THR C 5 10.24 59.64 -55.91
C THR C 5 11.33 59.92 -54.88
N GLN C 6 12.55 59.48 -55.17
CA GLN C 6 13.68 59.74 -54.29
C GLN C 6 14.20 61.13 -54.59
N SER C 7 14.99 61.69 -53.68
CA SER C 7 15.54 63.04 -53.86
C SER C 7 16.51 63.10 -55.03
N PRO C 8 17.73 62.58 -54.82
CA PRO C 8 18.76 62.55 -55.87
C PRO C 8 18.98 61.11 -56.34
N ALA C 9 19.48 60.94 -57.56
CA ALA C 9 19.75 59.60 -58.06
C ALA C 9 20.97 59.06 -57.34
N ILE C 10 22.06 59.83 -57.41
CA ILE C 10 23.33 59.50 -56.76
C ILE C 10 23.83 60.74 -56.05
N LEU C 11 24.12 60.60 -54.76
CA LEU C 11 24.62 61.71 -53.94
C LEU C 11 26.06 61.43 -53.58
N SER C 12 26.94 62.38 -53.89
CA SER C 12 28.36 62.28 -53.60
C SER C 12 28.69 63.19 -52.43
N VAL C 13 29.29 62.61 -51.38
CA VAL C 13 29.63 63.36 -50.18
C VAL C 13 30.73 62.61 -49.45
N SER C 14 31.58 63.37 -48.75
CA SER C 14 32.63 62.77 -47.95
C SER C 14 32.04 62.15 -46.69
N PRO C 15 32.69 61.12 -46.14
CA PRO C 15 32.25 60.61 -44.84
C PRO C 15 32.48 61.63 -43.73
N GLY C 16 31.57 61.63 -42.75
CA GLY C 16 31.69 62.47 -41.59
C GLY C 16 30.87 63.75 -41.60
N GLU C 17 30.21 64.07 -42.70
CA GLU C 17 29.41 65.28 -42.80
C GLU C 17 27.91 64.95 -42.78
N ARG C 18 27.12 65.99 -42.51
CA ARG C 18 25.67 65.84 -42.42
C ARG C 18 25.09 65.52 -43.79
N VAL C 19 24.19 64.53 -43.83
CA VAL C 19 23.53 64.12 -45.07
C VAL C 19 22.04 63.97 -44.80
N SER C 20 21.25 64.06 -45.86
CA SER C 20 19.81 63.89 -45.78
C SER C 20 19.31 63.35 -47.11
N PHE C 21 18.35 62.43 -47.04
CA PHE C 21 17.74 61.81 -48.21
C PHE C 21 16.25 62.05 -48.20
N SER C 22 15.70 62.40 -49.35
CA SER C 22 14.32 62.83 -49.48
C SER C 22 13.51 61.83 -50.29
N CYS C 23 12.31 61.52 -49.81
CA CYS C 23 11.33 60.71 -50.52
C CYS C 23 10.03 61.48 -50.59
N ARG C 24 9.46 61.55 -51.80
CA ARG C 24 8.24 62.31 -52.04
C ARG C 24 7.14 61.38 -52.52
N ALA C 25 5.92 61.62 -52.04
CA ALA C 25 4.76 60.84 -52.40
C ALA C 25 3.73 61.71 -53.10
N SER C 26 3.05 61.12 -54.09
CA SER C 26 2.02 61.86 -54.81
C SER C 26 0.79 62.11 -53.95
N GLN C 27 0.46 61.18 -53.06
CA GLN C 27 -0.72 61.29 -52.21
C GLN C 27 -0.31 61.24 -50.75
N SER C 28 -1.01 62.00 -49.91
CA SER C 28 -0.72 62.03 -48.49
C SER C 28 -0.93 60.64 -47.87
N ILE C 29 0.04 60.20 -47.08
CA ILE C 29 0.01 58.88 -46.45
C ILE C 29 0.12 58.95 -44.94
N GLY C 30 0.15 60.15 -44.35
CA GLY C 30 0.33 60.27 -42.93
C GLY C 30 1.76 59.97 -42.50
N THR C 31 1.96 58.83 -41.83
CA THR C 31 3.29 58.43 -41.37
C THR C 31 3.62 57.00 -41.78
N SER C 32 2.93 56.45 -42.77
CA SER C 32 3.13 55.07 -43.19
C SER C 32 4.24 55.01 -44.24
N ILE C 33 5.46 55.30 -43.78
CA ILE C 33 6.65 55.24 -44.63
C ILE C 33 7.75 54.50 -43.87
N HIS C 34 8.70 53.96 -44.63
CA HIS C 34 9.84 53.25 -44.05
C HIS C 34 11.07 53.51 -44.90
N TRP C 35 12.24 53.41 -44.27
CA TRP C 35 13.51 53.65 -44.92
C TRP C 35 14.38 52.40 -44.83
N TYR C 36 15.00 52.01 -45.93
CA TYR C 36 15.81 50.82 -46.01
C TYR C 36 17.18 51.15 -46.59
N GLN C 37 18.19 50.37 -46.18
CA GLN C 37 19.56 50.53 -46.67
C GLN C 37 20.00 49.24 -47.33
N GLN C 38 20.33 49.32 -48.62
CA GLN C 38 20.80 48.18 -49.39
C GLN C 38 22.24 48.42 -49.81
N ARG C 39 23.13 47.50 -49.44
CA ARG C 39 24.54 47.58 -49.80
C ARG C 39 24.81 46.70 -51.01
N THR C 40 26.04 46.77 -51.51
CA THR C 40 26.43 45.94 -52.64
C THR C 40 26.47 44.47 -52.23
N ASN C 41 25.97 43.61 -53.11
CA ASN C 41 25.86 42.17 -52.85
C ASN C 41 25.12 41.90 -51.54
N GLY C 42 24.11 42.72 -51.26
CA GLY C 42 23.34 42.59 -50.04
C GLY C 42 21.94 43.12 -50.21
N SER C 43 21.01 42.51 -49.49
CA SER C 43 19.62 42.92 -49.51
C SER C 43 19.40 44.13 -48.61
N PRO C 44 18.32 44.88 -48.83
CA PRO C 44 18.08 46.09 -48.03
C PRO C 44 17.94 45.78 -46.55
N ARG C 45 18.39 46.71 -45.72
CA ARG C 45 18.30 46.62 -44.26
C ARG C 45 17.39 47.72 -43.74
N HIS C 46 16.46 47.35 -42.89
CA HIS C 46 15.50 48.32 -42.34
C HIS C 46 16.18 49.33 -41.43
N LEU C 47 16.08 50.61 -41.78
CA LEU C 47 16.65 51.69 -40.97
C LEU C 47 15.62 52.31 -40.05
N ILE C 48 14.54 52.86 -40.61
CA ILE C 48 13.55 53.61 -39.86
C ILE C 48 12.16 53.15 -40.29
N LYS C 49 11.28 52.94 -39.31
CA LYS C 49 9.89 52.61 -39.56
C LYS C 49 8.99 53.75 -39.09
N TYR C 50 8.00 54.08 -39.92
CA TYR C 50 6.97 55.08 -39.62
C TYR C 50 7.53 56.49 -39.44
N ALA C 51 8.79 56.71 -39.80
CA ALA C 51 9.43 58.03 -39.79
C ALA C 51 9.39 58.70 -38.42
N SER C 52 9.14 57.93 -37.36
CA SER C 52 9.06 58.48 -36.01
C SER C 52 9.86 57.71 -34.98
N GLU C 53 10.18 56.44 -35.21
CA GLU C 53 10.94 55.63 -34.26
C GLU C 53 12.03 54.88 -35.02
N SER C 54 13.09 54.54 -34.28
CA SER C 54 14.23 53.84 -34.86
C SER C 54 14.03 52.33 -34.74
N ILE C 55 15.05 51.57 -35.13
CA ILE C 55 15.03 50.12 -35.08
C ILE C 55 16.17 49.67 -34.16
N SER C 56 15.91 48.64 -33.36
CA SER C 56 16.93 48.12 -32.47
C SER C 56 18.15 47.66 -33.26
N GLY C 57 19.33 48.06 -32.79
CA GLY C 57 20.57 47.77 -33.48
C GLY C 57 21.00 48.79 -34.50
N ILE C 58 20.17 49.80 -34.77
CA ILE C 58 20.49 50.85 -35.74
C ILE C 58 21.26 51.96 -35.01
N PRO C 59 22.34 52.47 -35.59
CA PRO C 59 23.06 53.58 -34.94
C PRO C 59 22.18 54.80 -34.77
N SER C 60 22.43 55.54 -33.68
CA SER C 60 21.62 56.70 -33.33
C SER C 60 21.72 57.84 -34.33
N ARG C 61 22.72 57.81 -35.23
CA ARG C 61 22.86 58.88 -36.21
C ARG C 61 21.67 58.92 -37.17
N PHE C 62 21.04 57.78 -37.41
CA PHE C 62 19.88 57.72 -38.31
C PHE C 62 18.66 58.32 -37.63
N SER C 63 17.93 59.15 -38.36
CA SER C 63 16.71 59.76 -37.86
C SER C 63 15.76 60.03 -39.02
N GLY C 64 14.48 60.16 -38.68
CA GLY C 64 13.46 60.41 -39.68
C GLY C 64 12.64 61.62 -39.32
N SER C 65 12.16 62.30 -40.37
CA SER C 65 11.37 63.52 -40.19
C SER C 65 10.43 63.67 -41.38
N GLY C 66 9.41 64.50 -41.18
CA GLY C 66 8.44 64.76 -42.22
C GLY C 66 7.20 63.89 -42.10
N SER C 67 6.10 64.37 -42.67
CA SER C 67 4.84 63.65 -42.65
C SER C 67 4.02 64.06 -43.86
N GLY C 68 3.05 63.21 -44.20
CA GLY C 68 2.18 63.49 -45.32
C GLY C 68 2.74 63.00 -46.64
N THR C 69 3.31 63.91 -47.43
CA THR C 69 3.89 63.57 -48.71
C THR C 69 5.40 63.69 -48.74
N ASP C 70 6.01 64.37 -47.77
CA ASP C 70 7.45 64.59 -47.74
C ASP C 70 8.05 63.89 -46.53
N PHE C 71 9.13 63.15 -46.76
CA PHE C 71 9.85 62.47 -45.70
C PHE C 71 11.35 62.60 -45.94
N THR C 72 12.09 62.81 -44.85
CA THR C 72 13.52 63.02 -44.92
C THR C 72 14.22 62.09 -43.94
N LEU C 73 15.23 61.37 -44.43
CA LEU C 73 16.06 60.52 -43.59
C LEU C 73 17.41 61.22 -43.39
N THR C 74 17.71 61.55 -42.14
CA THR C 74 18.89 62.33 -41.80
C THR C 74 19.88 61.49 -41.01
N ILE C 75 21.16 61.60 -41.37
CA ILE C 75 22.24 60.87 -40.71
C ILE C 75 23.27 61.87 -40.23
N ASN C 76 23.70 61.74 -38.99
CA ASN C 76 24.70 62.61 -38.39
C ASN C 76 26.07 61.97 -38.52
N GLY C 77 26.97 62.61 -39.27
CA GLY C 77 28.31 62.09 -39.44
C GLY C 77 28.36 60.76 -40.18
N VAL C 78 28.03 60.79 -41.47
CA VAL C 78 28.01 59.57 -42.27
C VAL C 78 29.39 58.92 -42.25
N GLU C 79 29.40 57.59 -42.13
CA GLU C 79 30.62 56.81 -42.08
C GLU C 79 30.77 55.97 -43.35
N SER C 80 31.87 55.22 -43.42
CA SER C 80 32.13 54.41 -44.60
C SER C 80 31.10 53.30 -44.77
N GLU C 81 30.68 52.69 -43.66
CA GLU C 81 29.70 51.61 -43.72
C GLU C 81 28.34 52.09 -44.22
N ASP C 82 28.04 53.38 -44.07
CA ASP C 82 26.75 53.92 -44.48
C ASP C 82 26.69 54.29 -45.96
N ILE C 83 27.79 54.12 -46.70
CA ILE C 83 27.83 54.44 -48.12
C ILE C 83 27.15 53.29 -48.87
N ALA C 84 25.86 53.45 -49.16
CA ALA C 84 25.09 52.42 -49.82
C ALA C 84 23.82 53.05 -50.39
N ASP C 85 23.03 52.24 -51.08
CA ASP C 85 21.78 52.70 -51.65
C ASP C 85 20.67 52.68 -50.62
N TYR C 86 19.80 53.69 -50.68
CA TYR C 86 18.71 53.85 -49.74
C TYR C 86 17.37 53.77 -50.47
N TYR C 87 16.36 53.23 -49.77
CA TYR C 87 15.03 53.07 -50.34
C TYR C 87 13.99 53.55 -49.35
N CYS C 88 12.90 54.12 -49.89
CA CYS C 88 11.75 54.53 -49.10
C CYS C 88 10.55 53.68 -49.54
N GLN C 89 9.82 53.17 -48.55
CA GLN C 89 8.73 52.23 -48.80
C GLN C 89 7.43 52.76 -48.19
N GLN C 90 6.35 52.68 -48.97
CA GLN C 90 5.04 53.17 -48.57
C GLN C 90 4.08 52.00 -48.46
N GLY C 91 3.14 52.12 -47.51
CA GLY C 91 2.16 51.07 -47.30
C GLY C 91 0.76 51.57 -46.98
N HIS C 92 0.51 52.86 -47.18
CA HIS C 92 -0.82 53.40 -46.92
C HIS C 92 -1.85 52.77 -47.84
N ASN C 93 -1.53 52.63 -49.11
CA ASN C 93 -2.40 51.91 -50.03
C ASN C 93 -2.17 50.41 -49.88
N TRP C 94 -3.14 49.64 -50.37
CA TRP C 94 -3.01 48.18 -50.29
C TRP C 94 -1.80 47.64 -51.04
N PRO C 95 -1.53 48.02 -52.30
CA PRO C 95 -0.29 47.59 -52.95
C PRO C 95 0.89 48.42 -52.48
N LEU C 96 1.71 47.85 -51.61
CA LEU C 96 2.87 48.56 -51.10
C LEU C 96 3.95 48.66 -52.18
N THR C 97 4.60 49.82 -52.24
CA THR C 97 5.59 50.10 -53.27
C THR C 97 6.86 50.67 -52.63
N PHE C 98 7.95 50.59 -53.38
CA PHE C 98 9.24 51.11 -52.95
C PHE C 98 9.63 52.33 -53.80
N GLY C 99 10.56 53.11 -53.26
CA GLY C 99 11.03 54.30 -53.95
C GLY C 99 11.97 53.99 -55.08
N ALA C 100 12.38 55.05 -55.78
CA ALA C 100 13.29 54.89 -56.91
C ALA C 100 14.63 54.34 -56.46
N GLY C 101 15.15 54.82 -55.33
CA GLY C 101 16.41 54.32 -54.80
C GLY C 101 17.56 55.28 -55.00
N THR C 102 17.92 56.01 -53.94
CA THR C 102 19.05 56.93 -53.98
C THR C 102 20.32 56.22 -53.56
N LYS C 103 21.42 56.55 -54.22
CA LYS C 103 22.71 55.90 -53.99
C LYS C 103 23.69 56.90 -53.38
N LEU C 104 24.33 56.50 -52.28
CA LEU C 104 25.32 57.33 -51.63
C LEU C 104 26.70 57.04 -52.22
N GLU C 105 27.42 58.11 -52.57
CA GLU C 105 28.72 57.99 -53.21
C GLU C 105 29.76 58.72 -52.38
N LEU C 106 30.95 58.13 -52.30
CA LEU C 106 32.06 58.76 -51.59
C LEU C 106 32.62 59.93 -52.40
N LYS C 107 33.21 60.89 -51.69
CA LYS C 107 33.81 62.06 -52.32
C LYS C 107 35.32 61.97 -52.42
N ARG C 108 35.98 61.39 -51.43
CA ARG C 108 37.44 61.25 -51.43
C ARG C 108 37.92 60.39 -52.60
N GLU D 1 23.11 55.30 24.94
CA GLU D 1 22.12 56.27 24.53
C GLU D 1 21.67 57.14 25.70
N VAL D 2 22.38 57.02 26.83
CA VAL D 2 22.04 57.75 28.04
C VAL D 2 22.77 59.09 28.04
N GLN D 3 22.04 60.16 28.30
CA GLN D 3 22.61 61.51 28.37
C GLN D 3 22.03 62.24 29.56
N LEU D 4 22.78 63.22 30.06
CA LEU D 4 22.36 64.03 31.18
C LEU D 4 22.55 65.49 30.83
N GLN D 5 21.59 66.32 31.22
CA GLN D 5 21.64 67.75 30.95
C GLN D 5 21.25 68.51 32.21
N GLN D 6 21.75 69.75 32.30
CA GLN D 6 21.50 70.61 33.45
C GLN D 6 21.24 72.02 32.96
N SER D 7 21.03 72.93 33.90
CA SER D 7 20.84 74.33 33.59
C SER D 7 22.20 75.04 33.56
N GLY D 8 22.16 76.34 33.27
CA GLY D 8 23.35 77.15 33.17
C GLY D 8 23.84 77.60 34.53
N PRO D 9 24.75 78.56 34.55
CA PRO D 9 25.16 79.16 35.83
C PRO D 9 24.10 80.11 36.36
N GLU D 10 24.06 80.25 37.68
CA GLU D 10 23.19 81.21 38.31
C GLU D 10 23.96 81.91 39.42
N LEU D 11 23.47 83.09 39.78
CA LEU D 11 24.00 83.86 40.89
C LEU D 11 22.95 83.93 41.99
N VAL D 12 23.39 83.88 43.24
CA VAL D 12 22.50 83.88 44.40
C VAL D 12 22.97 84.93 45.38
N LYS D 13 22.03 85.39 46.22
CA LYS D 13 22.24 86.37 47.29
C LYS D 13 22.58 85.65 48.59
N PRO D 14 23.32 86.30 49.49
CA PRO D 14 23.62 85.68 50.78
C PRO D 14 22.36 85.47 51.59
N GLY D 15 22.05 84.20 51.86
CA GLY D 15 20.86 83.85 52.61
C GLY D 15 19.60 83.89 51.77
N ALA D 16 19.58 83.15 50.67
CA ALA D 16 18.43 83.09 49.78
C ALA D 16 18.19 81.64 49.39
N SER D 17 17.26 81.42 48.47
CA SER D 17 16.89 80.09 48.02
C SER D 17 16.95 80.02 46.50
N VAL D 18 17.50 78.92 45.99
CA VAL D 18 17.60 78.68 44.56
C VAL D 18 17.23 77.23 44.29
N LYS D 19 16.91 76.93 43.03
CA LYS D 19 16.54 75.59 42.60
C LYS D 19 17.39 75.17 41.40
N ILE D 20 17.79 73.90 41.40
CA ILE D 20 18.55 73.32 40.30
C ILE D 20 17.93 71.97 39.94
N SER D 21 17.80 71.72 38.63
CA SER D 21 17.18 70.51 38.11
C SER D 21 18.20 69.68 37.34
N CYS D 22 18.13 68.36 37.52
CA CYS D 22 18.98 67.42 36.80
C CYS D 22 18.08 66.54 35.93
N LYS D 23 18.28 66.62 34.61
CA LYS D 23 17.47 65.88 33.65
C LYS D 23 18.30 64.74 33.06
N THR D 24 17.73 63.54 33.05
CA THR D 24 18.37 62.36 32.49
C THR D 24 17.48 61.77 31.40
N SER D 25 18.11 61.36 30.30
CA SER D 25 17.39 60.83 29.15
C SER D 25 18.11 59.59 28.64
N GLY D 26 17.37 58.77 27.90
CA GLY D 26 17.91 57.56 27.30
C GLY D 26 17.70 56.30 28.09
N TYR D 27 17.14 56.38 29.30
CA TYR D 27 16.88 55.21 30.11
C TYR D 27 15.71 55.49 31.03
N THR D 28 15.05 54.42 31.48
CA THR D 28 13.92 54.55 32.37
C THR D 28 14.38 55.08 33.73
N PHE D 29 13.59 55.99 34.30
CA PHE D 29 14.03 56.73 35.48
C PHE D 29 14.12 55.83 36.71
N THR D 30 13.11 55.02 36.96
CA THR D 30 12.92 54.39 38.28
C THR D 30 13.59 53.03 38.38
N GLU D 31 14.87 52.92 38.01
CA GLU D 31 15.65 51.75 38.36
C GLU D 31 17.05 52.03 38.86
N TYR D 32 17.64 53.19 38.55
CA TYR D 32 19.00 53.52 38.96
C TYR D 32 18.98 54.76 39.85
N THR D 33 19.73 54.71 40.94
CA THR D 33 19.80 55.83 41.86
C THR D 33 20.53 57.00 41.23
N ILE D 34 20.26 58.20 41.75
CA ILE D 34 20.84 59.44 41.25
C ILE D 34 21.67 60.05 42.37
N TYR D 35 22.92 60.38 42.06
CA TYR D 35 23.85 60.95 43.03
C TYR D 35 24.26 62.35 42.64
N TRP D 36 24.65 63.14 43.63
CA TRP D 36 25.11 64.51 43.42
C TRP D 36 26.42 64.71 44.16
N VAL D 37 27.31 65.52 43.57
CA VAL D 37 28.60 65.87 44.17
C VAL D 37 28.84 67.35 43.93
N LYS D 38 29.80 67.89 44.68
CA LYS D 38 30.16 69.30 44.61
C LYS D 38 31.66 69.45 44.43
N GLN D 39 32.06 70.35 43.52
CA GLN D 39 33.46 70.68 43.30
C GLN D 39 33.64 72.16 43.58
N SER D 40 34.36 72.47 44.66
CA SER D 40 34.49 73.84 45.14
C SER D 40 35.81 74.43 44.62
N LEU D 41 35.79 74.81 43.34
CA LEU D 41 36.89 75.52 42.69
C LEU D 41 38.20 74.74 42.81
N GLY D 42 38.21 73.57 42.18
CA GLY D 42 39.40 72.73 42.19
C GLY D 42 39.77 72.17 43.55
N LYS D 43 38.77 71.77 44.33
CA LYS D 43 38.97 71.15 45.63
C LYS D 43 38.58 69.68 45.57
N SER D 44 38.79 68.98 46.68
CA SER D 44 38.41 67.58 46.77
C SER D 44 36.90 67.44 46.57
N LEU D 45 36.50 66.49 45.73
CA LEU D 45 35.09 66.28 45.46
C LEU D 45 34.38 65.81 46.72
N GLU D 46 33.27 66.46 47.05
CA GLU D 46 32.48 66.14 48.23
C GLU D 46 31.16 65.52 47.79
N TRP D 47 30.86 64.35 48.35
CA TRP D 47 29.61 63.65 48.04
C TRP D 47 28.44 64.44 48.61
N ILE D 48 27.66 65.06 47.72
CA ILE D 48 26.50 65.84 48.17
C ILE D 48 25.43 64.93 48.74
N GLY D 49 25.00 63.95 47.95
CA GLY D 49 23.96 63.05 48.39
C GLY D 49 23.48 62.16 47.27
N GLY D 50 22.44 61.39 47.59
CA GLY D 50 21.84 60.50 46.62
C GLY D 50 20.48 60.05 47.09
N ASN D 51 19.64 59.68 46.13
CA ASN D 51 18.26 59.31 46.42
C ASN D 51 17.82 58.21 45.48
N ASN D 52 16.84 57.43 45.94
CA ASN D 52 16.27 56.36 45.14
C ASN D 52 15.31 56.92 44.09
N PRO D 53 15.26 56.32 42.90
CA PRO D 53 14.36 56.82 41.86
C PRO D 53 12.93 56.33 42.02
N ASN D 54 12.76 55.14 42.59
CA ASN D 54 11.46 54.52 42.77
C ASN D 54 11.01 54.51 44.22
N ASN D 55 11.85 54.02 45.14
CA ASN D 55 11.50 54.03 46.55
C ASN D 55 11.44 55.43 47.13
N ASP D 56 12.02 56.42 46.44
CA ASP D 56 12.04 57.81 46.88
C ASP D 56 12.72 57.98 48.23
N ASP D 57 13.55 57.02 48.63
CA ASP D 57 14.29 57.11 49.88
C ASP D 57 15.60 57.85 49.64
N THR D 58 15.86 58.85 50.47
CA THR D 58 17.05 59.70 50.34
C THR D 58 17.84 59.65 51.63
N THR D 59 19.16 59.54 51.50
CA THR D 59 20.05 59.47 52.65
C THR D 59 21.19 60.46 52.46
N TYR D 60 21.73 60.94 53.58
CA TYR D 60 22.73 61.99 53.59
C TYR D 60 23.88 61.61 54.52
N LYS D 61 24.94 62.40 54.47
CA LYS D 61 26.08 62.27 55.35
C LYS D 61 25.94 63.23 56.53
N GLN D 62 26.76 63.00 57.56
CA GLN D 62 26.73 63.87 58.73
C GLN D 62 27.20 65.27 58.40
N PHE D 63 28.16 65.41 57.48
CA PHE D 63 28.62 66.72 57.03
C PHE D 63 27.84 67.20 55.81
N PHE D 64 26.51 67.21 55.91
CA PHE D 64 25.66 67.66 54.82
C PHE D 64 24.55 68.61 55.23
N LYS D 65 24.30 68.81 56.52
CA LYS D 65 23.21 69.68 56.95
C LYS D 65 23.37 71.06 56.33
N GLY D 66 22.30 71.55 55.69
CA GLY D 66 22.36 72.78 54.92
C GLY D 66 21.56 72.76 53.64
N LYS D 67 21.32 71.58 53.06
CA LYS D 67 20.41 71.44 51.93
C LYS D 67 19.62 70.14 52.06
N ALA D 68 19.38 69.68 53.29
CA ALA D 68 18.99 68.29 53.51
C ALA D 68 17.54 68.09 53.06
N THR D 69 17.37 68.01 51.73
CA THR D 69 16.12 67.63 51.11
C THR D 69 16.35 67.34 49.63
N LEU D 70 15.91 66.17 49.18
CA LEU D 70 16.00 65.77 47.79
C LEU D 70 14.64 65.26 47.33
N THR D 71 14.40 65.35 46.02
CA THR D 71 13.18 64.83 45.44
C THR D 71 13.41 64.53 43.96
N VAL D 72 12.65 63.57 43.46
CA VAL D 72 12.66 63.19 42.06
C VAL D 72 11.21 63.09 41.58
N ASP D 73 10.96 63.55 40.36
CA ASP D 73 9.62 63.58 39.79
C ASP D 73 9.60 62.81 38.49
N LYS D 74 8.52 62.04 38.28
CA LYS D 74 8.37 61.23 37.07
C LYS D 74 7.69 61.98 35.93
N SER D 75 6.99 63.08 36.23
CA SER D 75 6.32 63.82 35.18
C SER D 75 7.32 64.38 34.18
N SER D 76 8.42 64.93 34.67
CA SER D 76 9.50 65.42 33.82
C SER D 76 10.71 64.49 33.80
N SER D 77 10.66 63.40 34.57
CA SER D 77 11.75 62.42 34.64
C SER D 77 13.08 63.10 34.99
N THR D 78 13.03 63.94 36.02
CA THR D 78 14.19 64.73 36.43
C THR D 78 14.31 64.69 37.95
N ALA D 79 15.40 65.25 38.45
CA ALA D 79 15.65 65.39 39.87
C ALA D 79 15.80 66.86 40.20
N TYR D 80 15.32 67.25 41.38
CA TYR D 80 15.34 68.63 41.82
C TYR D 80 16.32 68.80 42.97
N MET D 81 17.08 69.89 42.95
CA MET D 81 17.94 70.23 44.07
C MET D 81 17.78 71.71 44.39
N GLU D 82 17.74 72.04 45.67
CA GLU D 82 17.53 73.40 46.11
C GLU D 82 18.54 73.76 47.20
N LEU D 83 18.89 75.04 47.23
CA LEU D 83 19.89 75.59 48.15
C LEU D 83 19.22 76.61 49.04
N ARG D 84 19.61 76.65 50.30
CA ARG D 84 19.17 77.71 51.21
C ARG D 84 20.33 78.14 52.09
N SER D 85 20.24 79.37 52.58
CA SER D 85 21.24 79.94 53.49
C SER D 85 22.65 79.88 52.89
N LEU D 86 22.80 80.53 51.75
CA LEU D 86 24.09 80.63 51.08
C LEU D 86 24.97 81.65 51.80
N THR D 87 25.76 81.19 52.78
CA THR D 87 26.38 82.14 53.70
C THR D 87 27.64 82.78 53.10
N SER D 88 28.70 81.99 52.91
CA SER D 88 29.94 82.59 52.45
C SER D 88 30.71 81.79 51.40
N GLU D 89 30.54 80.46 51.32
CA GLU D 89 31.51 79.67 50.56
C GLU D 89 30.88 78.54 49.74
N ASP D 90 29.56 78.47 49.61
CA ASP D 90 28.93 77.41 48.84
C ASP D 90 28.84 77.74 47.35
N SER D 91 29.66 78.67 46.88
CA SER D 91 29.72 78.99 45.45
C SER D 91 30.60 77.96 44.76
N ALA D 92 29.97 76.98 44.11
CA ALA D 92 30.70 75.89 43.49
C ALA D 92 29.88 75.34 42.33
N VAL D 93 30.40 74.31 41.69
CA VAL D 93 29.71 73.61 40.61
C VAL D 93 29.25 72.25 41.13
N TYR D 94 28.01 71.90 40.83
CA TYR D 94 27.39 70.68 41.33
C TYR D 94 27.17 69.72 40.16
N TYR D 95 27.67 68.49 40.30
CA TYR D 95 27.58 67.49 39.26
C TYR D 95 26.53 66.45 39.64
N CYS D 96 25.64 66.15 38.70
CA CYS D 96 24.61 65.14 38.86
C CYS D 96 25.03 63.89 38.10
N ALA D 97 25.04 62.75 38.79
CA ALA D 97 25.57 61.52 38.23
C ALA D 97 24.62 60.37 38.49
N ARG D 98 24.81 59.29 37.74
CA ARG D 98 23.99 58.09 37.83
C ARG D 98 24.90 56.87 37.83
N ASP D 99 24.53 55.86 38.63
CA ASP D 99 25.32 54.65 38.77
C ASP D 99 24.58 53.46 38.18
N GLY D 100 25.35 52.45 37.78
CA GLY D 100 24.79 51.24 37.22
C GLY D 100 25.04 50.01 38.07
N TYR D 101 23.96 49.37 38.51
CA TYR D 101 24.06 48.19 39.37
C TYR D 101 24.38 46.91 38.60
N PRO D 102 23.72 46.61 37.48
CA PRO D 102 24.06 45.35 36.78
C PRO D 102 25.51 45.27 36.36
N TYR D 103 26.12 46.38 35.99
CA TYR D 103 27.51 46.40 35.57
C TYR D 103 28.05 47.81 35.72
N TYR D 104 29.38 47.91 35.75
CA TYR D 104 30.08 49.20 35.73
C TYR D 104 29.65 50.07 36.91
N TYR D 105 30.02 49.61 38.10
CA TYR D 105 29.70 50.31 39.35
C TYR D 105 30.37 51.69 39.39
N ALA D 106 30.03 52.44 40.45
CA ALA D 106 30.69 53.67 40.83
C ALA D 106 30.54 54.81 39.83
N LEU D 107 29.30 55.17 39.50
CA LEU D 107 28.96 56.47 38.91
C LEU D 107 29.72 56.71 37.60
N ASP D 108 29.37 55.89 36.60
CA ASP D 108 29.98 56.00 35.28
C ASP D 108 29.78 57.40 34.70
N PHE D 109 28.53 57.76 34.43
CA PHE D 109 28.21 58.99 33.73
C PHE D 109 28.02 60.15 34.71
N TRP D 110 28.29 61.35 34.22
CA TRP D 110 28.17 62.56 35.01
C TRP D 110 27.44 63.60 34.17
N GLY D 111 27.42 64.84 34.66
CA GLY D 111 26.81 65.93 33.95
C GLY D 111 27.76 67.10 33.83
N GLN D 112 27.42 68.03 32.92
CA GLN D 112 28.23 69.21 32.74
C GLN D 112 28.31 70.06 33.99
N GLY D 113 27.35 69.94 34.90
CA GLY D 113 27.40 70.64 36.16
C GLY D 113 26.77 72.01 36.11
N THR D 114 26.22 72.45 37.23
CA THR D 114 25.65 73.79 37.36
C THR D 114 26.49 74.58 38.35
N SER D 115 27.01 75.72 37.91
CA SER D 115 27.87 76.56 38.73
C SER D 115 27.03 77.63 39.40
N VAL D 116 27.07 77.65 40.74
CA VAL D 116 26.37 78.65 41.54
C VAL D 116 27.40 79.59 42.13
N THR D 117 27.08 80.88 42.15
CA THR D 117 27.95 81.90 42.71
C THR D 117 27.17 82.76 43.69
N VAL D 118 27.68 82.90 44.91
CA VAL D 118 27.06 83.71 45.94
C VAL D 118 27.70 85.09 45.95
N SER D 119 26.87 86.12 45.90
CA SER D 119 27.35 87.50 45.88
C SER D 119 26.22 88.42 46.31
N SER D 120 26.59 89.64 46.68
CA SER D 120 25.61 90.64 47.10
C SER D 120 24.84 91.18 45.91
N GLU E 1 39.43 50.86 -8.50
CA GLU E 1 39.83 51.19 -7.14
C GLU E 1 41.35 51.34 -7.04
N VAL E 2 42.01 51.38 -8.18
CA VAL E 2 43.47 51.48 -8.24
C VAL E 2 43.87 52.95 -8.28
N GLN E 3 44.80 53.32 -7.42
CA GLN E 3 45.30 54.69 -7.36
C GLN E 3 46.82 54.67 -7.22
N LEU E 4 47.45 55.75 -7.67
CA LEU E 4 48.89 55.89 -7.57
C LEU E 4 49.22 57.24 -6.97
N GLN E 5 50.22 57.27 -6.09
CA GLN E 5 50.64 58.49 -5.43
C GLN E 5 52.16 58.59 -5.46
N GLN E 6 52.66 59.82 -5.39
CA GLN E 6 54.08 60.09 -5.43
C GLN E 6 54.40 61.18 -4.44
N SER E 7 55.67 61.56 -4.38
CA SER E 7 56.12 62.65 -3.53
C SER E 7 56.01 63.98 -4.28
N GLY E 8 56.38 65.06 -3.60
CA GLY E 8 56.31 66.39 -4.16
C GLY E 8 57.52 66.69 -5.03
N PRO E 9 57.70 67.96 -5.36
CA PRO E 9 58.92 68.36 -6.08
C PRO E 9 60.12 68.39 -5.15
N GLU E 10 61.30 68.17 -5.72
CA GLU E 10 62.55 68.30 -4.97
C GLU E 10 63.57 69.01 -5.85
N LEU E 11 64.54 69.59 -5.18
CA LEU E 11 65.66 70.23 -5.84
C LEU E 11 66.93 69.45 -5.54
N VAL E 12 67.82 69.35 -6.53
CA VAL E 12 69.05 68.58 -6.41
C VAL E 12 70.23 69.43 -6.85
N LYS E 13 71.42 69.08 -6.34
CA LYS E 13 72.68 69.72 -6.66
C LYS E 13 73.35 69.03 -7.85
N PRO E 14 74.17 69.74 -8.61
CA PRO E 14 74.88 69.11 -9.74
C PRO E 14 75.84 68.03 -9.24
N GLY E 15 75.56 66.79 -9.63
CA GLY E 15 76.38 65.66 -9.22
C GLY E 15 76.09 65.19 -7.80
N ALA E 16 74.83 64.86 -7.54
CA ALA E 16 74.41 64.39 -6.23
C ALA E 16 73.49 63.19 -6.43
N SER E 17 72.89 62.72 -5.33
CA SER E 17 72.01 61.57 -5.34
C SER E 17 70.69 61.91 -4.67
N VAL E 18 69.59 61.46 -5.27
CA VAL E 18 68.25 61.67 -4.74
C VAL E 18 67.46 60.37 -4.90
N LYS E 19 66.37 60.26 -4.14
CA LYS E 19 65.51 59.09 -4.17
C LYS E 19 64.07 59.52 -4.40
N ILE E 20 63.34 58.73 -5.20
CA ILE E 20 61.94 58.96 -5.49
C ILE E 20 61.20 57.64 -5.34
N SER E 21 60.03 57.67 -4.70
CA SER E 21 59.23 56.48 -4.43
C SER E 21 57.89 56.58 -5.17
N CYS E 22 57.45 55.46 -5.73
CA CYS E 22 56.16 55.34 -6.39
C CYS E 22 55.30 54.37 -5.62
N LYS E 23 54.18 54.85 -5.09
CA LYS E 23 53.27 54.04 -4.28
C LYS E 23 52.00 53.74 -5.08
N THR E 24 51.62 52.47 -5.10
CA THR E 24 50.41 52.02 -5.79
C THR E 24 49.50 51.33 -4.79
N SER E 25 48.20 51.62 -4.89
CA SER E 25 47.22 51.06 -3.98
C SER E 25 45.99 50.60 -4.77
N GLY E 26 45.22 49.72 -4.15
CA GLY E 26 44.00 49.20 -4.75
C GLY E 26 44.14 47.88 -5.48
N TYR E 27 45.35 47.35 -5.61
CA TYR E 27 45.57 46.07 -6.27
C TYR E 27 46.82 45.42 -5.71
N THR E 28 46.88 44.10 -5.84
CA THR E 28 48.04 43.36 -5.35
C THR E 28 49.28 43.72 -6.18
N PHE E 29 50.41 43.85 -5.49
CA PHE E 29 51.61 44.41 -6.12
C PHE E 29 52.19 43.46 -7.16
N THR E 30 52.33 42.18 -6.81
CA THR E 30 53.19 41.27 -7.57
C THR E 30 52.46 40.52 -8.68
N GLU E 31 51.72 41.25 -9.52
CA GLU E 31 51.23 40.66 -10.76
C GLU E 31 51.35 41.55 -11.99
N TYR E 32 51.45 42.87 -11.84
CA TYR E 32 51.54 43.80 -12.96
C TYR E 32 52.86 44.56 -12.90
N THR E 33 53.52 44.67 -14.04
CA THR E 33 54.79 45.39 -14.11
C THR E 33 54.59 46.88 -13.90
N ILE E 34 55.65 47.55 -13.47
CA ILE E 34 55.64 48.98 -13.20
C ILE E 34 56.61 49.66 -14.15
N TYR E 35 56.13 50.69 -14.84
CA TYR E 35 56.93 51.43 -15.81
C TYR E 35 57.11 52.87 -15.37
N TRP E 36 58.19 53.48 -15.86
CA TRP E 36 58.53 54.86 -15.57
C TRP E 36 58.83 55.58 -16.87
N VAL E 37 58.45 56.86 -16.95
CA VAL E 37 58.73 57.71 -18.10
C VAL E 37 59.13 59.09 -17.60
N LYS E 38 59.72 59.87 -18.49
CA LYS E 38 60.21 61.21 -18.18
C LYS E 38 59.66 62.21 -19.19
N GLN E 39 59.21 63.36 -18.70
CA GLN E 39 58.76 64.46 -19.55
C GLN E 39 59.63 65.67 -19.24
N SER E 40 60.46 66.06 -20.21
CA SER E 40 61.46 67.11 -20.01
C SER E 40 60.90 68.43 -20.53
N LEU E 41 60.00 69.03 -19.74
CA LEU E 41 59.46 70.36 -19.99
C LEU E 41 58.80 70.45 -21.37
N GLY E 42 57.74 69.67 -21.54
CA GLY E 42 57.01 69.67 -22.79
C GLY E 42 57.77 69.10 -23.96
N LYS E 43 58.54 68.03 -23.74
CA LYS E 43 59.28 67.34 -24.78
C LYS E 43 58.66 65.97 -25.04
N SER E 44 59.21 65.27 -26.02
CA SER E 44 58.75 63.92 -26.31
C SER E 44 58.97 63.01 -25.10
N LEU E 45 57.94 62.25 -24.76
CA LEU E 45 58.05 61.35 -23.61
C LEU E 45 59.10 60.28 -23.87
N GLU E 46 60.01 60.10 -22.92
CA GLU E 46 61.07 59.12 -23.02
C GLU E 46 60.82 57.99 -22.02
N TRP E 47 60.84 56.77 -22.52
CA TRP E 47 60.63 55.58 -21.68
C TRP E 47 61.81 55.43 -20.75
N ILE E 48 61.60 55.69 -19.46
CA ILE E 48 62.68 55.56 -18.48
C ILE E 48 63.04 54.11 -18.28
N GLY E 49 62.07 53.27 -17.94
CA GLY E 49 62.34 51.88 -17.72
C GLY E 49 61.12 51.17 -17.14
N GLY E 50 61.35 49.90 -16.79
CA GLY E 50 60.31 49.09 -16.20
C GLY E 50 60.90 47.87 -15.56
N ASN E 51 60.17 47.33 -14.59
CA ASN E 51 60.66 46.21 -13.80
C ASN E 51 59.50 45.30 -13.43
N ASN E 52 59.82 44.03 -13.21
CA ASN E 52 58.83 43.05 -12.79
C ASN E 52 58.51 43.22 -11.31
N PRO E 53 57.25 42.99 -10.92
CA PRO E 53 56.88 43.14 -9.51
C PRO E 53 57.21 41.91 -8.68
N ASN E 54 57.19 40.74 -9.30
CA ASN E 54 57.44 39.47 -8.61
C ASN E 54 58.78 38.86 -8.98
N ASN E 55 59.07 38.74 -10.28
CA ASN E 55 60.36 38.20 -10.71
C ASN E 55 61.51 39.15 -10.39
N ASP E 56 61.22 40.41 -10.12
CA ASP E 56 62.21 41.43 -9.81
C ASP E 56 63.22 41.62 -10.93
N ASP E 57 62.87 41.23 -12.15
CA ASP E 57 63.73 41.41 -13.31
C ASP E 57 63.47 42.78 -13.91
N THR E 58 64.56 43.53 -14.13
CA THR E 58 64.48 44.89 -14.65
C THR E 58 65.30 44.98 -15.93
N THR E 59 64.74 45.66 -16.93
CA THR E 59 65.40 45.83 -18.21
C THR E 59 65.36 47.29 -18.62
N TYR E 60 66.36 47.71 -19.39
CA TYR E 60 66.55 49.10 -19.77
C TYR E 60 66.81 49.21 -21.26
N LYS E 61 66.81 50.45 -21.75
CA LYS E 61 67.16 50.76 -23.12
C LYS E 61 68.62 51.17 -23.22
N GLN E 62 69.13 51.19 -24.45
CA GLN E 62 70.51 51.59 -24.66
C GLN E 62 70.75 53.06 -24.30
N PHE E 63 69.76 53.91 -24.54
CA PHE E 63 69.85 55.32 -24.15
C PHE E 63 69.28 55.56 -22.76
N PHE E 64 69.77 54.80 -21.78
CA PHE E 64 69.32 54.95 -20.40
C PHE E 64 70.44 54.98 -19.38
N LYS E 65 71.68 54.69 -19.74
CA LYS E 65 72.77 54.68 -18.76
C LYS E 65 72.83 56.02 -18.03
N GLY E 66 72.84 55.95 -16.71
CA GLY E 66 72.76 57.15 -15.89
C GLY E 66 71.92 56.99 -14.63
N LYS E 67 70.96 56.07 -14.64
CA LYS E 67 70.23 55.71 -13.41
C LYS E 67 69.97 54.21 -13.38
N ALA E 68 70.86 53.42 -13.99
CA ALA E 68 70.51 52.04 -14.34
C ALA E 68 70.48 51.18 -13.07
N THR E 69 69.38 51.35 -12.32
CA THR E 69 69.06 50.48 -11.19
C THR E 69 67.63 50.75 -10.76
N LEU E 70 66.84 49.68 -10.66
CA LEU E 70 65.46 49.74 -10.18
C LEU E 70 65.25 48.69 -9.12
N THR E 71 64.28 48.95 -8.24
CA THR E 71 63.92 47.99 -7.21
C THR E 71 62.48 48.23 -6.78
N VAL E 72 61.84 47.16 -6.31
CA VAL E 72 60.48 47.20 -5.77
C VAL E 72 60.48 46.43 -4.46
N ASP E 73 59.75 46.95 -3.47
CA ASP E 73 59.69 46.36 -2.15
C ASP E 73 58.25 46.05 -1.79
N LYS E 74 58.04 44.89 -1.15
CA LYS E 74 56.70 44.45 -0.76
C LYS E 74 56.31 44.93 0.62
N SER E 75 57.27 45.34 1.46
CA SER E 75 56.93 45.82 2.79
C SER E 75 56.06 47.07 2.74
N SER E 76 56.40 48.00 1.85
CA SER E 76 55.59 49.18 1.63
C SER E 76 54.79 49.13 0.34
N SER E 77 54.93 48.05 -0.44
CA SER E 77 54.21 47.87 -1.70
C SER E 77 54.43 49.05 -2.63
N THR E 78 55.68 49.45 -2.78
CA THR E 78 56.05 50.62 -3.56
C THR E 78 57.26 50.30 -4.43
N ALA E 79 57.61 51.23 -5.30
CA ALA E 79 58.78 51.14 -6.15
C ALA E 79 59.70 52.31 -5.84
N TYR E 80 61.01 52.07 -5.90
CA TYR E 80 62.00 53.08 -5.59
C TYR E 80 62.74 53.48 -6.86
N MET E 81 63.01 54.77 -7.01
CA MET E 81 63.85 55.27 -8.09
C MET E 81 64.83 56.27 -7.54
N GLU E 82 66.07 56.20 -8.01
CA GLU E 82 67.14 57.07 -7.53
C GLU E 82 67.91 57.66 -8.71
N LEU E 83 68.43 58.86 -8.50
CA LEU E 83 69.14 59.63 -9.51
C LEU E 83 70.56 59.85 -9.02
N ARG E 84 71.52 59.80 -9.94
CA ARG E 84 72.89 60.18 -9.63
C ARG E 84 73.47 60.95 -10.80
N SER E 85 74.48 61.76 -10.50
CA SER E 85 75.21 62.56 -11.48
C SER E 85 74.26 63.44 -12.30
N LEU E 86 73.56 64.32 -11.59
CA LEU E 86 72.66 65.28 -12.22
C LEU E 86 73.46 66.40 -12.87
N THR E 87 73.83 66.24 -14.13
CA THR E 87 74.85 67.12 -14.69
C THR E 87 74.28 68.47 -15.13
N SER E 88 73.45 68.48 -16.17
CA SER E 88 72.95 69.76 -16.67
C SER E 88 71.48 69.81 -17.06
N GLU E 89 70.85 68.68 -17.41
CA GLU E 89 69.56 68.77 -18.09
C GLU E 89 68.53 67.73 -17.65
N ASP E 90 68.80 66.97 -16.59
CA ASP E 90 67.85 65.96 -16.13
C ASP E 90 66.79 66.52 -15.20
N SER E 91 66.57 67.83 -15.23
CA SER E 91 65.52 68.46 -14.44
C SER E 91 64.20 68.30 -15.18
N ALA E 92 63.39 67.32 -14.77
CA ALA E 92 62.15 67.01 -15.45
C ALA E 92 61.19 66.40 -14.46
N VAL E 93 60.00 66.02 -14.95
CA VAL E 93 58.99 65.34 -14.16
C VAL E 93 58.94 63.89 -14.60
N TYR E 94 58.89 62.98 -13.62
CA TYR E 94 58.93 61.54 -13.87
C TYR E 94 57.58 60.93 -13.51
N TYR E 95 56.99 60.21 -14.44
CA TYR E 95 55.67 59.61 -14.25
C TYR E 95 55.82 58.11 -14.03
N CYS E 96 55.17 57.60 -13.00
CA CYS E 96 55.15 56.18 -12.68
C CYS E 96 53.81 55.60 -13.12
N ALA E 97 53.86 54.53 -13.92
CA ALA E 97 52.66 53.99 -14.53
C ALA E 97 52.63 52.48 -14.39
N ARG E 98 51.45 51.92 -14.58
CA ARG E 98 51.22 50.48 -14.47
C ARG E 98 50.38 50.02 -15.65
N ASP E 99 50.68 48.82 -16.15
CA ASP E 99 50.02 48.26 -17.32
C ASP E 99 49.20 47.04 -16.92
N GLY E 100 48.16 46.77 -17.71
CA GLY E 100 47.31 45.63 -17.48
C GLY E 100 47.37 44.59 -18.58
N TYR E 101 47.77 43.37 -18.22
CA TYR E 101 47.91 42.28 -19.18
C TYR E 101 46.59 41.62 -19.56
N PRO E 102 45.70 41.29 -18.61
CA PRO E 102 44.43 40.65 -19.01
C PRO E 102 43.61 41.50 -19.96
N TYR E 103 43.65 42.81 -19.82
CA TYR E 103 42.88 43.70 -20.67
C TYR E 103 43.49 45.09 -20.62
N TYR E 104 43.16 45.90 -21.62
CA TYR E 104 43.54 47.32 -21.66
C TYR E 104 45.05 47.49 -21.56
N TYR E 105 45.73 47.04 -22.62
CA TYR E 105 47.18 47.12 -22.70
C TYR E 105 47.66 48.58 -22.69
N ALA E 106 48.99 48.73 -22.66
CA ALA E 106 49.68 49.99 -22.88
C ALA E 106 49.41 51.05 -21.82
N LEU E 107 49.68 50.72 -20.55
CA LEU E 107 49.88 51.71 -19.48
C LEU E 107 48.67 52.64 -19.33
N ASP E 108 47.56 52.03 -18.88
CA ASP E 108 46.34 52.78 -18.66
C ASP E 108 46.55 53.91 -17.67
N PHE E 109 46.86 53.56 -16.43
CA PHE E 109 46.94 54.53 -15.34
C PHE E 109 48.34 55.12 -15.23
N TRP E 110 48.42 56.34 -14.72
CA TRP E 110 49.67 57.04 -14.55
C TRP E 110 49.67 57.67 -13.15
N GLY E 111 50.66 58.52 -12.89
CA GLY E 111 50.76 59.22 -11.63
C GLY E 111 50.91 60.71 -11.85
N GLN E 112 50.68 61.46 -10.77
CA GLN E 112 50.82 62.91 -10.85
C GLN E 112 52.25 63.34 -11.19
N GLY E 113 53.23 62.47 -10.95
CA GLY E 113 54.60 62.75 -11.33
C GLY E 113 55.38 63.50 -10.28
N THR E 114 56.69 63.28 -10.24
CA THR E 114 57.58 63.99 -9.34
C THR E 114 58.52 64.86 -10.17
N SER E 115 58.52 66.16 -9.90
CA SER E 115 59.34 67.11 -10.64
C SER E 115 60.65 67.33 -9.90
N VAL E 116 61.76 67.05 -10.58
CA VAL E 116 63.09 67.25 -10.04
C VAL E 116 63.72 68.44 -10.77
N THR E 117 64.43 69.28 -10.02
CA THR E 117 65.10 70.44 -10.57
C THR E 117 66.56 70.45 -10.11
N VAL E 118 67.48 70.57 -11.06
CA VAL E 118 68.90 70.61 -10.77
C VAL E 118 69.35 72.06 -10.73
N SER E 119 70.03 72.43 -9.65
CA SER E 119 70.51 73.79 -9.47
C SER E 119 71.63 73.80 -8.44
N SER E 120 72.40 74.88 -8.44
CA SER E 120 73.50 75.04 -7.50
C SER E 120 72.98 75.31 -6.10
N GLU F 1 38.30 22.47 23.00
CA GLU F 1 38.34 21.83 24.30
C GLU F 1 39.20 20.56 24.28
N VAL F 2 40.28 20.61 23.51
CA VAL F 2 41.17 19.45 23.41
C VAL F 2 42.06 19.38 24.65
N GLN F 3 42.33 18.16 25.10
CA GLN F 3 43.21 17.94 26.24
C GLN F 3 44.11 16.75 25.94
N LEU F 4 45.25 16.71 26.63
CA LEU F 4 46.24 15.67 26.40
C LEU F 4 46.82 15.25 27.74
N GLU F 5 46.70 13.96 28.07
CA GLU F 5 47.11 13.44 29.36
C GLU F 5 47.98 12.21 29.17
N GLU F 6 48.91 12.00 30.10
CA GLU F 6 49.84 10.88 30.09
C GLU F 6 49.67 10.03 31.33
N SER F 7 50.57 9.06 31.48
CA SER F 7 50.52 8.13 32.61
C SER F 7 51.19 8.76 33.83
N GLY F 8 51.45 7.96 34.85
CA GLY F 8 52.01 8.45 36.08
C GLY F 8 53.51 8.35 36.13
N PRO F 9 54.10 8.70 37.27
CA PRO F 9 55.55 8.56 37.42
C PRO F 9 56.00 7.12 37.39
N GLY F 10 57.26 6.94 37.00
CA GLY F 10 57.88 5.62 36.90
C GLY F 10 58.90 5.40 38.00
N LEU F 11 58.87 4.20 38.56
CA LEU F 11 59.80 3.76 39.59
C LEU F 11 60.49 2.54 39.00
N VAL F 12 61.66 2.77 38.41
CA VAL F 12 62.41 1.74 37.71
C VAL F 12 63.87 1.79 38.13
N GLN F 13 64.57 0.68 37.85
CA GLN F 13 65.98 0.38 38.05
C GLN F 13 66.72 0.38 36.71
N PRO F 14 68.02 0.69 36.69
CA PRO F 14 68.73 0.70 35.40
C PRO F 14 69.06 -0.71 34.93
N SER F 15 68.28 -1.22 33.97
CA SER F 15 68.43 -2.56 33.42
C SER F 15 67.31 -2.88 32.45
N GLN F 16 66.07 -2.76 32.93
CA GLN F 16 64.90 -3.23 32.21
C GLN F 16 64.35 -2.15 31.29
N SER F 17 63.15 -2.37 30.75
CA SER F 17 62.46 -1.45 29.86
C SER F 17 61.22 -0.90 30.54
N LEU F 18 60.62 0.11 29.91
CA LEU F 18 59.40 0.71 30.42
C LEU F 18 58.59 1.25 29.26
N SER F 19 57.29 1.46 29.51
CA SER F 19 56.37 1.97 28.52
C SER F 19 55.64 3.18 29.07
N ILE F 20 55.42 4.18 28.23
CA ILE F 20 54.73 5.41 28.59
C ILE F 20 53.51 5.53 27.69
N THR F 21 52.35 5.75 28.31
CA THR F 21 51.09 5.85 27.58
C THR F 21 50.69 7.31 27.42
N CYS F 22 50.48 7.72 26.18
CA CYS F 22 50.02 9.07 25.85
C CYS F 22 48.70 8.95 25.12
N THR F 23 47.65 9.55 25.69
CA THR F 23 46.29 9.44 25.17
C THR F 23 45.76 10.82 24.82
N VAL F 24 45.17 10.93 23.64
CA VAL F 24 44.57 12.19 23.18
C VAL F 24 43.06 12.06 23.27
N SER F 25 42.38 13.20 23.21
CA SER F 25 40.93 13.21 23.22
C SER F 25 40.43 14.54 22.66
N ASP F 26 39.16 14.55 22.27
CA ASP F 26 38.46 15.73 21.76
C ASP F 26 39.01 16.22 20.42
N PHE F 27 39.86 15.43 19.77
CA PHE F 27 40.30 15.73 18.41
C PHE F 27 40.76 14.44 17.75
N SER F 28 40.74 14.45 16.42
CA SER F 28 41.03 13.24 15.65
C SER F 28 42.53 13.03 15.55
N LEU F 29 43.01 11.94 16.15
CA LEU F 29 44.43 11.59 16.07
C LEU F 29 44.79 11.05 14.69
N THR F 30 43.82 10.58 13.92
CA THR F 30 44.10 9.98 12.63
C THR F 30 44.60 11.00 11.61
N THR F 31 44.54 12.30 11.93
CA THR F 31 44.97 13.34 11.01
C THR F 31 46.24 14.07 11.46
N TYR F 32 46.70 13.86 12.70
CA TYR F 32 47.88 14.53 13.20
C TYR F 32 48.81 13.52 13.87
N GLY F 33 50.10 13.87 13.89
CA GLY F 33 51.11 13.03 14.50
C GLY F 33 51.31 13.35 15.98
N VAL F 34 52.30 12.68 16.57
CA VAL F 34 52.60 12.82 17.99
C VAL F 34 54.12 12.96 18.14
N HIS F 35 54.55 13.94 18.94
CA HIS F 35 55.95 14.18 19.21
C HIS F 35 56.29 13.80 20.65
N TRP F 36 57.54 13.38 20.86
CA TRP F 36 58.04 13.01 22.18
C TRP F 36 59.31 13.79 22.47
N VAL F 37 59.34 14.48 23.60
CA VAL F 37 60.47 15.30 24.01
C VAL F 37 60.76 15.04 25.48
N ARG F 38 62.04 14.84 25.81
CA ARG F 38 62.48 14.59 27.17
C ARG F 38 63.24 15.79 27.70
N GLN F 39 63.29 15.92 29.02
CA GLN F 39 63.99 17.01 29.70
C GLN F 39 64.59 16.50 30.99
N SER F 40 65.92 16.31 30.99
CA SER F 40 66.60 15.87 32.20
C SER F 40 66.78 17.03 33.17
N PRO F 41 66.85 16.76 34.47
CA PRO F 41 67.14 17.82 35.44
C PRO F 41 68.51 18.44 35.17
N GLY F 42 68.51 19.75 34.98
CA GLY F 42 69.73 20.46 34.61
C GLY F 42 70.07 20.39 33.14
N LYS F 43 69.19 19.84 32.31
CA LYS F 43 69.43 19.71 30.88
C LYS F 43 68.20 20.21 30.13
N GLY F 44 68.43 20.66 28.90
CA GLY F 44 67.37 21.20 28.08
C GLY F 44 66.49 20.12 27.47
N LEU F 45 65.50 20.58 26.70
CA LEU F 45 64.57 19.67 26.05
C LEU F 45 65.27 18.90 24.93
N GLU F 46 65.07 17.60 24.91
CA GLU F 46 65.62 16.74 23.86
C GLU F 46 64.49 15.97 23.21
N TRP F 47 64.35 16.09 21.90
CA TRP F 47 63.31 15.38 21.16
C TRP F 47 63.76 13.96 20.86
N LEU F 48 62.86 13.00 21.09
CA LEU F 48 63.16 11.59 20.92
C LEU F 48 62.67 11.05 19.58
N GLY F 49 61.37 11.17 19.33
CA GLY F 49 60.81 10.64 18.10
C GLY F 49 59.45 11.23 17.81
N VAL F 50 58.99 10.97 16.58
CA VAL F 50 57.68 11.44 16.14
C VAL F 50 57.03 10.32 15.33
N ILE F 51 55.73 10.13 15.53
CA ILE F 51 54.94 9.14 14.83
C ILE F 51 53.85 9.85 14.04
N TRP F 52 53.60 9.39 12.83
CA TRP F 52 52.58 9.97 11.96
C TRP F 52 51.52 8.92 11.65
N SER F 53 50.28 9.39 11.43
CA SER F 53 49.15 8.49 11.24
C SER F 53 49.30 7.61 10.01
N GLY F 54 50.16 7.98 9.06
CA GLY F 54 50.38 7.18 7.87
C GLY F 54 51.34 6.04 8.10
N GLY F 55 51.53 5.65 9.36
CA GLY F 55 52.46 4.60 9.68
C GLY F 55 53.91 5.00 9.63
N SER F 56 54.22 6.28 9.73
CA SER F 56 55.58 6.77 9.68
C SER F 56 56.16 6.87 11.08
N THR F 57 57.40 6.38 11.23
CA THR F 57 58.11 6.44 12.50
C THR F 57 59.46 7.09 12.27
N ASP F 58 59.75 8.15 13.03
CA ASP F 58 61.03 8.83 12.97
C ASP F 58 61.60 8.91 14.38
N TYR F 59 62.91 8.69 14.50
CA TYR F 59 63.58 8.69 15.80
C TYR F 59 64.77 9.62 15.76
N ASN F 60 65.22 10.01 16.95
CA ASN F 60 66.41 10.84 17.08
C ASN F 60 67.66 10.02 16.76
N ALA F 61 68.75 10.73 16.46
CA ALA F 61 69.99 10.07 16.10
C ALA F 61 70.54 9.24 17.26
N ALA F 62 70.47 9.78 18.48
CA ALA F 62 71.04 9.08 19.64
C ALA F 62 70.09 8.04 20.22
N PHE F 63 68.83 8.00 19.80
CA PHE F 63 67.86 7.06 20.34
C PHE F 63 67.20 6.26 19.22
N ILE F 64 67.90 6.09 18.10
CA ILE F 64 67.31 5.38 16.97
C ILE F 64 67.13 3.90 17.28
N SER F 65 68.07 3.31 18.01
CA SER F 65 68.07 1.87 18.27
C SER F 65 67.55 1.51 19.65
N ARG F 66 66.95 2.45 20.38
CA ARG F 66 66.49 2.19 21.73
C ARG F 66 65.07 2.69 21.96
N LEU F 67 64.30 2.94 20.90
CA LEU F 67 62.96 3.50 21.03
C LEU F 67 61.97 2.69 20.20
N SER F 68 60.72 2.68 20.66
CA SER F 68 59.63 2.04 19.96
C SER F 68 58.36 2.83 20.19
N ILE F 69 57.74 3.29 19.10
CA ILE F 69 56.53 4.09 19.16
C ILE F 69 55.42 3.35 18.43
N SER F 70 54.26 3.23 19.06
CA SER F 70 53.11 2.55 18.49
C SER F 70 51.88 3.42 18.63
N LYS F 71 51.02 3.36 17.63
CA LYS F 71 49.77 4.12 17.61
C LYS F 71 48.60 3.18 17.44
N ASP F 72 47.52 3.44 18.18
CA ASP F 72 46.28 2.68 18.08
C ASP F 72 45.11 3.65 17.98
N ASN F 73 44.50 3.72 16.80
CA ASN F 73 43.37 4.62 16.60
C ASN F 73 42.07 4.10 17.18
N SER F 74 42.04 2.83 17.63
CA SER F 74 40.83 2.30 18.24
C SER F 74 40.47 3.04 19.51
N LYS F 75 41.47 3.35 20.35
CA LYS F 75 41.25 4.09 21.58
C LYS F 75 42.06 5.39 21.63
N SER F 76 42.74 5.74 20.54
CA SER F 76 43.53 6.97 20.44
C SER F 76 44.60 7.01 21.55
N GLN F 77 45.48 6.02 21.51
CA GLN F 77 46.54 5.87 22.50
C GLN F 77 47.88 5.72 21.80
N VAL F 78 48.91 6.35 22.37
CA VAL F 78 50.26 6.29 21.85
C VAL F 78 51.14 5.61 22.90
N PHE F 79 51.84 4.56 22.50
CA PHE F 79 52.71 3.80 23.39
C PHE F 79 54.16 4.10 23.06
N PHE F 80 54.91 4.53 24.07
CA PHE F 80 56.32 4.91 23.94
C PHE F 80 57.15 3.95 24.79
N LYS F 81 57.84 3.03 24.13
CA LYS F 81 58.64 2.02 24.80
C LYS F 81 60.11 2.30 24.57
N MET F 82 60.90 2.25 25.64
CA MET F 82 62.34 2.44 25.58
C MET F 82 63.02 1.35 26.38
N ASN F 83 64.26 1.03 26.00
CA ASN F 83 65.04 0.00 26.66
C ASN F 83 66.40 0.56 27.04
N SER F 84 67.21 -0.28 27.68
CA SER F 84 68.56 0.09 28.14
C SER F 84 68.49 1.29 29.08
N LEU F 85 67.79 1.09 30.19
CA LEU F 85 67.65 2.15 31.19
C LEU F 85 68.99 2.44 31.86
N GLN F 86 69.30 3.72 32.04
CA GLN F 86 70.52 4.17 32.67
C GLN F 86 70.20 5.19 33.74
N THR F 87 71.22 5.58 34.50
CA THR F 87 71.02 6.55 35.57
C THR F 87 70.58 7.90 35.01
N ASN F 88 71.14 8.31 33.87
CA ASN F 88 70.79 9.58 33.26
C ASN F 88 69.38 9.58 32.68
N ASP F 89 68.73 8.42 32.57
CA ASP F 89 67.38 8.35 32.02
C ASP F 89 66.35 9.03 32.91
N THR F 90 66.70 9.34 34.16
CA THR F 90 65.78 10.07 35.04
C THR F 90 65.51 11.46 34.47
N ALA F 91 64.29 11.69 34.00
CA ALA F 91 63.95 12.93 33.32
C ALA F 91 62.43 13.05 33.28
N ILE F 92 61.95 14.07 32.57
CA ILE F 92 60.53 14.29 32.33
C ILE F 92 60.28 14.19 30.83
N TYR F 93 59.39 13.29 30.44
CA TYR F 93 59.12 13.00 29.04
C TYR F 93 57.78 13.59 28.64
N TYR F 94 57.80 14.47 27.64
CA TYR F 94 56.60 15.15 27.16
C TYR F 94 56.12 14.52 25.86
N CYS F 95 54.83 14.26 25.78
CA CYS F 95 54.18 13.86 24.52
C CYS F 95 53.30 15.01 24.06
N ALA F 96 53.28 15.26 22.75
CA ALA F 96 52.54 16.36 22.17
C ALA F 96 52.13 16.00 20.76
N ARG F 97 51.13 16.72 20.24
CA ARG F 97 50.56 16.44 18.93
C ARG F 97 51.25 17.27 17.85
N MET F 98 51.06 16.84 16.60
CA MET F 98 51.66 17.52 15.46
C MET F 98 50.67 18.51 14.87
N GLY F 99 51.12 19.75 14.68
CA GLY F 99 50.28 20.80 14.15
C GLY F 99 50.37 20.92 12.63
N ASP F 100 49.36 21.55 12.05
CA ASP F 100 49.34 21.77 10.61
C ASP F 100 50.36 22.82 10.21
N GLY F 101 50.93 22.63 9.01
CA GLY F 101 51.94 23.56 8.52
C GLY F 101 53.16 22.85 7.98
N TYR F 102 54.33 23.19 8.50
CA TYR F 102 55.58 22.58 8.07
C TYR F 102 56.04 21.53 9.08
N TYR F 103 57.01 20.72 8.66
CA TYR F 103 57.44 19.59 9.46
C TYR F 103 58.06 20.04 10.78
N VAL F 104 58.87 21.09 10.75
CA VAL F 104 59.43 21.68 11.96
C VAL F 104 58.63 22.93 12.31
N GLY F 105 58.24 23.04 13.57
CA GLY F 105 57.33 24.09 14.01
C GLY F 105 55.93 23.56 14.22
N ALA F 106 54.92 24.42 13.96
CA ALA F 106 53.52 24.04 14.13
C ALA F 106 53.25 23.55 15.54
N MET F 107 53.89 24.21 16.50
CA MET F 107 53.83 23.81 17.91
C MET F 107 52.76 24.67 18.57
N ASP F 108 51.53 24.17 18.56
CA ASP F 108 50.40 24.93 19.10
C ASP F 108 50.29 24.76 20.61
N TYR F 109 50.18 23.52 21.08
CA TYR F 109 50.13 23.23 22.51
C TYR F 109 50.85 21.91 22.76
N TRP F 110 50.80 21.46 24.01
CA TRP F 110 51.59 20.32 24.45
C TRP F 110 50.78 19.56 25.50
N GLY F 111 51.45 18.66 26.21
CA GLY F 111 50.84 17.93 27.30
C GLY F 111 51.82 17.74 28.43
N GLN F 112 51.30 17.74 29.65
CA GLN F 112 52.13 17.54 30.82
C GLN F 112 52.69 16.12 30.84
N GLY F 113 53.99 16.00 31.14
CA GLY F 113 54.69 14.74 31.03
C GLY F 113 54.76 13.97 32.34
N THR F 114 55.43 12.81 32.25
CA THR F 114 55.63 11.93 33.38
C THR F 114 57.04 12.04 33.91
N SER F 115 57.20 11.79 35.22
CA SER F 115 58.50 11.87 35.88
C SER F 115 59.01 10.45 36.10
N VAL F 116 60.04 10.06 35.36
CA VAL F 116 60.65 8.75 35.46
C VAL F 116 61.89 8.89 36.33
N THR F 117 61.96 8.09 37.39
CA THR F 117 63.09 8.08 38.32
C THR F 117 63.82 6.75 38.18
N VAL F 118 65.12 6.81 37.91
CA VAL F 118 65.95 5.63 37.73
C VAL F 118 67.07 5.68 38.75
N SER F 119 67.18 4.62 39.55
CA SER F 119 68.22 4.54 40.57
C SER F 119 68.45 3.08 40.91
N SER F 120 69.58 2.82 41.55
CA SER F 120 69.93 1.46 41.96
C SER F 120 69.62 1.23 43.43
N ASP G 1 -28.64 88.63 -10.55
CA ASP G 1 -27.74 88.31 -11.65
C ASP G 1 -26.45 87.69 -11.13
N ILE G 2 -25.35 88.42 -11.24
CA ILE G 2 -24.05 87.98 -10.73
C ILE G 2 -23.46 89.14 -9.96
N VAL G 3 -23.51 89.06 -8.63
CA VAL G 3 -23.01 90.11 -7.74
C VAL G 3 -22.62 89.46 -6.42
N MET G 4 -21.53 89.93 -5.83
CA MET G 4 -21.03 89.29 -4.63
C MET G 4 -20.21 90.27 -3.82
N THR G 5 -20.45 90.28 -2.50
CA THR G 5 -19.82 91.22 -1.59
C THR G 5 -19.34 90.59 -0.29
N GLN G 6 -19.84 89.40 0.07
CA GLN G 6 -19.52 88.67 1.31
C GLN G 6 -19.38 89.60 2.53
N SER G 7 -20.28 90.58 2.59
CA SER G 7 -20.66 91.32 3.80
C SER G 7 -19.58 92.24 4.37
N GLN G 8 -18.39 92.29 3.77
CA GLN G 8 -17.35 93.14 4.34
C GLN G 8 -16.29 93.43 3.28
N LYS G 9 -15.52 94.49 3.53
CA LYS G 9 -14.37 94.87 2.73
C LYS G 9 -13.04 94.58 3.42
N PHE G 10 -12.97 94.77 4.74
CA PHE G 10 -11.78 94.41 5.49
C PHE G 10 -12.18 94.09 6.92
N MET G 11 -11.52 93.10 7.52
CA MET G 11 -11.77 92.70 8.89
C MET G 11 -10.53 92.95 9.74
N SER G 12 -10.76 93.28 11.01
CA SER G 12 -9.67 93.53 11.95
C SER G 12 -9.94 92.82 13.26
N THR G 13 -8.98 92.03 13.71
CA THR G 13 -9.04 91.35 15.00
C THR G 13 -7.71 91.53 15.71
N SER G 14 -7.75 91.84 17.00
CA SER G 14 -6.52 92.20 17.70
C SER G 14 -5.74 90.97 18.15
N VAL G 15 -6.29 90.21 19.10
CA VAL G 15 -5.60 89.07 19.71
C VAL G 15 -6.61 88.03 20.18
N GLY G 16 -6.41 86.78 19.79
CA GLY G 16 -7.12 85.68 20.41
C GLY G 16 -8.55 85.45 19.97
N ASP G 17 -9.24 86.52 19.57
CA ASP G 17 -10.64 86.39 19.18
C ASP G 17 -10.77 85.57 17.91
N ARG G 18 -11.77 84.69 17.89
CA ARG G 18 -11.98 83.84 16.73
C ARG G 18 -12.41 84.67 15.53
N VAL G 19 -11.95 84.26 14.36
CA VAL G 19 -12.20 84.99 13.11
C VAL G 19 -13.11 84.15 12.23
N SER G 20 -14.09 84.81 11.61
CA SER G 20 -15.03 84.15 10.74
C SER G 20 -15.44 85.10 9.63
N VAL G 21 -15.95 84.54 8.54
CA VAL G 21 -16.33 85.32 7.36
C VAL G 21 -17.30 84.48 6.54
N THR G 22 -18.28 85.16 5.95
CA THR G 22 -19.30 84.51 5.14
C THR G 22 -18.91 84.60 3.66
N CYS G 23 -19.59 83.81 2.85
CA CYS G 23 -19.34 83.76 1.41
C CYS G 23 -20.69 83.82 0.69
N LYS G 24 -21.53 84.76 1.12
CA LYS G 24 -22.93 84.86 0.73
C LYS G 24 -23.11 84.83 -0.79
N SER G 25 -24.22 84.24 -1.22
CA SER G 25 -24.54 84.07 -2.63
C SER G 25 -25.73 84.94 -3.02
N SER G 26 -25.88 85.13 -4.34
CA SER G 26 -27.00 85.85 -4.92
C SER G 26 -28.23 84.94 -4.99
N GLN G 27 -29.22 85.32 -5.80
CA GLN G 27 -30.37 84.46 -6.05
C GLN G 27 -29.91 83.04 -6.37
N ASN G 28 -30.78 82.07 -6.07
CA ASN G 28 -30.43 80.66 -5.97
C ASN G 28 -29.48 80.20 -7.08
N VAL G 29 -28.32 79.69 -6.68
CA VAL G 29 -27.31 79.20 -7.61
C VAL G 29 -26.94 77.77 -7.24
N GLY G 30 -27.07 77.43 -5.97
CA GLY G 30 -26.69 76.13 -5.46
C GLY G 30 -25.76 76.25 -4.26
N THR G 31 -25.25 75.10 -3.84
CA THR G 31 -24.36 75.02 -2.67
C THR G 31 -23.12 74.20 -3.04
N ASN G 32 -22.12 74.89 -3.59
CA ASN G 32 -20.79 74.31 -3.77
C ASN G 32 -19.80 75.46 -3.94
N VAL G 33 -18.96 75.67 -2.91
CA VAL G 33 -18.01 76.78 -2.90
C VAL G 33 -16.68 76.28 -2.35
N ALA G 34 -15.68 77.15 -2.43
CA ALA G 34 -14.36 76.89 -1.87
C ALA G 34 -13.74 78.23 -1.50
N TRP G 35 -12.75 78.19 -0.61
CA TRP G 35 -12.05 79.38 -0.17
C TRP G 35 -10.57 79.26 -0.48
N TYR G 36 -9.92 80.40 -0.67
CA TYR G 36 -8.51 80.45 -1.03
C TYR G 36 -7.74 81.37 -0.10
N GLN G 37 -6.55 80.94 0.30
CA GLN G 37 -5.65 81.73 1.12
C GLN G 37 -4.57 82.36 0.25
N GLN G 38 -4.32 83.65 0.47
CA GLN G 38 -3.37 84.40 -0.36
C GLN G 38 -2.46 85.22 0.54
N LYS G 39 -1.28 84.66 0.85
CA LYS G 39 -0.24 85.46 1.49
C LYS G 39 0.30 86.47 0.47
N PRO G 40 0.77 87.63 0.94
CA PRO G 40 1.13 88.70 0.01
C PRO G 40 2.39 88.44 -0.80
N GLY G 41 2.28 87.73 -1.91
CA GLY G 41 3.40 87.62 -2.83
C GLY G 41 3.61 86.30 -3.55
N GLN G 42 3.15 85.19 -2.98
CA GLN G 42 3.37 83.88 -3.58
C GLN G 42 2.06 83.34 -4.17
N SER G 43 2.13 82.12 -4.69
CA SER G 43 0.98 81.50 -5.33
C SER G 43 -0.14 81.28 -4.33
N PRO G 44 -1.40 81.27 -4.78
CA PRO G 44 -2.53 81.09 -3.86
C PRO G 44 -2.55 79.72 -3.19
N LYS G 45 -3.48 79.53 -2.26
CA LYS G 45 -3.60 78.28 -1.54
C LYS G 45 -5.05 78.10 -1.11
N ALA G 46 -5.61 76.93 -1.38
CA ALA G 46 -7.01 76.68 -1.06
C ALA G 46 -7.21 76.59 0.45
N LEU G 47 -8.25 77.26 0.94
CA LEU G 47 -8.52 77.31 2.37
C LEU G 47 -9.54 76.26 2.81
N ILE G 48 -10.75 76.28 2.23
CA ILE G 48 -11.79 75.33 2.56
C ILE G 48 -12.40 74.82 1.26
N TYR G 49 -13.09 73.68 1.36
CA TYR G 49 -13.69 73.01 0.22
C TYR G 49 -15.10 72.56 0.57
N SER G 50 -16.07 72.98 -0.26
CA SER G 50 -17.47 72.57 -0.13
C SER G 50 -18.09 72.97 1.20
N ALA G 51 -17.44 73.90 1.91
CA ALA G 51 -17.94 74.52 3.13
C ALA G 51 -17.97 73.56 4.31
N SER G 52 -17.69 72.28 4.07
CA SER G 52 -17.51 71.30 5.15
C SER G 52 -16.63 70.18 4.61
N TYR G 53 -15.34 70.26 4.92
CA TYR G 53 -14.36 69.28 4.46
C TYR G 53 -13.02 69.64 5.09
N ARG G 54 -12.05 68.74 4.99
CA ARG G 54 -10.76 68.93 5.62
C ARG G 54 -9.64 68.63 4.63
N TYR G 55 -8.56 69.41 4.73
CA TYR G 55 -7.43 69.31 3.82
C TYR G 55 -6.31 68.51 4.48
N SER G 56 -5.89 67.42 3.84
CA SER G 56 -4.81 66.61 4.39
C SER G 56 -3.48 67.34 4.37
N GLY G 57 -3.30 68.32 3.50
CA GLY G 57 -2.08 69.09 3.40
C GLY G 57 -1.98 70.30 4.29
N VAL G 58 -2.95 70.49 5.19
CA VAL G 58 -2.98 71.65 6.08
C VAL G 58 -3.09 71.14 7.52
N PRO G 59 -2.46 71.82 8.50
CA PRO G 59 -2.68 71.42 9.90
C PRO G 59 -4.09 71.77 10.35
N ASP G 60 -5.03 70.90 10.00
CA ASP G 60 -6.46 71.21 10.08
C ASP G 60 -6.90 71.36 11.54
N HIS G 61 -7.15 72.60 11.94
CA HIS G 61 -8.00 72.92 13.09
C HIS G 61 -8.98 73.95 12.56
N PHE G 62 -10.02 73.47 11.89
CA PHE G 62 -10.85 74.31 11.04
C PHE G 62 -12.31 73.94 11.22
N THR G 63 -13.19 74.85 10.80
CA THR G 63 -14.63 74.62 10.81
C THR G 63 -15.26 75.38 9.66
N GLY G 64 -16.23 74.75 9.02
CA GLY G 64 -16.96 75.36 7.91
C GLY G 64 -18.31 75.88 8.34
N SER G 65 -19.34 75.55 7.56
CA SER G 65 -20.70 75.97 7.85
C SER G 65 -21.67 75.05 7.11
N GLY G 66 -22.94 75.43 7.11
CA GLY G 66 -23.98 74.62 6.52
C GLY G 66 -24.18 74.83 5.03
N SER G 67 -25.44 74.89 4.59
CA SER G 67 -25.77 74.95 3.18
C SER G 67 -26.91 75.95 3.00
N GLY G 68 -27.51 75.95 1.81
CA GLY G 68 -28.60 76.85 1.50
C GLY G 68 -28.21 77.91 0.50
N THR G 69 -28.87 79.07 0.58
CA THR G 69 -28.54 80.21 -0.26
C THR G 69 -27.47 81.11 0.35
N ASP G 70 -26.94 80.75 1.52
CA ASP G 70 -25.94 81.56 2.19
C ASP G 70 -24.76 80.67 2.58
N PHE G 71 -23.64 81.28 2.97
CA PHE G 71 -22.44 80.53 3.31
C PHE G 71 -21.75 81.21 4.48
N THR G 72 -20.82 80.50 5.10
CA THR G 72 -20.04 81.02 6.21
C THR G 72 -18.77 80.19 6.32
N LEU G 73 -17.73 80.79 6.89
CA LEU G 73 -16.46 80.09 7.10
C LEU G 73 -15.83 80.59 8.39
N THR G 74 -15.15 79.69 9.10
CA THR G 74 -14.47 80.00 10.34
C THR G 74 -13.04 79.47 10.28
N ILE G 75 -12.11 80.25 10.86
CA ILE G 75 -10.70 79.90 10.88
C ILE G 75 -10.31 79.59 12.32
N SER G 76 -9.14 78.97 12.48
CA SER G 76 -8.70 78.45 13.77
C SER G 76 -8.63 79.52 14.85
N ASN G 77 -7.72 80.47 14.70
CA ASN G 77 -7.43 81.48 15.72
C ASN G 77 -6.50 82.52 15.09
N VAL G 78 -6.04 83.46 15.90
CA VAL G 78 -5.15 84.52 15.45
C VAL G 78 -3.75 84.15 15.91
N GLN G 79 -2.99 83.51 15.03
CA GLN G 79 -1.58 83.24 15.27
C GLN G 79 -0.75 84.37 14.66
N SER G 80 0.56 84.16 14.56
CA SER G 80 1.47 85.17 14.03
C SER G 80 1.63 85.10 12.52
N ALA G 81 0.93 84.19 11.85
CA ALA G 81 1.02 84.03 10.41
C ALA G 81 -0.37 83.92 9.78
N ASP G 82 -1.28 84.80 10.17
CA ASP G 82 -2.64 84.79 9.65
C ASP G 82 -3.01 86.01 8.84
N LEU G 83 -2.22 87.08 8.91
CA LEU G 83 -2.50 88.30 8.17
C LEU G 83 -2.25 88.06 6.68
N ALA G 84 -3.31 87.97 5.89
CA ALA G 84 -3.21 87.69 4.46
C ALA G 84 -4.55 88.02 3.80
N GLU G 85 -4.66 87.67 2.52
CA GLU G 85 -5.86 87.91 1.73
C GLU G 85 -6.69 86.64 1.62
N TYR G 86 -8.01 86.81 1.69
CA TYR G 86 -8.94 85.69 1.61
C TYR G 86 -9.83 85.87 0.38
N PHE G 87 -10.18 84.75 -0.25
CA PHE G 87 -11.09 84.72 -1.38
C PHE G 87 -11.91 83.43 -1.32
N CYS G 88 -13.14 83.48 -1.82
CA CYS G 88 -13.93 82.26 -1.98
C CYS G 88 -14.48 82.15 -3.40
N GLN G 89 -15.07 80.98 -3.69
CA GLN G 89 -15.29 80.50 -5.04
C GLN G 89 -16.77 80.34 -5.30
N GLN G 90 -17.16 80.50 -6.57
CA GLN G 90 -18.55 80.30 -7.02
C GLN G 90 -18.47 79.61 -8.38
N TYR G 91 -18.71 78.31 -8.39
CA TYR G 91 -18.62 77.50 -9.61
C TYR G 91 -19.88 76.64 -9.75
N ASN G 92 -20.95 77.26 -10.27
CA ASN G 92 -22.10 76.49 -10.72
C ASN G 92 -22.32 76.72 -12.20
N ASN G 93 -22.44 77.98 -12.59
CA ASN G 93 -22.43 78.33 -14.01
C ASN G 93 -21.00 78.44 -14.50
N TYR G 94 -20.79 78.22 -15.79
CA TYR G 94 -19.42 78.18 -16.32
C TYR G 94 -18.67 79.48 -16.14
N PRO G 95 -19.26 80.68 -16.36
CA PRO G 95 -18.52 81.92 -16.07
C PRO G 95 -18.29 82.11 -14.57
N TRP G 96 -17.32 81.38 -14.02
CA TRP G 96 -17.02 81.49 -12.61
C TRP G 96 -16.67 82.92 -12.23
N THR G 97 -17.28 83.41 -11.16
CA THR G 97 -17.09 84.78 -10.71
C THR G 97 -16.58 84.78 -9.28
N PHE G 98 -15.52 85.55 -9.04
CA PHE G 98 -14.94 85.69 -7.71
C PHE G 98 -15.42 86.97 -7.05
N GLY G 99 -15.14 87.08 -5.74
CA GLY G 99 -15.50 88.25 -4.98
C GLY G 99 -14.27 89.09 -4.64
N GLY G 100 -14.54 90.25 -4.04
CA GLY G 100 -13.48 91.16 -3.66
C GLY G 100 -12.58 90.64 -2.56
N GLY G 101 -12.97 89.54 -1.93
CA GLY G 101 -12.28 89.01 -0.78
C GLY G 101 -12.48 89.86 0.46
N THR G 102 -11.69 89.55 1.49
CA THR G 102 -11.66 90.35 2.70
C THR G 102 -10.30 90.15 3.35
N LYS G 103 -9.61 91.25 3.60
CA LYS G 103 -8.22 91.21 4.05
C LYS G 103 -8.16 91.46 5.55
N LEU G 104 -7.54 90.54 6.27
CA LEU G 104 -7.50 90.54 7.73
C LEU G 104 -6.21 91.19 8.21
N GLU G 105 -6.33 92.07 9.20
CA GLU G 105 -5.19 92.70 9.83
C GLU G 105 -5.17 92.36 11.31
N ILE G 106 -4.01 91.98 11.82
CA ILE G 106 -3.86 91.81 13.26
C ILE G 106 -3.89 93.20 13.89
N LYS G 107 -5.01 93.53 14.54
CA LYS G 107 -5.22 94.88 15.03
C LYS G 107 -4.33 95.15 16.23
N ARG G 108 -3.10 95.58 15.97
CA ARG G 108 -2.14 95.88 17.03
C ARG G 108 -2.58 97.13 17.77
N THR G 109 -2.67 97.03 19.10
CA THR G 109 -3.07 98.16 19.92
C THR G 109 -1.84 98.86 20.49
N VAL G 110 -2.07 99.86 21.33
CA VAL G 110 -0.99 100.62 21.94
C VAL G 110 -0.30 99.78 23.01
N ASP H 1 40.63 56.95 62.43
CA ASP H 1 39.30 57.46 62.15
C ASP H 1 39.07 57.56 60.65
N ILE H 2 38.99 58.78 60.14
CA ILE H 2 38.82 59.04 58.71
C ILE H 2 39.83 60.11 58.32
N VAL H 3 40.91 59.70 57.67
CA VAL H 3 41.98 60.59 57.27
C VAL H 3 42.67 59.97 56.06
N MET H 4 43.05 60.82 55.11
CA MET H 4 43.60 60.31 53.87
C MET H 4 44.50 61.35 53.22
N THR H 5 45.67 60.91 52.76
CA THR H 5 46.69 61.79 52.19
C THR H 5 47.34 61.24 50.92
N GLN H 6 47.24 59.93 50.66
CA GLN H 6 47.84 59.23 49.52
C GLN H 6 49.25 59.75 49.17
N SER H 7 50.02 60.03 50.22
CA SER H 7 51.48 60.11 50.21
C SER H 7 52.07 61.31 49.46
N GLN H 8 51.23 62.15 48.84
CA GLN H 8 51.79 63.26 48.10
C GLN H 8 50.72 64.34 47.92
N LYS H 9 51.19 65.55 47.62
CA LYS H 9 50.35 66.69 47.27
C LYS H 9 50.39 67.04 45.79
N PHE H 10 51.56 66.92 45.15
CA PHE H 10 51.67 67.11 43.71
C PHE H 10 52.84 66.28 43.20
N MET H 11 52.69 65.73 42.00
CA MET H 11 53.73 64.94 41.36
C MET H 11 54.18 65.63 40.08
N SER H 12 55.46 65.46 39.75
CA SER H 12 56.04 66.04 38.55
C SER H 12 56.89 65.01 37.83
N THR H 13 56.61 64.81 36.54
CA THR H 13 57.39 63.93 35.69
C THR H 13 57.66 64.65 34.37
N SER H 14 58.89 64.56 33.89
CA SER H 14 59.29 65.37 32.74
C SER H 14 58.86 64.71 31.43
N VAL H 15 59.47 63.58 31.08
CA VAL H 15 59.24 62.91 29.80
C VAL H 15 59.46 61.41 29.94
N GLY H 16 58.50 60.62 29.48
CA GLY H 16 58.71 59.19 29.28
C GLY H 16 58.67 58.33 30.52
N ASP H 17 59.04 58.89 31.68
CA ASP H 17 59.07 58.10 32.90
C ASP H 17 57.67 57.68 33.30
N ARG H 18 57.54 56.43 33.73
CA ARG H 18 56.25 55.90 34.14
C ARG H 18 55.75 56.61 35.39
N VAL H 19 54.44 56.83 35.46
CA VAL H 19 53.81 57.57 36.55
C VAL H 19 52.96 56.60 37.37
N SER H 20 53.05 56.73 38.69
CA SER H 20 52.29 55.89 39.59
C SER H 20 51.93 56.69 40.84
N VAL H 21 50.90 56.22 41.54
CA VAL H 21 50.40 56.91 42.72
C VAL H 21 49.61 55.90 43.55
N THR H 22 49.73 56.02 44.87
CA THR H 22 49.05 55.14 45.80
C THR H 22 47.75 55.78 46.27
N CYS H 23 46.90 54.96 46.89
CA CYS H 23 45.61 55.40 47.39
C CYS H 23 45.43 54.87 48.81
N LYS H 24 46.48 55.05 49.62
CA LYS H 24 46.61 54.44 50.94
C LYS H 24 45.38 54.68 51.81
N SER H 25 45.08 53.69 52.66
CA SER H 25 43.93 53.72 53.53
C SER H 25 44.36 53.84 54.99
N SER H 26 43.39 54.22 55.83
CA SER H 26 43.57 54.31 57.27
C SER H 26 43.46 52.92 57.90
N GLN H 27 43.25 52.86 59.21
CA GLN H 27 43.00 51.60 59.89
C GLN H 27 41.93 50.80 59.14
N ASN H 28 41.99 49.48 59.28
CA ASN H 28 41.32 48.53 58.41
C ASN H 28 39.90 48.96 58.04
N VAL H 29 39.66 49.11 56.74
CA VAL H 29 38.35 49.50 56.22
C VAL H 29 37.88 48.48 55.19
N GLY H 30 38.83 47.83 54.52
CA GLY H 30 38.54 46.89 53.46
C GLY H 30 39.32 47.22 52.21
N THR H 31 38.99 46.49 51.14
CA THR H 31 39.66 46.63 49.85
C THR H 31 38.60 46.77 48.75
N ASN H 32 38.16 48.00 48.51
CA ASN H 32 37.35 48.33 47.34
C ASN H 32 37.45 49.83 47.10
N VAL H 33 38.14 50.22 46.05
CA VAL H 33 38.38 51.63 45.73
C VAL H 33 38.21 51.85 44.24
N ALA H 34 38.25 53.12 43.85
CA ALA H 34 38.21 53.52 42.45
C ALA H 34 38.95 54.84 42.31
N TRP H 35 39.39 55.14 41.09
CA TRP H 35 40.09 56.38 40.80
C TRP H 35 39.33 57.18 39.75
N TYR H 36 39.51 58.49 39.79
CA TYR H 36 38.80 59.41 38.90
C TYR H 36 39.79 60.34 38.21
N GLN H 37 39.56 60.58 36.93
CA GLN H 37 40.34 61.51 36.13
C GLN H 37 39.58 62.82 35.98
N GLN H 38 40.29 63.93 36.18
CA GLN H 38 39.66 65.25 36.15
C GLN H 38 40.51 66.20 35.32
N LYS H 39 40.18 66.34 34.05
CA LYS H 39 40.75 67.40 33.24
C LYS H 39 40.21 68.74 33.71
N PRO H 40 41.00 69.82 33.57
CA PRO H 40 40.61 71.10 34.18
C PRO H 40 39.44 71.78 33.50
N GLY H 41 38.21 71.42 33.86
CA GLY H 41 37.06 72.18 33.40
C GLY H 41 35.79 71.43 33.07
N GLN H 42 35.89 70.15 32.72
CA GLN H 42 34.72 69.37 32.32
C GLN H 42 34.37 68.36 33.41
N SER H 43 33.34 67.55 33.14
CA SER H 43 32.87 66.57 34.09
C SER H 43 33.94 65.52 34.37
N PRO H 44 33.93 64.93 35.58
CA PRO H 44 34.95 63.93 35.92
C PRO H 44 34.88 62.68 35.07
N LYS H 45 35.85 61.78 35.26
CA LYS H 45 35.92 60.54 34.49
C LYS H 45 36.63 59.49 35.34
N ALA H 46 36.03 58.31 35.44
CA ALA H 46 36.60 57.25 36.27
C ALA H 46 37.87 56.71 35.63
N LEU H 47 38.91 56.55 36.46
CA LEU H 47 40.21 56.10 35.99
C LEU H 47 40.39 54.59 36.15
N ILE H 48 40.27 54.07 37.38
CA ILE H 48 40.42 52.65 37.64
C ILE H 48 39.28 52.20 38.56
N TYR H 49 39.05 50.89 38.60
CA TYR H 49 37.95 50.31 39.36
C TYR H 49 38.47 49.08 40.10
N SER H 50 38.26 49.07 41.42
CA SER H 50 38.59 47.92 42.28
C SER H 50 40.08 47.59 42.26
N ALA H 51 40.91 48.52 41.78
CA ALA H 51 42.37 48.43 41.81
C ALA H 51 42.91 47.36 40.87
N SER H 52 42.03 46.57 40.26
CA SER H 52 42.44 45.63 39.21
C SER H 52 41.21 45.36 38.35
N TYR H 53 41.12 46.08 37.23
CA TYR H 53 39.99 45.95 36.31
C TYR H 53 40.29 46.84 35.10
N ARG H 54 39.48 46.68 34.05
CA ARG H 54 39.72 47.41 32.80
C ARG H 54 38.42 48.04 32.31
N TYR H 55 38.54 49.23 31.74
CA TYR H 55 37.40 50.00 31.27
C TYR H 55 37.24 49.83 29.76
N SER H 56 36.08 49.35 29.33
CA SER H 56 35.85 49.18 27.89
C SER H 56 35.76 50.51 27.15
N GLY H 57 35.45 51.59 27.85
CA GLY H 57 35.34 52.91 27.25
C GLY H 57 36.62 53.71 27.20
N VAL H 58 37.75 53.11 27.59
CA VAL H 58 39.03 53.80 27.63
C VAL H 58 40.03 52.99 26.80
N PRO H 59 40.98 53.63 26.10
CA PRO H 59 42.03 52.87 25.43
C PRO H 59 42.99 52.25 26.43
N ASP H 60 42.58 51.12 26.99
CA ASP H 60 43.21 50.54 28.17
C ASP H 60 44.63 50.08 27.85
N HIS H 61 45.62 50.82 28.34
CA HIS H 61 46.97 50.33 28.55
C HIS H 61 47.30 50.73 29.98
N PHE H 62 46.82 49.92 30.93
CA PHE H 62 46.76 50.34 32.33
C PHE H 62 47.17 49.19 33.22
N THR H 63 47.50 49.52 34.47
CA THR H 63 47.83 48.53 35.48
C THR H 63 47.41 49.05 36.84
N GLY H 64 46.88 48.16 37.66
CA GLY H 64 46.44 48.50 39.01
C GLY H 64 47.44 48.07 40.06
N SER H 65 46.95 47.41 41.10
CA SER H 65 47.80 46.92 42.18
C SER H 65 47.04 45.83 42.93
N GLY H 66 47.60 45.42 44.07
CA GLY H 66 47.03 44.34 44.85
C GLY H 66 45.95 44.75 45.82
N SER H 67 45.99 44.19 47.03
CA SER H 67 44.94 44.40 48.02
C SER H 67 45.59 44.60 49.38
N GLY H 68 44.77 44.54 50.43
CA GLY H 68 45.25 44.73 51.79
C GLY H 68 44.79 46.03 52.40
N THR H 69 45.59 46.57 53.32
CA THR H 69 45.31 47.86 53.94
C THR H 69 45.92 49.02 53.16
N ASP H 70 46.58 48.74 52.03
CA ASP H 70 47.21 49.79 51.23
C ASP H 70 46.77 49.65 49.78
N PHE H 71 47.04 50.67 48.97
CA PHE H 71 46.63 50.65 47.57
C PHE H 71 47.72 51.31 46.74
N THR H 72 47.62 51.11 45.42
CA THR H 72 48.56 51.69 44.47
C THR H 72 47.89 51.70 43.11
N LEU H 73 48.33 52.64 42.26
CA LEU H 73 47.81 52.74 40.90
C LEU H 73 48.93 53.17 39.97
N THR H 74 48.89 52.67 38.74
CA THR H 74 49.87 53.00 37.72
C THR H 74 49.15 53.40 36.43
N ILE H 75 49.72 54.38 35.73
CA ILE H 75 49.16 54.89 34.49
C ILE H 75 50.10 54.51 33.36
N SER H 76 49.60 54.63 32.13
CA SER H 76 50.30 54.17 30.93
C SER H 76 51.68 54.80 30.77
N ASN H 77 51.72 56.10 30.51
CA ASN H 77 52.96 56.82 30.19
C ASN H 77 52.63 58.30 30.19
N VAL H 78 53.60 59.12 29.80
CA VAL H 78 53.44 60.57 29.76
C VAL H 78 53.25 60.95 28.29
N GLN H 79 51.99 61.07 27.89
CA GLN H 79 51.64 61.59 26.58
C GLN H 79 51.41 63.09 26.68
N SER H 80 50.84 63.68 25.63
CA SER H 80 50.59 65.12 25.59
C SER H 80 49.25 65.51 26.18
N ALA H 81 48.48 64.56 26.71
CA ALA H 81 47.17 64.84 27.28
C ALA H 81 47.01 64.12 28.61
N ASP H 82 48.02 64.22 29.48
CA ASP H 82 47.98 63.56 30.78
C ASP H 82 47.98 64.53 31.96
N LEU H 83 48.30 65.81 31.74
CA LEU H 83 48.33 66.80 32.81
C LEU H 83 46.90 67.10 33.25
N ALA H 84 46.51 66.62 34.42
CA ALA H 84 45.15 66.80 34.94
C ALA H 84 45.16 66.47 36.43
N GLU H 85 43.96 66.43 37.01
CA GLU H 85 43.77 66.14 38.42
C GLU H 85 43.34 64.70 38.62
N TYR H 86 43.86 64.09 39.67
CA TYR H 86 43.57 62.70 40.01
C TYR H 86 42.89 62.64 41.36
N PHE H 87 41.95 61.71 41.51
CA PHE H 87 41.25 61.43 42.76
C PHE H 87 40.96 59.95 42.86
N CYS H 88 40.93 59.42 44.08
CA CYS H 88 40.47 58.05 44.29
C CYS H 88 39.39 58.00 45.37
N GLN H 89 38.80 56.81 45.50
CA GLN H 89 37.51 56.63 46.15
C GLN H 89 37.66 55.74 47.38
N GLN H 90 36.78 55.95 48.37
CA GLN H 90 36.73 55.12 49.58
C GLN H 90 35.25 54.94 49.93
N TYR H 91 34.72 53.77 49.60
CA TYR H 91 33.30 53.48 49.82
C TYR H 91 33.15 52.13 50.52
N ASN H 92 33.33 52.14 51.85
CA ASN H 92 32.93 50.99 52.66
C ASN H 92 31.87 51.41 53.66
N ASN H 93 32.16 52.45 54.44
CA ASN H 93 31.13 53.06 55.26
C ASN H 93 30.36 54.07 54.44
N TYR H 94 29.11 54.32 54.84
CA TYR H 94 28.24 55.16 54.02
C TYR H 94 28.76 56.59 53.87
N PRO H 95 29.31 57.26 54.90
CA PRO H 95 29.91 58.58 54.67
C PRO H 95 31.18 58.51 53.84
N TRP H 96 31.01 58.34 52.52
CA TRP H 96 32.16 58.26 51.62
C TRP H 96 33.02 59.50 51.73
N THR H 97 34.33 59.29 51.87
CA THR H 97 35.27 60.38 52.05
C THR H 97 36.32 60.33 50.94
N PHE H 98 36.56 61.47 50.30
CA PHE H 98 37.56 61.59 49.25
C PHE H 98 38.85 62.18 49.81
N GLY H 99 39.90 62.10 48.98
CA GLY H 99 41.20 62.64 49.35
C GLY H 99 41.50 63.92 48.56
N GLY H 100 42.61 64.54 48.94
CA GLY H 100 43.04 65.77 48.28
C GLY H 100 43.44 65.59 46.83
N GLY H 101 43.58 64.34 46.39
CA GLY H 101 44.09 64.04 45.07
C GLY H 101 45.58 64.31 44.95
N THR H 102 46.06 64.26 43.72
CA THR H 102 47.44 64.62 43.41
C THR H 102 47.48 65.07 41.96
N LYS H 103 47.98 66.27 41.73
CA LYS H 103 47.93 66.91 40.42
C LYS H 103 49.29 66.77 39.73
N LEU H 104 49.27 66.21 38.52
CA LEU H 104 50.48 65.89 37.77
C LEU H 104 50.80 67.02 36.80
N GLU H 105 52.07 67.40 36.74
CA GLU H 105 52.54 68.40 35.79
C GLU H 105 53.61 67.77 34.92
N ILE H 106 53.52 68.01 33.61
CA ILE H 106 54.60 67.60 32.71
C ILE H 106 55.78 68.53 32.98
N LYS H 107 56.80 68.01 33.65
CA LYS H 107 57.90 68.86 34.11
C LYS H 107 58.76 69.29 32.93
N ARG H 108 58.38 70.38 32.28
CA ARG H 108 59.11 70.88 31.13
C ARG H 108 60.45 71.46 31.60
N THR H 109 61.53 71.02 30.97
CA THR H 109 62.87 71.49 31.32
C THR H 109 63.29 72.60 30.36
N VAL H 110 64.53 73.06 30.52
CA VAL H 110 65.07 74.12 29.68
C VAL H 110 65.35 73.59 28.28
N ASP I 1 66.25 52.96 -39.98
CA ASP I 1 66.65 52.69 -38.61
C ASP I 1 65.51 52.99 -37.64
N ILE I 2 65.67 54.05 -36.85
CA ILE I 2 64.65 54.50 -35.92
C ILE I 2 64.52 56.00 -36.08
N VAL I 3 63.46 56.44 -36.77
CA VAL I 3 63.21 57.85 -37.04
C VAL I 3 61.72 58.03 -37.22
N MET I 4 61.19 59.14 -36.71
CA MET I 4 59.76 59.34 -36.72
C MET I 4 59.43 60.82 -36.68
N THR I 5 58.49 61.23 -37.54
CA THR I 5 58.13 62.63 -37.69
C THR I 5 56.61 62.87 -37.79
N GLN I 6 55.82 61.83 -38.10
CA GLN I 6 54.36 61.89 -38.28
C GLN I 6 53.90 63.17 -38.98
N SER I 7 54.67 63.56 -40.00
CA SER I 7 54.26 64.45 -41.09
C SER I 7 54.00 65.90 -40.70
N GLN I 8 54.13 66.26 -39.42
CA GLN I 8 53.86 67.63 -39.03
C GLN I 8 54.53 67.94 -37.70
N LYS I 9 54.70 69.23 -37.43
CA LYS I 9 55.18 69.75 -36.16
C LYS I 9 54.09 70.41 -35.34
N PHE I 10 53.15 71.12 -35.96
CA PHE I 10 52.01 71.68 -35.26
C PHE I 10 50.85 71.80 -36.23
N MET I 11 49.64 71.55 -35.74
CA MET I 11 48.43 71.67 -36.54
C MET I 11 47.54 72.77 -35.98
N SER I 12 46.80 73.43 -36.88
CA SER I 12 45.90 74.50 -36.49
C SER I 12 44.57 74.33 -37.21
N THR I 13 43.48 74.32 -36.44
CA THR I 13 42.13 74.26 -36.96
C THR I 13 41.28 75.29 -36.24
N SER I 14 40.47 76.03 -36.99
CA SER I 14 39.77 77.17 -36.41
C SER I 14 38.49 76.73 -35.68
N VAL I 15 37.50 76.24 -36.44
CA VAL I 15 36.19 75.89 -35.88
C VAL I 15 35.55 74.79 -36.72
N GLY I 16 35.09 73.73 -36.05
CA GLY I 16 34.20 72.77 -36.68
C GLY I 16 34.85 71.76 -37.61
N ASP I 17 35.96 72.14 -38.24
CA ASP I 17 36.60 71.23 -39.19
C ASP I 17 37.17 70.02 -38.46
N ARG I 18 36.99 68.85 -39.07
CA ARG I 18 37.48 67.61 -38.47
C ARG I 18 39.00 67.61 -38.44
N VAL I 19 39.54 67.03 -37.37
CA VAL I 19 40.98 67.01 -37.13
C VAL I 19 41.47 65.57 -37.25
N SER I 20 42.61 65.40 -37.92
CA SER I 20 43.21 64.09 -38.12
C SER I 20 44.72 64.23 -38.14
N VAL I 21 45.40 63.10 -37.88
CA VAL I 21 46.85 63.09 -37.81
C VAL I 21 47.32 61.65 -38.01
N THR I 22 48.43 61.50 -38.70
CA THR I 22 49.01 60.21 -38.98
C THR I 22 50.09 59.86 -37.95
N CYS I 23 50.48 58.60 -37.93
CA CYS I 23 51.49 58.11 -36.99
C CYS I 23 52.48 57.25 -37.77
N LYS I 24 52.92 57.78 -38.91
CA LYS I 24 53.71 57.06 -39.91
C LYS I 24 54.91 56.35 -39.30
N SER I 25 55.25 55.20 -39.87
CA SER I 25 56.34 54.36 -39.40
C SER I 25 57.49 54.35 -40.41
N SER I 26 58.66 53.91 -39.92
CA SER I 26 59.84 53.73 -40.75
C SER I 26 59.76 52.42 -41.51
N GLN I 27 60.89 51.94 -42.03
CA GLN I 27 60.95 50.63 -42.67
C GLN I 27 60.28 49.59 -41.78
N ASN I 28 59.76 48.54 -42.43
CA ASN I 28 58.79 47.61 -41.84
C ASN I 28 59.11 47.25 -40.40
N VAL I 29 58.17 47.55 -39.49
CA VAL I 29 58.31 47.26 -38.08
C VAL I 29 57.11 46.43 -37.60
N GLY I 30 55.98 46.60 -38.26
CA GLY I 30 54.74 45.95 -37.88
C GLY I 30 53.61 46.95 -37.74
N THR I 31 52.49 46.43 -37.24
CA THR I 31 51.27 47.24 -37.07
C THR I 31 50.73 47.02 -35.65
N ASN I 32 51.24 47.81 -34.70
CA ASN I 32 50.64 47.90 -33.37
C ASN I 32 51.12 49.20 -32.73
N VAL I 33 50.20 50.15 -32.59
CA VAL I 33 50.53 51.48 -32.07
C VAL I 33 49.43 51.92 -31.11
N ALA I 34 49.68 53.04 -30.44
CA ALA I 34 48.70 53.66 -29.56
C ALA I 34 48.97 55.16 -29.55
N TRP I 35 47.97 55.94 -29.16
CA TRP I 35 48.08 57.39 -29.08
C TRP I 35 47.82 57.85 -27.65
N TYR I 36 48.40 58.99 -27.29
CA TYR I 36 48.29 59.53 -25.95
C TYR I 36 47.86 60.99 -26.00
N GLN I 37 46.95 61.36 -25.09
CA GLN I 37 46.48 62.72 -24.94
C GLN I 37 47.19 63.38 -23.75
N GLN I 38 47.66 64.60 -23.96
CA GLN I 38 48.44 65.31 -22.94
C GLN I 38 47.92 66.75 -22.82
N LYS I 39 47.02 66.97 -21.88
CA LYS I 39 46.66 68.33 -21.51
C LYS I 39 47.85 68.98 -20.80
N PRO I 40 47.98 70.30 -20.91
CA PRO I 40 49.21 70.96 -20.40
C PRO I 40 49.30 71.02 -18.88
N GLY I 41 49.80 69.96 -18.25
CA GLY I 41 50.12 70.02 -16.84
C GLY I 41 49.87 68.80 -15.99
N GLN I 42 48.95 67.93 -16.39
CA GLN I 42 48.61 66.75 -15.60
C GLN I 42 49.17 65.49 -16.26
N SER I 43 48.87 64.34 -15.65
CA SER I 43 49.36 63.07 -16.14
C SER I 43 48.79 62.77 -17.53
N PRO I 44 49.52 62.00 -18.35
CA PRO I 44 49.04 61.70 -19.71
C PRO I 44 47.77 60.86 -19.73
N LYS I 45 47.23 60.64 -20.92
CA LYS I 45 45.99 59.88 -21.08
C LYS I 45 46.00 59.24 -22.47
N ALA I 46 45.72 57.94 -22.52
CA ALA I 46 45.75 57.22 -23.79
C ALA I 46 44.59 57.65 -24.67
N LEU I 47 44.89 57.90 -25.95
CA LEU I 47 43.90 58.38 -26.90
C LEU I 47 43.29 57.25 -27.71
N ILE I 48 44.10 56.48 -28.43
CA ILE I 48 43.63 55.36 -29.24
C ILE I 48 44.52 54.16 -28.98
N TYR I 49 44.02 52.98 -29.34
CA TYR I 49 44.72 51.72 -29.09
C TYR I 49 44.62 50.85 -30.35
N SER I 50 45.78 50.42 -30.84
CA SER I 50 45.87 49.48 -31.98
C SER I 50 45.25 50.04 -33.25
N ALA I 51 45.02 51.36 -33.28
CA ALA I 51 44.58 52.10 -34.46
C ALA I 51 43.14 51.78 -34.84
N SER I 52 42.52 50.80 -34.18
CA SER I 52 41.09 50.54 -34.34
C SER I 52 40.61 49.84 -33.06
N TYR I 53 40.04 50.62 -32.16
CA TYR I 53 39.55 50.12 -30.87
C TYR I 53 38.87 51.27 -30.16
N ARG I 54 38.15 50.97 -29.08
CA ARG I 54 37.38 51.96 -28.36
C ARG I 54 37.65 51.86 -26.87
N TYR I 55 37.68 53.01 -26.20
CA TYR I 55 37.99 53.09 -24.78
C TYR I 55 36.70 53.25 -23.98
N SER I 56 36.46 52.32 -23.05
CA SER I 56 35.26 52.39 -22.23
C SER I 56 35.28 53.58 -21.28
N GLY I 57 36.45 54.10 -20.95
CA GLY I 57 36.59 55.23 -20.05
C GLY I 57 36.55 56.59 -20.71
N VAL I 58 36.25 56.66 -22.01
CA VAL I 58 36.21 57.91 -22.74
C VAL I 58 34.86 58.02 -23.43
N PRO I 59 34.28 59.22 -23.56
CA PRO I 59 33.05 59.37 -24.33
C PRO I 59 33.31 59.17 -25.82
N ASP I 60 33.38 57.91 -26.23
CA ASP I 60 33.91 57.52 -27.54
C ASP I 60 33.01 58.00 -28.66
N HIS I 61 33.47 59.04 -29.37
CA HIS I 61 33.00 59.36 -30.71
C HIS I 61 34.29 59.51 -31.53
N PHE I 62 34.85 58.38 -31.95
CA PHE I 62 36.22 58.34 -32.41
C PHE I 62 36.31 57.44 -33.64
N THR I 63 37.41 57.59 -34.37
CA THR I 63 37.69 56.74 -35.53
C THR I 63 39.21 56.59 -35.66
N GLY I 64 39.65 55.40 -36.01
CA GLY I 64 41.05 55.09 -36.21
C GLY I 64 41.42 55.07 -37.68
N SER I 65 42.14 54.02 -38.07
CA SER I 65 42.57 53.84 -39.45
C SER I 65 42.92 52.37 -39.67
N GLY I 66 43.51 52.08 -40.82
CA GLY I 66 43.83 50.71 -41.21
C GLY I 66 45.16 50.21 -40.67
N SER I 67 45.89 49.50 -41.53
CA SER I 67 47.14 48.84 -41.12
C SER I 67 48.17 49.03 -42.23
N GLY I 68 49.27 48.28 -42.13
CA GLY I 68 50.33 48.36 -43.11
C GLY I 68 51.59 49.01 -42.54
N THR I 69 52.36 49.66 -43.40
CA THR I 69 53.55 50.38 -42.98
C THR I 69 53.27 51.83 -42.61
N ASP I 70 52.00 52.24 -42.67
CA ASP I 70 51.63 53.62 -42.36
C ASP I 70 50.48 53.61 -41.35
N PHE I 71 50.19 54.77 -40.76
CA PHE I 71 49.15 54.86 -39.75
C PHE I 71 48.42 56.19 -39.92
N THR I 72 47.26 56.30 -39.27
CA THR I 72 46.46 57.51 -39.29
C THR I 72 45.52 57.47 -38.10
N LEU I 73 45.10 58.66 -37.65
CA LEU I 73 44.19 58.78 -36.54
C LEU I 73 43.27 59.97 -36.77
N THR I 74 42.02 59.83 -36.33
CA THR I 74 41.03 60.90 -36.46
C THR I 74 40.36 61.12 -35.10
N ILE I 75 40.06 62.39 -34.81
CA ILE I 75 39.42 62.78 -33.56
C ILE I 75 38.01 63.28 -33.87
N SER I 76 37.19 63.39 -32.83
CA SER I 76 35.78 63.69 -32.97
C SER I 76 35.52 65.00 -33.70
N ASN I 77 35.89 66.11 -33.10
CA ASN I 77 35.58 67.45 -33.62
C ASN I 77 36.37 68.46 -32.77
N VAL I 78 36.12 69.74 -33.01
CA VAL I 78 36.81 70.82 -32.30
C VAL I 78 35.82 71.36 -31.27
N GLN I 79 35.91 70.84 -30.04
CA GLN I 79 35.16 71.37 -28.93
C GLN I 79 36.01 72.41 -28.20
N SER I 80 35.58 72.82 -27.00
CA SER I 80 36.28 73.84 -26.23
C SER I 80 37.36 73.26 -25.33
N ALA I 81 37.59 71.95 -25.37
CA ALA I 81 38.58 71.30 -24.53
C ALA I 81 39.42 70.31 -25.35
N ASP I 82 39.89 70.75 -26.52
CA ASP I 82 40.68 69.90 -27.40
C ASP I 82 42.11 70.38 -27.59
N LEU I 83 42.42 71.63 -27.23
CA LEU I 83 43.76 72.18 -27.39
C LEU I 83 44.70 71.51 -26.38
N ALA I 84 45.57 70.63 -26.86
CA ALA I 84 46.49 69.90 -25.99
C ALA I 84 47.59 69.28 -26.86
N GLU I 85 48.41 68.45 -26.24
CA GLU I 85 49.52 67.77 -26.90
C GLU I 85 49.14 66.33 -27.24
N TYR I 86 49.58 65.88 -28.40
CA TYR I 86 49.30 64.54 -28.89
C TYR I 86 50.61 63.79 -29.06
N PHE I 87 50.58 62.49 -28.77
CA PHE I 87 51.72 61.58 -28.96
C PHE I 87 51.19 60.22 -29.36
N CYS I 88 51.98 59.48 -30.15
CA CYS I 88 51.66 58.10 -30.44
C CYS I 88 52.86 57.19 -30.16
N GLN I 89 52.60 55.88 -30.23
CA GLN I 89 53.45 54.87 -29.63
C GLN I 89 54.01 53.95 -30.70
N GLN I 90 55.20 53.39 -30.44
CA GLN I 90 55.84 52.41 -31.31
C GLN I 90 56.49 51.36 -30.41
N TYR I 91 55.84 50.21 -30.29
CA TYR I 91 56.31 49.13 -29.42
C TYR I 91 56.32 47.82 -30.20
N ASN I 92 57.37 47.60 -30.98
CA ASN I 92 57.63 46.27 -31.53
C ASN I 92 58.99 45.77 -31.03
N ASN I 93 60.03 46.57 -31.25
CA ASN I 93 61.31 46.29 -30.62
C ASN I 93 61.32 46.86 -29.20
N TYR I 94 62.14 46.27 -28.34
CA TYR I 94 62.11 46.66 -26.93
C TYR I 94 62.48 48.11 -26.70
N PRO I 95 63.49 48.70 -27.37
CA PRO I 95 63.74 50.14 -27.19
C PRO I 95 62.62 50.98 -27.79
N TRP I 96 61.50 51.07 -27.08
CA TRP I 96 60.36 51.86 -27.55
C TRP I 96 60.77 53.31 -27.78
N THR I 97 60.40 53.83 -28.95
CA THR I 97 60.77 55.19 -29.35
C THR I 97 59.51 55.99 -29.62
N PHE I 98 59.42 57.18 -29.05
CA PHE I 98 58.31 58.09 -29.25
C PHE I 98 58.66 59.14 -30.29
N GLY I 99 57.62 59.87 -30.73
CA GLY I 99 57.78 60.94 -31.69
C GLY I 99 57.63 62.30 -31.04
N GLY I 100 57.90 63.33 -31.84
CA GLY I 100 57.79 64.70 -31.36
C GLY I 100 56.38 65.13 -31.03
N GLY I 101 55.39 64.33 -31.41
CA GLY I 101 54.00 64.68 -31.27
C GLY I 101 53.58 65.76 -32.26
N THR I 102 52.37 66.28 -32.04
CA THR I 102 51.87 67.41 -32.80
C THR I 102 50.86 68.14 -31.94
N LYS I 103 51.07 69.43 -31.75
CA LYS I 103 50.28 70.21 -30.81
C LYS I 103 49.24 71.03 -31.58
N LEU I 104 47.98 70.87 -31.18
CA LEU I 104 46.85 71.46 -31.87
C LEU I 104 46.45 72.77 -31.20
N GLU I 105 46.21 73.80 -32.00
CA GLU I 105 45.73 75.09 -31.51
C GLU I 105 44.39 75.40 -32.15
N ILE I 106 43.44 75.83 -31.34
CA ILE I 106 42.18 76.34 -31.88
C ILE I 106 42.48 77.67 -32.56
N LYS I 107 42.50 77.67 -33.89
CA LYS I 107 42.93 78.84 -34.64
C LYS I 107 41.89 79.95 -34.56
N ARG I 108 41.96 80.75 -33.50
CA ARG I 108 41.01 81.85 -33.30
C ARG I 108 41.27 82.92 -34.34
N THR I 109 40.22 83.34 -35.04
CA THR I 109 40.33 84.36 -36.06
C THR I 109 39.92 85.72 -35.48
N VAL I 110 39.90 86.74 -36.33
CA VAL I 110 39.52 88.08 -35.92
C VAL I 110 38.03 88.15 -35.66
N ALA J 27 -60.09 10.80 -0.69
CA ALA J 27 -60.46 9.45 -1.10
C ALA J 27 -59.22 8.60 -1.35
N TYR J 28 -59.36 7.29 -1.18
CA TYR J 28 -58.27 6.34 -1.38
C TYR J 28 -58.69 5.28 -2.38
N THR J 29 -57.75 4.86 -3.22
CA THR J 29 -58.02 3.88 -4.26
C THR J 29 -56.95 2.80 -4.22
N ASN J 30 -57.34 1.56 -4.52
CA ASN J 30 -56.45 0.42 -4.47
C ASN J 30 -55.84 0.17 -5.85
N SER J 31 -54.52 0.21 -5.93
CA SER J 31 -53.80 -0.05 -7.18
C SER J 31 -53.53 -1.55 -7.24
N PHE J 32 -54.30 -2.26 -8.08
CA PHE J 32 -54.23 -3.71 -8.12
C PHE J 32 -52.87 -4.22 -8.59
N THR J 33 -52.52 -3.97 -9.85
CA THR J 33 -51.28 -4.50 -10.40
C THR J 33 -50.55 -3.56 -11.35
N ARG J 34 -51.02 -2.33 -11.53
CA ARG J 34 -50.40 -1.44 -12.50
C ARG J 34 -49.05 -0.95 -12.00
N GLY J 35 -48.29 -0.33 -12.91
CA GLY J 35 -47.00 0.23 -12.57
C GLY J 35 -45.82 -0.61 -13.01
N VAL J 36 -45.88 -1.12 -14.24
CA VAL J 36 -44.83 -1.97 -14.79
C VAL J 36 -44.27 -1.31 -16.04
N TYR J 37 -42.95 -1.15 -16.09
CA TYR J 37 -42.28 -0.54 -17.23
C TYR J 37 -40.93 -1.21 -17.43
N TYR J 38 -40.40 -1.08 -18.64
CA TYR J 38 -39.11 -1.68 -18.94
C TYR J 38 -37.99 -0.94 -18.21
N PRO J 39 -37.23 -1.63 -17.35
CA PRO J 39 -36.15 -0.93 -16.63
C PRO J 39 -34.95 -0.60 -17.50
N ASP J 40 -34.80 -1.27 -18.64
CA ASP J 40 -33.64 -1.07 -19.50
C ASP J 40 -34.13 -1.02 -20.95
N LYS J 41 -33.18 -1.09 -21.88
CA LYS J 41 -33.47 -1.07 -23.31
C LYS J 41 -32.91 -2.30 -24.00
N VAL J 42 -33.06 -3.46 -23.38
CA VAL J 42 -32.52 -4.70 -23.89
C VAL J 42 -33.68 -5.58 -24.39
N PHE J 43 -33.31 -6.68 -25.03
CA PHE J 43 -34.29 -7.64 -25.54
C PHE J 43 -33.96 -9.03 -25.03
N ARG J 44 -34.99 -9.76 -24.63
CA ARG J 44 -34.85 -11.14 -24.16
C ARG J 44 -35.98 -11.96 -24.76
N SER J 45 -35.78 -13.27 -24.84
CA SER J 45 -36.74 -14.18 -25.46
C SER J 45 -37.09 -15.30 -24.48
N SER J 46 -38.23 -15.15 -23.81
CA SER J 46 -38.81 -16.19 -22.95
C SER J 46 -37.81 -16.67 -21.89
N VAL J 47 -37.39 -15.72 -21.06
CA VAL J 47 -36.48 -16.03 -19.96
C VAL J 47 -36.88 -15.18 -18.76
N LEU J 48 -36.86 -15.78 -17.58
CA LEU J 48 -37.18 -15.06 -16.36
C LEU J 48 -36.03 -14.14 -15.96
N HIS J 49 -36.37 -12.96 -15.45
CA HIS J 49 -35.39 -11.98 -15.04
C HIS J 49 -35.80 -11.36 -13.72
N SER J 50 -34.80 -10.99 -12.93
CA SER J 50 -35.00 -10.31 -11.65
C SER J 50 -34.36 -8.94 -11.70
N THR J 51 -35.13 -7.91 -11.34
CA THR J 51 -34.68 -6.54 -11.42
C THR J 51 -35.00 -5.81 -10.12
N GLN J 52 -34.10 -4.94 -9.70
CA GLN J 52 -34.29 -4.08 -8.54
C GLN J 52 -34.28 -2.63 -9.00
N ASP J 53 -35.41 -1.96 -8.87
CA ASP J 53 -35.56 -0.58 -9.31
C ASP J 53 -36.79 0.00 -8.63
N LEU J 54 -37.11 1.25 -8.95
CA LEU J 54 -38.28 1.91 -8.37
C LEU J 54 -39.55 1.38 -9.01
N PHE J 55 -40.51 0.99 -8.19
CA PHE J 55 -41.77 0.46 -8.69
C PHE J 55 -42.88 0.79 -7.72
N LEU J 56 -44.10 0.79 -8.22
CA LEU J 56 -45.27 0.97 -7.38
C LEU J 56 -45.63 -0.35 -6.71
N PRO J 57 -45.68 -0.42 -5.38
CA PRO J 57 -46.07 -1.66 -4.72
C PRO J 57 -47.48 -2.08 -5.10
N PHE J 58 -47.68 -3.39 -5.25
CA PHE J 58 -48.99 -3.89 -5.61
C PHE J 58 -49.95 -3.78 -4.43
N PHE J 59 -51.23 -3.63 -4.75
CA PHE J 59 -52.29 -3.51 -3.75
C PHE J 59 -52.03 -2.35 -2.80
N SER J 60 -51.42 -1.28 -3.30
CA SER J 60 -51.14 -0.10 -2.51
C SER J 60 -52.29 0.90 -2.59
N ASN J 61 -52.17 1.97 -1.83
CA ASN J 61 -53.19 3.00 -1.76
C ASN J 61 -52.70 4.25 -2.49
N VAL J 62 -53.55 4.78 -3.37
CA VAL J 62 -53.24 5.98 -4.14
C VAL J 62 -54.33 7.01 -3.88
N THR J 63 -53.93 8.28 -3.94
CA THR J 63 -54.83 9.39 -3.65
C THR J 63 -55.67 9.72 -4.87
N TRP J 64 -56.96 9.91 -4.66
CA TRP J 64 -57.88 10.31 -5.71
C TRP J 64 -58.21 11.79 -5.55
N PHE J 65 -58.00 12.56 -6.62
CA PHE J 65 -58.26 13.99 -6.62
C PHE J 65 -59.46 14.28 -7.51
N HIS J 66 -60.35 15.14 -7.02
CA HIS J 66 -61.54 15.54 -7.76
C HIS J 66 -61.37 16.99 -8.21
N ALA J 67 -61.59 17.25 -9.49
CA ALA J 67 -61.42 18.58 -10.07
C ALA J 67 -62.71 18.99 -10.76
N ILE J 68 -63.43 19.93 -10.16
CA ILE J 68 -64.66 20.46 -10.74
C ILE J 68 -64.69 21.98 -10.57
N ASN J 81 -56.40 21.94 -7.59
CA ASN J 81 -55.06 21.65 -8.09
C ASN J 81 -53.94 21.98 -7.07
N PRO J 82 -53.96 21.29 -5.93
CA PRO J 82 -52.97 21.59 -4.88
C PRO J 82 -51.57 21.15 -5.26
N VAL J 83 -50.61 21.39 -4.37
CA VAL J 83 -49.21 21.08 -4.61
C VAL J 83 -48.86 19.78 -3.90
N LEU J 84 -48.16 18.90 -4.60
CA LEU J 84 -47.76 17.61 -4.06
C LEU J 84 -46.26 17.43 -4.22
N PRO J 85 -45.63 16.72 -3.29
CA PRO J 85 -44.19 16.47 -3.42
C PRO J 85 -43.87 15.57 -4.60
N PHE J 86 -42.69 15.77 -5.17
CA PHE J 86 -42.23 14.94 -6.29
C PHE J 86 -41.77 13.58 -5.79
N ASN J 87 -40.74 13.56 -4.94
CA ASN J 87 -40.33 12.37 -4.19
C ASN J 87 -39.93 11.22 -5.12
N ASP J 88 -38.97 11.49 -5.99
CA ASP J 88 -38.31 10.47 -6.80
C ASP J 88 -39.30 9.68 -7.64
N GLY J 89 -39.98 10.38 -8.54
CA GLY J 89 -40.87 9.74 -9.48
C GLY J 89 -42.32 9.72 -9.05
N VAL J 90 -43.23 9.93 -10.00
CA VAL J 90 -44.65 9.94 -9.75
C VAL J 90 -45.33 9.09 -10.82
N TYR J 91 -46.56 8.67 -10.51
CA TYR J 91 -47.37 7.88 -11.43
C TYR J 91 -48.65 8.64 -11.71
N PHE J 92 -48.98 8.82 -12.99
CA PHE J 92 -50.13 9.62 -13.39
C PHE J 92 -51.03 8.81 -14.31
N ALA J 93 -52.34 8.95 -14.11
CA ALA J 93 -53.36 8.37 -14.96
C ALA J 93 -54.43 9.40 -15.22
N SER J 94 -55.00 9.37 -16.44
CA SER J 94 -56.03 10.31 -16.85
C SER J 94 -57.25 9.53 -17.32
N THR J 95 -58.40 9.83 -16.74
CA THR J 95 -59.65 9.16 -17.09
C THR J 95 -60.66 10.10 -17.73
N GLU J 96 -60.20 11.23 -18.26
CA GLU J 96 -61.08 12.23 -18.86
C GLU J 96 -61.05 12.10 -20.37
N LYS J 97 -62.23 11.95 -20.98
CA LYS J 97 -62.31 11.86 -22.43
C LYS J 97 -62.05 13.21 -23.09
N SER J 98 -62.55 14.29 -22.50
CA SER J 98 -62.34 15.62 -23.06
C SER J 98 -60.89 16.05 -22.89
N ASN J 99 -60.40 16.83 -23.85
CA ASN J 99 -59.02 17.29 -23.86
C ASN J 99 -58.85 18.55 -23.01
N ILE J 100 -59.08 18.38 -21.71
CA ILE J 100 -58.96 19.47 -20.75
C ILE J 100 -57.65 19.39 -19.97
N ILE J 101 -57.32 18.21 -19.46
CA ILE J 101 -56.05 18.01 -18.77
C ILE J 101 -54.93 18.03 -19.81
N ARG J 102 -54.09 19.07 -19.77
CA ARG J 102 -53.14 19.29 -20.85
C ARG J 102 -51.68 19.24 -20.39
N GLY J 103 -51.30 20.03 -19.38
CA GLY J 103 -49.91 20.22 -19.07
C GLY J 103 -49.64 20.10 -17.58
N TRP J 104 -48.34 20.04 -17.25
CA TRP J 104 -47.86 19.98 -15.89
C TRP J 104 -46.68 20.92 -15.74
N ILE J 105 -46.53 21.48 -14.54
CA ILE J 105 -45.45 22.40 -14.23
C ILE J 105 -44.61 21.79 -13.12
N PHE J 106 -43.31 21.65 -13.39
CA PHE J 106 -42.37 21.09 -12.43
C PHE J 106 -41.43 22.19 -11.93
N GLY J 107 -40.82 21.95 -10.77
CA GLY J 107 -39.89 22.90 -10.22
C GLY J 107 -39.63 22.63 -8.76
N THR J 108 -38.97 23.59 -8.12
CA THR J 108 -38.66 23.50 -6.69
C THR J 108 -39.07 24.74 -5.90
N THR J 109 -39.24 25.90 -6.54
CA THR J 109 -39.65 27.11 -5.85
C THR J 109 -40.84 27.80 -6.48
N LEU J 110 -41.28 27.38 -7.66
CA LEU J 110 -42.41 27.99 -8.37
C LEU J 110 -42.19 29.50 -8.55
N ASP J 111 -40.98 29.87 -8.95
CA ASP J 111 -40.64 31.27 -9.15
C ASP J 111 -39.53 31.36 -10.19
N SER J 112 -39.33 32.58 -10.71
CA SER J 112 -38.31 32.81 -11.72
C SER J 112 -36.90 32.73 -11.16
N LYS J 113 -36.74 32.65 -9.84
CA LYS J 113 -35.40 32.53 -9.26
C LYS J 113 -34.73 31.24 -9.69
N THR J 114 -35.49 30.14 -9.71
CA THR J 114 -34.96 28.84 -10.09
C THR J 114 -35.67 28.35 -11.35
N GLN J 115 -34.93 27.59 -12.17
CA GLN J 115 -35.51 27.06 -13.40
C GLN J 115 -36.68 26.14 -13.10
N SER J 116 -37.73 26.26 -13.91
CA SER J 116 -38.94 25.45 -13.75
C SER J 116 -39.23 24.75 -15.07
N LEU J 117 -39.30 23.43 -15.04
CA LEU J 117 -39.64 22.68 -16.24
C LEU J 117 -41.10 22.91 -16.61
N LEU J 118 -41.35 23.05 -17.91
CA LEU J 118 -42.70 23.29 -18.41
C LEU J 118 -42.96 22.40 -19.61
N ILE J 119 -44.11 21.72 -19.59
CA ILE J 119 -44.57 20.90 -20.70
C ILE J 119 -45.97 21.36 -21.09
N VAL J 120 -46.15 21.71 -22.36
CA VAL J 120 -47.41 22.26 -22.86
C VAL J 120 -47.83 21.49 -24.10
N ASN J 121 -49.08 21.06 -24.14
CA ASN J 121 -49.66 20.40 -25.30
C ASN J 121 -50.42 21.43 -26.13
N ASN J 122 -50.09 21.50 -27.43
CA ASN J 122 -50.69 22.44 -28.35
C ASN J 122 -51.77 21.79 -29.22
N ALA J 123 -52.20 20.58 -28.87
CA ALA J 123 -53.21 19.81 -29.60
C ALA J 123 -52.68 19.36 -30.96
N THR J 124 -51.47 19.78 -31.31
CA THR J 124 -50.79 19.30 -32.51
C THR J 124 -49.32 18.94 -32.28
N ASN J 125 -48.68 19.50 -31.26
CA ASN J 125 -47.30 19.19 -30.94
C ASN J 125 -47.04 19.56 -29.49
N VAL J 126 -45.96 19.03 -28.94
CA VAL J 126 -45.57 19.28 -27.55
C VAL J 126 -44.31 20.13 -27.54
N VAL J 127 -44.29 21.12 -26.64
CA VAL J 127 -43.14 22.00 -26.46
C VAL J 127 -42.64 21.87 -25.03
N ILE J 128 -41.33 21.70 -24.89
CA ILE J 128 -40.69 21.53 -23.59
C ILE J 128 -39.67 22.63 -23.40
N LYS J 129 -39.75 23.33 -22.27
CA LYS J 129 -38.84 24.42 -21.98
C LYS J 129 -38.55 24.45 -20.48
N VAL J 130 -37.27 24.51 -20.13
CA VAL J 130 -36.85 24.64 -18.74
C VAL J 130 -36.66 26.11 -18.36
N CYS J 131 -37.03 27.03 -19.25
CA CYS J 131 -36.81 28.45 -19.02
C CYS J 131 -37.62 28.93 -17.81
N GLU J 132 -37.04 29.87 -17.07
CA GLU J 132 -37.63 30.32 -15.82
C GLU J 132 -38.95 31.02 -16.06
N PHE J 133 -39.91 30.77 -15.16
CA PHE J 133 -41.20 31.45 -15.16
C PHE J 133 -41.53 31.87 -13.73
N GLN J 134 -42.27 32.97 -13.61
CA GLN J 134 -42.63 33.49 -12.30
C GLN J 134 -43.76 32.68 -11.69
N PHE J 135 -44.17 33.05 -10.48
CA PHE J 135 -45.21 32.35 -9.77
C PHE J 135 -46.55 32.49 -10.49
N CYS J 136 -47.34 31.41 -10.49
CA CYS J 136 -48.66 31.39 -11.11
C CYS J 136 -49.57 30.52 -10.25
N ASN J 137 -50.32 31.15 -9.34
CA ASN J 137 -51.23 30.39 -8.48
C ASN J 137 -52.32 29.71 -9.31
N ASP J 138 -52.86 30.42 -10.29
CA ASP J 138 -53.92 29.86 -11.12
C ASP J 138 -53.42 29.55 -12.53
N PRO J 139 -53.80 28.41 -13.10
CA PRO J 139 -53.37 28.09 -14.46
C PRO J 139 -54.06 28.96 -15.49
N PHE J 140 -53.38 29.17 -16.62
CA PHE J 140 -53.93 29.93 -17.73
C PHE J 140 -54.88 29.03 -18.50
N LEU J 141 -56.11 28.94 -17.99
CA LEU J 141 -57.11 28.06 -18.60
C LEU J 141 -57.47 28.53 -20.01
N GLY J 142 -57.71 29.81 -20.18
CA GLY J 142 -58.10 30.36 -21.47
C GLY J 142 -59.57 30.18 -21.82
N VAL J 143 -60.36 29.59 -20.92
CA VAL J 143 -61.78 29.36 -21.15
C VAL J 143 -62.01 28.56 -22.44
N VAL J 159 -48.49 30.19 -20.28
CA VAL J 159 -48.10 31.05 -19.17
C VAL J 159 -47.25 32.21 -19.67
N TYR J 160 -47.61 33.43 -19.26
CA TYR J 160 -46.92 34.64 -19.67
C TYR J 160 -46.32 35.36 -18.48
N SER J 161 -45.91 34.60 -17.45
CA SER J 161 -45.34 35.19 -16.24
C SER J 161 -44.05 35.94 -16.55
N SER J 162 -43.02 35.22 -16.99
CA SER J 162 -41.73 35.81 -17.29
C SER J 162 -40.92 34.85 -18.15
N ALA J 163 -39.86 35.37 -18.76
CA ALA J 163 -38.94 34.57 -19.57
C ALA J 163 -37.53 35.04 -19.25
N ASN J 164 -36.90 34.38 -18.27
CA ASN J 164 -35.58 34.75 -17.79
C ASN J 164 -34.65 33.55 -17.91
N ASN J 165 -33.44 33.79 -18.44
CA ASN J 165 -32.40 32.77 -18.55
C ASN J 165 -32.91 31.54 -19.30
N CYS J 166 -33.58 31.78 -20.42
CA CYS J 166 -34.16 30.71 -21.23
C CYS J 166 -33.05 29.97 -21.97
N THR J 167 -32.76 28.75 -21.56
CA THR J 167 -31.62 28.00 -22.05
C THR J 167 -32.00 26.88 -23.01
N PHE J 168 -32.90 25.98 -22.62
CA PHE J 168 -33.21 24.79 -23.39
C PHE J 168 -34.60 24.90 -24.01
N GLU J 169 -34.73 24.34 -25.21
CA GLU J 169 -36.01 24.27 -25.91
C GLU J 169 -36.08 22.95 -26.66
N TYR J 170 -37.29 22.40 -26.74
CA TYR J 170 -37.51 21.14 -27.45
C TYR J 170 -38.90 21.16 -28.05
N VAL J 171 -39.03 20.61 -29.26
CA VAL J 171 -40.30 20.46 -29.95
C VAL J 171 -40.44 19.01 -30.39
N SER J 172 -41.59 18.40 -30.10
CA SER J 172 -41.87 17.03 -30.50
C SER J 172 -43.37 16.93 -30.76
N GLN J 173 -43.85 15.69 -30.86
CA GLN J 173 -45.27 15.45 -31.12
C GLN J 173 -46.14 15.93 -29.98
N LYS J 187 -63.61 4.05 -21.62
CA LYS J 187 -62.84 5.30 -21.56
C LYS J 187 -61.36 5.04 -21.72
N ASN J 188 -60.59 6.10 -21.94
CA ASN J 188 -59.16 6.01 -22.18
C ASN J 188 -58.39 6.36 -20.91
N LEU J 189 -57.39 5.56 -20.59
CA LEU J 189 -56.56 5.75 -19.39
C LEU J 189 -55.12 5.95 -19.86
N ARG J 190 -54.76 7.19 -20.16
CA ARG J 190 -53.42 7.51 -20.63
C ARG J 190 -52.45 7.45 -19.45
N GLU J 191 -51.83 6.29 -19.25
CA GLU J 191 -50.88 6.12 -18.15
C GLU J 191 -49.55 6.80 -18.48
N PHE J 192 -49.01 7.51 -17.50
CA PHE J 192 -47.70 8.14 -17.64
C PHE J 192 -46.90 7.94 -16.37
N VAL J 193 -45.60 7.70 -16.55
CA VAL J 193 -44.67 7.54 -15.44
C VAL J 193 -43.51 8.51 -15.65
N PHE J 194 -43.29 9.38 -14.67
CA PHE J 194 -42.23 10.40 -14.76
C PHE J 194 -41.11 10.03 -13.81
N LYS J 195 -39.89 10.06 -14.30
CA LYS J 195 -38.71 9.73 -13.50
C LYS J 195 -37.63 10.76 -13.75
N ASN J 196 -36.81 11.01 -12.72
CA ASN J 196 -35.70 11.96 -12.81
C ASN J 196 -34.55 11.42 -11.97
N ILE J 197 -33.52 10.90 -12.63
CA ILE J 197 -32.36 10.34 -11.95
C ILE J 197 -31.11 10.75 -12.72
N ASP J 198 -30.01 10.95 -11.98
CA ASP J 198 -28.69 11.28 -12.53
C ASP J 198 -28.76 12.33 -13.63
N GLY J 199 -29.55 13.37 -13.38
CA GLY J 199 -29.65 14.47 -14.32
C GLY J 199 -30.40 14.16 -15.59
N TYR J 200 -31.13 13.05 -15.64
CA TYR J 200 -31.87 12.65 -16.84
C TYR J 200 -33.34 12.53 -16.51
N PHE J 201 -34.18 13.02 -17.42
CA PHE J 201 -35.63 12.99 -17.26
C PHE J 201 -36.22 12.03 -18.29
N LYS J 202 -37.02 11.09 -17.81
CA LYS J 202 -37.63 10.08 -18.66
C LYS J 202 -39.16 10.13 -18.52
N ILE J 203 -39.85 9.97 -19.64
CA ILE J 203 -41.30 9.93 -19.67
C ILE J 203 -41.73 8.64 -20.35
N TYR J 204 -42.51 7.83 -19.66
CA TYR J 204 -43.01 6.57 -20.18
C TYR J 204 -44.51 6.68 -20.38
N SER J 205 -44.96 6.39 -21.59
CA SER J 205 -46.36 6.57 -21.96
C SER J 205 -46.94 5.28 -22.51
N LYS J 206 -48.26 5.12 -22.34
CA LYS J 206 -48.99 3.99 -22.88
C LYS J 206 -50.46 4.36 -22.96
N HIS J 207 -51.06 4.13 -24.11
CA HIS J 207 -52.47 4.43 -24.32
C HIS J 207 -53.32 3.19 -24.06
N THR J 208 -54.62 3.41 -23.91
CA THR J 208 -55.57 2.33 -23.68
C THR J 208 -56.74 2.44 -24.63
N PRO J 209 -57.21 1.33 -25.18
CA PRO J 209 -58.36 1.38 -26.10
C PRO J 209 -59.65 1.74 -25.38
N ILE J 210 -59.94 1.04 -24.29
CA ILE J 210 -61.17 1.27 -23.54
C ILE J 210 -60.98 0.85 -22.09
N PRO J 217 -59.06 1.04 -12.33
CA PRO J 217 -57.96 0.68 -13.23
C PRO J 217 -57.46 -0.74 -13.01
N GLN J 218 -58.22 -1.73 -13.48
CA GLN J 218 -57.88 -3.13 -13.31
C GLN J 218 -57.37 -3.71 -14.62
N GLY J 219 -56.28 -4.47 -14.53
CA GLY J 219 -55.65 -5.06 -15.69
C GLY J 219 -54.16 -4.83 -15.69
N PHE J 220 -53.48 -5.56 -16.57
CA PHE J 220 -52.04 -5.50 -16.71
C PHE J 220 -51.66 -4.91 -18.05
N SER J 221 -50.65 -4.04 -18.05
CA SER J 221 -50.20 -3.38 -19.27
C SER J 221 -48.71 -3.10 -19.17
N ALA J 222 -48.11 -2.81 -20.31
CA ALA J 222 -46.68 -2.53 -20.41
C ALA J 222 -46.45 -1.05 -20.67
N LEU J 223 -45.38 -0.51 -20.07
CA LEU J 223 -45.00 0.88 -20.26
C LEU J 223 -43.62 0.92 -20.90
N GLU J 224 -43.46 1.78 -21.91
CA GLU J 224 -42.24 1.87 -22.68
C GLU J 224 -41.72 3.30 -22.70
N PRO J 225 -40.40 3.48 -22.79
CA PRO J 225 -39.84 4.84 -22.76
C PRO J 225 -40.10 5.59 -24.05
N LEU J 226 -40.48 6.86 -23.91
CA LEU J 226 -40.74 7.71 -25.06
C LEU J 226 -39.53 8.54 -25.44
N VAL J 227 -39.06 9.40 -24.54
CA VAL J 227 -37.96 10.32 -24.80
C VAL J 227 -37.07 10.41 -23.56
N ASP J 228 -35.91 11.03 -23.74
CA ASP J 228 -34.97 11.30 -22.66
C ASP J 228 -34.54 12.76 -22.73
N LEU J 229 -34.51 13.42 -21.58
CA LEU J 229 -34.16 14.84 -21.50
C LEU J 229 -32.96 15.03 -20.59
N PRO J 230 -31.80 15.41 -21.11
CA PRO J 230 -30.62 15.70 -20.27
C PRO J 230 -30.60 17.13 -19.74
N ILE J 231 -31.39 17.38 -18.70
CA ILE J 231 -31.54 18.71 -18.12
C ILE J 231 -30.67 18.88 -16.87
N GLY J 232 -30.80 17.97 -15.91
CA GLY J 232 -30.00 18.05 -14.69
C GLY J 232 -30.51 19.06 -13.69
N ILE J 233 -31.71 18.85 -13.17
CA ILE J 233 -32.31 19.74 -12.19
C ILE J 233 -33.22 18.92 -11.28
N ASN J 234 -33.27 19.30 -10.01
CA ASN J 234 -33.89 18.45 -8.98
C ASN J 234 -35.39 18.33 -9.18
N ILE J 235 -36.12 19.45 -9.06
CA ILE J 235 -37.57 19.47 -8.98
C ILE J 235 -38.04 18.68 -7.76
N THR J 236 -38.50 19.39 -6.73
CA THR J 236 -39.03 18.76 -5.53
C THR J 236 -40.55 18.81 -5.46
N ARG J 237 -41.21 19.56 -6.33
CA ARG J 237 -42.66 19.69 -6.33
C ARG J 237 -43.14 19.86 -7.76
N PHE J 238 -44.43 19.61 -7.95
CA PHE J 238 -45.04 19.81 -9.26
C PHE J 238 -46.50 20.18 -9.09
N GLN J 239 -47.05 20.81 -10.12
CA GLN J 239 -48.43 21.28 -10.11
C GLN J 239 -49.13 20.82 -11.38
N THR J 240 -50.46 20.76 -11.31
CA THR J 240 -51.28 20.29 -12.41
C THR J 240 -52.00 21.46 -13.06
N LEU J 241 -52.08 21.44 -14.39
CA LEU J 241 -52.73 22.49 -15.16
C LEU J 241 -53.97 21.93 -15.85
N LEU J 242 -55.02 22.73 -15.89
CA LEU J 242 -56.27 22.32 -16.53
C LEU J 242 -56.56 23.17 -17.76
N ALA J 264 -60.60 14.63 -12.86
CA ALA J 264 -60.29 13.59 -11.89
C ALA J 264 -59.11 12.75 -12.37
N TYR J 265 -58.22 12.39 -11.44
CA TYR J 265 -57.06 11.58 -11.78
C TYR J 265 -56.57 10.90 -10.52
N TYR J 266 -55.66 9.95 -10.69
CA TYR J 266 -55.03 9.22 -9.60
C TYR J 266 -53.55 9.55 -9.55
N VAL J 267 -53.01 9.65 -8.34
CA VAL J 267 -51.60 9.93 -8.13
C VAL J 267 -51.03 8.88 -7.19
N GLY J 268 -49.90 8.28 -7.57
CA GLY J 268 -49.26 7.28 -6.74
C GLY J 268 -47.82 7.61 -6.42
N TYR J 269 -47.07 6.63 -5.93
CA TYR J 269 -45.66 6.82 -5.62
C TYR J 269 -44.92 5.52 -5.81
N LEU J 270 -43.60 5.62 -5.95
CA LEU J 270 -42.74 4.49 -6.23
C LEU J 270 -41.82 4.22 -5.05
N GLN J 271 -41.39 2.96 -4.92
CA GLN J 271 -40.49 2.53 -3.88
C GLN J 271 -39.38 1.67 -4.47
N PRO J 272 -38.19 1.67 -3.85
CA PRO J 272 -37.07 0.83 -4.33
C PRO J 272 -37.28 -0.64 -3.96
N ARG J 273 -38.06 -1.34 -4.78
CA ARG J 273 -38.41 -2.73 -4.57
C ARG J 273 -37.69 -3.62 -5.57
N THR J 274 -38.00 -4.91 -5.51
CA THR J 274 -37.45 -5.89 -6.43
C THR J 274 -38.60 -6.61 -7.13
N PHE J 275 -38.49 -6.76 -8.45
CA PHE J 275 -39.56 -7.34 -9.24
C PHE J 275 -39.03 -8.49 -10.08
N LEU J 276 -39.91 -9.41 -10.41
CA LEU J 276 -39.62 -10.53 -11.30
C LEU J 276 -40.47 -10.41 -12.54
N LEU J 277 -39.84 -10.50 -13.71
CA LEU J 277 -40.51 -10.32 -14.98
C LEU J 277 -40.37 -11.58 -15.83
N LYS J 278 -41.43 -11.94 -16.54
CA LYS J 278 -41.46 -13.11 -17.41
C LYS J 278 -41.59 -12.62 -18.84
N TYR J 279 -40.45 -12.43 -19.52
CA TYR J 279 -40.46 -11.98 -20.90
C TYR J 279 -41.13 -13.01 -21.79
N ASN J 280 -41.83 -12.52 -22.81
CA ASN J 280 -42.48 -13.39 -23.78
C ASN J 280 -41.51 -13.75 -24.90
N GLU J 281 -41.96 -14.61 -25.82
CA GLU J 281 -41.13 -14.95 -26.96
C GLU J 281 -40.96 -13.77 -27.90
N ASN J 282 -41.99 -12.93 -28.03
CA ASN J 282 -41.82 -11.65 -28.71
C ASN J 282 -40.85 -10.74 -27.96
N GLY J 283 -40.69 -10.95 -26.65
CA GLY J 283 -39.90 -10.07 -25.84
C GLY J 283 -40.69 -9.02 -25.08
N THR J 284 -41.99 -8.93 -25.31
CA THR J 284 -42.83 -8.00 -24.59
C THR J 284 -43.16 -8.54 -23.20
N ILE J 285 -43.04 -7.68 -22.19
CA ILE J 285 -43.32 -8.08 -20.82
C ILE J 285 -44.80 -8.40 -20.67
N THR J 286 -45.11 -9.50 -19.98
CA THR J 286 -46.48 -9.94 -19.85
C THR J 286 -46.86 -10.43 -18.46
N ASP J 287 -45.96 -10.37 -17.48
CA ASP J 287 -46.28 -10.79 -16.14
C ASP J 287 -45.25 -10.23 -15.17
N ALA J 288 -45.72 -9.73 -14.03
CA ALA J 288 -44.86 -9.19 -12.98
C ALA J 288 -45.22 -9.84 -11.66
N VAL J 289 -44.20 -10.18 -10.88
CA VAL J 289 -44.37 -10.82 -9.57
C VAL J 289 -43.55 -10.04 -8.55
N ASP J 290 -44.18 -9.66 -7.44
CA ASP J 290 -43.48 -8.95 -6.39
C ASP J 290 -42.48 -9.88 -5.69
N CYS J 291 -41.68 -9.30 -4.81
CA CYS J 291 -40.66 -10.06 -4.10
C CYS J 291 -40.76 -9.94 -2.59
N ALA J 292 -41.63 -9.07 -2.06
CA ALA J 292 -41.77 -8.94 -0.62
C ALA J 292 -43.23 -8.81 -0.18
N LEU J 293 -44.19 -9.00 -1.08
CA LEU J 293 -45.59 -8.85 -0.72
C LEU J 293 -46.05 -9.97 0.19
N ASP J 294 -45.74 -11.21 -0.17
CA ASP J 294 -46.23 -12.38 0.53
C ASP J 294 -45.11 -13.40 0.62
N PRO J 295 -45.15 -14.31 1.62
CA PRO J 295 -44.19 -15.41 1.64
C PRO J 295 -44.15 -16.21 0.35
N LEU J 296 -45.27 -16.33 -0.35
CA LEU J 296 -45.25 -16.99 -1.66
C LEU J 296 -44.37 -16.23 -2.64
N SER J 297 -44.40 -14.90 -2.59
CA SER J 297 -43.52 -14.10 -3.43
C SER J 297 -42.06 -14.34 -3.06
N GLU J 298 -41.77 -14.48 -1.77
CA GLU J 298 -40.40 -14.78 -1.35
C GLU J 298 -39.96 -16.15 -1.87
N THR J 299 -40.86 -17.14 -1.82
CA THR J 299 -40.54 -18.46 -2.37
C THR J 299 -40.27 -18.39 -3.86
N LYS J 300 -41.08 -17.62 -4.59
CA LYS J 300 -40.86 -17.48 -6.02
C LYS J 300 -39.53 -16.79 -6.31
N CYS J 301 -39.17 -15.79 -5.51
CA CYS J 301 -37.88 -15.12 -5.69
C CYS J 301 -36.72 -16.07 -5.42
N THR J 302 -36.80 -16.84 -4.34
CA THR J 302 -35.71 -17.74 -3.98
C THR J 302 -35.67 -18.99 -4.82
N LEU J 303 -36.73 -19.28 -5.59
CA LEU J 303 -36.72 -20.44 -6.48
C LEU J 303 -36.49 -20.07 -7.94
N LYS J 304 -36.76 -18.82 -8.33
CA LYS J 304 -36.58 -18.28 -9.67
C LYS J 304 -37.54 -18.90 -10.68
N SER J 305 -38.37 -19.85 -10.28
CA SER J 305 -39.33 -20.49 -11.16
C SER J 305 -40.71 -19.87 -10.96
N PHE J 306 -41.46 -19.77 -12.05
CA PHE J 306 -42.78 -19.16 -11.99
C PHE J 306 -43.81 -20.07 -11.33
N THR J 307 -43.53 -21.37 -11.23
CA THR J 307 -44.43 -22.31 -10.58
C THR J 307 -43.64 -23.16 -9.61
N VAL J 308 -44.17 -23.32 -8.39
CA VAL J 308 -43.50 -24.08 -7.33
C VAL J 308 -44.30 -25.35 -7.06
N GLU J 309 -43.60 -26.47 -6.93
CA GLU J 309 -44.23 -27.75 -6.70
C GLU J 309 -44.55 -27.94 -5.22
N LYS J 310 -45.38 -28.94 -4.93
CA LYS J 310 -45.77 -29.22 -3.56
C LYS J 310 -44.59 -29.74 -2.75
N GLY J 311 -44.39 -29.17 -1.57
CA GLY J 311 -43.30 -29.56 -0.71
C GLY J 311 -42.98 -28.45 0.27
N ILE J 312 -41.79 -28.54 0.86
CA ILE J 312 -41.30 -27.57 1.83
C ILE J 312 -40.05 -26.91 1.26
N TYR J 313 -39.97 -25.58 1.40
CA TYR J 313 -38.87 -24.82 0.84
C TYR J 313 -38.38 -23.80 1.87
N GLN J 314 -37.12 -23.41 1.74
CA GLN J 314 -36.49 -22.44 2.62
C GLN J 314 -36.15 -21.19 1.83
N THR J 315 -36.49 -20.02 2.38
CA THR J 315 -36.30 -18.75 1.70
C THR J 315 -35.28 -17.86 2.40
N SER J 316 -35.46 -17.58 3.68
CA SER J 316 -34.60 -16.62 4.38
C SER J 316 -34.57 -16.97 5.85
N ASN J 317 -34.09 -16.03 6.66
CA ASN J 317 -33.99 -16.20 8.10
C ASN J 317 -34.37 -14.90 8.79
N PHE J 318 -34.74 -15.00 10.06
CA PHE J 318 -35.14 -13.85 10.85
C PHE J 318 -34.28 -13.77 12.10
N ARG J 319 -34.20 -12.56 12.66
CA ARG J 319 -33.45 -12.33 13.88
C ARG J 319 -34.06 -11.15 14.62
N VAL J 320 -34.37 -11.35 15.91
CA VAL J 320 -35.01 -10.30 16.69
C VAL J 320 -34.04 -9.15 16.89
N GLN J 321 -34.50 -7.94 16.61
CA GLN J 321 -33.65 -6.77 16.79
C GLN J 321 -33.43 -6.48 18.27
N PRO J 322 -32.30 -5.86 18.62
CA PRO J 322 -32.04 -5.55 20.03
C PRO J 322 -32.90 -4.39 20.54
N THR J 323 -32.65 -3.96 21.77
CA THR J 323 -33.42 -2.90 22.39
C THR J 323 -32.50 -1.89 23.06
N GLU J 324 -33.05 -1.04 23.92
CA GLU J 324 -32.26 0.00 24.57
C GLU J 324 -31.12 -0.61 25.39
N SER J 325 -30.00 0.08 25.42
CA SER J 325 -28.80 -0.39 26.08
C SER J 325 -28.78 0.02 27.55
N ILE J 326 -28.01 -0.71 28.34
CA ILE J 326 -27.82 -0.43 29.75
C ILE J 326 -26.33 -0.48 30.07
N VAL J 327 -25.85 0.50 30.82
CA VAL J 327 -24.45 0.58 31.23
C VAL J 327 -24.40 0.74 32.74
N ARG J 328 -23.52 -0.01 33.39
CA ARG J 328 -23.40 0.00 34.84
C ARG J 328 -21.94 0.17 35.24
N PHE J 329 -21.73 0.81 36.37
CA PHE J 329 -20.41 1.08 36.93
C PHE J 329 -20.46 0.92 38.42
N PRO J 330 -19.33 0.61 39.07
CA PRO J 330 -19.33 0.48 40.53
C PRO J 330 -19.64 1.80 41.22
N ASN J 331 -19.83 1.72 42.53
CA ASN J 331 -20.22 2.90 43.31
C ASN J 331 -19.13 3.96 43.32
N ILE J 332 -17.87 3.56 43.16
CA ILE J 332 -16.68 4.42 43.19
C ILE J 332 -16.84 5.59 44.16
N THR J 333 -17.13 5.28 45.42
CA THR J 333 -17.29 6.30 46.45
C THR J 333 -15.95 6.50 47.16
N ASN J 334 -15.05 7.21 46.49
CA ASN J 334 -13.72 7.50 47.00
C ASN J 334 -13.42 8.99 46.87
N LEU J 335 -14.35 9.81 47.34
CA LEU J 335 -14.18 11.25 47.27
C LEU J 335 -12.96 11.69 48.07
N CYS J 336 -12.16 12.56 47.47
CA CYS J 336 -10.93 13.08 48.03
C CYS J 336 -11.08 14.54 48.47
N PRO J 337 -10.10 15.09 49.22
CA PRO J 337 -10.31 16.40 49.86
C PRO J 337 -10.56 17.57 48.92
N PHE J 338 -10.71 17.29 47.62
CA PHE J 338 -11.14 18.30 46.65
C PHE J 338 -12.26 19.19 47.19
N GLY J 339 -13.25 18.58 47.85
CA GLY J 339 -14.33 19.36 48.43
C GLY J 339 -13.93 20.19 49.62
N GLU J 340 -12.79 19.88 50.25
CA GLU J 340 -12.32 20.60 51.42
C GLU J 340 -11.31 21.69 51.11
N VAL J 341 -10.53 21.53 50.04
CA VAL J 341 -9.49 22.51 49.73
C VAL J 341 -10.10 23.87 49.41
N PHE J 342 -11.27 23.89 48.77
CA PHE J 342 -11.96 25.15 48.52
C PHE J 342 -12.49 25.78 49.80
N ASN J 343 -12.85 24.96 50.80
CA ASN J 343 -13.38 25.44 52.06
C ASN J 343 -12.29 25.64 53.11
N ALA J 344 -11.03 25.50 52.72
CA ALA J 344 -9.94 25.65 53.68
C ALA J 344 -9.91 27.06 54.26
N THR J 345 -9.67 27.14 55.57
CA THR J 345 -9.74 28.43 56.26
C THR J 345 -8.46 29.24 56.08
N ARG J 346 -7.33 28.68 56.50
CA ARG J 346 -6.05 29.40 56.49
C ARG J 346 -5.10 28.75 55.49
N PHE J 347 -4.59 29.55 54.57
CA PHE J 347 -3.59 29.13 53.61
C PHE J 347 -2.24 29.74 53.98
N ALA J 348 -1.25 29.50 53.13
CA ALA J 348 0.11 29.99 53.37
C ALA J 348 0.29 31.35 52.72
N SER J 349 1.53 31.83 52.70
CA SER J 349 1.83 33.15 52.14
C SER J 349 1.81 33.10 50.61
N VAL J 350 1.81 34.28 50.00
CA VAL J 350 1.76 34.36 48.54
C VAL J 350 3.08 33.90 47.93
N TYR J 351 4.20 34.28 48.53
CA TYR J 351 5.49 33.84 48.02
C TYR J 351 5.72 32.35 48.29
N ALA J 352 5.35 31.90 49.49
CA ALA J 352 5.44 30.48 49.84
C ALA J 352 4.04 29.90 49.72
N TRP J 353 3.65 29.59 48.48
CA TRP J 353 2.32 29.08 48.20
C TRP J 353 2.19 27.64 48.66
N ASN J 354 1.01 27.31 49.18
CA ASN J 354 0.73 25.95 49.63
C ASN J 354 0.63 25.02 48.42
N ARG J 355 1.28 23.86 48.52
CA ARG J 355 1.30 22.87 47.46
C ARG J 355 0.61 21.60 47.93
N LYS J 356 -0.30 21.08 47.11
CA LYS J 356 -1.02 19.86 47.43
C LYS J 356 -1.04 18.95 46.21
N ARG J 357 -0.84 17.65 46.45
CA ARG J 357 -0.90 16.63 45.42
C ARG J 357 -2.06 15.70 45.72
N ILE J 358 -2.90 15.45 44.72
CA ILE J 358 -4.10 14.63 44.86
C ILE J 358 -3.97 13.43 43.95
N SER J 359 -4.17 12.23 44.51
CA SER J 359 -4.11 11.00 43.74
C SER J 359 -5.03 9.97 44.35
N ASN J 360 -5.45 9.00 43.53
CA ASN J 360 -6.29 7.89 43.95
C ASN J 360 -7.62 8.37 44.54
N CYS J 361 -8.36 9.12 43.73
CA CYS J 361 -9.70 9.52 44.11
C CYS J 361 -10.53 9.75 42.85
N VAL J 362 -11.85 9.73 43.03
CA VAL J 362 -12.78 10.03 41.96
C VAL J 362 -13.72 11.11 42.45
N ALA J 363 -13.70 12.27 41.80
CA ALA J 363 -14.53 13.39 42.21
C ALA J 363 -15.03 14.12 40.97
N ASP J 364 -16.19 14.77 41.12
CA ASP J 364 -16.80 15.49 40.01
C ASP J 364 -16.22 16.89 39.90
N TYR J 365 -16.02 17.34 38.67
CA TYR J 365 -15.55 18.69 38.39
C TYR J 365 -16.63 19.60 37.84
N SER J 366 -17.80 19.07 37.50
CA SER J 366 -18.88 19.91 36.99
C SER J 366 -19.49 20.77 38.09
N VAL J 367 -19.54 20.26 39.33
CA VAL J 367 -20.13 21.01 40.43
C VAL J 367 -19.33 22.23 40.83
N LEU J 368 -18.13 22.40 40.28
CA LEU J 368 -17.30 23.54 40.64
C LEU J 368 -17.84 24.83 40.06
N TYR J 369 -17.90 24.92 38.72
CA TYR J 369 -18.38 26.13 38.07
C TYR J 369 -19.87 26.33 38.22
N ASN J 370 -20.61 25.26 38.53
CA ASN J 370 -22.05 25.39 38.69
C ASN J 370 -22.42 26.16 39.95
N SER J 371 -21.49 26.30 40.90
CA SER J 371 -21.77 27.03 42.12
C SER J 371 -21.88 28.53 41.83
N ALA J 372 -22.60 29.23 42.72
CA ALA J 372 -22.83 30.65 42.58
C ALA J 372 -21.93 31.48 43.49
N SER J 373 -20.70 31.03 43.72
CA SER J 373 -19.75 31.73 44.56
C SER J 373 -18.40 32.00 43.91
N PHE J 374 -18.08 31.34 42.81
CA PHE J 374 -16.77 31.51 42.17
C PHE J 374 -16.75 32.82 41.39
N SER J 375 -15.82 33.69 41.73
CA SER J 375 -15.71 34.98 41.05
C SER J 375 -15.04 34.84 39.69
N THR J 376 -13.80 34.37 39.67
CA THR J 376 -13.05 34.20 38.44
C THR J 376 -12.77 32.72 38.22
N PHE J 377 -13.10 32.22 37.03
CA PHE J 377 -12.91 30.81 36.70
C PHE J 377 -12.45 30.76 35.24
N LYS J 378 -11.14 30.62 35.05
CA LYS J 378 -10.53 30.63 33.72
C LYS J 378 -9.67 29.39 33.56
N CYS J 379 -10.07 28.48 32.67
CA CYS J 379 -9.32 27.29 32.35
C CYS J 379 -8.65 27.47 30.99
N TYR J 380 -7.38 27.10 30.89
CA TYR J 380 -6.60 27.31 29.68
C TYR J 380 -6.37 26.02 28.90
N GLY J 381 -5.99 24.94 29.58
CA GLY J 381 -5.65 23.71 28.88
C GLY J 381 -6.83 22.89 28.39
N VAL J 382 -8.05 23.22 28.83
CA VAL J 382 -9.23 22.46 28.43
C VAL J 382 -10.45 23.35 28.63
N SER J 383 -11.50 23.07 27.87
CA SER J 383 -12.74 23.83 28.02
C SER J 383 -13.37 23.56 29.38
N PRO J 384 -13.96 24.57 30.02
CA PRO J 384 -14.50 24.37 31.37
C PRO J 384 -15.60 23.31 31.45
N THR J 385 -16.36 23.12 30.38
CA THR J 385 -17.48 22.19 30.40
C THR J 385 -17.08 20.75 30.10
N LYS J 386 -15.80 20.49 29.81
CA LYS J 386 -15.34 19.15 29.44
C LYS J 386 -14.42 18.55 30.49
N LEU J 387 -14.39 19.10 31.70
CA LEU J 387 -13.57 18.52 32.76
C LEU J 387 -14.06 17.13 33.15
N ASN J 388 -15.38 16.93 33.22
CA ASN J 388 -15.92 15.64 33.59
C ASN J 388 -15.68 14.59 32.52
N ASP J 389 -15.75 15.00 31.25
CA ASP J 389 -15.61 14.04 30.15
C ASP J 389 -14.23 13.40 30.13
N LEU J 390 -13.19 14.20 30.33
CA LEU J 390 -11.82 13.71 30.30
C LEU J 390 -11.27 13.56 31.72
N CYS J 391 -10.06 13.02 31.81
CA CYS J 391 -9.39 12.88 33.09
C CYS J 391 -7.89 12.76 32.85
N PHE J 392 -7.12 13.10 33.88
CA PHE J 392 -5.67 13.17 33.78
C PHE J 392 -5.07 12.52 35.03
N THR J 393 -3.77 12.71 35.22
CA THR J 393 -3.04 12.13 36.33
C THR J 393 -2.15 13.20 36.95
N ASN J 394 -1.80 13.00 38.22
CA ASN J 394 -0.91 13.88 38.98
C ASN J 394 -1.50 15.29 39.07
N VAL J 395 -2.64 15.37 39.73
CA VAL J 395 -3.31 16.64 39.95
C VAL J 395 -2.57 17.43 41.02
N TYR J 396 -2.21 18.66 40.71
CA TYR J 396 -1.48 19.53 41.62
C TYR J 396 -2.30 20.79 41.89
N ALA J 397 -2.40 21.16 43.16
CA ALA J 397 -3.17 22.32 43.57
C ALA J 397 -2.25 23.32 44.26
N ASP J 398 -2.27 24.57 43.80
CA ASP J 398 -1.51 25.66 44.39
C ASP J 398 -2.49 26.68 44.95
N SER J 399 -2.41 26.96 46.24
CA SER J 399 -3.33 27.85 46.93
C SER J 399 -2.57 28.98 47.60
N PHE J 400 -3.08 30.20 47.44
CA PHE J 400 -2.49 31.38 48.07
C PHE J 400 -3.51 32.49 48.05
N VAL J 401 -3.12 33.65 48.57
CA VAL J 401 -3.97 34.84 48.63
C VAL J 401 -3.22 36.00 48.03
N ILE J 402 -3.83 36.70 47.09
CA ILE J 402 -3.22 37.85 46.41
C ILE J 402 -4.14 39.05 46.56
N ARG J 403 -3.71 40.17 45.98
CA ARG J 403 -4.49 41.39 46.04
C ARG J 403 -5.65 41.34 45.04
N GLY J 404 -6.61 42.25 45.22
CA GLY J 404 -7.78 42.26 44.38
C GLY J 404 -7.47 42.61 42.93
N ASP J 405 -6.58 43.58 42.72
CA ASP J 405 -6.28 44.08 41.38
C ASP J 405 -5.04 43.43 40.79
N GLU J 406 -4.77 42.16 41.13
CA GLU J 406 -3.62 41.46 40.58
C GLU J 406 -3.97 40.06 40.11
N VAL J 407 -5.25 39.74 39.90
CA VAL J 407 -5.62 38.41 39.44
C VAL J 407 -5.13 38.16 38.03
N ARG J 408 -5.03 39.22 37.22
CA ARG J 408 -4.58 39.06 35.84
C ARG J 408 -3.11 38.69 35.75
N GLN J 409 -2.34 38.86 36.82
CA GLN J 409 -0.92 38.49 36.80
C GLN J 409 -0.73 36.98 36.65
N ILE J 410 -1.67 36.19 37.14
CA ILE J 410 -1.55 34.73 37.08
C ILE J 410 -2.02 34.26 35.71
N ALA J 411 -1.10 34.22 34.76
CA ALA J 411 -1.38 33.80 33.40
C ALA J 411 -0.07 33.50 32.70
N PRO J 412 -0.05 32.59 31.74
CA PRO J 412 1.20 32.23 31.06
C PRO J 412 1.71 33.38 30.20
N GLY J 413 2.91 33.86 30.51
CA GLY J 413 3.56 34.90 29.74
C GLY J 413 3.04 36.31 29.98
N GLN J 414 3.17 36.77 31.23
CA GLN J 414 2.78 38.13 31.59
C GLN J 414 3.85 38.72 32.50
N THR J 415 3.72 40.02 32.78
CA THR J 415 4.66 40.76 33.61
C THR J 415 4.04 41.03 34.98
N GLY J 416 4.76 41.79 35.79
CA GLY J 416 4.30 42.12 37.12
C GLY J 416 5.30 41.72 38.19
N LYS J 417 5.42 42.54 39.24
CA LYS J 417 6.37 42.23 40.31
C LYS J 417 6.01 40.93 41.02
N ILE J 418 4.73 40.73 41.32
CA ILE J 418 4.31 39.48 41.95
C ILE J 418 4.41 38.32 40.97
N ALA J 419 4.06 38.56 39.70
CA ALA J 419 4.13 37.51 38.68
C ALA J 419 5.56 37.11 38.34
N ASP J 420 6.56 37.86 38.80
CA ASP J 420 7.96 37.55 38.51
C ASP J 420 8.77 37.18 39.73
N TYR J 421 8.40 37.68 40.92
CA TYR J 421 9.16 37.45 42.13
C TYR J 421 8.40 36.66 43.19
N ASN J 422 7.12 36.36 42.98
CA ASN J 422 6.34 35.56 43.91
C ASN J 422 5.85 34.26 43.30
N TYR J 423 5.28 34.29 42.09
CA TYR J 423 4.84 33.09 41.41
C TYR J 423 4.72 33.37 39.93
N LYS J 424 5.31 32.51 39.11
CA LYS J 424 5.23 32.63 37.65
C LYS J 424 4.73 31.32 37.07
N LEU J 425 3.74 31.40 36.21
CA LEU J 425 3.19 30.22 35.54
C LEU J 425 3.94 29.96 34.24
N PRO J 426 4.38 28.72 34.00
CA PRO J 426 5.05 28.43 32.73
C PRO J 426 4.10 28.61 31.56
N ASP J 427 4.68 28.94 30.40
CA ASP J 427 3.86 29.19 29.22
C ASP J 427 3.09 27.95 28.79
N ASP J 428 3.73 26.78 28.84
CA ASP J 428 3.08 25.52 28.50
C ASP J 428 2.36 24.97 29.72
N PHE J 429 1.27 25.65 30.08
CA PHE J 429 0.47 25.30 31.24
C PHE J 429 -0.88 24.78 30.78
N THR J 430 -1.28 23.62 31.30
CA THR J 430 -2.56 22.99 31.00
C THR J 430 -3.31 22.80 32.31
N GLY J 431 -4.14 23.77 32.66
CA GLY J 431 -4.91 23.69 33.89
C GLY J 431 -6.00 24.73 33.98
N CYS J 432 -6.30 25.18 35.20
CA CYS J 432 -7.36 26.16 35.41
C CYS J 432 -7.01 26.98 36.65
N VAL J 433 -7.61 28.17 36.72
CA VAL J 433 -7.38 29.11 37.82
C VAL J 433 -8.72 29.55 38.37
N ILE J 434 -8.87 29.49 39.69
CA ILE J 434 -10.10 29.88 40.37
C ILE J 434 -9.77 30.94 41.41
N ALA J 435 -10.52 32.03 41.41
CA ALA J 435 -10.35 33.10 42.39
C ALA J 435 -11.72 33.56 42.86
N TRP J 436 -11.84 33.81 44.17
CA TRP J 436 -13.10 34.27 44.75
C TRP J 436 -12.80 35.21 45.90
N ASN J 437 -13.79 36.04 46.24
CA ASN J 437 -13.62 37.04 47.27
C ASN J 437 -13.57 36.40 48.66
N SER J 438 -12.65 36.88 49.49
CA SER J 438 -12.53 36.44 50.87
C SER J 438 -12.26 37.63 51.78
N ASN J 439 -12.88 38.77 51.47
CA ASN J 439 -12.64 39.98 52.25
C ASN J 439 -13.13 39.83 53.68
N ASN J 440 -14.30 39.23 53.87
CA ASN J 440 -14.85 39.05 55.21
C ASN J 440 -13.99 38.12 56.07
N LEU J 441 -13.19 37.25 55.44
CA LEU J 441 -12.35 36.34 56.21
C LEU J 441 -11.16 37.06 56.84
N ASP J 442 -10.64 38.10 56.18
CA ASP J 442 -9.45 38.80 56.64
C ASP J 442 -9.74 40.21 57.14
N SER J 443 -10.98 40.66 57.09
CA SER J 443 -11.31 42.01 57.54
C SER J 443 -11.21 42.10 59.06
N LYS J 444 -11.00 43.32 59.55
CA LYS J 444 -10.89 43.58 60.97
C LYS J 444 -12.25 43.42 61.66
N GLY J 447 -6.73 45.52 58.53
CA GLY J 447 -7.20 44.53 59.49
C GLY J 447 -6.28 43.34 59.61
N ASN J 448 -5.79 42.86 58.46
CA ASN J 448 -4.90 41.71 58.40
C ASN J 448 -3.48 42.20 58.08
N TYR J 449 -2.52 41.79 58.90
CA TYR J 449 -1.13 42.20 58.72
C TYR J 449 -0.15 41.03 58.83
N ASN J 450 -0.63 39.80 58.79
CA ASN J 450 0.22 38.63 58.82
C ASN J 450 0.67 38.19 57.44
N TYR J 451 0.25 38.90 56.40
CA TYR J 451 0.59 38.56 55.02
C TYR J 451 1.87 39.27 54.60
N LEU J 452 2.74 38.56 53.90
CA LEU J 452 3.97 39.13 53.36
C LEU J 452 4.06 38.80 51.87
N TYR J 453 4.66 39.70 51.09
CA TYR J 453 4.85 39.48 49.67
C TYR J 453 6.27 39.87 49.28
N ARG J 454 6.81 39.12 48.32
CA ARG J 454 8.15 39.40 47.81
C ARG J 454 8.11 40.50 46.77
N LEU J 455 9.07 41.42 46.85
CA LEU J 455 9.16 42.54 45.91
C LEU J 455 10.54 42.72 45.31
N PHE J 456 11.61 42.28 45.97
CA PHE J 456 12.97 42.46 45.48
C PHE J 456 13.63 41.11 45.29
N ARG J 457 14.16 40.87 44.08
CA ARG J 457 14.90 39.65 43.80
C ARG J 457 15.85 39.92 42.65
N LYS J 458 16.94 39.13 42.61
CA LYS J 458 17.96 39.35 41.59
C LYS J 458 17.44 39.04 40.20
N SER J 459 16.68 37.95 40.05
CA SER J 459 16.20 37.51 38.75
C SER J 459 14.78 36.99 38.87
N ASN J 460 14.15 36.77 37.72
CA ASN J 460 12.80 36.22 37.68
C ASN J 460 12.79 34.79 38.19
N LEU J 461 11.67 34.39 38.77
CA LEU J 461 11.55 33.04 39.29
C LEU J 461 11.45 32.01 38.16
N LYS J 462 11.93 30.81 38.45
CA LYS J 462 11.79 29.69 37.54
C LYS J 462 10.36 29.17 37.56
N PRO J 463 9.93 28.49 36.50
CA PRO J 463 8.57 27.90 36.51
C PRO J 463 8.43 26.87 37.62
N PHE J 464 7.33 26.98 38.36
CA PHE J 464 7.03 26.07 39.47
C PHE J 464 8.19 26.01 40.47
N GLU J 465 8.75 27.17 40.77
CA GLU J 465 9.88 27.26 41.70
C GLU J 465 9.38 27.73 43.06
N ARG J 466 9.73 26.97 44.10
CA ARG J 466 9.36 27.31 45.47
C ARG J 466 10.56 28.00 46.11
N ASP J 467 10.76 29.26 45.74
CA ASP J 467 11.89 30.05 46.22
C ASP J 467 11.52 30.67 47.57
N ILE J 468 11.93 30.01 48.64
CA ILE J 468 11.74 30.53 50.00
C ILE J 468 13.12 30.84 50.57
N SER J 469 13.32 32.10 50.96
CA SER J 469 14.60 32.55 51.50
C SER J 469 14.41 33.95 52.08
N THR J 470 15.35 34.33 52.93
CA THR J 470 15.40 35.68 53.50
C THR J 470 16.82 36.21 53.38
N GLU J 471 16.93 37.49 53.00
CA GLU J 471 18.21 38.15 52.81
C GLU J 471 17.96 39.63 52.60
N ILE J 472 18.90 40.44 53.08
CA ILE J 472 18.80 41.89 52.92
C ILE J 472 19.13 42.23 51.46
N TYR J 473 18.13 42.68 50.72
CA TYR J 473 18.32 42.98 49.31
C TYR J 473 19.26 44.17 49.14
N GLN J 474 20.15 44.07 48.15
CA GLN J 474 21.13 45.11 47.87
C GLN J 474 20.73 45.86 46.60
N ALA J 475 20.84 47.19 46.67
CA ALA J 475 20.51 48.05 45.53
C ALA J 475 21.58 49.10 45.27
N GLY J 476 22.82 48.83 45.68
CA GLY J 476 23.89 49.79 45.50
C GLY J 476 25.22 49.10 45.25
N SER J 477 26.18 49.89 44.76
CA SER J 477 27.50 49.36 44.47
C SER J 477 28.21 48.91 45.74
N THR J 478 28.09 49.69 46.82
CA THR J 478 28.78 49.38 48.05
C THR J 478 28.20 48.12 48.68
N PRO J 479 29.02 47.28 49.31
CA PRO J 479 28.49 46.10 50.00
C PRO J 479 27.62 46.50 51.18
N CYS J 480 26.64 45.66 51.48
CA CYS J 480 25.69 45.89 52.55
C CYS J 480 25.91 44.87 53.66
N ASN J 481 26.05 45.36 54.90
CA ASN J 481 26.26 44.50 56.04
C ASN J 481 25.70 45.18 57.29
N GLY J 482 25.44 44.37 58.31
CA GLY J 482 24.93 44.88 59.57
C GLY J 482 23.43 45.09 59.58
N VAL J 483 23.01 46.35 59.63
CA VAL J 483 21.59 46.70 59.69
C VAL J 483 21.21 47.34 58.36
N GLU J 484 19.92 47.24 58.02
CA GLU J 484 19.42 47.79 56.77
C GLU J 484 19.53 49.30 56.76
N GLY J 485 20.05 49.84 55.66
CA GLY J 485 20.15 51.28 55.47
C GLY J 485 19.89 51.64 54.03
N PHE J 486 20.71 52.52 53.46
CA PHE J 486 20.61 52.83 52.05
C PHE J 486 21.04 51.62 51.22
N ASN J 487 20.29 51.36 50.15
CA ASN J 487 20.54 50.20 49.28
C ASN J 487 20.48 48.89 50.05
N CYS J 488 19.74 48.88 51.16
CA CYS J 488 19.57 47.68 51.98
C CYS J 488 18.10 47.62 52.36
N TYR J 489 17.34 46.78 51.67
CA TYR J 489 15.89 46.73 51.83
C TYR J 489 15.45 45.31 52.16
N PHE J 490 14.32 45.21 52.85
CA PHE J 490 13.76 43.92 53.24
C PHE J 490 12.81 43.44 52.14
N PRO J 491 13.07 42.29 51.52
CA PRO J 491 12.31 41.92 50.31
C PRO J 491 10.83 41.68 50.55
N LEU J 492 10.42 41.42 51.79
CA LEU J 492 9.02 41.15 52.09
C LEU J 492 8.36 42.40 52.65
N GLN J 493 7.09 42.61 52.29
CA GLN J 493 6.31 43.73 52.78
C GLN J 493 4.91 43.27 53.10
N SER J 494 4.24 44.03 53.96
CA SER J 494 2.92 43.63 54.47
C SER J 494 1.80 44.12 53.55
N TYR J 495 0.60 43.63 53.83
CA TYR J 495 -0.62 44.04 53.15
C TYR J 495 -1.45 44.94 54.04
N GLY J 496 -1.96 46.03 53.48
CA GLY J 496 -2.89 46.89 54.19
C GLY J 496 -4.32 46.46 53.97
N PHE J 497 -4.70 45.30 54.50
CA PHE J 497 -6.04 44.75 54.32
C PHE J 497 -7.00 45.37 55.34
N GLN J 498 -7.24 46.66 55.16
CA GLN J 498 -8.19 47.36 56.01
C GLN J 498 -9.62 46.97 55.64
N PRO J 499 -10.50 46.77 56.62
CA PRO J 499 -11.89 46.40 56.30
C PRO J 499 -12.64 47.47 55.53
N THR J 500 -12.20 48.73 55.58
CA THR J 500 -12.88 49.82 54.90
C THR J 500 -12.37 50.03 53.47
N ASN J 501 -11.82 49.00 52.85
CA ASN J 501 -11.29 49.09 51.50
C ASN J 501 -12.25 48.41 50.53
N GLY J 502 -12.57 49.11 49.44
CA GLY J 502 -13.46 48.57 48.43
C GLY J 502 -12.76 47.65 47.46
N VAL J 503 -13.14 47.71 46.18
CA VAL J 503 -12.53 46.86 45.17
C VAL J 503 -11.09 47.27 44.96
N GLY J 504 -10.25 46.30 44.57
CA GLY J 504 -8.86 46.53 44.31
C GLY J 504 -7.93 46.27 45.48
N TYR J 505 -8.47 46.19 46.70
CA TYR J 505 -7.66 45.92 47.88
C TYR J 505 -8.14 44.74 48.70
N GLN J 506 -9.31 44.19 48.40
CA GLN J 506 -9.83 43.08 49.19
C GLN J 506 -9.04 41.81 48.90
N PRO J 507 -8.74 41.01 49.93
CA PRO J 507 -7.98 39.76 49.69
C PRO J 507 -8.82 38.73 48.95
N TYR J 508 -8.22 38.11 47.94
CA TYR J 508 -8.87 37.08 47.15
C TYR J 508 -8.09 35.77 47.28
N ARG J 509 -8.80 34.69 47.56
CA ARG J 509 -8.20 33.36 47.65
C ARG J 509 -8.16 32.74 46.25
N VAL J 510 -6.97 32.32 45.83
CA VAL J 510 -6.75 31.82 44.48
C VAL J 510 -6.24 30.39 44.56
N VAL J 511 -6.85 29.50 43.80
CA VAL J 511 -6.43 28.10 43.71
C VAL J 511 -6.16 27.79 42.25
N VAL J 512 -4.97 27.26 41.97
CA VAL J 512 -4.54 26.89 40.63
C VAL J 512 -4.41 25.38 40.56
N LEU J 513 -5.06 24.77 39.58
CA LEU J 513 -5.06 23.33 39.40
C LEU J 513 -4.30 22.98 38.13
N SER J 514 -3.40 21.99 38.23
CA SER J 514 -2.63 21.51 37.10
C SER J 514 -2.68 19.99 37.09
N PHE J 515 -2.47 19.41 35.90
CA PHE J 515 -2.56 17.98 35.72
C PHE J 515 -1.56 17.53 34.67
N GLU J 516 -1.28 16.23 34.67
CA GLU J 516 -0.37 15.62 33.72
C GLU J 516 -1.12 14.60 32.86
N LEU J 517 -0.69 14.47 31.61
CA LEU J 517 -1.41 13.64 30.64
C LEU J 517 -0.90 12.19 30.71
N LEU J 518 -1.20 11.55 31.83
CA LEU J 518 -1.08 10.10 31.99
C LEU J 518 0.36 9.63 31.74
N HIS J 519 1.27 10.07 32.60
CA HIS J 519 2.62 9.53 32.59
C HIS J 519 2.74 8.20 33.33
N ALA J 520 1.69 7.79 34.04
CA ALA J 520 1.66 6.56 34.81
C ALA J 520 0.28 5.93 34.66
N PRO J 521 0.05 4.73 35.20
CA PRO J 521 -1.32 4.20 35.21
C PRO J 521 -2.28 5.16 35.90
N ALA J 522 -3.49 5.26 35.35
CA ALA J 522 -4.44 6.27 35.82
C ALA J 522 -4.84 6.02 37.26
N THR J 523 -4.85 7.09 38.05
CA THR J 523 -5.24 7.04 39.46
C THR J 523 -6.49 7.85 39.76
N VAL J 524 -6.66 9.02 39.14
CA VAL J 524 -7.82 9.87 39.34
C VAL J 524 -8.52 10.07 38.01
N CYS J 525 -9.83 9.84 37.99
CA CYS J 525 -10.64 10.11 36.82
C CYS J 525 -12.05 10.46 37.26
N GLY J 526 -12.78 11.11 36.37
CA GLY J 526 -14.12 11.57 36.67
C GLY J 526 -15.10 10.43 36.88
N PRO J 527 -16.12 10.69 37.70
CA PRO J 527 -17.13 9.65 37.95
C PRO J 527 -17.97 9.38 36.71
N LYS J 528 -18.49 8.16 36.65
CA LYS J 528 -19.34 7.73 35.54
C LYS J 528 -20.74 7.42 36.06
N LYS J 529 -21.70 7.41 35.13
CA LYS J 529 -23.11 7.25 35.46
C LYS J 529 -23.56 5.83 35.11
N SER J 530 -24.29 5.20 36.02
CA SER J 530 -24.83 3.86 35.83
C SER J 530 -26.34 3.94 35.81
N THR J 531 -26.94 3.33 34.79
CA THR J 531 -28.39 3.33 34.64
C THR J 531 -28.99 2.10 35.32
N ASN J 532 -30.28 1.87 35.11
CA ASN J 532 -30.96 0.73 35.70
C ASN J 532 -30.73 -0.51 34.84
N LEU J 533 -31.44 -1.58 35.15
CA LEU J 533 -31.32 -2.85 34.44
C LEU J 533 -32.70 -3.38 34.08
N VAL J 534 -32.73 -4.21 33.04
CA VAL J 534 -33.97 -4.83 32.57
C VAL J 534 -33.73 -6.32 32.40
N LYS J 535 -34.83 -7.07 32.34
CA LYS J 535 -34.79 -8.51 32.20
C LYS J 535 -35.72 -8.96 31.10
N ASN J 536 -35.42 -10.12 30.53
CA ASN J 536 -36.22 -10.73 29.46
C ASN J 536 -36.36 -9.80 28.26
N LYS J 537 -35.27 -9.10 27.94
CA LYS J 537 -35.24 -8.20 26.79
C LYS J 537 -33.94 -8.38 26.03
N CYS J 538 -34.02 -8.37 24.71
CA CYS J 538 -32.82 -8.45 23.87
C CYS J 538 -32.07 -7.14 23.98
N VAL J 539 -31.04 -7.12 24.83
CA VAL J 539 -30.35 -5.90 25.20
C VAL J 539 -28.86 -6.05 24.92
N ASN J 540 -28.28 -5.02 24.29
CA ASN J 540 -26.84 -4.91 24.14
C ASN J 540 -26.28 -4.02 25.24
N PHE J 541 -25.06 -4.32 25.68
CA PHE J 541 -24.47 -3.61 26.80
C PHE J 541 -22.96 -3.68 26.70
N ASN J 542 -22.30 -2.83 27.49
CA ASN J 542 -20.85 -2.83 27.64
C ASN J 542 -20.39 -3.39 28.97
N PHE J 543 -21.06 -3.00 30.06
CA PHE J 543 -20.85 -3.52 31.41
C PHE J 543 -19.35 -3.54 31.77
N ASN J 544 -18.81 -2.33 31.90
CA ASN J 544 -17.47 -2.14 32.49
C ASN J 544 -16.38 -2.82 31.66
N GLY J 545 -16.59 -2.91 30.35
CA GLY J 545 -15.53 -3.36 29.47
C GLY J 545 -15.84 -4.54 28.57
N LEU J 546 -16.56 -5.54 29.06
CA LEU J 546 -16.87 -6.73 28.27
C LEU J 546 -18.26 -6.56 27.67
N THR J 547 -18.30 -6.15 26.41
CA THR J 547 -19.57 -5.92 25.74
C THR J 547 -20.25 -7.25 25.41
N GLY J 548 -21.59 -7.22 25.36
CA GLY J 548 -22.36 -8.40 25.05
C GLY J 548 -23.80 -8.12 24.71
N THR J 549 -24.37 -8.87 23.78
CA THR J 549 -25.76 -8.74 23.38
C THR J 549 -26.49 -10.04 23.69
N GLY J 550 -27.61 -9.93 24.38
CA GLY J 550 -28.36 -11.12 24.74
C GLY J 550 -29.51 -10.77 25.67
N VAL J 551 -30.05 -11.81 26.30
CA VAL J 551 -31.19 -11.68 27.20
C VAL J 551 -30.73 -12.04 28.61
N LEU J 552 -31.15 -11.22 29.58
CA LEU J 552 -30.76 -11.43 30.96
C LEU J 552 -31.71 -12.41 31.65
N THR J 553 -31.14 -13.24 32.51
CA THR J 553 -31.93 -14.20 33.29
C THR J 553 -31.14 -14.57 34.54
N GLU J 554 -31.86 -15.10 35.53
CA GLU J 554 -31.25 -15.51 36.78
C GLU J 554 -30.36 -16.72 36.57
N SER J 555 -29.29 -16.79 37.36
CA SER J 555 -28.33 -17.90 37.28
C SER J 555 -28.05 -18.44 38.68
N ASN J 556 -27.87 -19.75 38.78
CA ASN J 556 -27.59 -20.41 40.04
C ASN J 556 -26.11 -20.64 40.28
N LYS J 557 -25.24 -20.14 39.41
CA LYS J 557 -23.81 -20.35 39.55
C LYS J 557 -23.27 -19.64 40.78
N LYS J 558 -22.23 -20.22 41.37
CA LYS J 558 -21.56 -19.65 42.54
C LYS J 558 -20.17 -19.17 42.13
N PHE J 559 -19.85 -17.93 42.50
CA PHE J 559 -18.59 -17.31 42.14
C PHE J 559 -17.77 -17.04 43.40
N LEU J 560 -16.48 -17.34 43.34
CA LEU J 560 -15.58 -16.96 44.41
C LEU J 560 -15.42 -15.43 44.41
N PRO J 561 -15.08 -14.84 45.56
CA PRO J 561 -15.06 -13.37 45.66
C PRO J 561 -14.02 -12.68 44.81
N PHE J 562 -13.26 -13.39 43.97
CA PHE J 562 -12.18 -12.76 43.21
C PHE J 562 -12.29 -12.98 41.70
N GLN J 563 -13.44 -13.41 41.20
CA GLN J 563 -13.66 -13.44 39.75
C GLN J 563 -14.51 -12.26 39.33
N GLN J 564 -14.61 -12.07 38.02
CA GLN J 564 -15.42 -11.01 37.43
C GLN J 564 -16.48 -11.54 36.48
N PHE J 565 -16.15 -12.54 35.67
CA PHE J 565 -17.11 -13.10 34.72
C PHE J 565 -16.72 -14.54 34.44
N GLY J 566 -17.70 -15.30 33.97
CA GLY J 566 -17.51 -16.71 33.67
C GLY J 566 -17.69 -17.00 32.19
N ARG J 567 -16.89 -17.92 31.68
CA ARG J 567 -16.96 -18.34 30.28
C ARG J 567 -16.89 -19.85 30.23
N ASP J 568 -17.41 -20.42 29.14
CA ASP J 568 -17.41 -21.86 28.93
C ASP J 568 -16.41 -22.31 27.89
N ILE J 569 -16.43 -21.71 26.70
CA ILE J 569 -15.52 -22.08 25.63
C ILE J 569 -15.51 -20.94 24.61
N ALA J 570 -14.37 -20.76 23.95
CA ALA J 570 -14.20 -19.76 22.88
C ALA J 570 -14.54 -18.36 23.38
N ASP J 571 -14.20 -18.08 24.65
CA ASP J 571 -14.40 -16.77 25.26
C ASP J 571 -15.85 -16.31 25.15
N THR J 572 -16.78 -17.26 25.31
CA THR J 572 -18.20 -16.95 25.26
C THR J 572 -18.67 -16.74 26.70
N THR J 573 -18.87 -15.49 27.08
CA THR J 573 -19.28 -15.17 28.43
C THR J 573 -20.69 -15.67 28.69
N ASP J 574 -20.87 -16.39 29.80
CA ASP J 574 -22.16 -16.94 30.16
C ASP J 574 -22.67 -16.42 31.49
N ALA J 575 -21.85 -16.44 32.54
CA ALA J 575 -22.25 -16.00 33.86
C ALA J 575 -21.46 -14.75 34.22
N VAL J 576 -22.17 -13.67 34.53
CA VAL J 576 -21.57 -12.36 34.79
C VAL J 576 -22.18 -11.79 36.08
N ARG J 577 -21.34 -11.20 36.91
CA ARG J 577 -21.76 -10.64 38.19
C ARG J 577 -21.69 -9.11 38.14
N ASP J 578 -22.78 -8.46 38.55
CA ASP J 578 -22.88 -7.01 38.53
C ASP J 578 -22.19 -6.41 39.76
N PRO J 579 -21.68 -5.17 39.64
CA PRO J 579 -20.98 -4.55 40.78
C PRO J 579 -21.91 -4.06 41.88
N GLN J 580 -23.01 -3.41 41.50
CA GLN J 580 -23.85 -2.75 42.50
C GLN J 580 -24.52 -3.77 43.41
N THR J 581 -25.17 -4.78 42.84
CA THR J 581 -25.96 -5.72 43.63
C THR J 581 -25.15 -6.93 44.06
N LEU J 582 -23.99 -7.18 43.43
CA LEU J 582 -23.18 -8.36 43.71
C LEU J 582 -23.99 -9.63 43.49
N GLU J 583 -24.70 -9.68 42.36
CA GLU J 583 -25.54 -10.82 42.00
C GLU J 583 -25.09 -11.38 40.66
N ILE J 584 -25.14 -12.71 40.55
CA ILE J 584 -24.70 -13.39 39.33
C ILE J 584 -25.86 -13.48 38.35
N LEU J 585 -25.59 -13.15 37.08
CA LEU J 585 -26.60 -13.17 36.05
C LEU J 585 -26.14 -14.04 34.89
N ASP J 586 -27.10 -14.55 34.12
CA ASP J 586 -26.82 -15.43 33.00
C ASP J 586 -27.16 -14.71 31.70
N ILE J 587 -26.35 -14.96 30.67
CA ILE J 587 -26.51 -14.35 29.35
C ILE J 587 -26.84 -15.44 28.35
N THR J 588 -27.94 -15.27 27.62
CA THR J 588 -28.36 -16.19 26.59
C THR J 588 -28.49 -15.45 25.26
N PRO J 589 -27.92 -15.97 24.18
CA PRO J 589 -28.01 -15.27 22.89
C PRO J 589 -29.45 -15.14 22.43
N CYS J 590 -29.75 -14.01 21.80
CA CYS J 590 -31.11 -13.72 21.35
C CYS J 590 -31.53 -14.69 20.25
N SER J 591 -32.82 -15.03 20.24
CA SER J 591 -33.32 -16.06 19.35
C SER J 591 -33.21 -15.64 17.90
N PHE J 592 -32.82 -16.59 17.05
CA PHE J 592 -32.75 -16.36 15.61
C PHE J 592 -32.77 -17.71 14.90
N GLY J 593 -33.22 -17.70 13.65
CA GLY J 593 -33.28 -18.91 12.88
C GLY J 593 -33.92 -18.64 11.53
N GLY J 594 -33.92 -19.69 10.70
CA GLY J 594 -34.48 -19.58 9.37
C GLY J 594 -35.99 -19.79 9.34
N VAL J 595 -36.55 -19.56 8.17
CA VAL J 595 -37.98 -19.76 7.94
C VAL J 595 -38.15 -20.84 6.89
N SER J 596 -39.34 -21.43 6.87
CA SER J 596 -39.71 -22.43 5.88
C SER J 596 -41.15 -22.20 5.46
N VAL J 597 -41.45 -22.55 4.21
CA VAL J 597 -42.79 -22.41 3.67
C VAL J 597 -43.28 -23.78 3.24
N ILE J 598 -44.51 -24.11 3.64
CA ILE J 598 -45.16 -25.36 3.29
C ILE J 598 -46.34 -25.06 2.40
N THR J 599 -46.31 -25.57 1.17
CA THR J 599 -47.35 -25.30 0.19
C THR J 599 -47.86 -26.61 -0.39
N PRO J 600 -49.14 -26.66 -0.76
CA PRO J 600 -49.70 -27.88 -1.37
C PRO J 600 -49.58 -27.94 -2.89
N GLY J 601 -48.86 -27.02 -3.51
CA GLY J 601 -48.70 -27.03 -4.95
C GLY J 601 -49.39 -25.84 -5.59
N THR J 602 -48.75 -25.29 -6.63
CA THR J 602 -49.30 -24.12 -7.28
C THR J 602 -50.59 -24.44 -8.04
N ASN J 603 -50.76 -25.69 -8.48
CA ASN J 603 -51.93 -26.04 -9.28
C ASN J 603 -53.22 -25.83 -8.49
N THR J 604 -53.25 -26.31 -7.24
CA THR J 604 -54.49 -26.40 -6.49
C THR J 604 -54.88 -25.05 -5.90
N SER J 605 -54.01 -24.50 -5.06
CA SER J 605 -54.32 -23.25 -4.38
C SER J 605 -53.03 -22.45 -4.21
N ASN J 606 -53.09 -21.39 -3.41
CA ASN J 606 -51.92 -20.55 -3.16
C ASN J 606 -51.82 -20.16 -1.70
N GLN J 607 -52.33 -20.99 -0.80
CA GLN J 607 -52.23 -20.76 0.63
C GLN J 607 -51.02 -21.50 1.17
N VAL J 608 -50.19 -20.81 1.94
CA VAL J 608 -48.92 -21.34 2.41
C VAL J 608 -48.85 -21.20 3.93
N ALA J 609 -48.29 -22.20 4.58
CA ALA J 609 -48.07 -22.17 6.02
C ALA J 609 -46.61 -21.85 6.31
N VAL J 610 -46.40 -20.94 7.26
CA VAL J 610 -45.07 -20.45 7.62
C VAL J 610 -44.64 -21.17 8.88
N LEU J 611 -43.42 -21.72 8.87
CA LEU J 611 -42.87 -22.45 10.00
C LEU J 611 -41.55 -21.82 10.42
N TYR J 612 -41.42 -21.56 11.72
CA TYR J 612 -40.18 -21.07 12.31
C TYR J 612 -39.48 -22.20 13.04
N GLN J 613 -38.17 -22.32 12.82
CA GLN J 613 -37.40 -23.46 13.30
C GLN J 613 -36.60 -23.08 14.54
N GLY J 614 -36.73 -23.91 15.58
CA GLY J 614 -35.89 -23.80 16.76
C GLY J 614 -35.96 -22.48 17.50
N VAL J 615 -37.16 -21.90 17.58
CA VAL J 615 -37.36 -20.66 18.32
C VAL J 615 -38.65 -20.78 19.13
N ASN J 616 -38.58 -20.40 20.40
CA ASN J 616 -39.77 -20.31 21.25
C ASN J 616 -40.59 -19.11 20.78
N CYS J 617 -41.70 -19.37 20.11
CA CYS J 617 -42.44 -18.33 19.41
C CYS J 617 -43.57 -17.73 20.25
N THR J 618 -43.39 -17.66 21.57
CA THR J 618 -44.35 -16.94 22.40
C THR J 618 -44.41 -15.46 22.04
N GLU J 619 -43.35 -14.92 21.44
CA GLU J 619 -43.31 -13.53 20.95
C GLU J 619 -42.64 -13.54 19.58
N VAL J 620 -43.45 -13.67 18.54
CA VAL J 620 -42.95 -13.70 17.16
C VAL J 620 -42.53 -12.31 16.66
N PRO J 621 -43.22 -11.21 17.03
CA PRO J 621 -42.71 -9.99 16.38
C PRO J 621 -41.53 -9.37 17.12
N VAL J 635 -52.37 -10.32 8.67
CA VAL J 635 -51.60 -11.30 7.91
C VAL J 635 -51.18 -12.47 8.80
N TYR J 636 -50.19 -13.24 8.35
CA TYR J 636 -49.71 -14.40 9.09
C TYR J 636 -48.64 -13.99 10.10
N SER J 637 -49.03 -13.09 11.00
CA SER J 637 -48.14 -12.62 12.05
C SER J 637 -48.61 -13.03 13.44
N THR J 638 -49.85 -12.69 13.80
CA THR J 638 -50.38 -13.05 15.11
C THR J 638 -51.80 -13.57 15.01
N GLY J 639 -52.53 -13.13 13.97
CA GLY J 639 -53.93 -13.50 13.85
C GLY J 639 -54.14 -14.98 13.58
N SER J 640 -53.26 -15.58 12.78
CA SER J 640 -53.40 -16.98 12.43
C SER J 640 -53.10 -17.86 13.64
N ASN J 641 -53.64 -19.08 13.59
CA ASN J 641 -53.47 -20.03 14.68
C ASN J 641 -52.01 -20.46 14.80
N VAL J 642 -51.60 -20.76 16.02
CA VAL J 642 -50.22 -21.13 16.33
C VAL J 642 -50.20 -22.53 16.92
N PHE J 643 -49.38 -23.40 16.35
CA PHE J 643 -49.16 -24.75 16.86
C PHE J 643 -47.67 -24.93 17.13
N GLN J 644 -47.34 -25.30 18.37
CA GLN J 644 -45.95 -25.42 18.78
C GLN J 644 -45.49 -26.87 18.63
N THR J 645 -44.35 -27.06 17.96
CA THR J 645 -43.78 -28.38 17.72
C THR J 645 -42.45 -28.51 18.46
N ARG J 646 -41.81 -29.66 18.28
CA ARG J 646 -40.49 -29.88 18.85
C ARG J 646 -39.39 -29.17 18.08
N ALA J 647 -39.67 -28.75 16.84
CA ALA J 647 -38.71 -28.05 16.00
C ALA J 647 -39.13 -26.62 15.75
N GLY J 648 -39.67 -25.98 16.78
CA GLY J 648 -40.19 -24.63 16.65
C GLY J 648 -41.70 -24.60 16.65
N CYS J 649 -42.30 -23.74 15.83
CA CYS J 649 -43.74 -23.68 15.73
C CYS J 649 -44.12 -23.19 14.34
N LEU J 650 -45.35 -23.51 13.94
CA LEU J 650 -45.88 -23.14 12.64
C LEU J 650 -47.15 -22.33 12.81
N ILE J 651 -47.46 -21.52 11.80
CA ILE J 651 -48.66 -20.68 11.80
C ILE J 651 -49.37 -20.86 10.48
N GLY J 652 -50.67 -20.54 10.47
CA GLY J 652 -51.49 -20.65 9.29
C GLY J 652 -52.17 -22.00 9.12
N ALA J 653 -51.85 -22.97 9.97
CA ALA J 653 -52.44 -24.30 9.89
C ALA J 653 -52.98 -24.70 11.25
N GLU J 654 -54.10 -25.41 11.24
CA GLU J 654 -54.74 -25.88 12.47
C GLU J 654 -54.09 -27.18 12.91
N HIS J 655 -54.68 -27.84 13.90
CA HIS J 655 -54.16 -29.08 14.45
C HIS J 655 -55.23 -30.16 14.39
N VAL J 656 -54.81 -31.37 14.02
CA VAL J 656 -55.69 -32.54 13.95
C VAL J 656 -55.01 -33.69 14.67
N ASN J 657 -55.74 -34.39 15.53
CA ASN J 657 -55.18 -35.47 16.32
C ASN J 657 -55.60 -36.85 15.80
N ASN J 658 -55.80 -36.96 14.49
CA ASN J 658 -56.05 -38.24 13.84
C ASN J 658 -54.73 -38.83 13.35
N SER J 659 -54.81 -39.87 12.53
CA SER J 659 -53.63 -40.51 11.96
C SER J 659 -53.81 -40.72 10.47
N TYR J 660 -52.84 -40.28 9.67
CA TYR J 660 -52.84 -40.49 8.24
C TYR J 660 -51.41 -40.71 7.77
N GLU J 661 -51.26 -40.92 6.46
CA GLU J 661 -49.94 -41.07 5.86
C GLU J 661 -49.24 -39.71 5.78
N CYS J 662 -47.95 -39.76 5.50
CA CYS J 662 -47.11 -38.56 5.45
C CYS J 662 -46.78 -38.24 3.99
N ASP J 663 -47.05 -36.99 3.59
CA ASP J 663 -46.77 -36.52 2.24
C ASP J 663 -45.61 -35.55 2.18
N ILE J 664 -45.64 -34.49 2.98
CA ILE J 664 -44.58 -33.50 3.04
C ILE J 664 -43.99 -33.53 4.44
N PRO J 665 -42.83 -34.18 4.63
CA PRO J 665 -42.25 -34.28 5.98
C PRO J 665 -41.87 -32.91 6.55
N ILE J 666 -42.11 -32.74 7.84
CA ILE J 666 -41.70 -31.55 8.57
C ILE J 666 -40.53 -31.86 9.51
N GLY J 667 -40.71 -32.78 10.43
CA GLY J 667 -39.69 -33.10 11.40
C GLY J 667 -40.32 -33.47 12.72
N ALA J 668 -39.49 -34.05 13.60
CA ALA J 668 -39.90 -34.48 14.94
C ALA J 668 -41.09 -35.43 14.89
N GLY J 669 -41.16 -36.26 13.85
CA GLY J 669 -42.20 -37.27 13.76
C GLY J 669 -43.56 -36.77 13.34
N ILE J 670 -43.69 -35.50 12.93
CA ILE J 670 -44.97 -34.97 12.47
C ILE J 670 -44.79 -34.33 11.10
N CYS J 671 -45.89 -34.26 10.35
CA CYS J 671 -45.86 -33.66 9.03
C CYS J 671 -47.27 -33.23 8.65
N ALA J 672 -47.35 -32.36 7.67
CA ALA J 672 -48.60 -31.71 7.27
C ALA J 672 -48.96 -32.11 5.84
N SER J 673 -50.26 -32.17 5.58
CA SER J 673 -50.79 -32.51 4.27
C SER J 673 -51.93 -31.56 3.94
N TYR J 674 -52.51 -31.73 2.75
CA TYR J 674 -53.61 -30.91 2.30
C TYR J 674 -54.86 -31.76 2.16
N GLN J 675 -55.98 -31.26 2.67
CA GLN J 675 -57.25 -31.96 2.57
C GLN J 675 -58.27 -31.11 1.83
N SER J 691 -58.51 -28.48 3.65
CA SER J 691 -57.54 -27.44 3.96
C SER J 691 -56.19 -28.03 4.35
N ILE J 692 -55.28 -27.17 4.79
CA ILE J 692 -53.96 -27.61 5.23
C ILE J 692 -54.02 -27.95 6.73
N ILE J 693 -53.54 -29.14 7.07
CA ILE J 693 -53.58 -29.64 8.45
C ILE J 693 -52.28 -30.34 8.76
N ALA J 694 -51.78 -30.14 9.98
CA ALA J 694 -50.57 -30.77 10.46
C ALA J 694 -50.92 -31.77 11.56
N TYR J 695 -50.40 -32.98 11.43
CA TYR J 695 -50.71 -34.06 12.36
C TYR J 695 -49.47 -34.93 12.53
N THR J 696 -49.61 -36.03 13.26
CA THR J 696 -48.53 -36.99 13.49
C THR J 696 -48.67 -38.15 12.52
N MET J 697 -47.57 -38.53 11.89
CA MET J 697 -47.62 -39.54 10.85
C MET J 697 -48.09 -40.88 11.41
N SER J 698 -48.90 -41.59 10.64
CA SER J 698 -49.33 -42.93 11.00
C SER J 698 -48.29 -43.92 10.50
N LEU J 699 -48.00 -44.93 11.33
CA LEU J 699 -46.97 -45.90 10.96
C LEU J 699 -47.40 -46.77 9.79
N GLY J 700 -48.70 -46.84 9.49
CA GLY J 700 -49.23 -47.65 8.41
C GLY J 700 -50.36 -48.51 8.91
N ALA J 701 -50.70 -49.51 8.11
CA ALA J 701 -51.75 -50.45 8.50
C ALA J 701 -51.29 -51.32 9.67
N GLU J 702 -52.22 -51.59 10.58
CA GLU J 702 -51.95 -52.38 11.77
C GLU J 702 -52.79 -53.65 11.74
N ASN J 703 -52.14 -54.79 11.91
CA ASN J 703 -52.83 -56.07 11.95
C ASN J 703 -51.99 -57.06 12.72
N SER J 704 -52.64 -58.13 13.19
CA SER J 704 -51.99 -59.18 13.95
C SER J 704 -52.24 -60.52 13.28
N VAL J 705 -51.20 -61.34 13.20
CA VAL J 705 -51.28 -62.65 12.57
C VAL J 705 -51.73 -63.67 13.60
N ALA J 706 -52.61 -64.58 13.20
CA ALA J 706 -53.15 -65.61 14.08
C ALA J 706 -52.13 -66.74 14.18
N TYR J 707 -51.13 -66.53 15.02
CA TYR J 707 -50.08 -67.52 15.21
C TYR J 707 -50.53 -68.62 16.17
N SER J 708 -50.22 -69.85 15.82
CA SER J 708 -50.50 -70.99 16.68
C SER J 708 -49.47 -72.07 16.40
N ASN J 709 -49.36 -73.02 17.33
CA ASN J 709 -48.33 -74.05 17.21
C ASN J 709 -48.72 -75.19 16.30
N ASN J 710 -49.96 -75.24 15.79
CA ASN J 710 -50.37 -76.29 14.89
C ASN J 710 -51.21 -75.73 13.75
N SER J 711 -50.79 -74.61 13.17
CA SER J 711 -51.53 -73.98 12.08
C SER J 711 -50.55 -73.48 11.03
N ILE J 712 -50.80 -73.86 9.77
CA ILE J 712 -50.01 -73.38 8.64
C ILE J 712 -50.94 -72.88 7.55
N ALA J 713 -50.39 -72.07 6.66
CA ALA J 713 -51.13 -71.50 5.55
C ALA J 713 -50.37 -71.72 4.25
N ILE J 714 -51.09 -72.09 3.21
CA ILE J 714 -50.49 -72.38 1.90
C ILE J 714 -51.24 -71.60 0.82
N PRO J 715 -50.55 -70.81 0.01
CA PRO J 715 -51.24 -70.08 -1.07
C PRO J 715 -51.79 -71.03 -2.12
N THR J 716 -52.86 -70.60 -2.77
CA THR J 716 -53.52 -71.39 -3.81
C THR J 716 -53.46 -70.76 -5.19
N ASN J 717 -53.19 -69.47 -5.31
CA ASN J 717 -53.15 -68.79 -6.60
C ASN J 717 -51.90 -67.91 -6.68
N PHE J 718 -51.48 -67.64 -7.91
CA PHE J 718 -50.27 -66.88 -8.15
C PHE J 718 -50.51 -65.83 -9.23
N THR J 719 -49.75 -64.75 -9.15
CA THR J 719 -49.86 -63.64 -10.09
C THR J 719 -48.46 -63.23 -10.52
N ILE J 720 -48.38 -62.58 -11.69
CA ILE J 720 -47.13 -62.11 -12.25
C ILE J 720 -47.24 -60.60 -12.46
N SER J 721 -46.28 -59.86 -11.93
CA SER J 721 -46.27 -58.40 -12.01
C SER J 721 -44.94 -57.93 -12.60
N VAL J 722 -44.90 -56.66 -12.97
CA VAL J 722 -43.71 -56.04 -13.54
C VAL J 722 -43.41 -54.76 -12.79
N THR J 723 -42.12 -54.54 -12.49
CA THR J 723 -41.66 -53.34 -11.80
C THR J 723 -40.53 -52.71 -12.60
N THR J 724 -40.32 -51.41 -12.39
CA THR J 724 -39.33 -50.65 -13.14
C THR J 724 -38.32 -50.03 -12.19
N GLU J 725 -37.06 -50.02 -12.61
CA GLU J 725 -35.98 -49.34 -11.89
C GLU J 725 -35.17 -48.51 -12.87
N ILE J 726 -34.65 -47.38 -12.40
CA ILE J 726 -33.87 -46.47 -13.22
C ILE J 726 -32.55 -46.19 -12.52
N LEU J 727 -31.45 -46.25 -13.27
CA LEU J 727 -30.12 -46.04 -12.74
C LEU J 727 -29.30 -45.21 -13.72
N PRO J 728 -28.68 -44.13 -13.26
CA PRO J 728 -27.80 -43.35 -14.14
C PRO J 728 -26.43 -44.02 -14.26
N VAL J 729 -25.83 -43.87 -15.44
CA VAL J 729 -24.52 -44.46 -15.70
C VAL J 729 -23.50 -43.46 -16.23
N SER J 730 -23.90 -42.31 -16.77
CA SER J 730 -22.94 -41.39 -17.34
C SER J 730 -23.54 -39.99 -17.33
N MET J 731 -22.67 -39.00 -17.50
CA MET J 731 -23.07 -37.60 -17.54
C MET J 731 -22.25 -36.89 -18.60
N THR J 732 -22.63 -35.64 -18.87
CA THR J 732 -21.96 -34.87 -19.91
C THR J 732 -20.50 -34.62 -19.53
N LYS J 733 -19.63 -34.66 -20.52
CA LYS J 733 -18.19 -34.45 -20.33
C LYS J 733 -17.88 -33.00 -20.64
N THR J 734 -17.26 -32.31 -19.68
CA THR J 734 -16.96 -30.89 -19.81
C THR J 734 -15.45 -30.69 -19.73
N SER J 735 -14.91 -29.94 -20.68
CA SER J 735 -13.50 -29.57 -20.68
C SER J 735 -13.40 -28.05 -20.79
N VAL J 736 -12.60 -27.45 -19.90
CA VAL J 736 -12.46 -26.00 -19.82
C VAL J 736 -10.98 -25.65 -19.81
N ASP J 737 -10.63 -24.61 -20.56
CA ASP J 737 -9.27 -24.10 -20.58
C ASP J 737 -9.08 -23.03 -19.50
N CYS J 738 -7.83 -22.72 -19.20
CA CYS J 738 -7.51 -21.75 -18.16
C CYS J 738 -7.15 -20.37 -18.72
N THR J 739 -6.46 -20.32 -19.85
CA THR J 739 -6.02 -19.03 -20.39
C THR J 739 -7.20 -18.15 -20.77
N MET J 740 -8.21 -18.73 -21.43
CA MET J 740 -9.35 -17.93 -21.88
C MET J 740 -10.22 -17.49 -20.70
N TYR J 741 -10.35 -18.33 -19.68
CA TYR J 741 -11.26 -18.01 -18.58
C TYR J 741 -10.80 -16.78 -17.80
N ILE J 742 -9.49 -16.66 -17.55
CA ILE J 742 -9.00 -15.65 -16.62
C ILE J 742 -8.27 -14.51 -17.31
N CYS J 743 -7.81 -14.68 -18.55
CA CYS J 743 -7.05 -13.64 -19.23
C CYS J 743 -7.83 -12.92 -20.32
N GLY J 744 -8.58 -13.64 -21.14
CA GLY J 744 -9.32 -13.01 -22.23
C GLY J 744 -8.41 -12.37 -23.26
N ASP J 745 -7.36 -13.07 -23.67
CA ASP J 745 -6.40 -12.59 -24.68
C ASP J 745 -5.73 -11.29 -24.22
N SER J 746 -5.06 -11.37 -23.07
CA SER J 746 -4.27 -10.27 -22.54
C SER J 746 -2.89 -10.78 -22.19
N THR J 747 -1.85 -10.08 -22.68
CA THR J 747 -0.49 -10.52 -22.42
C THR J 747 -0.08 -10.27 -20.97
N GLU J 748 -0.59 -9.20 -20.35
CA GLU J 748 -0.25 -8.91 -18.97
C GLU J 748 -0.78 -10.00 -18.03
N CYS J 749 -2.02 -10.46 -18.29
CA CYS J 749 -2.58 -11.53 -17.48
C CYS J 749 -1.76 -12.81 -17.61
N SER J 750 -1.33 -13.14 -18.83
CA SER J 750 -0.50 -14.32 -19.02
C SER J 750 0.84 -14.17 -18.31
N ASN J 751 1.45 -12.99 -18.39
CA ASN J 751 2.72 -12.76 -17.72
C ASN J 751 2.58 -12.91 -16.21
N LEU J 752 1.50 -12.37 -15.64
CA LEU J 752 1.28 -12.52 -14.21
C LEU J 752 0.99 -13.97 -13.83
N LEU J 753 0.25 -14.69 -14.68
CA LEU J 753 -0.04 -16.10 -14.42
C LEU J 753 1.22 -16.95 -14.49
N LEU J 754 2.20 -16.54 -15.31
CA LEU J 754 3.44 -17.29 -15.40
C LEU J 754 4.17 -17.39 -14.07
N GLN J 755 3.90 -16.47 -13.14
CA GLN J 755 4.49 -16.50 -11.80
C GLN J 755 3.63 -17.25 -10.79
N TYR J 756 2.51 -17.82 -11.22
CA TYR J 756 1.58 -18.49 -10.30
C TYR J 756 1.52 -19.99 -10.54
N GLY J 757 2.64 -20.59 -10.93
CA GLY J 757 2.65 -22.03 -11.12
C GLY J 757 1.90 -22.48 -12.36
N SER J 758 1.47 -23.74 -12.33
CA SER J 758 0.79 -24.40 -13.45
C SER J 758 -0.43 -25.16 -12.95
N PHE J 759 -1.27 -24.49 -12.16
CA PHE J 759 -2.44 -25.15 -11.59
C PHE J 759 -3.38 -25.67 -12.67
N CYS J 760 -3.62 -24.85 -13.70
CA CYS J 760 -4.59 -25.26 -14.70
C CYS J 760 -4.11 -26.44 -15.53
N THR J 761 -2.80 -26.69 -15.57
CA THR J 761 -2.33 -27.94 -16.15
C THR J 761 -2.83 -29.13 -15.36
N GLN J 762 -2.76 -29.05 -14.03
CA GLN J 762 -3.32 -30.10 -13.18
C GLN J 762 -4.82 -30.20 -13.36
N LEU J 763 -5.50 -29.06 -13.50
CA LEU J 763 -6.95 -29.08 -13.72
C LEU J 763 -7.30 -29.80 -15.02
N ASN J 764 -6.56 -29.51 -16.09
CA ASN J 764 -6.80 -30.17 -17.36
C ASN J 764 -6.51 -31.67 -17.28
N ARG J 765 -5.44 -32.04 -16.57
CA ARG J 765 -5.14 -33.46 -16.38
C ARG J 765 -6.27 -34.16 -15.63
N ALA J 766 -6.80 -33.53 -14.59
CA ALA J 766 -7.90 -34.10 -13.84
C ALA J 766 -9.15 -34.25 -14.71
N LEU J 767 -9.43 -33.24 -15.53
CA LEU J 767 -10.60 -33.31 -16.41
C LEU J 767 -10.45 -34.44 -17.44
N THR J 768 -9.25 -34.59 -18.00
CA THR J 768 -9.02 -35.69 -18.94
C THR J 768 -9.17 -37.04 -18.25
N GLY J 769 -8.66 -37.16 -17.03
CA GLY J 769 -8.86 -38.38 -16.28
C GLY J 769 -10.33 -38.68 -16.03
N ILE J 770 -11.10 -37.65 -15.71
CA ILE J 770 -12.54 -37.84 -15.51
C ILE J 770 -13.20 -38.30 -16.80
N ALA J 771 -12.83 -37.70 -17.93
CA ALA J 771 -13.43 -38.08 -19.21
C ALA J 771 -13.12 -39.53 -19.56
N VAL J 772 -11.85 -39.94 -19.39
CA VAL J 772 -11.50 -41.32 -19.71
C VAL J 772 -12.18 -42.28 -18.73
N GLU J 773 -12.34 -41.87 -17.47
CA GLU J 773 -13.07 -42.71 -16.52
C GLU J 773 -14.52 -42.89 -16.94
N GLN J 774 -15.15 -41.80 -17.41
CA GLN J 774 -16.53 -41.91 -17.88
C GLN J 774 -16.64 -42.84 -19.08
N ASP J 775 -15.69 -42.74 -20.02
CA ASP J 775 -15.73 -43.61 -21.19
C ASP J 775 -15.56 -45.07 -20.80
N LYS J 776 -14.59 -45.35 -19.92
CA LYS J 776 -14.39 -46.72 -19.45
C LYS J 776 -15.63 -47.22 -18.72
N ASN J 777 -16.27 -46.35 -17.93
CA ASN J 777 -17.44 -46.73 -17.16
C ASN J 777 -18.59 -47.14 -18.07
N THR J 778 -18.91 -46.29 -19.06
CA THR J 778 -20.01 -46.64 -19.95
C THR J 778 -19.70 -47.87 -20.78
N GLN J 779 -18.45 -48.02 -21.21
CA GLN J 779 -18.07 -49.22 -21.96
C GLN J 779 -18.26 -50.47 -21.11
N GLU J 780 -17.85 -50.41 -19.84
CA GLU J 780 -17.99 -51.57 -18.97
C GLU J 780 -19.46 -51.89 -18.71
N VAL J 781 -20.28 -50.87 -18.50
CA VAL J 781 -21.69 -51.13 -18.21
C VAL J 781 -22.40 -51.72 -19.42
N PHE J 782 -22.17 -51.16 -20.61
CA PHE J 782 -22.97 -51.59 -21.75
C PHE J 782 -22.36 -52.78 -22.50
N ALA J 783 -21.11 -52.68 -22.90
CA ALA J 783 -20.48 -53.74 -23.69
C ALA J 783 -20.26 -54.97 -22.82
N GLN J 784 -21.10 -55.99 -23.02
CA GLN J 784 -20.98 -57.22 -22.24
C GLN J 784 -21.18 -58.48 -23.08
N VAL J 785 -21.13 -58.37 -24.41
CA VAL J 785 -21.31 -59.53 -25.29
C VAL J 785 -20.19 -59.56 -26.31
N LYS J 786 -19.96 -60.74 -26.87
CA LYS J 786 -18.92 -60.95 -27.87
C LYS J 786 -19.45 -60.90 -29.30
N GLN J 787 -20.75 -61.08 -29.51
CA GLN J 787 -21.35 -61.07 -30.83
C GLN J 787 -22.53 -60.12 -30.83
N ILE J 788 -23.19 -60.00 -31.98
CA ILE J 788 -24.40 -59.19 -32.14
C ILE J 788 -25.46 -60.10 -32.71
N TYR J 789 -26.40 -60.54 -31.86
CA TYR J 789 -27.42 -61.48 -32.28
C TYR J 789 -28.57 -60.76 -32.98
N LYS J 790 -29.37 -61.54 -33.70
CA LYS J 790 -30.57 -61.04 -34.35
C LYS J 790 -31.74 -61.94 -34.02
N THR J 791 -32.89 -61.34 -33.76
CA THR J 791 -34.08 -62.11 -33.45
C THR J 791 -34.55 -62.90 -34.67
N PRO J 792 -35.08 -64.10 -34.48
CA PRO J 792 -35.56 -64.88 -35.62
C PRO J 792 -36.74 -64.19 -36.29
N PRO J 793 -36.91 -64.37 -37.60
CA PRO J 793 -38.05 -63.73 -38.28
C PRO J 793 -39.39 -64.19 -37.75
N ILE J 794 -39.53 -65.44 -37.35
CA ILE J 794 -40.79 -65.94 -36.83
C ILE J 794 -40.89 -65.62 -35.35
N LYS J 795 -42.09 -65.22 -34.92
CA LYS J 795 -42.35 -64.86 -33.52
C LYS J 795 -43.57 -65.67 -33.06
N ASP J 796 -43.31 -66.88 -32.56
CA ASP J 796 -44.34 -67.75 -31.99
C ASP J 796 -43.84 -68.33 -30.66
N PHE J 797 -43.85 -67.49 -29.63
CA PHE J 797 -43.34 -67.85 -28.30
C PHE J 797 -44.42 -68.46 -27.43
N GLY J 798 -45.05 -69.53 -27.93
CA GLY J 798 -46.06 -70.25 -27.18
C GLY J 798 -47.33 -69.49 -26.89
N GLY J 799 -47.39 -68.19 -27.17
CA GLY J 799 -48.57 -67.41 -26.89
C GLY J 799 -48.25 -66.04 -26.32
N PHE J 800 -47.01 -65.86 -25.87
CA PHE J 800 -46.60 -64.59 -25.32
C PHE J 800 -46.50 -63.54 -26.41
N ASN J 801 -46.62 -62.27 -26.02
CA ASN J 801 -46.54 -61.14 -26.94
C ASN J 801 -45.36 -60.28 -26.55
N PHE J 802 -44.47 -60.00 -27.51
CA PHE J 802 -43.27 -59.20 -27.27
C PHE J 802 -43.11 -58.07 -28.27
N SER J 803 -44.18 -57.70 -28.97
CA SER J 803 -44.06 -56.67 -29.99
C SER J 803 -43.75 -55.31 -29.40
N GLN J 804 -44.26 -55.02 -28.20
CA GLN J 804 -44.05 -53.72 -27.57
C GLN J 804 -42.63 -53.52 -27.09
N ILE J 805 -41.81 -54.56 -27.00
CA ILE J 805 -40.46 -54.47 -26.48
C ILE J 805 -39.43 -54.70 -27.58
N LEU J 806 -39.70 -55.60 -28.51
CA LEU J 806 -38.77 -55.89 -29.58
C LEU J 806 -38.59 -54.67 -30.48
N PRO J 807 -37.40 -54.48 -31.04
CA PRO J 807 -37.16 -53.30 -31.88
C PRO J 807 -38.00 -53.32 -33.14
N ASP J 808 -38.36 -52.13 -33.61
CA ASP J 808 -39.16 -51.97 -34.81
C ASP J 808 -38.30 -51.44 -35.94
N PRO J 809 -38.02 -52.24 -36.98
CA PRO J 809 -37.20 -51.75 -38.09
C PRO J 809 -37.83 -50.60 -38.87
N SER J 810 -39.16 -50.42 -38.77
CA SER J 810 -39.81 -49.35 -39.51
C SER J 810 -39.35 -47.98 -39.04
N LYS J 811 -39.16 -47.82 -37.73
CA LYS J 811 -38.75 -46.53 -37.20
C LYS J 811 -37.34 -46.19 -37.66
N PRO J 812 -37.05 -44.91 -37.92
CA PRO J 812 -35.70 -44.55 -38.38
C PRO J 812 -34.59 -44.90 -37.40
N SER J 813 -34.85 -44.78 -36.10
CA SER J 813 -33.84 -45.05 -35.09
C SER J 813 -33.79 -46.51 -34.67
N LYS J 814 -34.66 -47.35 -35.21
CA LYS J 814 -34.71 -48.78 -34.87
C LYS J 814 -34.85 -48.97 -33.36
N ARG J 815 -35.71 -48.16 -32.75
CA ARG J 815 -35.90 -48.17 -31.31
C ARG J 815 -37.32 -48.64 -30.97
N SER J 816 -37.44 -49.34 -29.84
CA SER J 816 -38.70 -49.89 -29.40
C SER J 816 -39.62 -48.78 -28.87
N PHE J 817 -40.89 -49.15 -28.68
CA PHE J 817 -41.90 -48.18 -28.27
C PHE J 817 -41.57 -47.59 -26.89
N ILE J 818 -41.19 -48.43 -25.94
CA ILE J 818 -40.89 -47.96 -24.60
C ILE J 818 -39.70 -47.02 -24.62
N GLU J 819 -38.73 -47.30 -25.49
CA GLU J 819 -37.57 -46.42 -25.62
C GLU J 819 -37.99 -45.04 -26.11
N ASP J 820 -38.89 -45.00 -27.10
CA ASP J 820 -39.37 -43.71 -27.60
C ASP J 820 -40.14 -42.94 -26.54
N LEU J 821 -40.98 -43.65 -25.77
CA LEU J 821 -41.69 -42.98 -24.68
C LEU J 821 -40.72 -42.43 -23.65
N LEU J 822 -39.67 -43.18 -23.32
CA LEU J 822 -38.68 -42.69 -22.38
C LEU J 822 -37.95 -41.46 -22.91
N PHE J 823 -37.60 -41.47 -24.20
CA PHE J 823 -36.96 -40.30 -24.79
C PHE J 823 -37.88 -39.09 -24.74
N ASN J 824 -39.15 -39.28 -25.06
CA ASN J 824 -40.08 -38.15 -25.11
C ASN J 824 -40.41 -37.63 -23.72
N LYS J 825 -40.37 -38.49 -22.70
CA LYS J 825 -40.74 -38.06 -21.35
C LYS J 825 -39.76 -37.01 -20.82
N VAL J 826 -38.46 -37.21 -21.05
CA VAL J 826 -37.48 -36.24 -20.55
C VAL J 826 -37.41 -35.05 -21.50
N THR J 827 -36.91 -33.94 -20.97
CA THR J 827 -36.79 -32.71 -21.74
C THR J 827 -35.53 -31.94 -21.35
N PHE J 855 -19.61 -19.81 -26.28
CA PHE J 855 -18.30 -20.29 -25.89
C PHE J 855 -17.54 -19.23 -25.10
N ASN J 856 -17.16 -19.57 -23.87
CA ASN J 856 -16.40 -18.66 -23.01
C ASN J 856 -15.24 -19.40 -22.36
N GLY J 857 -14.49 -20.16 -23.15
CA GLY J 857 -13.37 -20.93 -22.66
C GLY J 857 -13.71 -22.34 -22.24
N LEU J 858 -14.95 -22.78 -22.42
CA LEU J 858 -15.36 -24.12 -22.05
C LEU J 858 -16.10 -24.77 -23.20
N THR J 859 -16.07 -26.10 -23.23
CA THR J 859 -16.71 -26.85 -24.30
C THR J 859 -17.19 -28.18 -23.76
N VAL J 860 -18.12 -28.80 -24.50
CA VAL J 860 -18.69 -30.08 -24.12
C VAL J 860 -18.26 -31.11 -25.17
N LEU J 861 -17.45 -32.07 -24.74
CA LEU J 861 -16.98 -33.10 -25.66
C LEU J 861 -18.10 -34.09 -25.96
N PRO J 862 -18.28 -34.48 -27.23
CA PRO J 862 -19.31 -35.46 -27.55
C PRO J 862 -18.96 -36.81 -26.98
N PRO J 863 -19.95 -37.61 -26.58
CA PRO J 863 -19.66 -38.94 -26.06
C PRO J 863 -19.16 -39.87 -27.15
N LEU J 864 -18.33 -40.83 -26.74
CA LEU J 864 -17.82 -41.82 -27.70
C LEU J 864 -18.94 -42.70 -28.23
N LEU J 865 -19.86 -43.12 -27.37
CA LEU J 865 -20.96 -43.98 -27.77
C LEU J 865 -22.17 -43.14 -28.14
N THR J 866 -22.80 -43.48 -29.26
CA THR J 866 -24.01 -42.83 -29.73
C THR J 866 -25.22 -43.71 -29.41
N ASP J 867 -26.40 -43.19 -29.76
CA ASP J 867 -27.63 -43.89 -29.41
C ASP J 867 -27.79 -45.19 -30.20
N GLU J 868 -27.34 -45.21 -31.46
CA GLU J 868 -27.62 -46.34 -32.33
C GLU J 868 -26.95 -47.61 -31.84
N MET J 869 -25.66 -47.53 -31.52
CA MET J 869 -24.95 -48.72 -31.07
C MET J 869 -25.45 -49.19 -29.70
N ILE J 870 -25.83 -48.25 -28.85
CA ILE J 870 -26.40 -48.61 -27.56
C ILE J 870 -27.72 -49.37 -27.76
N ALA J 871 -28.56 -48.88 -28.66
CA ALA J 871 -29.81 -49.58 -28.95
C ALA J 871 -29.54 -50.97 -29.53
N GLN J 872 -28.54 -51.07 -30.40
CA GLN J 872 -28.19 -52.38 -30.96
C GLN J 872 -27.72 -53.34 -29.89
N TYR J 873 -26.90 -52.86 -28.95
CA TYR J 873 -26.45 -53.71 -27.85
C TYR J 873 -27.61 -54.17 -27.00
N THR J 874 -28.54 -53.26 -26.69
CA THR J 874 -29.70 -53.66 -25.90
C THR J 874 -30.55 -54.69 -26.64
N SER J 875 -30.72 -54.52 -27.95
CA SER J 875 -31.46 -55.51 -28.73
C SER J 875 -30.75 -56.86 -28.72
N ALA J 876 -29.42 -56.85 -28.84
CA ALA J 876 -28.67 -58.10 -28.81
C ALA J 876 -28.81 -58.80 -27.45
N LEU J 877 -28.71 -58.06 -26.36
CA LEU J 877 -28.88 -58.66 -25.04
C LEU J 877 -30.29 -59.21 -24.87
N LEU J 878 -31.30 -58.48 -25.35
CA LEU J 878 -32.67 -58.94 -25.25
C LEU J 878 -32.90 -60.23 -26.04
N ALA J 879 -32.36 -60.29 -27.27
CA ALA J 879 -32.49 -61.52 -28.05
C ALA J 879 -31.77 -62.68 -27.37
N GLY J 880 -30.59 -62.42 -26.80
CA GLY J 880 -29.86 -63.48 -26.13
C GLY J 880 -30.58 -64.00 -24.90
N THR J 881 -31.21 -63.10 -24.14
CA THR J 881 -31.91 -63.52 -22.94
C THR J 881 -33.30 -64.08 -23.23
N ILE J 882 -33.83 -63.90 -24.44
CA ILE J 882 -35.11 -64.51 -24.77
C ILE J 882 -34.91 -65.88 -25.44
N THR J 883 -34.18 -65.90 -26.56
CA THR J 883 -34.16 -67.10 -27.38
C THR J 883 -33.08 -68.11 -26.97
N SER J 884 -32.22 -67.77 -26.02
CA SER J 884 -31.12 -68.69 -25.68
C SER J 884 -31.12 -69.05 -24.20
N GLY J 885 -31.53 -68.12 -23.36
CA GLY J 885 -31.51 -68.35 -21.92
C GLY J 885 -30.25 -67.81 -21.27
N TRP J 886 -29.79 -68.47 -20.22
CA TRP J 886 -28.58 -68.06 -19.51
C TRP J 886 -27.33 -68.77 -20.01
N THR J 887 -27.46 -69.67 -20.97
CA THR J 887 -26.29 -70.42 -21.43
C THR J 887 -25.33 -69.53 -22.21
N PHE J 888 -25.85 -68.56 -22.96
CA PHE J 888 -24.99 -67.71 -23.78
C PHE J 888 -24.09 -66.81 -22.94
N GLY J 889 -24.37 -66.67 -21.65
CA GLY J 889 -23.50 -65.89 -20.79
C GLY J 889 -22.22 -66.59 -20.37
N ALA J 890 -22.09 -67.88 -20.67
CA ALA J 890 -20.92 -68.66 -20.32
C ALA J 890 -20.16 -69.13 -21.55
N GLY J 891 -20.80 -69.88 -22.43
CA GLY J 891 -20.14 -70.40 -23.62
C GLY J 891 -20.72 -69.86 -24.90
N ALA J 892 -21.44 -70.70 -25.64
CA ALA J 892 -22.09 -70.30 -26.89
C ALA J 892 -23.60 -70.46 -26.75
N ALA J 893 -24.33 -69.60 -27.46
CA ALA J 893 -25.78 -69.58 -27.35
C ALA J 893 -26.39 -70.88 -27.86
N LEU J 894 -27.54 -71.23 -27.31
CA LEU J 894 -28.26 -72.44 -27.67
C LEU J 894 -29.69 -72.11 -28.03
N GLN J 895 -30.27 -72.91 -28.91
CA GLN J 895 -31.68 -72.75 -29.29
C GLN J 895 -32.53 -73.57 -28.34
N ILE J 896 -33.33 -72.90 -27.52
CA ILE J 896 -34.21 -73.57 -26.57
C ILE J 896 -35.58 -72.91 -26.63
N PRO J 897 -36.66 -73.69 -26.74
CA PRO J 897 -38.00 -73.08 -26.77
C PRO J 897 -38.30 -72.36 -25.47
N PHE J 898 -39.14 -71.34 -25.56
CA PHE J 898 -39.41 -70.46 -24.41
C PHE J 898 -40.10 -71.22 -23.27
N ALA J 899 -40.96 -72.18 -23.61
CA ALA J 899 -41.72 -72.89 -22.58
C ALA J 899 -40.80 -73.63 -21.63
N MET J 900 -39.78 -74.31 -22.15
CA MET J 900 -38.86 -75.03 -21.29
C MET J 900 -38.01 -74.08 -20.44
N GLN J 901 -37.67 -72.91 -20.97
CA GLN J 901 -36.96 -71.93 -20.15
C GLN J 901 -37.83 -71.46 -19.00
N MET J 902 -39.12 -71.22 -19.25
CA MET J 902 -40.04 -70.88 -18.17
C MET J 902 -40.11 -72.01 -17.14
N ALA J 903 -40.18 -73.26 -17.61
CA ALA J 903 -40.26 -74.38 -16.68
C ALA J 903 -39.02 -74.47 -15.81
N TYR J 904 -37.85 -74.27 -16.40
CA TYR J 904 -36.61 -74.29 -15.63
C TYR J 904 -36.57 -73.15 -14.62
N ARG J 905 -37.00 -71.96 -15.02
CA ARG J 905 -36.99 -70.83 -14.10
C ARG J 905 -37.94 -71.07 -12.93
N PHE J 906 -39.11 -71.66 -13.18
CA PHE J 906 -39.99 -72.01 -12.08
C PHE J 906 -39.39 -73.09 -11.19
N ASN J 907 -38.75 -74.10 -11.78
CA ASN J 907 -38.12 -75.14 -10.97
C ASN J 907 -37.01 -74.57 -10.13
N GLY J 908 -36.40 -73.48 -10.56
CA GLY J 908 -35.32 -72.88 -9.79
C GLY J 908 -35.77 -72.35 -8.44
N ILE J 909 -36.99 -71.82 -8.36
CA ILE J 909 -37.43 -71.19 -7.11
C ILE J 909 -38.12 -72.15 -6.16
N GLY J 910 -38.54 -73.33 -6.62
CA GLY J 910 -39.13 -74.29 -5.71
C GLY J 910 -40.49 -74.82 -6.14
N VAL J 911 -41.05 -74.25 -7.20
CA VAL J 911 -42.35 -74.69 -7.71
C VAL J 911 -42.12 -75.75 -8.79
N THR J 912 -42.84 -76.87 -8.66
CA THR J 912 -42.72 -77.94 -9.63
C THR J 912 -43.19 -77.46 -11.01
N GLN J 913 -42.53 -77.97 -12.06
CA GLN J 913 -42.80 -77.50 -13.41
C GLN J 913 -44.19 -77.85 -13.91
N ASN J 914 -44.93 -78.73 -13.22
CA ASN J 914 -46.27 -79.07 -13.66
C ASN J 914 -47.20 -77.86 -13.64
N VAL J 915 -46.97 -76.93 -12.71
CA VAL J 915 -47.84 -75.77 -12.58
C VAL J 915 -47.82 -74.95 -13.86
N LEU J 916 -46.64 -74.72 -14.43
CA LEU J 916 -46.55 -73.92 -15.65
C LEU J 916 -47.29 -74.59 -16.80
N TYR J 917 -47.04 -75.88 -17.02
CA TYR J 917 -47.66 -76.55 -18.16
C TYR J 917 -49.16 -76.75 -17.98
N GLU J 918 -49.65 -76.67 -16.75
CA GLU J 918 -51.09 -76.74 -16.53
C GLU J 918 -51.76 -75.37 -16.50
N ASN J 919 -50.98 -74.28 -16.56
CA ASN J 919 -51.54 -72.93 -16.44
C ASN J 919 -50.90 -72.00 -17.47
N GLN J 920 -50.74 -72.48 -18.70
CA GLN J 920 -50.03 -71.67 -19.70
C GLN J 920 -50.88 -70.49 -20.16
N LYS J 921 -52.15 -70.73 -20.47
CA LYS J 921 -53.00 -69.66 -21.00
C LYS J 921 -53.21 -68.55 -19.99
N LEU J 922 -53.47 -68.91 -18.72
CA LEU J 922 -53.65 -67.90 -17.69
C LEU J 922 -52.38 -67.08 -17.50
N ILE J 923 -51.23 -67.74 -17.52
CA ILE J 923 -49.96 -67.02 -17.38
C ILE J 923 -49.76 -66.06 -18.55
N ALA J 924 -50.06 -66.51 -19.76
CA ALA J 924 -49.92 -65.65 -20.93
C ALA J 924 -50.83 -64.42 -20.83
N ASN J 925 -52.09 -64.64 -20.43
CA ASN J 925 -53.01 -63.52 -20.30
C ASN J 925 -52.55 -62.55 -19.21
N GLN J 926 -52.07 -63.08 -18.09
CA GLN J 926 -51.59 -62.22 -17.01
C GLN J 926 -50.38 -61.40 -17.45
N PHE J 927 -49.46 -62.02 -18.18
CA PHE J 927 -48.29 -61.30 -18.67
C PHE J 927 -48.70 -60.21 -19.66
N ASN J 928 -49.64 -60.52 -20.55
CA ASN J 928 -50.11 -59.52 -21.51
C ASN J 928 -50.77 -58.35 -20.80
N SER J 929 -51.61 -58.62 -19.80
CA SER J 929 -52.25 -57.55 -19.05
C SER J 929 -51.21 -56.72 -18.31
N ALA J 930 -50.20 -57.38 -17.73
CA ALA J 930 -49.15 -56.65 -17.01
C ALA J 930 -48.38 -55.72 -17.94
N ILE J 931 -48.02 -56.20 -19.13
CA ILE J 931 -47.27 -55.35 -20.05
C ILE J 931 -48.18 -54.23 -20.57
N GLY J 932 -49.47 -54.51 -20.76
CA GLY J 932 -50.37 -53.46 -21.19
C GLY J 932 -50.52 -52.36 -20.16
N LYS J 933 -50.59 -52.72 -18.88
CA LYS J 933 -50.74 -51.70 -17.85
C LYS J 933 -49.43 -50.96 -17.61
N ILE J 934 -48.29 -51.64 -17.72
CA ILE J 934 -47.02 -50.93 -17.57
C ILE J 934 -46.75 -50.04 -18.77
N GLN J 935 -47.41 -50.30 -19.90
CA GLN J 935 -47.30 -49.39 -21.04
C GLN J 935 -47.83 -48.01 -20.66
N ASP J 936 -48.92 -47.94 -19.92
CA ASP J 936 -49.54 -46.68 -19.55
C ASP J 936 -49.10 -46.16 -18.19
N SER J 937 -48.47 -47.00 -17.36
CA SER J 937 -48.14 -46.60 -16.01
C SER J 937 -47.20 -45.39 -15.99
N LEU J 938 -46.15 -45.41 -16.82
CA LEU J 938 -45.19 -44.32 -16.83
C LEU J 938 -45.51 -43.26 -17.88
N SER J 939 -46.57 -43.43 -18.66
CA SER J 939 -46.88 -42.46 -19.70
C SER J 939 -47.56 -41.23 -19.12
N SER J 940 -48.72 -41.41 -18.50
CA SER J 940 -49.44 -40.28 -17.93
C SER J 940 -48.78 -39.80 -16.64
N THR J 941 -48.34 -40.72 -15.79
CA THR J 941 -47.76 -40.36 -14.51
C THR J 941 -46.34 -39.86 -14.71
N ALA J 942 -46.10 -38.60 -14.36
CA ALA J 942 -44.78 -38.01 -14.47
C ALA J 942 -44.03 -38.17 -13.15
N SER J 943 -42.89 -37.48 -13.01
CA SER J 943 -42.07 -37.49 -11.81
C SER J 943 -41.55 -38.88 -11.46
N ALA J 944 -41.54 -39.79 -12.42
CA ALA J 944 -40.99 -41.13 -12.22
C ALA J 944 -39.53 -41.23 -12.65
N LEU J 945 -38.95 -40.15 -13.16
CA LEU J 945 -37.57 -40.12 -13.63
C LEU J 945 -36.82 -38.99 -12.95
N GLY J 946 -36.96 -38.92 -11.62
CA GLY J 946 -36.39 -37.81 -10.88
C GLY J 946 -34.88 -37.76 -10.89
N LYS J 947 -34.22 -38.93 -10.91
CA LYS J 947 -32.77 -38.96 -10.76
C LYS J 947 -32.06 -38.32 -11.95
N LEU J 948 -32.41 -38.72 -13.17
CA LEU J 948 -31.74 -38.19 -14.35
C LEU J 948 -31.99 -36.70 -14.51
N GLN J 949 -33.25 -36.28 -14.33
CA GLN J 949 -33.58 -34.86 -14.42
C GLN J 949 -32.83 -34.07 -13.36
N ASP J 950 -32.74 -34.61 -12.14
CA ASP J 950 -32.00 -33.94 -11.08
C ASP J 950 -30.53 -33.79 -11.42
N VAL J 951 -29.92 -34.84 -11.97
CA VAL J 951 -28.51 -34.77 -12.33
C VAL J 951 -28.27 -33.71 -13.40
N VAL J 952 -29.13 -33.71 -14.43
CA VAL J 952 -28.99 -32.73 -15.51
C VAL J 952 -29.17 -31.31 -14.97
N ASN J 953 -30.18 -31.12 -14.11
CA ASN J 953 -30.42 -29.80 -13.54
C ASN J 953 -29.24 -29.34 -12.69
N GLN J 954 -28.66 -30.25 -11.91
CA GLN J 954 -27.51 -29.88 -11.10
C GLN J 954 -26.32 -29.47 -11.97
N ASN J 955 -26.07 -30.22 -13.06
CA ASN J 955 -24.97 -29.85 -13.95
C ASN J 955 -25.21 -28.48 -14.58
N ALA J 956 -26.43 -28.25 -15.07
CA ALA J 956 -26.75 -26.97 -15.68
C ALA J 956 -26.62 -25.83 -14.68
N GLN J 957 -27.09 -26.05 -13.45
CA GLN J 957 -27.00 -25.02 -12.42
C GLN J 957 -25.54 -24.71 -12.07
N ALA J 958 -24.70 -25.74 -11.96
CA ALA J 958 -23.29 -25.50 -11.69
C ALA J 958 -22.64 -24.70 -12.80
N LEU J 959 -22.91 -25.07 -14.06
CA LEU J 959 -22.32 -24.33 -15.17
C LEU J 959 -22.80 -22.88 -15.18
N ASN J 960 -24.10 -22.67 -14.96
CA ASN J 960 -24.64 -21.32 -14.97
C ASN J 960 -24.07 -20.47 -13.83
N THR J 961 -23.92 -21.05 -12.65
CA THR J 961 -23.38 -20.28 -11.54
C THR J 961 -21.90 -19.99 -11.75
N LEU J 962 -21.16 -20.90 -12.40
CA LEU J 962 -19.77 -20.57 -12.73
C LEU J 962 -19.70 -19.43 -13.73
N VAL J 963 -20.57 -19.46 -14.75
CA VAL J 963 -20.57 -18.39 -15.75
C VAL J 963 -20.93 -17.06 -15.09
N LYS J 964 -21.91 -17.08 -14.19
CA LYS J 964 -22.29 -15.86 -13.48
C LYS J 964 -21.14 -15.35 -12.61
N GLN J 965 -20.44 -16.26 -11.92
CA GLN J 965 -19.31 -15.86 -11.10
C GLN J 965 -18.15 -15.31 -11.95
N LEU J 966 -18.08 -15.70 -13.22
CA LEU J 966 -17.04 -15.16 -14.10
C LEU J 966 -17.03 -13.64 -14.10
N SER J 967 -18.21 -13.03 -14.13
CA SER J 967 -18.35 -11.57 -14.11
C SER J 967 -18.65 -11.15 -12.68
N SER J 968 -17.62 -10.73 -11.96
CA SER J 968 -17.75 -10.28 -10.58
C SER J 968 -16.83 -9.10 -10.35
N ASN J 969 -16.78 -8.62 -9.11
CA ASN J 969 -15.96 -7.48 -8.74
C ASN J 969 -14.70 -7.88 -7.98
N PHE J 970 -14.85 -8.75 -6.98
CA PHE J 970 -13.72 -9.22 -6.16
C PHE J 970 -12.99 -8.05 -5.51
N GLY J 971 -13.74 -7.03 -5.09
CA GLY J 971 -13.18 -5.87 -4.45
C GLY J 971 -12.54 -4.86 -5.38
N ALA J 972 -12.60 -5.07 -6.69
CA ALA J 972 -12.03 -4.14 -7.65
C ALA J 972 -13.04 -3.04 -7.96
N ILE J 973 -12.66 -2.14 -8.88
CA ILE J 973 -13.53 -1.05 -9.29
C ILE J 973 -14.25 -1.34 -10.60
N SER J 974 -13.82 -2.36 -11.35
CA SER J 974 -14.46 -2.74 -12.60
C SER J 974 -14.54 -4.25 -12.68
N SER J 975 -15.57 -4.74 -13.39
CA SER J 975 -15.81 -6.16 -13.55
C SER J 975 -15.28 -6.72 -14.86
N VAL J 976 -14.59 -5.89 -15.65
CA VAL J 976 -14.09 -6.31 -16.95
C VAL J 976 -12.61 -5.92 -17.06
N LEU J 977 -11.85 -6.79 -17.74
CA LEU J 977 -10.39 -6.62 -17.80
C LEU J 977 -9.98 -5.51 -18.76
N ASN J 978 -10.69 -5.37 -19.89
CA ASN J 978 -10.26 -4.41 -20.90
C ASN J 978 -10.33 -2.98 -20.38
N ASP J 979 -11.37 -2.65 -19.62
CA ASP J 979 -11.49 -1.31 -19.07
C ASP J 979 -10.39 -1.02 -18.04
N ILE J 980 -10.20 -1.94 -17.09
CA ILE J 980 -9.19 -1.74 -16.06
C ILE J 980 -7.78 -1.74 -16.64
N LEU J 981 -7.58 -2.37 -17.81
CA LEU J 981 -6.24 -2.41 -18.40
C LEU J 981 -5.80 -1.03 -18.87
N SER J 982 -6.72 -0.25 -19.45
CA SER J 982 -6.39 1.03 -20.05
C SER J 982 -7.02 2.20 -19.31
N ARG J 983 -7.15 2.09 -17.99
CA ARG J 983 -7.74 3.17 -17.19
C ARG J 983 -6.89 3.49 -15.97
N LEU J 984 -6.13 2.52 -15.48
CA LEU J 984 -5.41 2.66 -14.23
C LEU J 984 -3.91 2.55 -14.44
N ASP J 985 -3.17 3.07 -13.48
CA ASP J 985 -1.72 3.04 -13.53
C ASP J 985 -1.22 1.61 -13.28
N PRO J 986 -0.21 1.16 -14.01
CA PRO J 986 0.14 -0.28 -14.04
C PRO J 986 0.43 -0.86 -12.66
N PRO J 987 1.09 -0.12 -11.74
CA PRO J 987 1.21 -0.66 -10.37
C PRO J 987 -0.11 -1.00 -9.71
N GLU J 988 -1.17 -0.24 -9.98
CA GLU J 988 -2.49 -0.58 -9.47
C GLU J 988 -3.22 -1.57 -10.37
N ALA J 989 -2.97 -1.49 -11.68
CA ALA J 989 -3.60 -2.43 -12.60
C ALA J 989 -3.17 -3.86 -12.30
N GLU J 990 -1.90 -4.06 -11.98
CA GLU J 990 -1.43 -5.41 -11.64
C GLU J 990 -2.05 -5.89 -10.33
N VAL J 991 -2.27 -4.99 -9.36
CA VAL J 991 -2.94 -5.39 -8.12
C VAL J 991 -4.36 -5.84 -8.40
N GLN J 992 -5.10 -5.07 -9.21
CA GLN J 992 -6.46 -5.44 -9.55
C GLN J 992 -6.48 -6.76 -10.32
N ILE J 993 -5.55 -6.94 -11.26
CA ILE J 993 -5.49 -8.17 -12.03
C ILE J 993 -5.18 -9.35 -11.13
N ASP J 994 -4.29 -9.17 -10.15
CA ASP J 994 -3.97 -10.24 -9.21
C ASP J 994 -5.19 -10.61 -8.37
N ARG J 995 -5.95 -9.61 -7.91
CA ARG J 995 -7.15 -9.90 -7.14
C ARG J 995 -8.15 -10.70 -7.98
N LEU J 996 -8.36 -10.26 -9.22
CA LEU J 996 -9.27 -10.99 -10.10
C LEU J 996 -8.77 -12.41 -10.36
N ILE J 997 -7.46 -12.55 -10.55
CA ILE J 997 -6.87 -13.85 -10.84
C ILE J 997 -7.08 -14.80 -9.67
N THR J 998 -6.81 -14.34 -8.45
CA THR J 998 -6.95 -15.23 -7.30
C THR J 998 -8.41 -15.56 -7.04
N GLY J 999 -9.32 -14.61 -7.24
CA GLY J 999 -10.73 -14.92 -7.07
C GLY J 999 -11.21 -15.96 -8.08
N ARG J 1000 -10.84 -15.78 -9.35
CA ARG J 1000 -11.24 -16.74 -10.37
C ARG J 1000 -10.60 -18.09 -10.14
N LEU J 1001 -9.35 -18.11 -9.65
CA LEU J 1001 -8.71 -19.38 -9.33
C LEU J 1001 -9.43 -20.10 -8.20
N GLN J 1002 -9.85 -19.37 -7.17
CA GLN J 1002 -10.61 -19.99 -6.09
C GLN J 1002 -11.92 -20.57 -6.62
N SER J 1003 -12.62 -19.82 -7.47
CA SER J 1003 -13.87 -20.33 -8.03
C SER J 1003 -13.62 -21.58 -8.87
N LEU J 1004 -12.56 -21.57 -9.68
CA LEU J 1004 -12.26 -22.73 -10.51
C LEU J 1004 -11.90 -23.94 -9.66
N GLN J 1005 -11.15 -23.74 -8.58
CA GLN J 1005 -10.81 -24.85 -7.69
C GLN J 1005 -12.06 -25.44 -7.05
N THR J 1006 -12.97 -24.58 -6.59
CA THR J 1006 -14.20 -25.07 -6.00
C THR J 1006 -15.01 -25.88 -7.02
N TYR J 1007 -15.12 -25.36 -8.24
CA TYR J 1007 -15.87 -26.07 -9.27
C TYR J 1007 -15.23 -27.42 -9.59
N VAL J 1008 -13.90 -27.46 -9.67
CA VAL J 1008 -13.21 -28.71 -9.97
C VAL J 1008 -13.43 -29.73 -8.86
N THR J 1009 -13.36 -29.29 -7.61
CA THR J 1009 -13.58 -30.21 -6.49
C THR J 1009 -14.99 -30.77 -6.52
N GLN J 1010 -15.99 -29.91 -6.76
CA GLN J 1010 -17.37 -30.40 -6.82
C GLN J 1010 -17.55 -31.39 -7.96
N GLN J 1011 -16.95 -31.09 -9.12
CA GLN J 1011 -17.03 -32.00 -10.26
C GLN J 1011 -16.40 -33.35 -9.93
N LEU J 1012 -15.26 -33.34 -9.24
CA LEU J 1012 -14.61 -34.60 -8.87
C LEU J 1012 -15.51 -35.41 -7.95
N ILE J 1013 -16.13 -34.76 -6.95
CA ILE J 1013 -16.99 -35.48 -6.03
C ILE J 1013 -18.17 -36.10 -6.77
N ARG J 1014 -18.81 -35.32 -7.63
CA ARG J 1014 -19.96 -35.84 -8.37
C ARG J 1014 -19.55 -36.98 -9.30
N ALA J 1015 -18.39 -36.86 -9.93
CA ALA J 1015 -17.91 -37.92 -10.81
C ALA J 1015 -17.65 -39.21 -10.05
N ALA J 1016 -17.06 -39.10 -8.86
CA ALA J 1016 -16.84 -40.31 -8.05
C ALA J 1016 -18.16 -40.96 -7.66
N GLU J 1017 -19.15 -40.15 -7.26
CA GLU J 1017 -20.44 -40.71 -6.89
C GLU J 1017 -21.11 -41.40 -8.06
N ILE J 1018 -21.07 -40.76 -9.24
CA ILE J 1018 -21.69 -41.36 -10.43
C ILE J 1018 -20.97 -42.64 -10.81
N ARG J 1019 -19.64 -42.66 -10.68
CA ARG J 1019 -18.89 -43.88 -10.99
C ARG J 1019 -19.30 -45.02 -10.08
N ALA J 1020 -19.44 -44.75 -8.78
CA ALA J 1020 -19.88 -45.79 -7.86
C ALA J 1020 -21.28 -46.30 -8.22
N SER J 1021 -22.19 -45.38 -8.51
CA SER J 1021 -23.56 -45.79 -8.85
C SER J 1021 -23.59 -46.63 -10.12
N ALA J 1022 -22.82 -46.23 -11.14
CA ALA J 1022 -22.80 -46.98 -12.38
C ALA J 1022 -22.14 -48.34 -12.21
N ASN J 1023 -21.13 -48.43 -11.35
CA ASN J 1023 -20.54 -49.73 -11.05
C ASN J 1023 -21.58 -50.66 -10.41
N LEU J 1024 -22.36 -50.12 -9.47
CA LEU J 1024 -23.43 -50.93 -8.88
C LEU J 1024 -24.44 -51.38 -9.93
N ALA J 1025 -24.81 -50.45 -10.84
CA ALA J 1025 -25.77 -50.80 -11.88
C ALA J 1025 -25.22 -51.89 -12.80
N ALA J 1026 -23.94 -51.79 -13.16
CA ALA J 1026 -23.33 -52.82 -14.01
C ALA J 1026 -23.29 -54.16 -13.30
N THR J 1027 -22.99 -54.16 -12.00
CA THR J 1027 -23.01 -55.41 -11.25
C THR J 1027 -24.40 -56.03 -11.26
N LYS J 1028 -25.43 -55.22 -11.05
CA LYS J 1028 -26.79 -55.73 -11.06
C LYS J 1028 -27.16 -56.29 -12.43
N MET J 1029 -26.76 -55.59 -13.50
CA MET J 1029 -27.09 -56.05 -14.84
C MET J 1029 -26.39 -57.36 -15.16
N SER J 1030 -25.12 -57.48 -14.80
CA SER J 1030 -24.42 -58.74 -15.02
C SER J 1030 -24.93 -59.84 -14.12
N GLU J 1031 -25.56 -59.50 -13.00
CA GLU J 1031 -26.07 -60.52 -12.09
C GLU J 1031 -27.41 -61.08 -12.55
N CYS J 1032 -28.43 -60.23 -12.65
CA CYS J 1032 -29.79 -60.73 -12.88
C CYS J 1032 -30.41 -60.17 -14.16
N VAL J 1033 -29.63 -60.17 -15.24
CA VAL J 1033 -30.19 -59.95 -16.58
C VAL J 1033 -29.74 -61.09 -17.48
N LEU J 1034 -28.59 -61.68 -17.16
CA LEU J 1034 -28.06 -62.80 -17.92
C LEU J 1034 -28.59 -64.14 -17.44
N GLY J 1035 -28.81 -64.28 -16.13
CA GLY J 1035 -29.31 -65.50 -15.55
C GLY J 1035 -30.42 -65.20 -14.55
N GLN J 1036 -30.55 -66.11 -13.58
CA GLN J 1036 -31.57 -66.00 -12.54
C GLN J 1036 -30.88 -65.80 -11.20
N SER J 1037 -31.30 -64.77 -10.47
CA SER J 1037 -30.72 -64.49 -9.17
C SER J 1037 -31.35 -65.38 -8.10
N LYS J 1038 -30.75 -65.36 -6.92
CA LYS J 1038 -31.24 -66.12 -5.79
C LYS J 1038 -31.51 -65.28 -4.55
N ARG J 1039 -30.71 -64.25 -4.31
CA ARG J 1039 -30.91 -63.42 -3.12
C ARG J 1039 -32.22 -62.65 -3.21
N VAL J 1040 -32.94 -62.62 -2.09
CA VAL J 1040 -34.26 -62.01 -2.08
C VAL J 1040 -34.15 -60.50 -2.13
N ASP J 1041 -35.03 -59.87 -2.90
CA ASP J 1041 -35.17 -58.42 -2.95
C ASP J 1041 -33.89 -57.73 -3.42
N PHE J 1042 -33.12 -58.39 -4.28
CA PHE J 1042 -32.00 -57.72 -4.93
C PHE J 1042 -32.48 -56.90 -6.12
N CYS J 1043 -33.06 -57.57 -7.11
CA CYS J 1043 -33.73 -56.92 -8.22
C CYS J 1043 -35.15 -57.44 -8.29
N GLY J 1044 -36.12 -56.53 -8.21
CA GLY J 1044 -37.52 -56.90 -8.15
C GLY J 1044 -37.99 -57.17 -6.73
N LYS J 1045 -39.30 -57.27 -6.57
CA LYS J 1045 -39.93 -57.53 -5.29
C LYS J 1045 -40.45 -58.96 -5.27
N GLY J 1046 -40.14 -59.69 -4.19
CA GLY J 1046 -40.53 -61.07 -4.11
C GLY J 1046 -39.61 -61.96 -4.93
N TYR J 1047 -40.11 -63.17 -5.22
CA TYR J 1047 -39.34 -64.12 -6.01
C TYR J 1047 -39.13 -63.57 -7.41
N HIS J 1048 -37.89 -63.69 -7.91
CA HIS J 1048 -37.49 -63.12 -9.18
C HIS J 1048 -37.51 -64.18 -10.27
N LEU J 1049 -37.88 -63.78 -11.48
CA LEU J 1049 -37.94 -64.68 -12.63
C LEU J 1049 -36.90 -64.32 -13.70
N MET J 1050 -36.94 -63.10 -14.21
CA MET J 1050 -35.99 -62.64 -15.22
C MET J 1050 -36.12 -61.13 -15.31
N SER J 1051 -35.39 -60.55 -16.27
CA SER J 1051 -35.39 -59.10 -16.42
C SER J 1051 -35.12 -58.74 -17.88
N PHE J 1052 -35.53 -57.53 -18.24
CA PHE J 1052 -35.29 -56.98 -19.57
C PHE J 1052 -34.62 -55.62 -19.43
N PRO J 1053 -33.55 -55.35 -20.17
CA PRO J 1053 -32.93 -54.02 -20.14
C PRO J 1053 -33.48 -53.11 -21.22
N GLN J 1054 -33.48 -51.81 -20.92
CA GLN J 1054 -33.88 -50.78 -21.86
C GLN J 1054 -32.94 -49.59 -21.73
N SER J 1055 -32.74 -48.89 -22.84
CA SER J 1055 -31.82 -47.77 -22.85
C SER J 1055 -32.51 -46.48 -22.39
N ALA J 1056 -31.70 -45.49 -22.04
CA ALA J 1056 -32.19 -44.20 -21.60
C ALA J 1056 -31.19 -43.14 -22.06
N PRO J 1057 -31.62 -41.87 -22.13
CA PRO J 1057 -30.69 -40.82 -22.59
C PRO J 1057 -29.40 -40.73 -21.78
N HIS J 1058 -29.47 -40.90 -20.47
CA HIS J 1058 -28.27 -40.88 -19.63
C HIS J 1058 -28.35 -41.95 -18.55
N GLY J 1059 -28.78 -43.15 -18.93
CA GLY J 1059 -28.90 -44.21 -17.96
C GLY J 1059 -29.47 -45.47 -18.59
N VAL J 1060 -29.92 -46.37 -17.72
CA VAL J 1060 -30.51 -47.63 -18.14
C VAL J 1060 -31.79 -47.85 -17.35
N VAL J 1061 -32.73 -48.57 -17.95
CA VAL J 1061 -34.00 -48.88 -17.33
C VAL J 1061 -34.21 -50.38 -17.34
N PHE J 1062 -34.49 -50.95 -16.17
CA PHE J 1062 -34.68 -52.40 -16.02
C PHE J 1062 -36.15 -52.69 -15.76
N LEU J 1063 -36.65 -53.76 -16.37
CA LEU J 1063 -37.99 -54.27 -16.13
C LEU J 1063 -37.86 -55.67 -15.55
N HIS J 1064 -38.22 -55.82 -14.28
CA HIS J 1064 -38.17 -57.10 -13.60
C HIS J 1064 -39.55 -57.76 -13.63
N VAL J 1065 -39.57 -59.05 -13.94
CA VAL J 1065 -40.78 -59.85 -13.86
C VAL J 1065 -40.75 -60.63 -12.56
N THR J 1066 -41.78 -60.48 -11.75
CA THR J 1066 -41.80 -61.04 -10.40
C THR J 1066 -42.95 -62.00 -10.22
N TYR J 1067 -42.80 -62.91 -9.27
CA TYR J 1067 -43.78 -63.94 -8.96
C TYR J 1067 -44.31 -63.70 -7.55
N VAL J 1068 -45.63 -63.57 -7.41
CA VAL J 1068 -46.24 -63.23 -6.13
C VAL J 1068 -47.45 -64.11 -5.89
N PRO J 1069 -47.53 -64.82 -4.75
CA PRO J 1069 -48.70 -65.64 -4.45
C PRO J 1069 -49.79 -64.85 -3.74
N ALA J 1070 -50.97 -65.46 -3.67
CA ALA J 1070 -52.13 -64.87 -3.01
C ALA J 1070 -53.15 -65.98 -2.75
N GLN J 1071 -54.30 -65.59 -2.21
CA GLN J 1071 -55.42 -66.49 -1.93
C GLN J 1071 -55.00 -67.60 -0.97
N GLU J 1072 -54.69 -67.20 0.26
CA GLU J 1072 -54.21 -68.11 1.28
C GLU J 1072 -55.36 -68.93 1.85
N LYS J 1073 -55.01 -70.00 2.56
CA LYS J 1073 -55.97 -70.90 3.18
C LYS J 1073 -55.48 -71.23 4.60
N ASN J 1074 -56.17 -72.16 5.25
CA ASN J 1074 -55.82 -72.63 6.57
C ASN J 1074 -55.79 -74.14 6.59
N PHE J 1075 -54.93 -74.72 7.43
CA PHE J 1075 -54.80 -76.16 7.52
C PHE J 1075 -54.26 -76.53 8.88
N THR J 1076 -54.43 -77.81 9.24
CA THR J 1076 -53.89 -78.37 10.46
C THR J 1076 -52.73 -79.29 10.09
N THR J 1077 -51.57 -79.04 10.70
CA THR J 1077 -50.32 -79.68 10.30
C THR J 1077 -49.80 -80.57 11.42
N ALA J 1078 -48.69 -81.25 11.12
CA ALA J 1078 -48.00 -82.11 12.07
C ALA J 1078 -46.57 -82.31 11.59
N PRO J 1079 -45.61 -82.48 12.49
CA PRO J 1079 -44.21 -82.57 12.07
C PRO J 1079 -43.78 -83.96 11.62
N ALA J 1080 -44.41 -85.01 12.17
CA ALA J 1080 -43.95 -86.37 11.91
C ALA J 1080 -45.14 -87.31 11.88
N ILE J 1081 -44.92 -88.48 11.30
CA ILE J 1081 -45.95 -89.52 11.18
C ILE J 1081 -45.40 -90.81 11.80
N CYS J 1082 -46.21 -91.42 12.66
CA CYS J 1082 -45.85 -92.66 13.34
C CYS J 1082 -46.64 -93.82 12.74
N HIS J 1083 -45.95 -94.91 12.45
CA HIS J 1083 -46.59 -96.09 11.87
C HIS J 1083 -45.79 -97.31 12.26
N ASP J 1084 -46.45 -98.26 12.95
CA ASP J 1084 -45.82 -99.51 13.38
C ASP J 1084 -44.59 -99.25 14.24
N GLY J 1085 -44.67 -98.23 15.09
CA GLY J 1085 -43.58 -97.91 16.00
C GLY J 1085 -42.39 -97.22 15.36
N LYS J 1086 -42.51 -96.79 14.11
CA LYS J 1086 -41.43 -96.13 13.40
C LYS J 1086 -41.82 -94.69 13.07
N ALA J 1087 -40.82 -93.87 12.81
CA ALA J 1087 -41.01 -92.47 12.47
C ALA J 1087 -40.81 -92.28 10.97
N HIS J 1088 -41.73 -91.55 10.33
CA HIS J 1088 -41.67 -91.28 8.91
C HIS J 1088 -41.59 -89.77 8.70
N PHE J 1089 -40.72 -89.34 7.79
CA PHE J 1089 -40.51 -87.95 7.47
C PHE J 1089 -40.66 -87.71 5.98
N PRO J 1090 -41.14 -86.54 5.56
CA PRO J 1090 -41.30 -86.27 4.14
C PRO J 1090 -39.97 -85.98 3.47
N ARG J 1091 -39.80 -86.53 2.26
CA ARG J 1091 -38.57 -86.28 1.51
C ARG J 1091 -38.43 -84.80 1.16
N GLU J 1092 -39.52 -84.17 0.73
CA GLU J 1092 -39.52 -82.74 0.41
C GLU J 1092 -40.94 -82.24 0.48
N GLY J 1093 -41.18 -81.23 1.31
CA GLY J 1093 -42.52 -80.68 1.45
C GLY J 1093 -42.93 -80.50 2.89
N VAL J 1094 -44.23 -80.69 3.16
CA VAL J 1094 -44.76 -80.51 4.51
C VAL J 1094 -46.07 -81.28 4.59
N PHE J 1095 -46.41 -81.73 5.80
CA PHE J 1095 -47.63 -82.49 6.00
C PHE J 1095 -48.81 -81.57 6.24
N VAL J 1096 -49.94 -81.87 5.60
CA VAL J 1096 -51.16 -81.11 5.76
C VAL J 1096 -52.31 -82.08 5.97
N SER J 1097 -53.39 -81.56 6.55
CA SER J 1097 -54.59 -82.35 6.79
C SER J 1097 -55.77 -81.41 6.94
N ASN J 1098 -56.87 -81.70 6.22
CA ASN J 1098 -58.07 -80.89 6.31
C ASN J 1098 -59.00 -81.32 7.43
N GLY J 1099 -58.70 -82.41 8.12
CA GLY J 1099 -59.52 -82.87 9.22
C GLY J 1099 -59.74 -84.36 9.25
N THR J 1100 -59.72 -85.00 8.08
CA THR J 1100 -59.97 -86.43 7.98
C THR J 1100 -58.88 -87.21 7.25
N HIS J 1101 -58.11 -86.58 6.38
CA HIS J 1101 -57.07 -87.27 5.63
C HIS J 1101 -55.80 -86.43 5.64
N TRP J 1102 -54.67 -87.10 5.45
CA TRP J 1102 -53.36 -86.48 5.52
C TRP J 1102 -52.67 -86.55 4.16
N PHE J 1103 -52.17 -85.41 3.70
CA PHE J 1103 -51.56 -85.28 2.39
C PHE J 1103 -50.24 -84.53 2.52
N VAL J 1104 -49.44 -84.58 1.46
CA VAL J 1104 -48.16 -83.87 1.41
C VAL J 1104 -48.17 -82.96 0.20
N THR J 1105 -47.79 -81.70 0.40
CA THR J 1105 -47.75 -80.70 -0.66
C THR J 1105 -46.42 -79.97 -0.62
N GLN J 1106 -46.18 -79.17 -1.67
CA GLN J 1106 -44.97 -78.37 -1.73
C GLN J 1106 -45.09 -77.15 -0.83
N ARG J 1107 -44.03 -76.35 -0.79
CA ARG J 1107 -44.00 -75.21 0.11
C ARG J 1107 -44.83 -74.03 -0.41
N ASN J 1108 -44.90 -73.86 -1.74
CA ASN J 1108 -45.50 -72.67 -2.31
C ASN J 1108 -46.69 -72.98 -3.23
N PHE J 1109 -47.27 -74.17 -3.14
CA PHE J 1109 -48.44 -74.49 -3.94
C PHE J 1109 -49.18 -75.62 -3.26
N TYR J 1110 -50.45 -75.78 -3.62
CA TYR J 1110 -51.33 -76.76 -2.99
C TYR J 1110 -51.81 -77.77 -4.03
N GLU J 1111 -51.08 -78.88 -4.16
CA GLU J 1111 -51.48 -80.00 -5.01
C GLU J 1111 -51.36 -81.29 -4.19
N PRO J 1112 -52.35 -81.58 -3.36
CA PRO J 1112 -52.24 -82.72 -2.45
C PRO J 1112 -52.09 -84.04 -3.20
N GLN J 1113 -51.28 -84.93 -2.63
CA GLN J 1113 -51.04 -86.25 -3.18
C GLN J 1113 -51.15 -87.29 -2.06
N ILE J 1114 -51.47 -88.52 -2.44
CA ILE J 1114 -51.60 -89.59 -1.47
C ILE J 1114 -50.23 -89.94 -0.91
N ILE J 1115 -50.13 -90.01 0.42
CA ILE J 1115 -48.86 -90.32 1.05
C ILE J 1115 -48.51 -91.78 0.82
N THR J 1116 -47.28 -92.02 0.34
CA THR J 1116 -46.79 -93.38 0.11
C THR J 1116 -45.38 -93.50 0.68
N THR J 1117 -44.75 -94.65 0.48
CA THR J 1117 -43.39 -94.85 0.93
C THR J 1117 -42.36 -94.30 -0.04
N ASP J 1118 -42.77 -93.87 -1.22
CA ASP J 1118 -41.83 -93.35 -2.21
C ASP J 1118 -41.42 -91.91 -1.94
N ASN J 1119 -42.24 -91.13 -1.25
CA ASN J 1119 -41.92 -89.75 -0.93
C ASN J 1119 -41.71 -89.55 0.57
N THR J 1120 -41.20 -90.56 1.26
CA THR J 1120 -40.90 -90.46 2.68
C THR J 1120 -39.75 -91.41 3.01
N PHE J 1121 -39.08 -91.13 4.12
CA PHE J 1121 -37.99 -91.96 4.60
C PHE J 1121 -38.12 -92.15 6.10
N VAL J 1122 -37.56 -93.25 6.60
CA VAL J 1122 -37.68 -93.67 7.99
C VAL J 1122 -36.36 -93.41 8.70
N SER J 1123 -36.44 -92.97 9.96
CA SER J 1123 -35.24 -92.71 10.76
C SER J 1123 -35.60 -92.95 12.23
N GLY J 1124 -35.26 -94.13 12.73
CA GLY J 1124 -35.49 -94.44 14.12
C GLY J 1124 -36.96 -94.62 14.47
N ASN J 1125 -37.24 -94.56 15.76
CA ASN J 1125 -38.59 -94.69 16.29
C ASN J 1125 -39.04 -93.37 16.90
N CYS J 1126 -40.33 -93.07 16.76
CA CYS J 1126 -40.88 -91.80 17.23
C CYS J 1126 -41.33 -91.97 18.68
N ASP J 1127 -40.44 -91.63 19.60
CA ASP J 1127 -40.74 -91.65 21.02
C ASP J 1127 -40.36 -90.32 21.66
N VAL J 1128 -39.34 -89.68 21.10
CA VAL J 1128 -38.89 -88.38 21.60
C VAL J 1128 -39.40 -87.23 20.73
N VAL J 1129 -39.87 -87.51 19.51
CA VAL J 1129 -40.38 -86.46 18.65
C VAL J 1129 -41.62 -85.84 19.27
N ILE J 1130 -41.70 -84.51 19.21
CA ILE J 1130 -42.82 -83.76 19.77
C ILE J 1130 -43.82 -83.48 18.68
N GLY J 1131 -45.09 -83.77 18.93
CA GLY J 1131 -46.15 -83.51 17.98
C GLY J 1131 -46.53 -84.67 17.09
N ILE J 1132 -46.09 -85.89 17.41
CA ILE J 1132 -46.41 -87.03 16.59
C ILE J 1132 -47.92 -87.27 16.55
N VAL J 1133 -48.39 -87.86 15.46
CA VAL J 1133 -49.81 -88.16 15.28
C VAL J 1133 -49.92 -89.56 14.68
N ASN J 1134 -50.90 -90.32 15.16
CA ASN J 1134 -51.13 -91.66 14.64
C ASN J 1134 -51.76 -91.60 13.26
N ASN J 1135 -51.35 -92.51 12.39
CA ASN J 1135 -51.85 -92.57 11.02
C ASN J 1135 -51.44 -93.91 10.43
N THR J 1136 -51.64 -94.08 9.13
CA THR J 1136 -51.23 -95.26 8.41
C THR J 1136 -50.49 -94.85 7.15
N VAL J 1137 -49.57 -95.71 6.70
CA VAL J 1137 -48.75 -95.45 5.52
C VAL J 1137 -49.07 -96.53 4.49
N TYR J 1138 -49.39 -96.09 3.27
CA TYR J 1138 -49.72 -97.01 2.19
C TYR J 1138 -48.49 -97.28 1.34
N ASP J 1139 -48.29 -98.55 1.00
CA ASP J 1139 -47.18 -98.96 0.17
C ASP J 1139 -47.67 -99.32 -1.24
N PRO J 1140 -46.86 -99.07 -2.27
CA PRO J 1140 -47.31 -99.35 -3.64
C PRO J 1140 -47.06 -100.78 -4.11
N LEU J 1141 -46.23 -101.55 -3.42
CA LEU J 1141 -45.94 -102.91 -3.85
C LEU J 1141 -47.08 -103.87 -3.53
N GLN J 1142 -47.81 -103.62 -2.44
CA GLN J 1142 -48.85 -104.55 -2.00
C GLN J 1142 -49.96 -104.79 -3.03
N PRO J 1143 -50.52 -103.77 -3.71
CA PRO J 1143 -51.62 -104.06 -4.63
C PRO J 1143 -51.27 -105.05 -5.73
N GLU J 1144 -50.05 -104.99 -6.27
CA GLU J 1144 -49.63 -105.95 -7.28
C GLU J 1144 -48.91 -107.15 -6.68
N LEU J 1145 -48.65 -107.16 -5.38
CA LEU J 1145 -48.05 -108.33 -4.75
C LEU J 1145 -49.02 -109.51 -4.69
N ASP J 1146 -50.30 -109.28 -4.91
CA ASP J 1146 -51.29 -110.35 -4.88
C ASP J 1146 -51.52 -110.93 -6.28
N ALA K 27 22.38 -24.75 51.09
CA ALA K 27 21.52 -25.93 51.05
C ALA K 27 20.55 -25.85 49.88
N TYR K 28 20.14 -27.02 49.39
CA TYR K 28 19.20 -27.11 48.27
C TYR K 28 18.00 -27.95 48.68
N THR K 29 16.82 -27.57 48.20
CA THR K 29 15.57 -28.24 48.53
C THR K 29 14.79 -28.52 47.25
N ASN K 30 14.10 -29.64 47.22
CA ASN K 30 13.34 -30.07 46.05
C ASN K 30 11.89 -29.61 46.18
N SER K 31 11.44 -28.81 45.20
CA SER K 31 10.07 -28.32 45.16
C SER K 31 9.24 -29.34 44.39
N PHE K 32 8.45 -30.13 45.12
CA PHE K 32 7.71 -31.23 44.52
C PHE K 32 6.68 -30.76 43.50
N THR K 33 5.64 -30.07 43.95
CA THR K 33 4.57 -29.67 43.06
C THR K 33 4.00 -28.29 43.33
N ARG K 34 4.55 -27.53 44.27
CA ARG K 34 3.96 -26.25 44.62
C ARG K 34 4.20 -25.21 43.51
N GLY K 35 3.50 -24.09 43.63
CA GLY K 35 3.66 -23.01 42.67
C GLY K 35 2.55 -22.91 41.65
N VAL K 36 1.30 -23.05 42.10
CA VAL K 36 0.14 -23.01 41.22
C VAL K 36 -0.77 -21.88 41.69
N TYR K 37 -1.13 -21.00 40.75
CA TYR K 37 -2.00 -19.87 41.02
C TYR K 37 -2.88 -19.60 39.81
N TYR K 38 -3.98 -18.91 40.05
CA TYR K 38 -4.91 -18.59 38.97
C TYR K 38 -4.28 -17.56 38.04
N PRO K 39 -4.12 -17.88 36.75
CA PRO K 39 -3.51 -16.91 35.83
C PRO K 39 -4.45 -15.76 35.46
N ASP K 40 -5.75 -15.94 35.64
CA ASP K 40 -6.73 -14.93 35.25
C ASP K 40 -7.76 -14.81 36.37
N LYS K 41 -8.86 -14.11 36.07
CA LYS K 41 -9.95 -13.92 37.01
C LYS K 41 -11.27 -14.41 36.43
N VAL K 42 -11.24 -15.57 35.79
CA VAL K 42 -12.41 -16.14 35.13
C VAL K 42 -12.88 -17.36 35.93
N PHE K 43 -14.04 -17.88 35.54
CA PHE K 43 -14.61 -19.07 36.16
C PHE K 43 -14.93 -20.11 35.11
N ARG K 44 -14.62 -21.36 35.41
CA ARG K 44 -14.91 -22.48 34.54
C ARG K 44 -15.45 -23.63 35.39
N SER K 45 -16.17 -24.54 34.74
CA SER K 45 -16.83 -25.64 35.44
C SER K 45 -16.43 -26.97 34.79
N SER K 46 -15.45 -27.66 35.40
CA SER K 46 -15.05 -29.01 35.01
C SER K 46 -14.68 -29.08 33.52
N VAL K 47 -13.67 -28.29 33.16
CA VAL K 47 -13.17 -28.29 31.79
C VAL K 47 -11.66 -28.12 31.85
N LEU K 48 -10.96 -28.88 30.99
CA LEU K 48 -9.51 -28.77 30.93
C LEU K 48 -9.09 -27.49 30.20
N HIS K 49 -8.02 -26.87 30.68
CA HIS K 49 -7.52 -25.64 30.10
C HIS K 49 -6.01 -25.70 30.00
N SER K 50 -5.48 -25.03 28.99
CA SER K 50 -4.03 -24.92 28.78
C SER K 50 -3.64 -23.45 28.85
N THR K 51 -2.63 -23.15 29.66
CA THR K 51 -2.19 -21.79 29.90
C THR K 51 -0.67 -21.70 29.80
N GLN K 52 -0.19 -20.60 29.23
CA GLN K 52 1.23 -20.32 29.15
C GLN K 52 1.51 -19.04 29.93
N ASP K 53 2.27 -19.17 31.01
CA ASP K 53 2.59 -18.04 31.88
C ASP K 53 3.79 -18.45 32.74
N LEU K 54 4.20 -17.55 33.62
CA LEU K 54 5.34 -17.81 34.50
C LEU K 54 4.93 -18.79 35.60
N PHE K 55 5.74 -19.83 35.78
CA PHE K 55 5.44 -20.83 36.79
C PHE K 55 6.74 -21.43 37.30
N LEU K 56 6.67 -21.99 38.50
CA LEU K 56 7.82 -22.70 39.06
C LEU K 56 7.88 -24.11 38.49
N PRO K 57 8.97 -24.51 37.84
CA PRO K 57 9.06 -25.88 37.32
C PRO K 57 8.98 -26.90 38.44
N PHE K 58 8.30 -28.01 38.15
CA PHE K 58 8.16 -29.06 39.15
C PHE K 58 9.48 -29.79 39.35
N PHE K 59 9.67 -30.31 40.56
CA PHE K 59 10.88 -31.04 40.93
C PHE K 59 12.13 -30.20 40.72
N SER K 60 12.01 -28.89 40.91
CA SER K 60 13.14 -27.99 40.77
C SER K 60 13.87 -27.82 42.09
N ASN K 61 14.98 -27.08 42.04
CA ASN K 61 15.82 -26.84 43.21
C ASN K 61 15.64 -25.41 43.69
N VAL K 62 15.40 -25.24 44.98
CA VAL K 62 15.22 -23.94 45.59
C VAL K 62 16.24 -23.78 46.71
N THR K 63 16.65 -22.54 46.94
CA THR K 63 17.68 -22.24 47.93
C THR K 63 17.07 -22.13 49.31
N TRP K 64 17.71 -22.77 50.29
CA TRP K 64 17.29 -22.70 51.67
C TRP K 64 18.20 -21.75 52.43
N PHE K 65 17.62 -20.77 53.10
CA PHE K 65 18.35 -19.78 53.87
C PHE K 65 18.11 -20.01 55.35
N HIS K 66 19.17 -19.92 56.14
CA HIS K 66 19.10 -20.09 57.58
C HIS K 66 19.35 -18.74 58.24
N ALA K 67 18.46 -18.36 59.15
CA ALA K 67 18.52 -17.07 59.83
C ALA K 67 18.53 -17.30 61.34
N ILE K 68 19.68 -17.09 61.96
CA ILE K 68 19.81 -17.21 63.41
C ILE K 68 20.67 -16.07 63.95
N ASN K 81 20.65 -12.19 56.04
CA ASN K 81 19.71 -11.55 55.13
C ASN K 81 20.37 -10.92 53.90
N PRO K 82 21.00 -11.74 53.07
CA PRO K 82 21.73 -11.20 51.91
C PRO K 82 20.79 -10.68 50.82
N VAL K 83 21.36 -10.17 49.75
CA VAL K 83 20.60 -9.57 48.66
C VAL K 83 20.49 -10.58 47.52
N LEU K 84 19.29 -10.74 46.98
CA LEU K 84 19.02 -11.67 45.90
C LEU K 84 18.35 -10.93 44.75
N PRO K 85 18.61 -11.36 43.51
CA PRO K 85 17.96 -10.71 42.37
C PRO K 85 16.46 -10.98 42.34
N PHE K 86 15.72 -10.03 41.80
CA PHE K 86 14.28 -10.17 41.67
C PHE K 86 13.92 -11.11 40.52
N ASN K 87 14.31 -10.75 39.30
CA ASN K 87 14.27 -11.65 38.14
C ASN K 87 12.84 -12.12 37.84
N ASP K 88 11.95 -11.16 37.64
CA ASP K 88 10.60 -11.40 37.12
C ASP K 88 9.83 -12.39 38.00
N GLY K 89 9.61 -11.99 39.25
CA GLY K 89 8.79 -12.77 40.14
C GLY K 89 9.57 -13.70 41.05
N VAL K 90 9.16 -13.80 42.31
CA VAL K 90 9.79 -14.66 43.29
C VAL K 90 8.71 -15.46 44.01
N TYR K 91 9.14 -16.55 44.64
CA TYR K 91 8.25 -17.40 45.41
C TYR K 91 8.76 -17.45 46.85
N PHE K 92 7.86 -17.18 47.80
CA PHE K 92 8.24 -17.09 49.20
C PHE K 92 7.37 -18.02 50.04
N ALA K 93 8.00 -18.68 51.01
CA ALA K 93 7.32 -19.51 51.99
C ALA K 93 7.90 -19.22 53.36
N SER K 94 7.04 -19.27 54.38
CA SER K 94 7.44 -19.01 55.76
C SER K 94 7.05 -20.19 56.63
N THR K 95 8.02 -20.74 57.35
CA THR K 95 7.80 -21.89 58.22
C THR K 95 7.99 -21.55 59.70
N GLU K 96 7.93 -20.26 60.05
CA GLU K 96 8.16 -19.82 61.42
C GLU K 96 6.83 -19.53 62.10
N LYS K 97 6.61 -20.17 63.25
CA LYS K 97 5.38 -19.93 63.99
C LYS K 97 5.37 -18.56 64.65
N SER K 98 6.52 -18.13 65.17
CA SER K 98 6.60 -16.81 65.80
C SER K 98 6.50 -15.70 64.76
N ASN K 99 5.91 -14.58 65.18
CA ASN K 99 5.70 -13.45 64.29
C ASN K 99 6.94 -12.55 64.24
N ILE K 100 8.02 -13.13 63.70
CA ILE K 100 9.29 -12.43 63.57
C ILE K 100 9.51 -11.94 62.14
N ILE K 101 9.29 -12.82 61.16
CA ILE K 101 9.40 -12.44 59.76
C ILE K 101 8.21 -11.55 59.41
N ARG K 102 8.46 -10.27 59.15
CA ARG K 102 7.39 -9.29 59.04
C ARG K 102 7.30 -8.62 57.67
N GLY K 103 8.40 -8.02 57.18
CA GLY K 103 8.33 -7.19 56.02
C GLY K 103 9.44 -7.48 55.02
N TRP K 104 9.29 -6.89 53.84
CA TRP K 104 10.27 -6.99 52.76
C TRP K 104 10.48 -5.62 52.15
N ILE K 105 11.68 -5.38 51.66
CA ILE K 105 12.05 -4.12 51.03
C ILE K 105 12.44 -4.39 49.59
N PHE K 106 11.77 -3.73 48.67
CA PHE K 106 12.03 -3.87 47.24
C PHE K 106 12.67 -2.60 46.70
N GLY K 107 13.34 -2.73 45.56
CA GLY K 107 13.96 -1.59 44.94
C GLY K 107 14.98 -2.01 43.90
N THR K 108 15.76 -1.03 43.46
CA THR K 108 16.82 -1.27 42.48
C THR K 108 18.17 -0.70 42.88
N THR K 109 18.23 0.28 43.78
CA THR K 109 19.48 0.84 44.24
C THR K 109 19.63 0.88 45.75
N LEU K 110 18.58 0.59 46.52
CA LEU K 110 18.62 0.62 47.98
C LEU K 110 19.09 1.97 48.49
N ASP K 111 18.56 3.05 47.90
CA ASP K 111 18.94 4.39 48.28
C ASP K 111 17.79 5.34 47.98
N SER K 112 17.86 6.53 48.56
CA SER K 112 16.81 7.53 48.36
C SER K 112 16.82 8.12 46.96
N LYS K 113 17.84 7.84 46.14
CA LYS K 113 17.87 8.34 44.79
C LYS K 113 16.72 7.78 43.96
N THR K 114 16.41 6.50 44.13
CA THR K 114 15.33 5.85 43.40
C THR K 114 14.27 5.36 44.37
N GLN K 115 13.02 5.37 43.92
CA GLN K 115 11.91 4.93 44.76
C GLN K 115 12.08 3.47 45.15
N SER K 116 11.79 3.16 46.42
CA SER K 116 11.90 1.82 46.95
C SER K 116 10.57 1.42 47.56
N LEU K 117 10.00 0.32 47.08
CA LEU K 117 8.76 -0.18 47.64
C LEU K 117 8.98 -0.72 49.04
N LEU K 118 8.05 -0.44 49.94
CA LEU K 118 8.15 -0.88 51.33
C LEU K 118 6.81 -1.45 51.77
N ILE K 119 6.86 -2.63 52.39
CA ILE K 119 5.68 -3.27 52.97
C ILE K 119 6.00 -3.59 54.42
N VAL K 120 5.15 -3.12 55.33
CA VAL K 120 5.36 -3.26 56.76
C VAL K 120 4.10 -3.81 57.40
N ASN K 121 4.25 -4.84 58.23
CA ASN K 121 3.14 -5.41 58.99
C ASN K 121 3.14 -4.81 60.40
N ASN K 122 2.00 -4.27 60.80
CA ASN K 122 1.84 -3.64 62.10
C ASN K 122 1.14 -4.54 63.11
N ALA K 123 0.99 -5.83 62.79
CA ALA K 123 0.33 -6.82 63.63
C ALA K 123 -1.16 -6.57 63.73
N THR K 124 -1.63 -5.47 63.11
CA THR K 124 -3.05 -5.19 63.00
C THR K 124 -3.46 -4.71 61.61
N ASN K 125 -2.55 -4.15 60.82
CA ASN K 125 -2.84 -3.70 59.48
C ASN K 125 -1.53 -3.62 58.70
N VAL K 126 -1.64 -3.55 57.38
CA VAL K 126 -0.48 -3.48 56.50
C VAL K 126 -0.45 -2.10 55.85
N VAL K 127 0.74 -1.53 55.77
CA VAL K 127 0.96 -0.23 55.15
C VAL K 127 1.94 -0.40 54.00
N ILE K 128 1.59 0.18 52.85
CA ILE K 128 2.41 0.08 51.65
C ILE K 128 2.76 1.48 51.20
N LYS K 129 4.05 1.72 50.97
CA LYS K 129 4.53 3.03 50.54
C LYS K 129 5.71 2.85 49.60
N VAL K 130 5.64 3.52 48.45
CA VAL K 130 6.75 3.54 47.49
C VAL K 130 7.68 4.72 47.73
N CYS K 131 7.48 5.45 48.82
CA CYS K 131 8.26 6.65 49.09
C CYS K 131 9.72 6.29 49.32
N GLU K 132 10.60 7.19 48.87
CA GLU K 132 12.04 6.91 48.88
C GLU K 132 12.56 6.78 50.31
N PHE K 133 13.49 5.85 50.50
CA PHE K 133 14.18 5.66 51.76
C PHE K 133 15.67 5.47 51.48
N GLN K 134 16.49 5.91 52.42
CA GLN K 134 17.94 5.81 52.26
C GLN K 134 18.40 4.37 52.52
N PHE K 135 19.71 4.17 52.38
CA PHE K 135 20.29 2.84 52.56
C PHE K 135 20.15 2.38 54.01
N CYS K 136 19.89 1.08 54.18
CA CYS K 136 19.77 0.48 55.51
C CYS K 136 20.35 -0.93 55.44
N ASN K 137 21.63 -1.06 55.82
CA ASN K 137 22.26 -2.37 55.81
C ASN K 137 21.59 -3.32 56.80
N ASP K 138 21.25 -2.83 57.98
CA ASP K 138 20.62 -3.66 58.98
C ASP K 138 19.15 -3.28 59.18
N PRO K 139 18.27 -4.27 59.31
CA PRO K 139 16.85 -3.97 59.51
C PRO K 139 16.61 -3.41 60.91
N PHE K 140 15.55 -2.60 61.02
CA PHE K 140 15.13 -2.03 62.30
C PHE K 140 14.36 -3.09 63.06
N LEU K 141 15.11 -3.97 63.73
CA LEU K 141 14.50 -5.08 64.45
C LEU K 141 13.64 -4.57 65.61
N GLY K 142 14.17 -3.64 66.39
CA GLY K 142 13.47 -3.12 67.54
C GLY K 142 13.53 -4.00 68.78
N VAL K 143 14.25 -5.12 68.73
CA VAL K 143 14.37 -6.05 69.84
C VAL K 143 13.00 -6.49 70.34
N VAL K 159 11.50 1.82 59.45
CA VAL K 159 12.71 2.45 58.94
C VAL K 159 12.58 3.97 58.98
N TYR K 160 13.58 4.64 59.54
CA TYR K 160 13.60 6.09 59.68
C TYR K 160 14.75 6.71 58.91
N SER K 161 15.12 6.09 57.79
CA SER K 161 16.24 6.60 56.99
C SER K 161 15.94 7.98 56.43
N SER K 162 14.94 8.07 55.56
CA SER K 162 14.58 9.35 54.95
C SER K 162 13.18 9.23 54.37
N ALA K 163 12.58 10.38 54.05
CA ALA K 163 11.26 10.46 53.44
C ALA K 163 11.33 11.54 52.36
N ASN K 164 11.65 11.14 51.14
CA ASN K 164 11.81 12.05 50.01
C ASN K 164 10.89 11.65 48.89
N ASN K 165 10.20 12.63 48.30
CA ASN K 165 9.32 12.42 47.16
C ASN K 165 8.28 11.34 47.44
N CYS K 166 7.65 11.44 48.60
CA CYS K 166 6.67 10.45 49.02
C CYS K 166 5.37 10.67 48.25
N THR K 167 5.07 9.75 47.34
CA THR K 167 3.96 9.91 46.40
C THR K 167 2.75 9.04 46.73
N PHE K 168 2.94 7.73 46.87
CA PHE K 168 1.84 6.80 47.03
C PHE K 168 1.78 6.26 48.46
N GLU K 169 0.57 6.02 48.93
CA GLU K 169 0.33 5.43 50.24
C GLU K 169 -0.88 4.52 50.15
N TYR K 170 -0.85 3.43 50.92
CA TYR K 170 -1.95 2.47 50.93
C TYR K 170 -2.03 1.85 52.32
N VAL K 171 -3.26 1.64 52.79
CA VAL K 171 -3.51 0.97 54.07
C VAL K 171 -4.51 -0.15 53.82
N SER K 172 -4.21 -1.34 54.32
CA SER K 172 -5.09 -2.49 54.20
C SER K 172 -4.91 -3.35 55.44
N GLN K 173 -5.41 -4.58 55.38
CA GLN K 173 -5.32 -5.50 56.52
C GLN K 173 -3.87 -5.87 56.82
N LYS K 187 2.83 -27.06 61.52
CA LYS K 187 3.24 -25.66 61.39
C LYS K 187 2.53 -25.00 60.22
N ASN K 188 2.62 -23.67 60.15
CA ASN K 188 1.94 -22.89 59.13
C ASN K 188 2.94 -22.49 58.05
N LEU K 189 2.53 -22.65 56.79
CA LEU K 189 3.36 -22.31 55.64
C LEU K 189 2.64 -21.25 54.82
N ARG K 190 2.86 -19.99 55.18
CA ARG K 190 2.21 -18.86 54.50
C ARG K 190 2.88 -18.66 53.15
N GLU K 191 2.33 -19.28 52.11
CA GLU K 191 2.88 -19.15 50.77
C GLU K 191 2.52 -17.79 50.17
N PHE K 192 3.50 -17.16 49.53
CA PHE K 192 3.29 -15.89 48.85
C PHE K 192 4.01 -15.91 47.51
N VAL K 193 3.36 -15.33 46.51
CA VAL K 193 3.94 -15.21 45.17
C VAL K 193 3.87 -13.75 44.77
N PHE K 194 5.01 -13.16 44.45
CA PHE K 194 5.10 -11.75 44.08
C PHE K 194 5.40 -11.65 42.59
N LYS K 195 4.63 -10.82 41.89
CA LYS K 195 4.80 -10.62 40.46
C LYS K 195 4.73 -9.13 40.15
N ASN K 196 5.46 -8.72 39.10
CA ASN K 196 5.49 -7.33 38.67
C ASN K 196 5.60 -7.31 37.15
N ILE K 197 4.51 -7.00 36.48
CA ILE K 197 4.46 -6.94 35.02
C ILE K 197 3.63 -5.75 34.59
N ASP K 198 4.01 -5.15 33.46
CA ASP K 198 3.32 -4.03 32.83
C ASP K 198 2.90 -2.96 33.84
N GLY K 199 3.83 -2.64 34.75
CA GLY K 199 3.58 -1.60 35.72
C GLY K 199 2.61 -1.95 36.82
N TYR K 200 2.26 -3.23 36.97
CA TYR K 200 1.30 -3.68 37.96
C TYR K 200 1.96 -4.67 38.90
N PHE K 201 1.68 -4.53 40.19
CA PHE K 201 2.23 -5.40 41.22
C PHE K 201 1.11 -6.24 41.81
N LYS K 202 1.31 -7.56 41.82
CA LYS K 202 0.31 -8.50 42.33
C LYS K 202 0.91 -9.34 43.45
N ILE K 203 0.12 -9.58 44.48
CA ILE K 203 0.50 -10.42 45.61
C ILE K 203 -0.53 -11.50 45.77
N TYR K 204 -0.09 -12.76 45.71
CA TYR K 204 -0.97 -13.92 45.85
C TYR K 204 -0.63 -14.63 47.15
N SER K 205 -1.64 -14.82 48.00
CA SER K 205 -1.44 -15.36 49.33
C SER K 205 -2.33 -16.57 49.54
N LYS K 206 -1.87 -17.48 50.41
CA LYS K 206 -2.62 -18.66 50.80
C LYS K 206 -2.07 -19.16 52.12
N HIS K 207 -2.97 -19.41 53.08
CA HIS K 207 -2.59 -19.90 54.39
C HIS K 207 -2.68 -21.42 54.42
N THR K 208 -2.06 -22.02 55.46
CA THR K 208 -2.08 -23.45 55.64
C THR K 208 -2.47 -23.79 57.06
N PRO K 209 -3.31 -24.81 57.26
CA PRO K 209 -3.71 -25.18 58.62
C PRO K 209 -2.56 -25.79 59.42
N ILE K 210 -1.88 -26.77 58.82
CA ILE K 210 -0.78 -27.44 59.50
C ILE K 210 0.18 -28.03 58.46
N PRO K 217 7.84 -29.14 52.22
CA PRO K 217 6.59 -28.60 51.67
C PRO K 217 5.98 -29.50 50.61
N GLN K 218 5.35 -30.59 51.04
CA GLN K 218 4.75 -31.56 50.13
C GLN K 218 3.23 -31.43 50.17
N GLY K 219 2.62 -31.45 48.98
CA GLY K 219 1.19 -31.29 48.84
C GLY K 219 0.86 -30.27 47.77
N PHE K 220 -0.42 -30.27 47.40
CA PHE K 220 -0.93 -29.38 46.37
C PHE K 220 -1.91 -28.37 46.97
N SER K 221 -1.80 -27.12 46.54
CA SER K 221 -2.65 -26.05 47.05
C SER K 221 -2.87 -25.03 45.96
N ALA K 222 -3.88 -24.18 46.17
CA ALA K 222 -4.25 -23.15 45.22
C ALA K 222 -3.86 -21.78 45.76
N LEU K 223 -3.43 -20.90 44.86
CA LEU K 223 -3.06 -19.54 45.19
C LEU K 223 -4.00 -18.58 44.46
N GLU K 224 -4.48 -17.57 45.17
CA GLU K 224 -5.45 -16.62 44.64
C GLU K 224 -4.96 -15.19 44.81
N PRO K 225 -5.35 -14.29 43.91
CA PRO K 225 -4.86 -12.91 44.00
C PRO K 225 -5.52 -12.15 45.14
N LEU K 226 -4.70 -11.38 45.85
CA LEU K 226 -5.19 -10.58 46.97
C LEU K 226 -5.49 -9.14 46.54
N VAL K 227 -4.47 -8.42 46.07
CA VAL K 227 -4.60 -7.01 45.71
C VAL K 227 -3.78 -6.74 44.45
N ASP K 228 -3.99 -5.56 43.89
CA ASP K 228 -3.25 -5.08 42.72
C ASP K 228 -2.77 -3.66 42.99
N LEU K 229 -1.51 -3.40 42.66
CA LEU K 229 -0.90 -2.09 42.92
C LEU K 229 -0.41 -1.50 41.61
N PRO K 230 -1.01 -0.42 41.13
CA PRO K 230 -0.53 0.26 39.90
C PRO K 230 0.57 1.29 40.19
N ILE K 231 1.79 0.80 40.38
CA ILE K 231 2.94 1.63 40.73
C ILE K 231 3.79 1.96 39.52
N GLY K 232 4.22 0.93 38.77
CA GLY K 232 5.03 1.14 37.59
C GLY K 232 6.48 1.42 37.88
N ILE K 233 7.18 0.46 38.47
CA ILE K 233 8.59 0.59 38.80
C ILE K 233 9.24 -0.78 38.73
N ASN K 234 10.50 -0.81 38.28
CA ASN K 234 11.14 -2.07 37.92
C ASN K 234 11.37 -2.97 39.13
N ILE K 235 12.20 -2.51 40.07
CA ILE K 235 12.72 -3.32 41.18
C ILE K 235 13.51 -4.50 40.63
N THR K 236 14.84 -4.43 40.75
CA THR K 236 15.71 -5.52 40.32
C THR K 236 16.25 -6.35 41.48
N ARG K 237 16.06 -5.91 42.72
CA ARG K 237 16.56 -6.62 43.89
C ARG K 237 15.59 -6.41 45.04
N PHE K 238 15.69 -7.29 46.04
CA PHE K 238 14.88 -7.14 47.23
C PHE K 238 15.62 -7.71 48.43
N GLN K 239 15.22 -7.27 49.61
CA GLN K 239 15.86 -7.66 50.86
C GLN K 239 14.80 -8.12 51.85
N THR K 240 15.22 -8.91 52.81
CA THR K 240 14.32 -9.49 53.81
C THR K 240 14.55 -8.81 55.15
N LEU K 241 13.45 -8.55 55.86
CA LEU K 241 13.48 -7.89 57.17
C LEU K 241 13.02 -8.85 58.24
N LEU K 242 13.68 -8.81 59.40
CA LEU K 242 13.33 -9.67 60.52
C LEU K 242 12.77 -8.85 61.69
N ALA K 264 14.14 -19.07 59.03
CA ALA K 264 14.38 -19.96 57.89
C ALA K 264 13.23 -19.87 56.89
N TYR K 265 13.57 -19.87 55.60
CA TYR K 265 12.57 -19.78 54.55
C TYR K 265 13.17 -20.35 53.27
N TYR K 266 12.30 -20.56 52.28
CA TYR K 266 12.69 -21.05 50.97
C TYR K 266 12.45 -19.97 49.93
N VAL K 267 13.34 -19.88 48.94
CA VAL K 267 13.22 -18.92 47.86
C VAL K 267 13.35 -19.67 46.53
N GLY K 268 12.42 -19.42 45.62
CA GLY K 268 12.45 -20.06 44.31
C GLY K 268 12.44 -19.07 43.17
N TYR K 269 12.17 -19.55 41.96
CA TYR K 269 12.11 -18.68 40.80
C TYR K 269 11.11 -19.26 39.80
N LEU K 270 10.66 -18.41 38.89
CA LEU K 270 9.64 -18.77 37.91
C LEU K 270 10.22 -18.75 36.51
N GLN K 271 9.62 -19.54 35.63
CA GLN K 271 10.03 -19.64 34.23
C GLN K 271 8.81 -19.54 33.33
N PRO K 272 8.97 -19.03 32.11
CA PRO K 272 7.85 -18.97 31.15
C PRO K 272 7.54 -20.34 30.54
N ARG K 273 6.76 -21.12 31.28
CA ARG K 273 6.40 -22.49 30.89
C ARG K 273 4.94 -22.55 30.48
N THR K 274 4.48 -23.77 30.19
CA THR K 274 3.09 -24.02 29.82
C THR K 274 2.54 -25.06 30.78
N PHE K 275 1.33 -24.81 31.29
CA PHE K 275 0.72 -25.66 32.29
C PHE K 275 -0.68 -26.08 31.83
N LEU K 276 -1.11 -27.23 32.33
CA LEU K 276 -2.45 -27.75 32.09
C LEU K 276 -3.19 -27.83 33.43
N LEU K 277 -4.39 -27.27 33.47
CA LEU K 277 -5.18 -27.19 34.69
C LEU K 277 -6.50 -27.91 34.50
N LYS K 278 -6.94 -28.62 35.54
CA LYS K 278 -8.20 -29.35 35.53
C LYS K 278 -9.14 -28.70 36.54
N TYR K 279 -9.94 -27.76 36.06
CA TYR K 279 -10.89 -27.07 36.93
C TYR K 279 -11.92 -28.04 37.48
N ASN K 280 -12.33 -27.80 38.73
CA ASN K 280 -13.34 -28.63 39.36
C ASN K 280 -14.74 -28.10 39.03
N GLU K 281 -15.76 -28.81 39.50
CA GLU K 281 -17.12 -28.35 39.28
C GLU K 281 -17.41 -27.09 40.09
N ASN K 282 -16.83 -26.97 41.28
CA ASN K 282 -16.85 -25.69 41.98
C ASN K 282 -16.10 -24.61 41.22
N GLY K 283 -15.16 -24.99 40.37
CA GLY K 283 -14.29 -24.05 39.69
C GLY K 283 -12.95 -23.84 40.34
N THR K 284 -12.71 -24.44 41.51
CA THR K 284 -11.42 -24.34 42.16
C THR K 284 -10.41 -25.28 41.51
N ILE K 285 -9.21 -24.78 41.27
CA ILE K 285 -8.18 -25.58 40.64
C ILE K 285 -7.75 -26.70 41.59
N THR K 286 -7.59 -27.90 41.05
CA THR K 286 -7.27 -29.06 41.87
C THR K 286 -6.23 -29.98 41.29
N ASP K 287 -5.65 -29.67 40.13
CA ASP K 287 -4.62 -30.51 39.54
C ASP K 287 -3.86 -29.72 38.48
N ALA K 288 -2.54 -29.86 38.49
CA ALA K 288 -1.68 -29.20 37.52
C ALA K 288 -0.77 -30.23 36.88
N VAL K 289 -0.58 -30.12 35.57
CA VAL K 289 0.27 -31.03 34.81
C VAL K 289 1.23 -30.20 33.97
N ASP K 290 2.53 -30.52 34.06
CA ASP K 290 3.53 -29.83 33.27
C ASP K 290 3.38 -30.18 31.79
N CYS K 291 4.14 -29.47 30.96
CA CYS K 291 4.08 -29.68 29.52
C CYS K 291 5.43 -30.00 28.90
N ALA K 292 6.52 -29.92 29.65
CA ALA K 292 7.84 -30.24 29.10
C ALA K 292 8.70 -31.06 30.06
N LEU K 293 8.15 -31.52 31.18
CA LEU K 293 8.95 -32.27 32.14
C LEU K 293 9.32 -33.65 31.61
N ASP K 294 8.36 -34.36 31.05
CA ASP K 294 8.54 -35.75 30.62
C ASP K 294 7.81 -35.95 29.31
N PRO K 295 8.23 -36.93 28.50
CA PRO K 295 7.45 -37.26 27.30
C PRO K 295 6.00 -37.58 27.59
N LEU K 296 5.69 -38.13 28.77
CA LEU K 296 4.29 -38.33 29.14
C LEU K 296 3.57 -37.00 29.23
N SER K 297 4.23 -35.98 29.77
CA SER K 297 3.63 -34.65 29.80
C SER K 297 3.38 -34.11 28.40
N GLU K 298 4.32 -34.36 27.49
CA GLU K 298 4.12 -33.95 26.10
C GLU K 298 2.92 -34.67 25.48
N THR K 299 2.77 -35.96 25.76
CA THR K 299 1.62 -36.70 25.26
C THR K 299 0.32 -36.14 25.82
N LYS K 300 0.30 -35.80 27.11
CA LYS K 300 -0.90 -35.21 27.70
C LYS K 300 -1.22 -33.87 27.09
N CYS K 301 -0.19 -33.06 26.81
CA CYS K 301 -0.42 -31.77 26.17
C CYS K 301 -0.97 -31.94 24.75
N THR K 302 -0.41 -32.86 23.98
CA THR K 302 -0.84 -33.05 22.60
C THR K 302 -2.14 -33.82 22.50
N LEU K 303 -2.61 -34.46 23.58
CA LEU K 303 -3.87 -35.15 23.57
C LEU K 303 -4.99 -34.39 24.25
N LYS K 304 -4.66 -33.45 25.15
CA LYS K 304 -5.58 -32.60 25.89
C LYS K 304 -6.43 -33.38 26.88
N SER K 305 -6.29 -34.70 26.94
CA SER K 305 -7.03 -35.53 27.88
C SER K 305 -6.17 -35.86 29.09
N PHE K 306 -6.80 -35.94 30.26
CA PHE K 306 -6.08 -36.21 31.49
C PHE K 306 -5.63 -37.66 31.60
N THR K 307 -6.23 -38.56 30.82
CA THR K 307 -5.86 -39.97 30.82
C THR K 307 -5.67 -40.43 29.39
N VAL K 308 -4.57 -41.15 29.14
CA VAL K 308 -4.24 -41.63 27.80
C VAL K 308 -4.37 -43.15 27.79
N GLU K 309 -4.98 -43.68 26.73
CA GLU K 309 -5.19 -45.10 26.61
C GLU K 309 -3.94 -45.79 26.04
N LYS K 310 -3.92 -47.12 26.15
CA LYS K 310 -2.79 -47.89 25.67
C LYS K 310 -2.71 -47.83 24.14
N GLY K 311 -1.52 -47.56 23.62
CA GLY K 311 -1.30 -47.46 22.21
C GLY K 311 -0.07 -46.64 21.91
N ILE K 312 0.03 -46.18 20.66
CA ILE K 312 1.14 -45.36 20.19
C ILE K 312 0.59 -44.01 19.76
N TYR K 313 1.29 -42.95 20.14
CA TYR K 313 0.86 -41.59 19.87
C TYR K 313 2.03 -40.76 19.39
N GLN K 314 1.72 -39.71 18.63
CA GLN K 314 2.72 -38.80 18.09
C GLN K 314 2.54 -37.43 18.72
N THR K 315 3.65 -36.83 19.16
CA THR K 315 3.61 -35.55 19.85
C THR K 315 4.29 -34.44 19.06
N SER K 316 5.54 -34.62 18.68
CA SER K 316 6.31 -33.55 18.05
C SER K 316 7.38 -34.16 17.15
N ASN K 317 8.34 -33.33 16.75
CA ASN K 317 9.43 -33.77 15.89
C ASN K 317 10.73 -33.10 16.36
N PHE K 318 11.85 -33.70 15.97
CA PHE K 318 13.17 -33.20 16.35
C PHE K 318 13.98 -32.95 15.09
N ARG K 319 14.98 -32.08 15.23
CA ARG K 319 15.89 -31.78 14.13
C ARG K 319 17.23 -31.35 14.71
N VAL K 320 18.30 -31.98 14.23
CA VAL K 320 19.63 -31.71 14.75
C VAL K 320 20.05 -30.30 14.35
N GLN K 321 20.52 -29.52 15.33
CA GLN K 321 20.94 -28.16 15.05
C GLN K 321 22.25 -28.17 14.25
N PRO K 322 22.49 -27.13 13.45
CA PRO K 322 23.73 -27.06 12.68
C PRO K 322 24.94 -26.75 13.54
N THR K 323 26.10 -26.56 12.90
CA THR K 323 27.34 -26.29 13.62
C THR K 323 28.09 -25.14 12.96
N GLU K 324 29.36 -24.97 13.31
CA GLU K 324 30.15 -23.87 12.78
C GLU K 324 30.21 -23.92 11.25
N SER K 325 30.22 -22.74 10.65
CA SER K 325 30.19 -22.62 9.19
C SER K 325 31.61 -22.63 8.62
N ILE K 326 31.70 -22.97 7.33
CA ILE K 326 32.95 -22.97 6.60
C ILE K 326 32.74 -22.26 5.27
N VAL K 327 33.69 -21.40 4.92
CA VAL K 327 33.64 -20.66 3.66
C VAL K 327 34.97 -20.86 2.93
N ARG K 328 34.89 -21.13 1.63
CA ARG K 328 36.08 -21.38 0.83
C ARG K 328 36.05 -20.54 -0.43
N PHE K 329 37.23 -20.18 -0.90
CA PHE K 329 37.42 -19.37 -2.10
C PHE K 329 38.62 -19.89 -2.86
N PRO K 330 38.67 -19.64 -4.17
CA PRO K 330 39.83 -20.10 -4.96
C PRO K 330 41.10 -19.38 -4.54
N ASN K 331 42.23 -19.88 -5.07
CA ASN K 331 43.53 -19.35 -4.69
C ASN K 331 43.71 -17.89 -5.12
N ILE K 332 43.01 -17.47 -6.18
CA ILE K 332 43.07 -16.13 -6.77
C ILE K 332 44.47 -15.53 -6.66
N THR K 333 45.47 -16.23 -7.18
CA THR K 333 46.86 -15.75 -7.16
C THR K 333 47.14 -15.03 -8.48
N ASN K 334 46.64 -13.80 -8.56
CA ASN K 334 46.79 -12.95 -9.74
C ASN K 334 47.29 -11.57 -9.32
N LEU K 335 48.34 -11.54 -8.51
CA LEU K 335 48.90 -10.29 -8.03
C LEU K 335 49.40 -9.44 -9.20
N CYS K 336 49.05 -8.17 -9.18
CA CYS K 336 49.39 -7.21 -10.21
C CYS K 336 50.49 -6.25 -9.73
N PRO K 337 51.07 -5.43 -10.65
CA PRO K 337 52.27 -4.66 -10.29
C PRO K 337 52.11 -3.66 -9.16
N PHE K 338 50.94 -3.63 -8.52
CA PHE K 338 50.71 -2.85 -7.31
C PHE K 338 51.91 -2.90 -6.36
N GLY K 339 52.49 -4.08 -6.16
CA GLY K 339 53.64 -4.21 -5.30
C GLY K 339 54.91 -3.60 -5.88
N GLU K 340 54.94 -3.37 -7.19
CA GLU K 340 56.12 -2.82 -7.85
C GLU K 340 56.06 -1.31 -8.05
N VAL K 341 54.86 -0.74 -8.17
CA VAL K 341 54.74 0.69 -8.45
C VAL K 341 55.28 1.51 -7.28
N PHE K 342 55.11 1.02 -6.05
CA PHE K 342 55.69 1.70 -4.90
C PHE K 342 57.20 1.58 -4.87
N ASN K 343 57.76 0.50 -5.41
CA ASN K 343 59.20 0.29 -5.44
C ASN K 343 59.84 0.80 -6.71
N ALA K 344 59.08 1.49 -7.57
CA ALA K 344 59.63 1.98 -8.82
C ALA K 344 60.75 2.98 -8.58
N THR K 345 61.82 2.87 -9.37
CA THR K 345 63.00 3.69 -9.16
C THR K 345 62.83 5.08 -9.74
N ARG K 346 62.60 5.18 -11.05
CA ARG K 346 62.54 6.44 -11.75
C ARG K 346 61.12 6.70 -12.24
N PHE K 347 60.57 7.85 -11.87
CA PHE K 347 59.27 8.32 -12.33
C PHE K 347 59.47 9.46 -13.32
N ALA K 348 58.34 10.03 -13.77
CA ALA K 348 58.36 11.10 -14.74
C ALA K 348 58.39 12.45 -14.02
N SER K 349 58.23 13.53 -14.78
CA SER K 349 58.27 14.87 -14.23
C SER K 349 56.98 15.19 -13.47
N VAL K 350 57.02 16.27 -12.70
CA VAL K 350 55.85 16.66 -11.91
C VAL K 350 54.73 17.17 -12.80
N TYR K 351 55.08 17.96 -13.82
CA TYR K 351 54.05 18.46 -14.74
C TYR K 351 53.54 17.34 -15.63
N ALA K 352 54.43 16.48 -16.13
CA ALA K 352 54.05 15.32 -16.92
C ALA K 352 54.09 14.10 -16.01
N TRP K 353 53.04 13.95 -15.21
CA TRP K 353 52.97 12.86 -14.25
C TRP K 353 52.73 11.52 -14.94
N ASN K 354 53.36 10.48 -14.42
CA ASN K 354 53.19 9.14 -14.95
C ASN K 354 51.78 8.63 -14.65
N ARG K 355 51.13 8.06 -15.66
CA ARG K 355 49.78 7.53 -15.53
C ARG K 355 49.80 6.03 -15.73
N LYS K 356 49.14 5.30 -14.83
CA LYS K 356 49.06 3.85 -14.92
C LYS K 356 47.63 3.41 -14.66
N ARG K 357 47.17 2.44 -15.44
CA ARG K 357 45.85 1.84 -15.28
C ARG K 357 46.03 0.37 -14.90
N ILE K 358 45.32 -0.05 -13.85
CA ILE K 358 45.42 -1.40 -13.33
C ILE K 358 44.07 -2.08 -13.44
N SER K 359 44.04 -3.27 -14.03
CA SER K 359 42.80 -4.02 -14.18
C SER K 359 43.13 -5.51 -14.18
N ASN K 360 42.12 -6.30 -13.83
CA ASN K 360 42.20 -7.77 -13.83
C ASN K 360 43.31 -8.26 -12.90
N CYS K 361 43.21 -7.89 -11.64
CA CYS K 361 44.12 -8.41 -10.62
C CYS K 361 43.42 -8.38 -9.27
N VAL K 362 43.94 -9.18 -8.34
CA VAL K 362 43.47 -9.21 -6.97
C VAL K 362 44.67 -9.00 -6.06
N ALA K 363 44.65 -7.90 -5.30
CA ALA K 363 45.76 -7.57 -4.42
C ALA K 363 45.21 -6.98 -3.13
N ASP K 364 45.97 -7.14 -2.05
CA ASP K 364 45.58 -6.65 -0.75
C ASP K 364 45.95 -5.18 -0.59
N TYR K 365 45.07 -4.41 0.05
CA TYR K 365 45.32 -3.02 0.35
C TYR K 365 45.61 -2.75 1.82
N SER K 366 45.43 -3.76 2.69
CA SER K 366 45.71 -3.56 4.10
C SER K 366 47.21 -3.48 4.38
N VAL K 367 48.03 -4.21 3.60
CA VAL K 367 49.47 -4.22 3.80
C VAL K 367 50.12 -2.88 3.47
N LEU K 368 49.38 -1.95 2.88
CA LEU K 368 49.97 -0.67 2.50
C LEU K 368 50.23 0.20 3.73
N TYR K 369 49.17 0.54 4.46
CA TYR K 369 49.34 1.41 5.63
C TYR K 369 49.99 0.68 6.80
N ASN K 370 49.98 -0.65 6.80
CA ASN K 370 50.62 -1.39 7.88
C ASN K 370 52.13 -1.29 7.84
N SER K 371 52.71 -0.88 6.71
CA SER K 371 54.15 -0.74 6.61
C SER K 371 54.64 0.45 7.42
N ALA K 372 55.91 0.39 7.82
CA ALA K 372 56.53 1.43 8.63
C ALA K 372 57.39 2.37 7.81
N SER K 373 57.00 2.64 6.56
CA SER K 373 57.76 3.53 5.69
C SER K 373 56.93 4.65 5.07
N PHE K 374 55.61 4.58 5.12
CA PHE K 374 54.76 5.58 4.48
C PHE K 374 54.70 6.82 5.36
N SER K 375 55.11 7.97 4.81
CA SER K 375 55.12 9.21 5.57
C SER K 375 53.72 9.80 5.67
N THR K 376 53.11 10.12 4.54
CA THR K 376 51.77 10.70 4.50
C THR K 376 50.83 9.73 3.80
N PHE K 377 49.71 9.44 4.45
CA PHE K 377 48.72 8.50 3.93
C PHE K 377 47.34 9.06 4.26
N LYS K 378 46.72 9.74 3.29
CA LYS K 378 45.43 10.39 3.48
C LYS K 378 44.47 9.92 2.40
N CYS K 379 43.43 9.20 2.80
CA CYS K 379 42.38 8.75 1.90
C CYS K 379 41.14 9.59 2.14
N TYR K 380 40.51 10.03 1.06
CA TYR K 380 39.35 10.92 1.13
C TYR K 380 38.03 10.20 0.84
N GLY K 381 37.99 9.40 -0.22
CA GLY K 381 36.74 8.78 -0.62
C GLY K 381 36.30 7.58 0.21
N VAL K 382 37.18 7.06 1.06
CA VAL K 382 36.85 5.89 1.88
C VAL K 382 37.80 5.87 3.07
N SER K 383 37.35 5.26 4.16
CA SER K 383 38.18 5.13 5.34
C SER K 383 39.38 4.23 5.04
N PRO K 384 40.57 4.55 5.59
CA PRO K 384 41.77 3.77 5.26
C PRO K 384 41.67 2.31 5.65
N THR K 385 40.91 1.97 6.69
CA THR K 385 40.83 0.61 7.18
C THR K 385 39.81 -0.24 6.45
N LYS K 386 39.06 0.34 5.51
CA LYS K 386 38.00 -0.39 4.81
C LYS K 386 38.31 -0.61 3.34
N LEU K 387 39.58 -0.45 2.93
CA LEU K 387 39.94 -0.70 1.55
C LEU K 387 39.77 -2.17 1.19
N ASN K 388 40.14 -3.07 2.10
CA ASN K 388 40.02 -4.50 1.81
C ASN K 388 38.56 -4.94 1.76
N ASP K 389 37.71 -4.35 2.60
CA ASP K 389 36.31 -4.77 2.66
C ASP K 389 35.59 -4.51 1.35
N LEU K 390 35.81 -3.34 0.74
CA LEU K 390 35.15 -2.95 -0.49
C LEU K 390 36.10 -3.10 -1.68
N CYS K 391 35.56 -2.89 -2.87
CA CYS K 391 36.37 -2.92 -4.08
C CYS K 391 35.67 -2.12 -5.17
N PHE K 392 36.45 -1.68 -6.14
CA PHE K 392 35.97 -0.79 -7.19
C PHE K 392 36.53 -1.26 -8.52
N THR K 393 36.39 -0.43 -9.55
CA THR K 393 36.83 -0.76 -10.89
C THR K 393 37.57 0.44 -11.47
N ASN K 394 38.44 0.17 -12.45
CA ASN K 394 39.20 1.19 -13.17
C ASN K 394 40.10 1.96 -12.20
N VAL K 395 41.05 1.22 -11.61
CA VAL K 395 42.02 1.81 -10.70
C VAL K 395 43.05 2.59 -11.50
N TYR K 396 43.25 3.85 -11.14
CA TYR K 396 44.19 4.73 -11.82
C TYR K 396 45.24 5.21 -10.81
N ALA K 397 46.50 5.14 -11.21
CA ALA K 397 47.63 5.54 -10.37
C ALA K 397 48.38 6.68 -11.03
N ASP K 398 48.58 7.77 -10.29
CA ASP K 398 49.36 8.91 -10.75
C ASP K 398 50.57 9.04 -9.85
N SER K 399 51.76 9.01 -10.46
CA SER K 399 53.03 9.04 -9.73
C SER K 399 53.88 10.20 -10.21
N PHE K 400 54.47 10.92 -9.26
CA PHE K 400 55.35 12.04 -9.56
C PHE K 400 56.16 12.35 -8.31
N VAL K 401 57.01 13.37 -8.42
CA VAL K 401 57.86 13.82 -7.32
C VAL K 401 57.68 15.32 -7.16
N ILE K 402 57.39 15.76 -5.93
CA ILE K 402 57.18 17.16 -5.62
C ILE K 402 58.13 17.57 -4.51
N ARG K 403 58.04 18.83 -4.11
CA ARG K 403 58.88 19.36 -3.05
C ARG K 403 58.37 18.91 -1.69
N GLY K 404 59.24 19.06 -0.68
CA GLY K 404 58.88 18.61 0.65
C GLY K 404 57.74 19.41 1.27
N ASP K 405 57.75 20.73 1.08
CA ASP K 405 56.77 21.62 1.69
C ASP K 405 55.60 21.93 0.76
N GLU K 406 55.23 21.00 -0.10
CA GLU K 406 54.09 21.21 -0.99
C GLU K 406 53.16 20.01 -1.06
N VAL K 407 53.23 19.10 -0.08
CA VAL K 407 52.34 17.94 -0.09
C VAL K 407 50.89 18.36 0.14
N ARG K 408 50.67 19.45 0.87
CA ARG K 408 49.32 19.91 1.15
C ARG K 408 48.63 20.45 -0.10
N GLN K 409 49.38 20.75 -1.15
CA GLN K 409 48.76 21.26 -2.38
C GLN K 409 47.89 20.21 -3.05
N ILE K 410 48.21 18.93 -2.88
CA ILE K 410 47.46 17.86 -3.52
C ILE K 410 46.22 17.55 -2.67
N ALA K 411 45.14 18.26 -2.93
CA ALA K 411 43.89 18.09 -2.20
C ALA K 411 42.78 18.76 -2.99
N PRO K 412 41.55 18.26 -2.87
CA PRO K 412 40.43 18.85 -3.64
C PRO K 412 40.10 20.25 -3.16
N GLY K 413 40.23 21.22 -4.06
CA GLY K 413 39.86 22.60 -3.76
C GLY K 413 40.87 23.37 -2.94
N GLN K 414 42.09 23.52 -3.47
CA GLN K 414 43.14 24.29 -2.82
C GLN K 414 43.85 25.15 -3.86
N THR K 415 44.72 26.02 -3.38
CA THR K 415 45.47 26.94 -4.22
C THR K 415 46.93 26.48 -4.32
N GLY K 416 47.74 27.30 -4.98
CA GLY K 416 49.15 26.98 -5.17
C GLY K 416 49.54 26.96 -6.63
N LYS K 417 50.77 27.42 -6.91
CA LYS K 417 51.24 27.46 -8.30
C LYS K 417 51.33 26.06 -8.88
N ILE K 418 51.87 25.10 -8.12
CA ILE K 418 51.95 23.73 -8.59
C ILE K 418 50.56 23.10 -8.65
N ALA K 419 49.72 23.40 -7.65
CA ALA K 419 48.36 22.85 -7.62
C ALA K 419 47.47 23.41 -8.72
N ASP K 420 47.89 24.45 -9.42
CA ASP K 420 47.10 25.07 -10.47
C ASP K 420 47.71 24.93 -11.86
N TYR K 421 49.04 24.83 -11.96
CA TYR K 421 49.72 24.78 -13.24
C TYR K 421 50.45 23.47 -13.49
N ASN K 422 50.52 22.57 -12.51
CA ASN K 422 51.17 21.28 -12.68
C ASN K 422 50.21 20.11 -12.51
N TYR K 423 49.39 20.12 -11.47
CA TYR K 423 48.39 19.07 -11.26
C TYR K 423 47.32 19.60 -10.31
N LYS K 424 46.06 19.43 -10.71
CA LYS K 424 44.93 19.84 -9.88
C LYS K 424 43.99 18.65 -9.73
N LEU K 425 43.60 18.37 -8.49
CA LEU K 425 42.66 17.29 -8.20
C LEU K 425 41.23 17.80 -8.24
N PRO K 426 40.33 17.14 -8.95
CA PRO K 426 38.93 17.57 -8.96
C PRO K 426 38.31 17.46 -7.57
N ASP K 427 37.33 18.33 -7.31
CA ASP K 427 36.70 18.36 -5.99
C ASP K 427 36.00 17.04 -5.68
N ASP K 428 35.31 16.46 -6.66
CA ASP K 428 34.63 15.17 -6.48
C ASP K 428 35.63 14.05 -6.75
N PHE K 429 36.57 13.89 -5.82
CA PHE K 429 37.61 12.89 -5.90
C PHE K 429 37.39 11.83 -4.83
N THR K 430 37.41 10.56 -5.24
CA THR K 430 37.24 9.42 -4.34
C THR K 430 38.48 8.54 -4.50
N GLY K 431 39.47 8.75 -3.64
CA GLY K 431 40.69 7.97 -3.69
C GLY K 431 41.57 8.17 -2.47
N CYS K 432 42.89 8.06 -2.67
CA CYS K 432 43.84 8.20 -1.58
C CYS K 432 45.14 8.75 -2.13
N VAL K 433 45.93 9.36 -1.23
CA VAL K 433 47.21 9.96 -1.58
C VAL K 433 48.28 9.43 -0.64
N ILE K 434 49.40 8.98 -1.21
CA ILE K 434 50.51 8.45 -0.44
C ILE K 434 51.77 9.22 -0.80
N ALA K 435 52.50 9.67 0.22
CA ALA K 435 53.76 10.38 0.02
C ALA K 435 54.78 9.86 1.02
N TRP K 436 56.01 9.68 0.58
CA TRP K 436 57.09 9.21 1.43
C TRP K 436 58.40 9.86 1.01
N ASN K 437 59.36 9.87 1.94
CA ASN K 437 60.63 10.52 1.68
C ASN K 437 61.48 9.70 0.71
N SER K 438 62.12 10.39 -0.23
CA SER K 438 63.04 9.79 -1.18
C SER K 438 64.27 10.66 -1.36
N ASN K 439 64.73 11.30 -0.28
CA ASN K 439 65.85 12.20 -0.38
C ASN K 439 67.13 11.47 -0.78
N ASN K 440 67.36 10.29 -0.19
CA ASN K 440 68.56 9.52 -0.50
C ASN K 440 68.59 9.06 -1.95
N LEU K 441 67.43 8.97 -2.61
CA LEU K 441 67.40 8.53 -3.99
C LEU K 441 67.90 9.61 -4.95
N ASP K 442 67.67 10.88 -4.62
CA ASP K 442 68.02 11.99 -5.48
C ASP K 442 69.18 12.84 -4.96
N SER K 443 69.71 12.51 -3.79
CA SER K 443 70.81 13.29 -3.23
C SER K 443 72.09 13.05 -4.03
N LYS K 444 72.99 14.03 -3.95
CA LYS K 444 74.27 13.94 -4.64
C LYS K 444 75.19 12.91 -3.99
N GLY K 447 71.89 18.40 -5.88
CA GLY K 447 72.37 17.13 -6.39
C GLY K 447 71.64 16.65 -7.63
N ASN K 448 70.32 16.83 -7.63
CA ASN K 448 69.47 16.43 -8.74
C ASN K 448 69.01 17.68 -9.48
N TYR K 449 69.21 17.69 -10.81
CA TYR K 449 68.84 18.85 -11.62
C TYR K 449 68.10 18.44 -12.89
N ASN K 450 67.64 17.19 -12.99
CA ASN K 450 66.87 16.72 -14.13
C ASN K 450 65.37 16.96 -13.96
N TYR K 451 64.95 17.55 -12.84
CA TYR K 451 63.55 17.79 -12.55
C TYR K 451 63.15 19.17 -13.05
N LEU K 452 61.97 19.27 -13.67
CA LEU K 452 61.41 20.53 -14.12
C LEU K 452 59.99 20.67 -13.59
N TYR K 453 59.59 21.91 -13.31
CA TYR K 453 58.24 22.19 -12.83
C TYR K 453 57.66 23.37 -13.59
N ARG K 454 56.36 23.32 -13.83
CA ARG K 454 55.66 24.40 -14.51
C ARG K 454 55.30 25.51 -13.52
N LEU K 455 55.52 26.76 -13.95
CA LEU K 455 55.21 27.92 -13.12
C LEU K 455 54.38 28.97 -13.81
N PHE K 456 54.42 29.06 -15.14
CA PHE K 456 53.68 30.08 -15.87
C PHE K 456 52.69 29.42 -16.82
N ARG K 457 51.43 29.81 -16.73
CA ARG K 457 50.40 29.33 -17.64
C ARG K 457 49.28 30.35 -17.71
N LYS K 458 48.56 30.34 -18.84
CA LYS K 458 47.50 31.33 -19.04
C LYS K 458 46.35 31.12 -18.07
N SER K 459 45.96 29.87 -17.84
CA SER K 459 44.81 29.56 -17.00
C SER K 459 45.10 28.32 -16.16
N ASN K 460 44.22 28.07 -15.20
CA ASN K 460 44.34 26.90 -14.34
C ASN K 460 44.10 25.63 -15.15
N LEU K 461 44.75 24.55 -14.73
CA LEU K 461 44.59 23.28 -15.42
C LEU K 461 43.20 22.69 -15.19
N LYS K 462 42.74 21.94 -16.18
CA LYS K 462 41.50 21.19 -16.07
C LYS K 462 41.71 19.96 -15.17
N PRO K 463 40.65 19.43 -14.57
CA PRO K 463 40.78 18.21 -13.76
C PRO K 463 41.27 17.05 -14.61
N PHE K 464 42.28 16.34 -14.09
CA PHE K 464 42.88 15.19 -14.76
C PHE K 464 43.33 15.54 -16.17
N GLU K 465 43.95 16.71 -16.31
CA GLU K 465 44.44 17.20 -17.59
C GLU K 465 45.94 16.96 -17.71
N ARG K 466 46.35 16.29 -18.78
CA ARG K 466 47.76 16.03 -19.05
C ARG K 466 48.26 17.09 -20.02
N ASP K 467 48.47 18.29 -19.49
CA ASP K 467 48.90 19.44 -20.30
C ASP K 467 50.41 19.40 -20.43
N ILE K 468 50.89 18.86 -21.55
CA ILE K 468 52.32 18.84 -21.87
C ILE K 468 52.53 19.72 -23.09
N SER K 469 53.36 20.74 -22.94
CA SER K 469 53.64 21.68 -24.02
C SER K 469 54.83 22.53 -23.62
N THR K 470 55.45 23.16 -24.62
CA THR K 470 56.52 24.12 -24.41
C THR K 470 56.25 25.37 -25.23
N GLU K 471 56.48 26.53 -24.62
CA GLU K 471 56.24 27.82 -25.26
C GLU K 471 56.82 28.91 -24.39
N ILE K 472 57.32 29.97 -25.03
CA ILE K 472 57.89 31.09 -24.30
C ILE K 472 56.73 31.90 -23.70
N TYR K 473 56.62 31.88 -22.38
CA TYR K 473 55.52 32.56 -21.71
C TYR K 473 55.65 34.07 -21.89
N GLN K 474 54.51 34.72 -22.13
CA GLN K 474 54.46 36.17 -22.33
C GLN K 474 53.88 36.84 -21.10
N ALA K 475 54.50 37.95 -20.69
CA ALA K 475 54.05 38.71 -19.53
C ALA K 475 54.00 40.20 -19.83
N GLY K 476 53.84 40.59 -21.09
CA GLY K 476 53.81 41.99 -21.46
C GLY K 476 52.89 42.24 -22.64
N SER K 477 52.56 43.52 -22.81
CA SER K 477 51.68 43.91 -23.91
C SER K 477 52.32 43.64 -25.26
N THR K 478 53.61 43.95 -25.40
CA THR K 478 54.29 43.78 -26.67
C THR K 478 54.41 42.30 -27.03
N PRO K 479 54.31 41.94 -28.31
CA PRO K 479 54.50 40.54 -28.70
C PRO K 479 55.93 40.10 -28.45
N CYS K 480 56.08 38.80 -28.18
CA CYS K 480 57.37 38.20 -27.88
C CYS K 480 57.76 37.26 -29.00
N ASN K 481 58.97 37.43 -29.53
CA ASN K 481 59.47 36.58 -30.60
C ASN K 481 60.99 36.50 -30.51
N GLY K 482 61.55 35.47 -31.13
CA GLY K 482 62.98 35.30 -31.16
C GLY K 482 63.54 34.62 -29.93
N VAL K 483 64.29 35.38 -29.13
CA VAL K 483 64.92 34.85 -27.92
C VAL K 483 64.22 35.47 -26.71
N GLU K 484 64.29 34.75 -25.60
CA GLU K 484 63.64 35.20 -24.37
C GLU K 484 64.30 36.48 -23.86
N GLY K 485 63.48 37.46 -23.50
CA GLY K 485 63.95 38.70 -22.91
C GLY K 485 62.99 39.19 -21.84
N PHE K 486 62.68 40.48 -21.87
CA PHE K 486 61.67 41.01 -20.97
C PHE K 486 60.29 40.49 -21.36
N ASN K 487 59.50 40.11 -20.36
CA ASN K 487 58.16 39.54 -20.56
C ASN K 487 58.22 38.29 -21.42
N CYS K 488 59.35 37.60 -21.40
CA CYS K 488 59.55 36.35 -22.15
C CYS K 488 60.28 35.39 -21.23
N TYR K 489 59.54 34.46 -20.63
CA TYR K 489 60.08 33.58 -19.61
C TYR K 489 59.83 32.12 -19.99
N PHE K 490 60.71 31.25 -19.48
CA PHE K 490 60.60 29.83 -19.75
C PHE K 490 59.74 29.19 -18.67
N PRO K 491 58.61 28.56 -19.01
CA PRO K 491 57.67 28.13 -17.97
C PRO K 491 58.20 27.06 -17.04
N LEU K 492 59.23 26.32 -17.43
CA LEU K 492 59.78 25.25 -16.61
C LEU K 492 61.02 25.74 -15.88
N GLN K 493 61.20 25.28 -14.65
CA GLN K 493 62.36 25.64 -13.84
C GLN K 493 62.83 24.40 -13.08
N SER K 494 64.10 24.42 -12.69
CA SER K 494 64.73 23.27 -12.09
C SER K 494 64.53 23.24 -10.58
N TYR K 495 64.90 22.11 -9.98
CA TYR K 495 64.88 21.93 -8.53
C TYR K 495 66.30 21.96 -7.98
N GLY K 496 66.47 22.67 -6.88
CA GLY K 496 67.74 22.67 -6.17
C GLY K 496 67.79 21.58 -5.11
N PHE K 497 67.81 20.32 -5.56
CA PHE K 497 67.81 19.19 -4.63
C PHE K 497 69.23 18.90 -4.16
N GLN K 498 69.75 19.83 -3.37
CA GLN K 498 71.07 19.65 -2.78
C GLN K 498 71.00 18.63 -1.65
N PRO K 499 72.00 17.75 -1.53
CA PRO K 499 71.97 16.76 -0.44
C PRO K 499 72.04 17.37 0.95
N THR K 500 72.54 18.60 1.08
CA THR K 500 72.68 19.27 2.36
C THR K 500 71.44 20.05 2.77
N ASN K 501 70.27 19.69 2.24
CA ASN K 501 69.03 20.38 2.54
C ASN K 501 68.19 19.54 3.50
N GLY K 502 67.71 20.18 4.56
CA GLY K 502 66.89 19.50 5.54
C GLY K 502 65.44 19.38 5.10
N VAL K 503 64.51 19.53 6.06
CA VAL K 503 63.09 19.43 5.75
C VAL K 503 62.67 20.62 4.90
N GLY K 504 61.65 20.41 4.07
CA GLY K 504 61.12 21.43 3.20
C GLY K 504 61.70 21.46 1.81
N TYR K 505 62.84 20.80 1.59
CA TYR K 505 63.46 20.76 0.27
C TYR K 505 63.73 19.35 -0.23
N GLN K 506 63.59 18.32 0.60
CA GLN K 506 63.89 16.98 0.18
C GLN K 506 62.82 16.47 -0.79
N PRO K 507 63.22 15.75 -1.85
CA PRO K 507 62.22 15.24 -2.81
C PRO K 507 61.39 14.14 -2.19
N TYR K 508 60.07 14.21 -2.40
CA TYR K 508 59.12 13.22 -1.92
C TYR K 508 58.40 12.60 -3.10
N ARG K 509 58.34 11.27 -3.11
CA ARG K 509 57.62 10.53 -4.14
C ARG K 509 56.16 10.40 -3.73
N VAL K 510 55.25 10.83 -4.60
CA VAL K 510 53.84 10.87 -4.30
C VAL K 510 53.09 10.00 -5.31
N VAL K 511 52.22 9.13 -4.80
CA VAL K 511 51.38 8.27 -5.63
C VAL K 511 49.93 8.53 -5.25
N VAL K 512 49.11 8.84 -6.24
CA VAL K 512 47.68 9.11 -6.04
C VAL K 512 46.89 7.99 -6.72
N LEU K 513 45.99 7.38 -5.96
CA LEU K 513 45.17 6.28 -6.44
C LEU K 513 43.71 6.73 -6.54
N SER K 514 43.08 6.42 -7.67
CA SER K 514 41.68 6.74 -7.90
C SER K 514 40.98 5.51 -8.45
N PHE K 515 39.66 5.46 -8.26
CA PHE K 515 38.87 4.30 -8.66
C PHE K 515 37.48 4.76 -9.09
N GLU K 516 36.81 3.88 -9.82
CA GLU K 516 35.45 4.13 -10.30
C GLU K 516 34.51 3.11 -9.69
N LEU K 517 33.26 3.54 -9.45
CA LEU K 517 32.29 2.71 -8.75
C LEU K 517 31.52 1.85 -9.75
N LEU K 518 32.25 0.88 -10.32
CA LEU K 518 31.68 -0.24 -11.07
C LEU K 518 30.81 0.25 -12.24
N HIS K 519 31.47 0.90 -13.20
CA HIS K 519 30.81 1.23 -14.46
C HIS K 519 30.78 0.07 -15.43
N ALA K 520 31.49 -1.02 -15.13
CA ALA K 520 31.59 -2.19 -15.98
C ALA K 520 31.59 -3.43 -15.09
N PRO K 521 31.55 -4.64 -15.64
CA PRO K 521 31.71 -5.83 -14.80
C PRO K 521 33.02 -5.77 -14.02
N ALA K 522 32.98 -6.22 -12.77
CA ALA K 522 34.11 -6.08 -11.86
C ALA K 522 35.32 -6.83 -12.38
N THR K 523 36.48 -6.18 -12.33
CA THR K 523 37.74 -6.78 -12.75
C THR K 523 38.75 -6.91 -11.61
N VAL K 524 38.82 -5.92 -10.72
CA VAL K 524 39.73 -5.94 -9.59
C VAL K 524 38.93 -5.85 -8.30
N CYS K 525 39.19 -6.76 -7.36
CA CYS K 525 38.58 -6.72 -6.05
C CYS K 525 39.53 -7.33 -5.03
N GLY K 526 39.30 -7.01 -3.77
CA GLY K 526 40.16 -7.45 -2.70
C GLY K 526 40.12 -8.96 -2.50
N PRO K 527 41.22 -9.53 -2.02
CA PRO K 527 41.25 -10.97 -1.76
C PRO K 527 40.35 -11.37 -0.60
N LYS K 528 39.88 -12.61 -0.65
CA LYS K 528 39.01 -13.16 0.38
C LYS K 528 39.72 -14.30 1.09
N LYS K 529 39.24 -14.62 2.28
CA LYS K 529 39.85 -15.62 3.15
C LYS K 529 39.04 -16.91 3.11
N SER K 530 39.74 -18.03 2.98
CA SER K 530 39.12 -19.35 2.96
C SER K 530 39.58 -20.14 4.18
N THR K 531 38.63 -20.71 4.91
CA THR K 531 38.93 -21.48 6.10
C THR K 531 39.12 -22.95 5.74
N ASN K 532 39.22 -23.80 6.76
CA ASN K 532 39.39 -25.24 6.55
C ASN K 532 38.04 -25.88 6.30
N LEU K 533 38.01 -27.22 6.28
CA LEU K 533 36.80 -27.97 6.03
C LEU K 533 36.66 -29.08 7.07
N VAL K 534 35.42 -29.51 7.30
CA VAL K 534 35.11 -30.57 8.24
C VAL K 534 34.21 -31.59 7.55
N LYS K 535 34.15 -32.78 8.14
CA LYS K 535 33.35 -33.88 7.60
C LYS K 535 32.50 -34.48 8.70
N ASN K 536 31.39 -35.11 8.28
CA ASN K 536 30.47 -35.78 9.20
C ASN K 536 29.93 -34.83 10.26
N LYS K 537 29.67 -33.58 9.86
CA LYS K 537 29.11 -32.58 10.76
C LYS K 537 28.01 -31.81 10.05
N CYS K 538 26.93 -31.54 10.77
CA CYS K 538 25.83 -30.74 10.23
C CYS K 538 26.31 -29.29 10.11
N VAL K 539 26.71 -28.91 8.90
CA VAL K 539 27.39 -27.64 8.66
C VAL K 539 26.63 -26.86 7.59
N ASN K 540 26.40 -25.58 7.86
CA ASN K 540 25.90 -24.66 6.86
C ASN K 540 27.06 -23.89 6.23
N PHE K 541 26.93 -23.56 4.96
CA PHE K 541 28.01 -22.93 4.22
C PHE K 541 27.45 -22.12 3.07
N ASN K 542 28.30 -21.26 2.50
CA ASN K 542 27.98 -20.50 1.30
C ASN K 542 28.71 -21.01 0.07
N PHE K 543 29.99 -21.33 0.21
CA PHE K 543 30.82 -21.95 -0.83
C PHE K 543 30.67 -21.22 -2.18
N ASN K 544 31.17 -19.98 -2.19
CA ASN K 544 31.35 -19.22 -3.43
C ASN K 544 30.02 -18.96 -4.14
N GLY K 545 28.94 -18.83 -3.36
CA GLY K 545 27.69 -18.39 -3.92
C GLY K 545 26.47 -19.28 -3.70
N LEU K 546 26.64 -20.60 -3.79
CA LEU K 546 25.53 -21.53 -3.63
C LEU K 546 25.52 -22.03 -2.18
N THR K 547 24.67 -21.42 -1.37
CA THR K 547 24.60 -21.79 0.04
C THR K 547 23.91 -23.14 0.21
N GLY K 548 24.29 -23.84 1.28
CA GLY K 548 23.70 -25.13 1.56
C GLY K 548 23.99 -25.63 2.96
N THR K 549 23.03 -26.33 3.56
CA THR K 549 23.17 -26.91 4.89
C THR K 549 23.05 -28.42 4.79
N GLY K 550 24.01 -29.13 5.36
CA GLY K 550 23.99 -30.58 5.29
C GLY K 550 25.27 -31.16 5.86
N VAL K 551 25.48 -32.43 5.57
CA VAL K 551 26.63 -33.18 6.04
C VAL K 551 27.51 -33.56 4.86
N LEU K 552 28.82 -33.38 5.02
CA LEU K 552 29.76 -33.65 3.94
C LEU K 552 30.17 -35.12 3.95
N THR K 553 30.34 -35.67 2.76
CA THR K 553 30.78 -37.05 2.60
C THR K 553 31.41 -37.22 1.23
N GLU K 554 32.20 -38.28 1.09
CA GLU K 554 32.88 -38.56 -0.16
C GLU K 554 31.88 -38.98 -1.23
N SER K 555 32.18 -38.63 -2.48
CA SER K 555 31.33 -38.95 -3.61
C SER K 555 32.16 -39.55 -4.73
N ASN K 556 31.58 -40.52 -5.44
CA ASN K 556 32.24 -41.20 -6.54
C ASN K 556 31.90 -40.61 -7.90
N LYS K 557 31.13 -39.52 -7.94
CA LYS K 557 30.73 -38.93 -9.20
C LYS K 557 31.93 -38.36 -9.95
N LYS K 558 31.85 -38.37 -11.27
CA LYS K 558 32.88 -37.83 -12.15
C LYS K 558 32.35 -36.58 -12.83
N PHE K 559 33.12 -35.50 -12.78
CA PHE K 559 32.74 -34.22 -13.34
C PHE K 559 33.66 -33.85 -14.49
N LEU K 560 33.09 -33.35 -15.57
CA LEU K 560 33.90 -32.80 -16.65
C LEU K 560 34.56 -31.50 -16.17
N PRO K 561 35.69 -31.12 -16.76
CA PRO K 561 36.44 -29.97 -16.24
C PRO K 561 35.73 -28.63 -16.36
N PHE K 562 34.48 -28.57 -16.82
CA PHE K 562 33.81 -27.29 -17.02
C PHE K 562 32.48 -27.16 -16.29
N GLN K 563 32.20 -28.02 -15.32
CA GLN K 563 31.05 -27.82 -14.45
C GLN K 563 31.51 -27.25 -13.11
N GLN K 564 30.53 -26.84 -12.31
CA GLN K 564 30.77 -26.32 -10.98
C GLN K 564 30.05 -27.10 -9.89
N PHE K 565 28.82 -27.52 -10.13
CA PHE K 565 28.05 -28.26 -9.14
C PHE K 565 27.03 -29.13 -9.87
N GLY K 566 26.57 -30.17 -9.18
CA GLY K 566 25.61 -31.11 -9.73
C GLY K 566 24.30 -31.08 -8.98
N ARG K 567 23.21 -31.24 -9.71
CA ARG K 567 21.88 -31.29 -9.13
C ARG K 567 21.10 -32.43 -9.75
N ASP K 568 20.09 -32.91 -9.03
CA ASP K 568 19.25 -34.01 -9.49
C ASP K 568 17.87 -33.56 -9.93
N ILE K 569 17.17 -32.81 -9.08
CA ILE K 569 15.83 -32.34 -9.40
C ILE K 569 15.50 -31.19 -8.46
N ALA K 570 14.68 -30.24 -8.95
CA ALA K 570 14.22 -29.11 -8.15
C ALA K 570 15.38 -28.29 -7.59
N ASP K 571 16.46 -28.19 -8.37
CA ASP K 571 17.64 -27.39 -7.99
C ASP K 571 18.19 -27.82 -6.63
N THR K 572 18.16 -29.13 -6.37
CA THR K 572 18.69 -29.67 -5.13
C THR K 572 20.13 -30.11 -5.39
N THR K 573 21.08 -29.31 -4.93
CA THR K 573 22.49 -29.61 -5.16
C THR K 573 22.90 -30.87 -4.40
N ASP K 574 23.54 -31.80 -5.09
CA ASP K 574 23.97 -33.05 -4.49
C ASP K 574 25.49 -33.24 -4.55
N ALA K 575 26.10 -33.05 -5.70
CA ALA K 575 27.53 -33.23 -5.88
C ALA K 575 28.17 -31.88 -6.17
N VAL K 576 29.14 -31.49 -5.35
CA VAL K 576 29.79 -30.19 -5.44
C VAL K 576 31.29 -30.38 -5.37
N ARG K 577 32.02 -29.63 -6.21
CA ARG K 577 33.47 -29.73 -6.29
C ARG K 577 34.11 -28.48 -5.71
N ASP K 578 35.08 -28.66 -4.81
CA ASP K 578 35.77 -27.56 -4.17
C ASP K 578 36.86 -26.98 -5.06
N PRO K 579 37.18 -25.69 -4.92
CA PRO K 579 38.21 -25.09 -5.78
C PRO K 579 39.63 -25.48 -5.41
N GLN K 580 39.95 -25.48 -4.11
CA GLN K 580 41.34 -25.67 -3.70
C GLN K 580 41.84 -27.06 -4.03
N THR K 581 41.08 -28.09 -3.64
CA THR K 581 41.53 -29.47 -3.80
C THR K 581 41.11 -30.08 -5.12
N LEU K 582 40.11 -29.49 -5.79
CA LEU K 582 39.55 -30.05 -7.02
C LEU K 582 39.02 -31.45 -6.80
N GLU K 583 38.28 -31.62 -5.70
CA GLU K 583 37.70 -32.89 -5.31
C GLU K 583 36.18 -32.78 -5.23
N ILE K 584 35.49 -33.82 -5.65
CA ILE K 584 34.03 -33.83 -5.66
C ILE K 584 33.52 -34.31 -4.32
N LEU K 585 32.53 -33.61 -3.77
CA LEU K 585 31.95 -33.93 -2.47
C LEU K 585 30.45 -34.10 -2.61
N ASP K 586 29.86 -34.84 -1.68
CA ASP K 586 28.44 -35.12 -1.68
C ASP K 586 27.78 -34.43 -0.50
N ILE K 587 26.57 -33.93 -0.71
CA ILE K 587 25.80 -33.23 0.30
C ILE K 587 24.55 -34.03 0.63
N THR K 588 24.35 -34.32 1.91
CA THR K 588 23.19 -35.05 2.38
C THR K 588 22.46 -34.22 3.43
N PRO K 589 21.15 -34.05 3.32
CA PRO K 589 20.42 -33.24 4.30
C PRO K 589 20.55 -33.82 5.70
N CYS K 590 20.61 -32.94 6.69
CA CYS K 590 20.78 -33.37 8.07
C CYS K 590 19.54 -34.10 8.56
N SER K 591 19.76 -35.08 9.43
CA SER K 591 18.69 -35.98 9.85
C SER K 591 17.64 -35.24 10.66
N PHE K 592 16.37 -35.57 10.41
CA PHE K 592 15.26 -35.00 11.14
C PHE K 592 14.06 -35.91 10.99
N GLY K 593 13.15 -35.85 11.96
CA GLY K 593 11.96 -36.67 11.92
C GLY K 593 11.14 -36.49 13.18
N GLY K 594 9.98 -37.12 13.17
CA GLY K 594 9.08 -37.03 14.31
C GLY K 594 9.42 -38.02 15.41
N VAL K 595 8.71 -37.88 16.53
CA VAL K 595 8.85 -38.78 17.66
C VAL K 595 7.52 -39.48 17.89
N SER K 596 7.59 -40.61 18.59
CA SER K 596 6.41 -41.36 18.97
C SER K 596 6.60 -41.90 20.38
N VAL K 597 5.50 -42.04 21.09
CA VAL K 597 5.50 -42.53 22.46
C VAL K 597 4.67 -43.81 22.51
N ILE K 598 5.21 -44.84 23.14
CA ILE K 598 4.53 -46.12 23.31
C ILE K 598 4.28 -46.33 24.80
N THR K 599 3.01 -46.42 25.17
CA THR K 599 2.62 -46.55 26.56
C THR K 599 1.68 -47.73 26.75
N PRO K 600 1.75 -48.41 27.88
CA PRO K 600 0.84 -49.53 28.15
C PRO K 600 -0.49 -49.15 28.78
N GLY K 601 -0.81 -47.87 28.90
CA GLY K 601 -2.06 -47.44 29.48
C GLY K 601 -1.83 -46.72 30.79
N THR K 602 -2.64 -45.69 31.03
CA THR K 602 -2.49 -44.90 32.26
C THR K 602 -2.89 -45.70 33.49
N ASN K 603 -3.78 -46.69 33.35
CA ASN K 603 -4.25 -47.42 34.52
C ASN K 603 -3.11 -48.16 35.20
N THR K 604 -2.29 -48.85 34.42
CA THR K 604 -1.33 -49.80 34.98
C THR K 604 -0.09 -49.10 35.51
N SER K 605 0.62 -48.37 34.65
CA SER K 605 1.84 -47.71 35.04
C SER K 605 1.96 -46.39 34.27
N ASN K 606 3.14 -45.78 34.33
CA ASN K 606 3.38 -44.52 33.65
C ASN K 606 4.76 -44.51 33.00
N GLN K 607 5.28 -45.67 32.61
CA GLN K 607 6.55 -45.77 31.91
C GLN K 607 6.30 -45.82 30.42
N VAL K 608 7.02 -44.99 29.67
CA VAL K 608 6.78 -44.81 28.25
C VAL K 608 8.09 -45.03 27.50
N ALA K 609 8.00 -45.66 26.34
CA ALA K 609 9.15 -45.86 25.47
C ALA K 609 9.11 -44.85 24.33
N VAL K 610 10.26 -44.25 24.05
CA VAL K 610 10.38 -43.21 23.03
C VAL K 610 10.97 -43.84 21.79
N LEU K 611 10.35 -43.59 20.64
CA LEU K 611 10.79 -44.14 19.36
C LEU K 611 11.04 -43.01 18.38
N TYR K 612 12.21 -43.03 17.74
CA TYR K 612 12.55 -42.09 16.68
C TYR K 612 12.43 -42.78 15.33
N GLN K 613 11.81 -42.09 14.38
CA GLN K 613 11.44 -42.67 13.10
C GLN K 613 12.42 -42.23 12.02
N GLY K 614 12.95 -43.21 11.28
CA GLY K 614 13.72 -42.93 10.08
C GLY K 614 14.97 -42.11 10.30
N VAL K 615 15.68 -42.33 11.41
CA VAL K 615 16.93 -41.65 11.69
C VAL K 615 17.93 -42.64 12.23
N ASN K 616 19.14 -42.62 11.70
CA ASN K 616 20.24 -43.40 12.25
C ASN K 616 20.66 -42.80 13.57
N CYS K 617 20.30 -43.46 14.67
CA CYS K 617 20.43 -42.88 16.01
C CYS K 617 21.74 -43.23 16.68
N THR K 618 22.82 -43.40 15.92
CA THR K 618 24.14 -43.55 16.53
C THR K 618 24.54 -42.32 17.34
N GLU K 619 23.95 -41.16 17.03
CA GLU K 619 24.19 -39.93 17.80
C GLU K 619 22.84 -39.22 17.95
N VAL K 620 22.14 -39.53 19.04
CA VAL K 620 20.83 -38.95 19.32
C VAL K 620 20.94 -37.49 19.79
N PRO K 621 21.96 -37.08 20.58
CA PRO K 621 21.83 -35.68 20.99
C PRO K 621 22.38 -34.70 19.94
N VAL K 635 18.12 -39.48 32.15
CA VAL K 635 16.80 -39.65 31.54
C VAL K 635 16.89 -40.55 30.32
N TYR K 636 15.86 -40.50 29.49
CA TYR K 636 15.79 -41.33 28.29
C TYR K 636 16.51 -40.65 27.11
N SER K 637 17.79 -40.37 27.32
CA SER K 637 18.62 -39.75 26.30
C SER K 637 19.72 -40.68 25.82
N THR K 638 20.56 -41.18 26.73
CA THR K 638 21.65 -42.07 26.35
C THR K 638 21.74 -43.27 27.30
N GLY K 639 21.31 -43.07 28.55
CA GLY K 639 21.46 -44.12 29.55
C GLY K 639 20.60 -45.34 29.26
N SER K 640 19.40 -45.13 28.73
CA SER K 640 18.50 -46.25 28.47
C SER K 640 19.01 -47.08 27.30
N ASN K 641 18.58 -48.33 27.25
CA ASN K 641 18.99 -49.25 26.20
C ASN K 641 18.46 -48.80 24.85
N VAL K 642 19.22 -49.10 23.80
CA VAL K 642 18.88 -48.70 22.44
C VAL K 642 18.73 -49.95 21.58
N PHE K 643 17.60 -50.05 20.89
CA PHE K 643 17.34 -51.12 19.94
C PHE K 643 17.04 -50.50 18.58
N GLN K 644 17.79 -50.90 17.56
CA GLN K 644 17.68 -50.33 16.23
C GLN K 644 16.74 -51.18 15.38
N THR K 645 15.76 -50.54 14.76
CA THR K 645 14.78 -51.20 13.91
C THR K 645 14.94 -50.75 12.47
N ARG K 646 14.06 -51.26 11.60
CA ARG K 646 14.04 -50.84 10.21
C ARG K 646 13.39 -49.48 10.03
N ALA K 647 12.64 -49.00 11.01
CA ALA K 647 11.97 -47.71 10.96
C ALA K 647 12.55 -46.74 11.98
N GLY K 648 13.87 -46.79 12.15
CA GLY K 648 14.53 -45.97 13.14
C GLY K 648 15.00 -46.79 14.32
N CYS K 649 14.90 -46.23 15.52
CA CYS K 649 15.27 -46.97 16.72
C CYS K 649 14.46 -46.46 17.89
N LEU K 650 14.34 -47.30 18.91
CA LEU K 650 13.58 -46.99 20.11
C LEU K 650 14.47 -47.11 21.34
N ILE K 651 14.11 -46.38 22.39
CA ILE K 651 14.85 -46.39 23.64
C ILE K 651 13.87 -46.61 24.79
N GLY K 652 14.40 -47.07 25.91
CA GLY K 652 13.61 -47.35 27.09
C GLY K 652 13.05 -48.75 27.17
N ALA K 653 13.22 -49.56 26.13
CA ALA K 653 12.71 -50.92 26.10
C ALA K 653 13.83 -51.87 25.68
N GLU K 654 13.82 -53.06 26.28
CA GLU K 654 14.82 -54.07 25.98
C GLU K 654 14.39 -54.86 24.75
N HIS K 655 15.10 -55.95 24.46
CA HIS K 655 14.83 -56.77 23.29
C HIS K 655 14.60 -58.21 23.72
N VAL K 656 13.60 -58.85 23.11
CA VAL K 656 13.28 -60.25 23.36
C VAL K 656 13.13 -60.95 22.02
N ASN K 657 13.76 -62.12 21.89
CA ASN K 657 13.74 -62.87 20.64
C ASN K 657 12.80 -64.06 20.68
N ASN K 658 11.71 -63.96 21.44
CA ASN K 658 10.66 -64.96 21.45
C ASN K 658 9.57 -64.58 20.43
N SER K 659 8.43 -65.25 20.49
CA SER K 659 7.31 -64.95 19.61
C SER K 659 6.02 -64.88 20.41
N TYR K 660 5.27 -63.79 20.22
CA TYR K 660 3.97 -63.61 20.86
C TYR K 660 3.04 -62.88 19.89
N GLU K 661 1.82 -62.65 20.34
CA GLU K 661 0.86 -61.89 19.55
C GLU K 661 1.21 -60.40 19.59
N CYS K 662 0.56 -59.64 18.70
CA CYS K 662 0.81 -58.22 18.56
C CYS K 662 -0.34 -57.43 19.16
N ASP K 663 -0.03 -56.49 20.05
CA ASP K 663 -1.01 -55.63 20.69
C ASP K 663 -0.96 -54.20 20.20
N ILE K 664 0.20 -53.57 20.25
CA ILE K 664 0.39 -52.20 19.78
C ILE K 664 1.37 -52.23 18.62
N PRO K 665 0.88 -52.16 17.38
CA PRO K 665 1.79 -52.23 16.22
C PRO K 665 2.78 -51.07 16.18
N ILE K 666 4.01 -51.38 15.80
CA ILE K 666 5.05 -50.38 15.58
C ILE K 666 5.34 -50.19 14.09
N GLY K 667 5.74 -51.25 13.42
CA GLY K 667 6.08 -51.16 12.01
C GLY K 667 7.21 -52.13 11.70
N ALA K 668 7.43 -52.34 10.40
CA ALA K 668 8.47 -53.23 9.89
C ALA K 668 8.35 -54.64 10.45
N GLY K 669 7.12 -55.09 10.70
CA GLY K 669 6.89 -56.43 11.14
C GLY K 669 7.17 -56.71 12.61
N ILE K 670 7.46 -55.67 13.41
CA ILE K 670 7.70 -55.85 14.84
C ILE K 670 6.81 -54.91 15.63
N CYS K 671 6.54 -55.29 16.88
CA CYS K 671 5.70 -54.48 17.75
C CYS K 671 6.00 -54.84 19.19
N ALA K 672 5.61 -53.94 20.09
CA ALA K 672 5.94 -54.04 21.51
C ALA K 672 4.68 -54.22 22.34
N SER K 673 4.82 -54.93 23.45
CA SER K 673 3.74 -55.17 24.38
C SER K 673 4.24 -54.98 25.80
N TYR K 674 3.34 -55.15 26.76
CA TYR K 674 3.67 -54.99 28.17
C TYR K 674 3.53 -56.35 28.86
N GLN K 675 4.52 -56.69 29.68
CA GLN K 675 4.51 -57.93 30.44
C GLN K 675 4.58 -57.65 31.93
N SER K 691 7.38 -56.13 32.24
CA SER K 691 7.84 -54.84 31.76
C SER K 691 7.48 -54.64 30.28
N ILE K 692 7.98 -53.56 29.69
CA ILE K 692 7.75 -53.28 28.29
C ILE K 692 8.85 -53.95 27.45
N ILE K 693 8.45 -54.70 26.44
CA ILE K 693 9.38 -55.46 25.61
C ILE K 693 8.94 -55.36 24.15
N ALA K 694 9.90 -55.21 23.25
CA ALA K 694 9.65 -55.15 21.82
C ALA K 694 10.20 -56.41 21.16
N TYR K 695 9.38 -57.06 20.34
CA TYR K 695 9.75 -58.31 19.68
C TYR K 695 9.11 -58.34 18.30
N THR K 696 9.26 -59.47 17.62
CA THR K 696 8.69 -59.68 16.30
C THR K 696 7.39 -60.45 16.43
N MET K 697 6.35 -59.99 15.73
CA MET K 697 5.02 -60.58 15.89
C MET K 697 5.04 -62.03 15.45
N SER K 698 4.30 -62.86 16.19
CA SER K 698 4.11 -64.25 15.81
C SER K 698 2.92 -64.35 14.86
N LEU K 699 3.05 -65.17 13.83
CA LEU K 699 1.99 -65.29 12.83
C LEU K 699 0.74 -65.94 13.40
N GLY K 700 0.85 -66.65 14.52
CA GLY K 700 -0.26 -67.32 15.15
C GLY K 700 0.08 -68.77 15.44
N ALA K 701 -0.93 -69.57 15.70
CA ALA K 701 -0.74 -70.98 15.96
C ALA K 701 -0.29 -71.70 14.68
N GLU K 702 0.62 -72.64 14.84
CA GLU K 702 1.17 -73.42 13.73
C GLU K 702 0.81 -74.88 13.90
N ASN K 703 0.23 -75.47 12.85
CA ASN K 703 -0.12 -76.87 12.87
C ASN K 703 -0.19 -77.39 11.44
N SER K 704 -0.10 -78.71 11.30
CA SER K 704 -0.15 -79.36 10.00
C SER K 704 -1.25 -80.40 10.00
N VAL K 705 -2.00 -80.45 8.91
CA VAL K 705 -3.11 -81.39 8.77
C VAL K 705 -2.58 -82.70 8.20
N ALA K 706 -3.08 -83.81 8.74
CA ALA K 706 -2.65 -85.14 8.30
C ALA K 706 -3.40 -85.50 7.02
N TYR K 707 -2.89 -84.98 5.91
CA TYR K 707 -3.51 -85.23 4.61
C TYR K 707 -3.08 -86.57 4.06
N SER K 708 -4.04 -87.30 3.50
CA SER K 708 -3.77 -88.58 2.86
C SER K 708 -4.81 -88.79 1.76
N ASN K 709 -4.50 -89.71 0.85
CA ASN K 709 -5.38 -89.91 -0.29
C ASN K 709 -6.56 -90.83 0.00
N ASN K 710 -6.63 -91.42 1.19
CA ASN K 710 -7.75 -92.28 1.55
C ASN K 710 -8.19 -92.03 2.98
N SER K 711 -8.27 -90.76 3.39
CA SER K 711 -8.67 -90.42 4.74
C SER K 711 -9.61 -89.23 4.71
N ILE K 712 -10.76 -89.35 5.38
CA ILE K 712 -11.73 -88.27 5.50
C ILE K 712 -12.13 -88.13 6.96
N ALA K 713 -12.67 -86.96 7.29
CA ALA K 713 -13.11 -86.65 8.65
C ALA K 713 -14.52 -86.09 8.61
N ILE K 714 -15.35 -86.54 9.55
CA ILE K 714 -16.74 -86.12 9.61
C ILE K 714 -17.06 -85.67 11.03
N PRO K 715 -17.59 -84.45 11.22
CA PRO K 715 -17.94 -84.00 12.57
C PRO K 715 -19.09 -84.81 13.14
N THR K 716 -19.12 -84.91 14.47
CA THR K 716 -20.15 -85.66 15.17
C THR K 716 -21.03 -84.79 16.06
N ASN K 717 -20.62 -83.59 16.42
CA ASN K 717 -21.39 -82.72 17.29
C ASN K 717 -21.42 -81.31 16.72
N PHE K 718 -22.45 -80.56 17.10
CA PHE K 718 -22.67 -79.22 16.59
C PHE K 718 -23.01 -78.27 17.72
N THR K 719 -22.67 -77.00 17.52
CA THR K 719 -22.92 -75.95 18.50
C THR K 719 -23.51 -74.74 17.80
N ILE K 720 -24.21 -73.91 18.57
CA ILE K 720 -24.83 -72.70 18.08
C ILE K 720 -24.27 -71.51 18.86
N SER K 721 -23.76 -70.52 18.14
CA SER K 721 -23.17 -69.33 18.74
C SER K 721 -23.84 -68.08 18.19
N VAL K 722 -23.57 -66.95 18.84
CA VAL K 722 -24.12 -65.66 18.45
C VAL K 722 -22.99 -64.65 18.34
N THR K 723 -23.03 -63.83 17.29
CA THR K 723 -22.04 -62.79 17.06
C THR K 723 -22.75 -61.46 16.83
N THR K 724 -22.05 -60.36 17.08
CA THR K 724 -22.61 -59.03 16.98
C THR K 724 -21.84 -58.19 15.97
N GLU K 725 -22.56 -57.38 15.21
CA GLU K 725 -21.97 -56.42 14.29
C GLU K 725 -22.65 -55.07 14.48
N ILE K 726 -21.89 -54.01 14.28
CA ILE K 726 -22.38 -52.64 14.44
C ILE K 726 -22.07 -51.85 13.19
N LEU K 727 -23.05 -51.10 12.68
CA LEU K 727 -22.90 -50.33 11.46
C LEU K 727 -23.58 -48.98 11.64
N PRO K 728 -22.89 -47.87 11.37
CA PRO K 728 -23.54 -46.57 11.42
C PRO K 728 -24.34 -46.29 10.16
N VAL K 729 -25.44 -45.56 10.34
CA VAL K 729 -26.32 -45.23 9.21
C VAL K 729 -26.61 -43.75 9.09
N SER K 730 -26.41 -42.93 10.11
CA SER K 730 -26.74 -41.52 10.02
C SER K 730 -25.91 -40.74 11.02
N MET K 731 -25.85 -39.43 10.82
CA MET K 731 -25.13 -38.54 11.71
C MET K 731 -25.92 -37.26 11.89
N THR K 732 -25.46 -36.42 12.81
CA THR K 732 -26.17 -35.18 13.10
C THR K 732 -26.17 -34.26 11.88
N LYS K 733 -27.30 -33.57 11.68
CA LYS K 733 -27.46 -32.65 10.56
C LYS K 733 -27.14 -31.24 11.04
N THR K 734 -26.21 -30.58 10.36
CA THR K 734 -25.75 -29.25 10.74
C THR K 734 -26.04 -28.27 9.61
N SER K 735 -26.65 -27.14 9.97
CA SER K 735 -26.90 -26.06 9.02
C SER K 735 -26.31 -24.77 9.59
N VAL K 736 -25.53 -24.07 8.77
CA VAL K 736 -24.84 -22.86 9.20
C VAL K 736 -25.12 -21.75 8.19
N ASP K 737 -25.37 -20.55 8.69
CA ASP K 737 -25.55 -19.38 7.85
C ASP K 737 -24.21 -18.70 7.59
N CYS K 738 -24.20 -17.81 6.59
CA CYS K 738 -22.99 -17.11 6.21
C CYS K 738 -22.91 -15.69 6.75
N THR K 739 -24.04 -14.98 6.80
CA THR K 739 -24.03 -13.59 7.24
C THR K 739 -23.59 -13.47 8.68
N MET K 740 -24.11 -14.32 9.56
CA MET K 740 -23.77 -14.21 10.98
C MET K 740 -22.33 -14.62 11.25
N TYR K 741 -21.81 -15.61 10.51
CA TYR K 741 -20.48 -16.13 10.79
C TYR K 741 -19.40 -15.09 10.54
N ILE K 742 -19.52 -14.33 9.45
CA ILE K 742 -18.43 -13.46 9.00
C ILE K 742 -18.70 -11.98 9.24
N CYS K 743 -19.94 -11.57 9.43
CA CYS K 743 -20.27 -10.16 9.59
C CYS K 743 -20.61 -9.75 11.01
N GLY K 744 -21.41 -10.55 11.71
CA GLY K 744 -21.79 -10.19 13.07
C GLY K 744 -22.63 -8.93 13.13
N ASP K 745 -23.62 -8.80 12.24
CA ASP K 745 -24.52 -7.65 12.19
C ASP K 745 -23.74 -6.36 11.95
N SER K 746 -23.02 -6.33 10.83
CA SER K 746 -22.30 -5.14 10.40
C SER K 746 -22.66 -4.85 8.95
N THR K 747 -23.06 -3.61 8.67
CA THR K 747 -23.45 -3.26 7.31
C THR K 747 -22.25 -3.17 6.38
N GLU K 748 -21.09 -2.75 6.89
CA GLU K 748 -19.90 -2.68 6.05
C GLU K 748 -19.46 -4.06 5.58
N CYS K 749 -19.52 -5.05 6.47
CA CYS K 749 -19.17 -6.41 6.08
C CYS K 749 -20.11 -6.93 5.01
N SER K 750 -21.41 -6.67 5.15
CA SER K 750 -22.37 -7.09 4.14
C SER K 750 -22.11 -6.40 2.80
N ASN K 751 -21.80 -5.10 2.84
CA ASN K 751 -21.53 -4.37 1.61
C ASN K 751 -20.28 -4.93 0.91
N LEU K 752 -19.24 -5.25 1.69
CA LEU K 752 -18.04 -5.83 1.08
C LEU K 752 -18.32 -7.23 0.55
N LEU K 753 -19.14 -8.02 1.26
CA LEU K 753 -19.48 -9.35 0.80
C LEU K 753 -20.31 -9.31 -0.48
N LEU K 754 -21.09 -8.25 -0.67
CA LEU K 754 -21.89 -8.12 -1.88
C LEU K 754 -21.04 -8.12 -3.14
N GLN K 755 -19.76 -7.76 -3.03
CA GLN K 755 -18.84 -7.78 -4.16
C GLN K 755 -18.08 -9.08 -4.29
N TYR K 756 -18.36 -10.07 -3.44
CA TYR K 756 -17.64 -11.33 -3.42
C TYR K 756 -18.51 -12.51 -3.86
N GLY K 757 -19.45 -12.27 -4.77
CA GLY K 757 -20.27 -13.36 -5.25
C GLY K 757 -21.29 -13.84 -4.23
N SER K 758 -21.72 -15.08 -4.41
CA SER K 758 -22.75 -15.71 -3.59
C SER K 758 -22.33 -17.12 -3.18
N PHE K 759 -21.10 -17.25 -2.68
CA PHE K 759 -20.58 -18.56 -2.31
C PHE K 759 -21.43 -19.24 -1.24
N CYS K 760 -21.84 -18.48 -0.23
CA CYS K 760 -22.58 -19.10 0.86
C CYS K 760 -23.96 -19.58 0.43
N THR K 761 -24.51 -19.04 -0.66
CA THR K 761 -25.71 -19.63 -1.24
C THR K 761 -25.45 -21.05 -1.70
N GLN K 762 -24.32 -21.26 -2.38
CA GLN K 762 -23.94 -22.60 -2.79
C GLN K 762 -23.68 -23.49 -1.57
N LEU K 763 -23.06 -22.92 -0.53
CA LEU K 763 -22.83 -23.69 0.68
C LEU K 763 -24.14 -24.15 1.33
N ASN K 764 -25.12 -23.25 1.39
CA ASN K 764 -26.42 -23.61 1.95
C ASN K 764 -27.12 -24.65 1.09
N ARG K 765 -27.03 -24.52 -0.23
CA ARG K 765 -27.60 -25.52 -1.11
C ARG K 765 -26.97 -26.89 -0.88
N ALA K 766 -25.65 -26.93 -0.75
CA ALA K 766 -24.96 -28.19 -0.49
C ALA K 766 -25.38 -28.79 0.84
N LEU K 767 -25.51 -27.94 1.87
CA LEU K 767 -25.93 -28.45 3.18
C LEU K 767 -27.34 -29.01 3.14
N THR K 768 -28.25 -28.33 2.43
CA THR K 768 -29.61 -28.84 2.29
C THR K 768 -29.62 -30.17 1.53
N GLY K 769 -28.80 -30.27 0.48
CA GLY K 769 -28.69 -31.54 -0.22
C GLY K 769 -28.18 -32.65 0.67
N ILE K 770 -27.20 -32.35 1.51
CA ILE K 770 -26.69 -33.34 2.46
C ILE K 770 -27.79 -33.77 3.43
N ALA K 771 -28.57 -32.81 3.93
CA ALA K 771 -29.62 -33.13 4.88
C ALA K 771 -30.68 -34.04 4.24
N VAL K 772 -31.11 -33.70 3.02
CA VAL K 772 -32.11 -34.52 2.36
C VAL K 772 -31.54 -35.89 2.03
N GLU K 773 -30.25 -35.97 1.68
CA GLU K 773 -29.62 -37.26 1.44
C GLU K 773 -29.63 -38.11 2.71
N GLN K 774 -29.33 -37.49 3.86
CA GLN K 774 -29.36 -38.23 5.12
C GLN K 774 -30.76 -38.75 5.42
N ASP K 775 -31.78 -37.91 5.21
CA ASP K 775 -33.14 -38.34 5.47
C ASP K 775 -33.54 -39.51 4.57
N LYS K 776 -33.24 -39.40 3.27
CA LYS K 776 -33.53 -40.49 2.35
C LYS K 776 -32.78 -41.76 2.75
N ASN K 777 -31.53 -41.59 3.19
CA ASN K 777 -30.72 -42.74 3.56
C ASN K 777 -31.31 -43.48 4.75
N THR K 778 -31.66 -42.76 5.82
CA THR K 778 -32.22 -43.43 6.98
C THR K 778 -33.58 -44.04 6.66
N GLN K 779 -34.38 -43.35 5.85
CA GLN K 779 -35.67 -43.92 5.46
C GLN K 779 -35.48 -45.22 4.69
N GLU K 780 -34.52 -45.25 3.76
CA GLU K 780 -34.28 -46.46 2.99
C GLU K 780 -33.78 -47.60 3.86
N VAL K 781 -32.88 -47.30 4.80
CA VAL K 781 -32.34 -48.35 5.65
C VAL K 781 -33.42 -48.93 6.57
N PHE K 782 -34.22 -48.07 7.19
CA PHE K 782 -35.13 -48.58 8.21
C PHE K 782 -36.48 -49.02 7.64
N ALA K 783 -37.15 -48.15 6.90
CA ALA K 783 -38.48 -48.44 6.40
C ALA K 783 -38.40 -49.51 5.31
N GLN K 784 -38.78 -50.73 5.65
CA GLN K 784 -38.73 -51.84 4.68
C GLN K 784 -39.96 -52.74 4.76
N VAL K 785 -41.04 -52.32 5.42
CA VAL K 785 -42.24 -53.12 5.55
C VAL K 785 -43.45 -52.27 5.18
N LYS K 786 -44.54 -52.96 4.82
CA LYS K 786 -45.78 -52.31 4.43
C LYS K 786 -46.79 -52.21 5.55
N GLN K 787 -46.66 -53.04 6.59
CA GLN K 787 -47.58 -53.04 7.72
C GLN K 787 -46.78 -52.95 9.01
N ILE K 788 -47.49 -52.94 10.13
CA ILE K 788 -46.88 -52.93 11.46
C ILE K 788 -47.46 -54.11 12.22
N TYR K 789 -46.67 -55.18 12.34
CA TYR K 789 -47.15 -56.40 12.98
C TYR K 789 -47.06 -56.30 14.50
N LYS K 790 -47.78 -57.20 15.16
CA LYS K 790 -47.74 -57.31 16.61
C LYS K 790 -47.53 -58.77 17.00
N THR K 791 -46.68 -58.99 18.00
CA THR K 791 -46.43 -60.35 18.46
C THR K 791 -47.68 -60.93 19.12
N PRO K 792 -47.91 -62.24 18.96
CA PRO K 792 -49.08 -62.85 19.59
C PRO K 792 -48.97 -62.80 21.10
N PRO K 793 -50.10 -62.71 21.82
CA PRO K 793 -50.03 -62.68 23.28
C PRO K 793 -49.39 -63.92 23.89
N ILE K 794 -49.60 -65.08 23.30
CA ILE K 794 -49.02 -66.32 23.82
C ILE K 794 -47.60 -66.47 23.29
N LYS K 795 -46.69 -66.92 24.16
CA LYS K 795 -45.28 -67.13 23.82
C LYS K 795 -44.91 -68.56 24.21
N ASP K 796 -45.13 -69.49 23.28
CA ASP K 796 -44.75 -70.90 23.45
C ASP K 796 -44.06 -71.38 22.17
N PHE K 797 -42.80 -70.98 22.01
CA PHE K 797 -42.02 -71.29 20.82
C PHE K 797 -41.25 -72.60 20.98
N GLY K 798 -41.96 -73.67 21.30
CA GLY K 798 -41.37 -74.99 21.42
C GLY K 798 -40.39 -75.17 22.57
N GLY K 799 -40.01 -74.10 23.26
CA GLY K 799 -39.07 -74.20 24.35
C GLY K 799 -38.05 -73.07 24.35
N PHE K 800 -37.97 -72.35 23.24
CA PHE K 800 -37.04 -71.24 23.15
C PHE K 800 -37.51 -70.08 24.03
N ASN K 801 -36.55 -69.24 24.43
CA ASN K 801 -36.84 -68.08 25.27
C ASN K 801 -36.44 -66.82 24.50
N PHE K 802 -37.39 -65.88 24.40
CA PHE K 802 -37.17 -64.64 23.66
C PHE K 802 -37.54 -63.41 24.48
N SER K 803 -37.64 -63.55 25.80
CA SER K 803 -38.05 -62.41 26.62
C SER K 803 -37.00 -61.29 26.62
N GLN K 804 -35.73 -61.65 26.52
CA GLN K 804 -34.67 -60.65 26.57
C GLN K 804 -34.60 -59.79 25.31
N ILE K 805 -35.24 -60.21 24.23
CA ILE K 805 -35.17 -59.49 22.96
C ILE K 805 -36.51 -58.84 22.60
N LEU K 806 -37.62 -59.49 22.94
CA LEU K 806 -38.92 -58.94 22.63
C LEU K 806 -39.16 -57.65 23.41
N PRO K 807 -39.90 -56.70 22.85
CA PRO K 807 -40.13 -55.43 23.54
C PRO K 807 -40.95 -55.62 24.80
N ASP K 808 -40.67 -54.75 25.78
CA ASP K 808 -41.36 -54.80 27.07
C ASP K 808 -42.32 -53.61 27.17
N PRO K 809 -43.64 -53.85 27.16
CA PRO K 809 -44.59 -52.73 27.26
C PRO K 809 -44.52 -51.99 28.59
N SER K 810 -43.96 -52.60 29.63
CA SER K 810 -43.89 -51.94 30.93
C SER K 810 -43.00 -50.70 30.87
N LYS K 811 -41.89 -50.79 30.15
CA LYS K 811 -40.97 -49.66 30.07
C LYS K 811 -41.62 -48.49 29.33
N PRO K 812 -41.33 -47.25 29.74
CA PRO K 812 -41.95 -46.10 29.07
C PRO K 812 -41.64 -46.00 27.59
N SER K 813 -40.41 -46.36 27.19
CA SER K 813 -40.00 -46.26 25.80
C SER K 813 -40.34 -47.48 24.97
N LYS K 814 -40.92 -48.52 25.59
CA LYS K 814 -41.27 -49.76 24.90
C LYS K 814 -40.06 -50.36 24.19
N ARG K 815 -38.92 -50.34 24.87
CA ARG K 815 -37.67 -50.80 24.30
C ARG K 815 -37.17 -52.03 25.04
N SER K 816 -36.52 -52.92 24.30
CA SER K 816 -36.02 -54.17 24.85
C SER K 816 -34.80 -53.94 25.73
N PHE K 817 -34.42 -54.98 26.47
CA PHE K 817 -33.33 -54.87 27.44
C PHE K 817 -32.01 -54.55 26.73
N ILE K 818 -31.72 -55.24 25.64
CA ILE K 818 -30.46 -55.02 24.93
C ILE K 818 -30.41 -53.60 24.38
N GLU K 819 -31.55 -53.07 23.94
CA GLU K 819 -31.60 -51.69 23.46
C GLU K 819 -31.25 -50.71 24.58
N ASP K 820 -31.78 -50.94 25.78
CA ASP K 820 -31.46 -50.07 26.91
C ASP K 820 -30.00 -50.15 27.28
N LEU K 821 -29.42 -51.36 27.28
CA LEU K 821 -27.99 -51.49 27.55
C LEU K 821 -27.17 -50.75 26.51
N LEU K 822 -27.55 -50.84 25.23
CA LEU K 822 -26.84 -50.13 24.18
C LEU K 822 -26.94 -48.61 24.37
N PHE K 823 -28.12 -48.11 24.74
CA PHE K 823 -28.27 -46.68 24.99
C PHE K 823 -27.40 -46.25 26.16
N ASN K 824 -27.36 -47.03 27.24
CA ASN K 824 -26.61 -46.64 28.41
C ASN K 824 -25.11 -46.74 28.19
N LYS K 825 -24.67 -47.65 27.32
CA LYS K 825 -23.24 -47.83 27.09
C LYS K 825 -22.59 -46.59 26.49
N VAL K 826 -23.26 -45.96 25.52
CA VAL K 826 -22.70 -44.77 24.89
C VAL K 826 -22.96 -43.56 25.77
N THR K 827 -22.15 -42.52 25.57
CA THR K 827 -22.26 -41.29 26.34
C THR K 827 -21.97 -40.07 25.47
N PHE K 855 -25.24 -20.37 20.37
CA PHE K 855 -25.53 -20.13 18.96
C PHE K 855 -24.61 -19.04 18.40
N ASN K 856 -23.85 -19.39 17.37
CA ASN K 856 -22.94 -18.46 16.71
C ASN K 856 -23.09 -18.55 15.20
N GLY K 857 -24.33 -18.54 14.72
CA GLY K 857 -24.60 -18.65 13.30
C GLY K 857 -24.81 -20.06 12.79
N LEU K 858 -24.78 -21.07 13.67
CA LEU K 858 -24.96 -22.45 13.28
C LEU K 858 -26.01 -23.10 14.18
N THR K 859 -26.66 -24.12 13.64
CA THR K 859 -27.71 -24.82 14.37
C THR K 859 -27.73 -26.28 13.94
N VAL K 860 -28.35 -27.11 14.78
CA VAL K 860 -28.47 -28.55 14.54
C VAL K 860 -29.93 -28.86 14.33
N LEU K 861 -30.27 -29.28 13.11
CA LEU K 861 -31.66 -29.62 12.79
C LEU K 861 -32.03 -30.96 13.42
N PRO K 862 -33.20 -31.06 14.03
CA PRO K 862 -33.62 -32.33 14.61
C PRO K 862 -33.88 -33.36 13.51
N PRO K 863 -33.61 -34.63 13.77
CA PRO K 863 -33.88 -35.66 12.76
C PRO K 863 -35.37 -35.86 12.54
N LEU K 864 -35.73 -36.26 11.32
CA LEU K 864 -37.13 -36.53 11.02
C LEU K 864 -37.65 -37.73 11.80
N LEU K 865 -36.84 -38.78 11.91
CA LEU K 865 -37.24 -39.98 12.63
C LEU K 865 -36.80 -39.90 14.08
N THR K 866 -37.70 -40.25 14.98
CA THR K 866 -37.43 -40.29 16.42
C THR K 866 -37.21 -41.74 16.85
N ASP K 867 -36.91 -41.91 18.13
CA ASP K 867 -36.58 -43.23 18.64
C ASP K 867 -37.78 -44.16 18.65
N GLU K 868 -38.98 -43.62 18.91
CA GLU K 868 -40.14 -44.47 19.12
C GLU K 868 -40.52 -45.23 17.86
N MET K 869 -40.61 -44.53 16.73
CA MET K 869 -41.00 -45.18 15.49
C MET K 869 -39.93 -46.16 15.01
N ILE K 870 -38.65 -45.82 15.25
CA ILE K 870 -37.58 -46.74 14.92
C ILE K 870 -37.70 -48.03 15.73
N ALA K 871 -37.97 -47.90 17.03
CA ALA K 871 -38.16 -49.08 17.87
C ALA K 871 -39.37 -49.89 17.39
N GLN K 872 -40.45 -49.20 17.01
CA GLN K 872 -41.63 -49.92 16.51
C GLN K 872 -41.31 -50.67 15.22
N TYR K 873 -40.56 -50.06 14.32
CA TYR K 873 -40.16 -50.74 13.09
C TYR K 873 -39.31 -51.97 13.38
N THR K 874 -38.36 -51.85 14.32
CA THR K 874 -37.53 -52.99 14.67
C THR K 874 -38.38 -54.10 15.27
N SER K 875 -39.34 -53.76 16.13
CA SER K 875 -40.24 -54.76 16.70
C SER K 875 -41.06 -55.44 15.61
N ALA K 876 -41.54 -54.67 14.63
CA ALA K 876 -42.32 -55.25 13.54
C ALA K 876 -41.48 -56.22 12.72
N LEU K 877 -40.25 -55.82 12.38
CA LEU K 877 -39.37 -56.71 11.63
C LEU K 877 -39.06 -57.98 12.42
N LEU K 878 -38.82 -57.84 13.73
CA LEU K 878 -38.54 -59.00 14.57
C LEU K 878 -39.73 -59.96 14.61
N ALA K 879 -40.95 -59.42 14.78
CA ALA K 879 -42.13 -60.27 14.79
C ALA K 879 -42.31 -60.96 13.44
N GLY K 880 -42.08 -60.23 12.35
CA GLY K 880 -42.22 -60.82 11.03
C GLY K 880 -41.21 -61.94 10.78
N THR K 881 -39.98 -61.76 11.24
CA THR K 881 -38.95 -62.77 11.03
C THR K 881 -39.03 -63.92 12.02
N ILE K 882 -39.80 -63.78 13.11
CA ILE K 882 -40.00 -64.91 14.01
C ILE K 882 -41.23 -65.71 13.65
N THR K 883 -42.40 -65.07 13.63
CA THR K 883 -43.65 -65.81 13.55
C THR K 883 -44.10 -66.10 12.12
N SER K 884 -43.41 -65.59 11.11
CA SER K 884 -43.86 -65.78 9.74
C SER K 884 -42.80 -66.42 8.86
N GLY K 885 -41.53 -66.11 9.13
CA GLY K 885 -40.46 -66.63 8.30
C GLY K 885 -40.05 -65.66 7.22
N TRP K 886 -39.60 -66.17 6.08
CA TRP K 886 -39.18 -65.34 4.96
C TRP K 886 -40.29 -65.09 3.96
N THR K 887 -41.49 -65.64 4.18
CA THR K 887 -42.56 -65.47 3.21
C THR K 887 -43.09 -64.05 3.20
N PHE K 888 -43.12 -63.40 4.36
CA PHE K 888 -43.66 -62.04 4.43
C PHE K 888 -42.82 -61.03 3.68
N GLY K 889 -41.59 -61.37 3.30
CA GLY K 889 -40.78 -60.48 2.51
C GLY K 889 -41.13 -60.43 1.04
N ALA K 890 -42.01 -61.31 0.58
CA ALA K 890 -42.43 -61.35 -0.82
C ALA K 890 -43.90 -61.00 -0.98
N GLY K 891 -44.79 -61.76 -0.33
CA GLY K 891 -46.22 -61.52 -0.46
C GLY K 891 -46.87 -61.10 0.84
N ALA K 892 -47.66 -61.99 1.42
CA ALA K 892 -48.32 -61.74 2.70
C ALA K 892 -47.83 -62.73 3.74
N ALA K 893 -47.81 -62.30 4.99
CA ALA K 893 -47.28 -63.11 6.08
C ALA K 893 -48.12 -64.36 6.29
N LEU K 894 -47.47 -65.41 6.76
CA LEU K 894 -48.11 -66.69 7.02
C LEU K 894 -47.83 -67.13 8.44
N GLN K 895 -48.77 -67.90 9.01
CA GLN K 895 -48.59 -68.45 10.35
C GLN K 895 -47.92 -69.82 10.21
N ILE K 896 -46.68 -69.91 10.69
CA ILE K 896 -45.94 -71.17 10.64
C ILE K 896 -45.28 -71.41 12.00
N PRO K 897 -45.40 -72.59 12.58
CA PRO K 897 -44.75 -72.85 13.86
C PRO K 897 -43.23 -72.76 13.74
N PHE K 898 -42.59 -72.39 14.84
CA PHE K 898 -41.15 -72.12 14.82
C PHE K 898 -40.34 -73.37 14.49
N ALA K 899 -40.81 -74.54 14.95
CA ALA K 899 -40.05 -75.77 14.74
C ALA K 899 -39.88 -76.07 13.26
N MET K 900 -40.93 -75.91 12.47
CA MET K 900 -40.81 -76.19 11.04
C MET K 900 -39.93 -75.17 10.34
N GLN K 901 -39.93 -73.91 10.80
CA GLN K 901 -39.00 -72.94 10.24
C GLN K 901 -37.55 -73.33 10.53
N MET K 902 -37.28 -73.80 11.75
CA MET K 902 -35.93 -74.29 12.05
C MET K 902 -35.58 -75.48 11.16
N ALA K 903 -36.52 -76.40 10.95
CA ALA K 903 -36.25 -77.55 10.11
C ALA K 903 -35.93 -77.14 8.68
N TYR K 904 -36.68 -76.19 8.14
CA TYR K 904 -36.42 -75.71 6.79
C TYR K 904 -35.07 -75.02 6.71
N ARG K 905 -34.72 -74.21 7.72
CA ARG K 905 -33.43 -73.53 7.70
C ARG K 905 -32.28 -74.53 7.75
N PHE K 906 -32.42 -75.59 8.55
CA PHE K 906 -31.39 -76.63 8.56
C PHE K 906 -31.32 -77.36 7.22
N ASN K 907 -32.48 -77.67 6.63
CA ASN K 907 -32.47 -78.34 5.33
C ASN K 907 -31.84 -77.47 4.26
N GLY K 908 -31.88 -76.15 4.44
CA GLY K 908 -31.28 -75.26 3.46
C GLY K 908 -29.77 -75.42 3.34
N ILE K 909 -29.09 -75.70 4.46
CA ILE K 909 -27.63 -75.73 4.44
C ILE K 909 -27.07 -77.12 4.12
N GLY K 910 -27.87 -78.17 4.20
CA GLY K 910 -27.39 -79.48 3.83
C GLY K 910 -27.58 -80.56 4.89
N VAL K 911 -28.05 -80.17 6.08
CA VAL K 911 -28.29 -81.12 7.16
C VAL K 911 -29.73 -81.58 7.10
N THR K 912 -29.93 -82.89 7.15
CA THR K 912 -31.27 -83.45 7.13
C THR K 912 -32.05 -83.00 8.36
N GLN K 913 -33.36 -82.78 8.16
CA GLN K 913 -34.20 -82.23 9.22
C GLN K 913 -34.36 -83.17 10.42
N ASN K 914 -33.97 -84.44 10.29
CA ASN K 914 -34.09 -85.36 11.42
C ASN K 914 -33.25 -84.92 12.60
N VAL K 915 -32.10 -84.28 12.33
CA VAL K 915 -31.20 -83.87 13.40
C VAL K 915 -31.90 -82.90 14.35
N LEU K 916 -32.62 -81.93 13.81
CA LEU K 916 -33.30 -80.94 14.65
C LEU K 916 -34.34 -81.61 15.52
N TYR K 917 -35.20 -82.44 14.93
CA TYR K 917 -36.28 -83.05 15.71
C TYR K 917 -35.76 -84.09 16.70
N GLU K 918 -34.55 -84.60 16.51
CA GLU K 918 -33.98 -85.51 17.49
C GLU K 918 -33.11 -84.80 18.53
N ASN K 919 -32.89 -83.49 18.39
CA ASN K 919 -32.01 -82.75 19.28
C ASN K 919 -32.63 -81.41 19.67
N GLN K 920 -33.92 -81.40 19.97
CA GLN K 920 -34.60 -80.14 20.25
C GLN K 920 -34.18 -79.56 21.58
N LYS K 921 -34.16 -80.38 22.64
CA LYS K 921 -33.87 -79.87 23.97
C LYS K 921 -32.44 -79.35 24.08
N LEU K 922 -31.47 -80.09 23.50
CA LEU K 922 -30.09 -79.64 23.53
C LEU K 922 -29.93 -78.32 22.78
N ILE K 923 -30.60 -78.19 21.63
CA ILE K 923 -30.53 -76.95 20.87
C ILE K 923 -31.12 -75.79 21.66
N ALA K 924 -32.26 -76.03 22.32
CA ALA K 924 -32.87 -74.99 23.13
C ALA K 924 -31.95 -74.54 24.27
N ASN K 925 -31.34 -75.51 24.96
CA ASN K 925 -30.44 -75.17 26.05
C ASN K 925 -29.22 -74.40 25.54
N GLN K 926 -28.67 -74.82 24.39
CA GLN K 926 -27.51 -74.13 23.84
C GLN K 926 -27.87 -72.70 23.44
N PHE K 927 -29.04 -72.51 22.84
CA PHE K 927 -29.47 -71.16 22.47
C PHE K 927 -29.66 -70.29 23.70
N ASN K 928 -30.27 -70.85 24.74
CA ASN K 928 -30.47 -70.08 25.97
C ASN K 928 -29.13 -69.69 26.61
N SER K 929 -28.18 -70.62 26.65
CA SER K 929 -26.87 -70.29 27.18
C SER K 929 -26.17 -69.24 26.34
N ALA K 930 -26.29 -69.34 25.01
CA ALA K 930 -25.67 -68.34 24.14
C ALA K 930 -26.25 -66.96 24.38
N ILE K 931 -27.58 -66.85 24.48
CA ILE K 931 -28.17 -65.54 24.71
C ILE K 931 -27.81 -65.02 26.10
N GLY K 932 -27.73 -65.92 27.08
CA GLY K 932 -27.32 -65.49 28.41
C GLY K 932 -25.91 -64.94 28.45
N LYS K 933 -25.00 -65.58 27.73
CA LYS K 933 -23.62 -65.09 27.74
C LYS K 933 -23.46 -63.84 26.90
N ILE K 934 -24.21 -63.71 25.79
CA ILE K 934 -24.14 -62.48 25.02
C ILE K 934 -24.82 -61.33 25.75
N GLN K 935 -25.68 -61.64 26.72
CA GLN K 935 -26.23 -60.58 27.57
C GLN K 935 -25.13 -59.86 28.33
N ASP K 936 -24.15 -60.60 28.83
CA ASP K 936 -23.07 -60.03 29.62
C ASP K 936 -21.83 -59.70 28.82
N SER K 937 -21.72 -60.21 27.59
CA SER K 937 -20.50 -60.04 26.81
C SER K 937 -20.20 -58.55 26.55
N LEU K 938 -21.22 -57.79 26.15
CA LEU K 938 -21.01 -56.38 25.83
C LEU K 938 -21.31 -55.47 27.01
N SER K 939 -21.72 -56.01 28.15
CA SER K 939 -22.05 -55.16 29.30
C SER K 939 -20.79 -54.70 30.02
N SER K 940 -20.00 -55.64 30.55
CA SER K 940 -18.79 -55.28 31.27
C SER K 940 -17.69 -54.84 30.31
N THR K 941 -17.54 -55.53 29.18
CA THR K 941 -16.47 -55.22 28.24
C THR K 941 -16.84 -53.99 27.43
N ALA K 942 -16.03 -52.94 27.57
CA ALA K 942 -16.24 -51.70 26.84
C ALA K 942 -15.45 -51.73 25.53
N SER K 943 -15.36 -50.58 24.87
CA SER K 943 -14.60 -50.41 23.63
C SER K 943 -15.10 -51.31 22.50
N ALA K 944 -16.33 -51.80 22.61
CA ALA K 944 -16.94 -52.61 21.56
C ALA K 944 -17.78 -51.78 20.60
N LEU K 945 -17.90 -50.47 20.84
CA LEU K 945 -18.68 -49.56 20.01
C LEU K 945 -17.81 -48.41 19.53
N GLY K 946 -16.63 -48.75 19.01
CA GLY K 946 -15.67 -47.73 18.64
C GLY K 946 -16.12 -46.84 17.50
N LYS K 947 -16.87 -47.40 16.55
CA LYS K 947 -17.19 -46.65 15.33
C LYS K 947 -18.10 -45.46 15.62
N LEU K 948 -19.19 -45.68 16.34
CA LEU K 948 -20.14 -44.61 16.61
C LEU K 948 -19.51 -43.52 17.48
N GLN K 949 -18.78 -43.93 18.51
CA GLN K 949 -18.11 -42.97 19.38
C GLN K 949 -17.08 -42.17 18.58
N ASP K 950 -16.34 -42.84 17.69
CA ASP K 950 -15.37 -42.15 16.87
C ASP K 950 -16.02 -41.13 15.96
N VAL K 951 -17.15 -41.49 15.35
CA VAL K 951 -17.84 -40.56 14.45
C VAL K 951 -18.31 -39.33 15.22
N VAL K 952 -18.92 -39.56 16.40
CA VAL K 952 -19.41 -38.45 17.20
C VAL K 952 -18.25 -37.57 17.64
N ASN K 953 -17.15 -38.17 18.07
CA ASN K 953 -15.98 -37.40 18.50
C ASN K 953 -15.42 -36.58 17.34
N GLN K 954 -15.36 -37.16 16.15
CA GLN K 954 -14.86 -36.42 15.00
C GLN K 954 -15.75 -35.22 14.67
N ASN K 955 -17.07 -35.41 14.72
CA ASN K 955 -17.98 -34.30 14.46
C ASN K 955 -17.80 -33.20 15.49
N ALA K 956 -17.73 -33.57 16.77
CA ALA K 956 -17.56 -32.58 17.82
C ALA K 956 -16.24 -31.85 17.68
N GLN K 957 -15.17 -32.57 17.34
CA GLN K 957 -13.86 -31.96 17.17
C GLN K 957 -13.87 -30.98 15.99
N ALA K 958 -14.50 -31.35 14.88
CA ALA K 958 -14.58 -30.45 13.74
C ALA K 958 -15.35 -29.18 14.10
N LEU K 959 -16.48 -29.32 14.79
CA LEU K 959 -17.25 -28.14 15.18
C LEU K 959 -16.44 -27.25 16.13
N ASN K 960 -15.76 -27.87 17.10
CA ASN K 960 -14.99 -27.09 18.07
C ASN K 960 -13.82 -26.38 17.39
N THR K 961 -13.15 -27.04 16.46
CA THR K 961 -12.02 -26.38 15.79
C THR K 961 -12.50 -25.27 14.87
N LEU K 962 -13.69 -25.43 14.25
CA LEU K 962 -14.23 -24.31 13.48
C LEU K 962 -14.56 -23.13 14.38
N VAL K 963 -15.17 -23.39 15.53
CA VAL K 963 -15.50 -22.30 16.45
C VAL K 963 -14.23 -21.61 16.94
N LYS K 964 -13.19 -22.39 17.23
CA LYS K 964 -11.93 -21.79 17.65
C LYS K 964 -11.31 -20.95 16.53
N GLN K 965 -11.37 -21.45 15.29
CA GLN K 965 -10.83 -20.70 14.18
C GLN K 965 -11.63 -19.42 13.90
N LEU K 966 -12.90 -19.38 14.34
CA LEU K 966 -13.69 -18.16 14.17
C LEU K 966 -12.99 -16.95 14.76
N SER K 967 -12.38 -17.12 15.94
CA SER K 967 -11.66 -16.04 16.61
C SER K 967 -10.18 -16.21 16.30
N SER K 968 -9.68 -15.47 15.30
CA SER K 968 -8.29 -15.52 14.91
C SER K 968 -7.82 -14.13 14.55
N ASN K 969 -6.58 -14.02 14.08
CA ASN K 969 -5.99 -12.74 13.71
C ASN K 969 -5.92 -12.54 12.20
N PHE K 970 -5.45 -13.55 11.47
CA PHE K 970 -5.32 -13.49 10.01
C PHE K 970 -4.45 -12.31 9.59
N GLY K 971 -3.41 -12.02 10.37
CA GLY K 971 -2.50 -10.94 10.07
C GLY K 971 -3.00 -9.56 10.43
N ALA K 972 -4.17 -9.45 11.04
CA ALA K 972 -4.72 -8.16 11.45
C ALA K 972 -4.16 -7.77 12.81
N ILE K 973 -4.63 -6.62 13.32
CA ILE K 973 -4.22 -6.15 14.63
C ILE K 973 -5.23 -6.47 15.73
N SER K 974 -6.45 -6.86 15.36
CA SER K 974 -7.47 -7.21 16.34
C SER K 974 -8.22 -8.45 15.84
N SER K 975 -8.73 -9.23 16.79
CA SER K 975 -9.44 -10.46 16.49
C SER K 975 -10.96 -10.28 16.51
N VAL K 976 -11.44 -9.06 16.69
CA VAL K 976 -12.88 -8.80 16.79
C VAL K 976 -13.23 -7.65 15.86
N LEU K 977 -14.42 -7.74 15.26
CA LEU K 977 -14.83 -6.78 14.23
C LEU K 977 -15.24 -5.44 14.82
N ASN K 978 -15.90 -5.46 15.99
CA ASN K 978 -16.44 -4.21 16.53
C ASN K 978 -15.32 -3.24 16.89
N ASP K 979 -14.22 -3.74 17.44
CA ASP K 979 -13.10 -2.86 17.79
C ASP K 979 -12.45 -2.27 16.55
N ILE K 980 -12.14 -3.12 15.57
CA ILE K 980 -11.49 -2.65 14.35
C ILE K 980 -12.40 -1.73 13.55
N LEU K 981 -13.71 -1.83 13.72
CA LEU K 981 -14.63 -0.98 12.97
C LEU K 981 -14.52 0.47 13.41
N SER K 982 -14.36 0.72 14.71
CA SER K 982 -14.37 2.07 15.26
C SER K 982 -13.01 2.47 15.84
N ARG K 983 -11.93 1.98 15.24
CA ARG K 983 -10.59 2.33 15.72
C ARG K 983 -9.67 2.77 14.59
N LEU K 984 -9.95 2.30 13.38
CA LEU K 984 -9.05 2.51 12.25
C LEU K 984 -9.74 3.31 11.15
N ASP K 985 -8.91 3.91 10.30
CA ASP K 985 -9.40 4.71 9.20
C ASP K 985 -10.00 3.80 8.13
N PRO K 986 -11.12 4.18 7.53
CA PRO K 986 -11.91 3.24 6.70
C PRO K 986 -11.12 2.60 5.57
N PRO K 987 -10.21 3.33 4.90
CA PRO K 987 -9.35 2.65 3.91
C PRO K 987 -8.56 1.48 4.48
N GLU K 988 -8.10 1.56 5.72
CA GLU K 988 -7.44 0.42 6.35
C GLU K 988 -8.44 -0.55 6.98
N ALA K 989 -9.57 -0.04 7.47
CA ALA K 989 -10.59 -0.91 8.04
C ALA K 989 -11.12 -1.88 7.00
N GLU K 990 -11.34 -1.41 5.78
CA GLU K 990 -11.80 -2.30 4.71
C GLU K 990 -10.75 -3.35 4.35
N VAL K 991 -9.46 -2.98 4.41
CA VAL K 991 -8.41 -3.96 4.15
C VAL K 991 -8.43 -5.05 5.21
N GLN K 992 -8.52 -4.65 6.48
CA GLN K 992 -8.57 -5.63 7.57
C GLN K 992 -9.81 -6.51 7.44
N ILE K 993 -10.96 -5.90 7.11
CA ILE K 993 -12.20 -6.67 6.96
C ILE K 993 -12.07 -7.66 5.81
N ASP K 994 -11.44 -7.24 4.71
CA ASP K 994 -11.26 -8.14 3.58
C ASP K 994 -10.36 -9.31 3.95
N ARG K 995 -9.29 -9.04 4.70
CA ARG K 995 -8.42 -10.13 5.14
C ARG K 995 -9.18 -11.12 6.02
N LEU K 996 -9.96 -10.61 6.98
CA LEU K 996 -10.76 -11.47 7.83
C LEU K 996 -11.78 -12.26 7.01
N ILE K 997 -12.39 -11.59 6.02
CA ILE K 997 -13.41 -12.24 5.20
C ILE K 997 -12.81 -13.39 4.42
N THR K 998 -11.65 -13.16 3.78
CA THR K 998 -11.07 -14.22 2.97
C THR K 998 -10.56 -15.37 3.83
N GLY K 999 -10.01 -15.06 5.02
CA GLY K 999 -9.61 -16.14 5.91
C GLY K 999 -10.78 -16.99 6.36
N ARG K 1000 -11.87 -16.34 6.78
CA ARG K 1000 -13.04 -17.08 7.22
C ARG K 1000 -13.67 -17.85 6.07
N LEU K 1001 -13.64 -17.30 4.86
CA LEU K 1001 -14.16 -18.01 3.70
C LEU K 1001 -13.33 -19.26 3.41
N GLN K 1002 -12.00 -19.15 3.52
CA GLN K 1002 -11.17 -20.33 3.32
C GLN K 1002 -11.47 -21.40 4.37
N SER K 1003 -11.63 -20.99 5.63
CA SER K 1003 -11.96 -21.95 6.68
C SER K 1003 -13.30 -22.61 6.40
N LEU K 1004 -14.30 -21.83 6.00
CA LEU K 1004 -15.62 -22.37 5.71
C LEU K 1004 -15.57 -23.35 4.54
N GLN K 1005 -14.82 -23.02 3.50
CA GLN K 1005 -14.69 -23.93 2.37
C GLN K 1005 -14.04 -25.24 2.78
N THR K 1006 -12.99 -25.17 3.59
CA THR K 1006 -12.36 -26.40 4.07
C THR K 1006 -13.33 -27.25 4.87
N TYR K 1007 -14.09 -26.60 5.77
CA TYR K 1007 -15.05 -27.35 6.58
C TYR K 1007 -16.13 -27.98 5.71
N VAL K 1008 -16.62 -27.26 4.70
CA VAL K 1008 -17.66 -27.78 3.83
C VAL K 1008 -17.13 -28.99 3.04
N THR K 1009 -15.89 -28.90 2.54
CA THR K 1009 -15.33 -30.01 1.80
C THR K 1009 -15.19 -31.25 2.69
N GLN K 1010 -14.68 -31.06 3.91
CA GLN K 1010 -14.55 -32.20 4.82
C GLN K 1010 -15.91 -32.81 5.14
N GLN K 1011 -16.92 -31.97 5.35
CA GLN K 1011 -18.26 -32.47 5.63
C GLN K 1011 -18.80 -33.26 4.45
N LEU K 1012 -18.57 -32.78 3.23
CA LEU K 1012 -19.03 -33.52 2.05
C LEU K 1012 -18.37 -34.89 1.96
N ILE K 1013 -17.06 -34.94 2.20
CA ILE K 1013 -16.35 -36.22 2.13
C ILE K 1013 -16.91 -37.20 3.16
N ARG K 1014 -17.07 -36.72 4.40
CA ARG K 1014 -17.59 -37.61 5.45
C ARG K 1014 -19.01 -38.05 5.15
N ALA K 1015 -19.83 -37.16 4.61
CA ALA K 1015 -21.20 -37.52 4.26
C ALA K 1015 -21.23 -38.59 3.18
N ALA K 1016 -20.37 -38.47 2.17
CA ALA K 1016 -20.31 -39.48 1.12
C ALA K 1016 -19.89 -40.83 1.70
N GLU K 1017 -18.89 -40.84 2.57
CA GLU K 1017 -18.45 -42.09 3.17
C GLU K 1017 -19.56 -42.73 4.01
N ILE K 1018 -20.26 -41.92 4.80
CA ILE K 1018 -21.33 -42.45 5.63
C ILE K 1018 -22.46 -42.98 4.76
N ARG K 1019 -22.77 -42.30 3.66
CA ARG K 1019 -23.80 -42.76 2.76
C ARG K 1019 -23.44 -44.12 2.17
N ALA K 1020 -22.19 -44.29 1.74
CA ALA K 1020 -21.78 -45.59 1.21
C ALA K 1020 -21.90 -46.69 2.27
N SER K 1021 -21.44 -46.39 3.50
CA SER K 1021 -21.50 -47.40 4.56
C SER K 1021 -22.94 -47.78 4.88
N ALA K 1022 -23.83 -46.78 4.95
CA ALA K 1022 -25.22 -47.08 5.26
C ALA K 1022 -25.91 -47.82 4.12
N ASN K 1023 -25.53 -47.54 2.87
CA ASN K 1023 -26.06 -48.32 1.76
C ASN K 1023 -25.65 -49.78 1.88
N LEU K 1024 -24.38 -50.03 2.23
CA LEU K 1024 -23.94 -51.40 2.45
C LEU K 1024 -24.73 -52.07 3.58
N ALA K 1025 -24.95 -51.34 4.68
CA ALA K 1025 -25.69 -51.88 5.80
C ALA K 1025 -27.12 -52.22 5.39
N ALA K 1026 -27.76 -51.36 4.63
CA ALA K 1026 -29.12 -51.62 4.17
C ALA K 1026 -29.17 -52.84 3.26
N THR K 1027 -28.17 -52.97 2.38
CA THR K 1027 -28.12 -54.16 1.53
C THR K 1027 -27.99 -55.42 2.37
N LYS K 1028 -27.13 -55.41 3.39
CA LYS K 1028 -26.98 -56.58 4.24
C LYS K 1028 -28.26 -56.89 4.98
N MET K 1029 -28.94 -55.86 5.48
CA MET K 1029 -30.19 -56.08 6.23
C MET K 1029 -31.27 -56.65 5.32
N SER K 1030 -31.40 -56.13 4.10
CA SER K 1030 -32.38 -56.69 3.18
C SER K 1030 -31.99 -58.08 2.70
N GLU K 1031 -30.70 -58.42 2.76
CA GLU K 1031 -30.25 -59.73 2.31
C GLU K 1031 -30.51 -60.81 3.35
N CYS K 1032 -29.89 -60.69 4.52
CA CYS K 1032 -29.90 -61.79 5.49
C CYS K 1032 -30.53 -61.39 6.82
N VAL K 1033 -31.66 -60.68 6.77
CA VAL K 1033 -32.51 -60.50 7.95
C VAL K 1033 -33.92 -60.93 7.59
N LEU K 1034 -34.28 -60.84 6.31
CA LEU K 1034 -35.59 -61.25 5.83
C LEU K 1034 -35.64 -62.73 5.47
N GLY K 1035 -34.55 -63.27 4.94
CA GLY K 1035 -34.48 -64.66 4.57
C GLY K 1035 -33.18 -65.28 5.05
N GLN K 1036 -32.75 -66.31 4.32
CA GLN K 1036 -31.53 -67.04 4.62
C GLN K 1036 -30.52 -66.82 3.50
N SER K 1037 -29.31 -66.42 3.88
CA SER K 1037 -28.27 -66.18 2.90
C SER K 1037 -27.60 -67.49 2.50
N LYS K 1038 -26.77 -67.42 1.46
CA LYS K 1038 -26.04 -68.58 0.98
C LYS K 1038 -24.54 -68.35 0.91
N ARG K 1039 -24.09 -67.14 0.58
CA ARG K 1039 -22.67 -66.88 0.47
C ARG K 1039 -21.99 -66.98 1.83
N VAL K 1040 -20.83 -67.62 1.85
CA VAL K 1040 -20.14 -67.88 3.10
C VAL K 1040 -19.52 -66.61 3.63
N ASP K 1041 -19.60 -66.42 4.95
CA ASP K 1041 -18.93 -65.32 5.65
C ASP K 1041 -19.39 -63.95 5.16
N PHE K 1042 -20.65 -63.84 4.73
CA PHE K 1042 -21.21 -62.53 4.45
C PHE K 1042 -21.68 -61.86 5.74
N CYS K 1043 -22.64 -62.48 6.41
CA CYS K 1043 -23.07 -62.06 7.74
C CYS K 1043 -22.95 -63.26 8.67
N GLY K 1044 -22.17 -63.10 9.74
CA GLY K 1044 -21.87 -64.18 10.64
C GLY K 1044 -20.66 -65.00 10.19
N LYS K 1045 -20.20 -65.85 11.09
CA LYS K 1045 -19.06 -66.71 10.85
C LYS K 1045 -19.54 -68.15 10.67
N GLY K 1046 -19.07 -68.81 9.62
CA GLY K 1046 -19.53 -70.14 9.33
C GLY K 1046 -20.90 -70.14 8.67
N TYR K 1047 -21.54 -71.31 8.72
CA TYR K 1047 -22.87 -71.44 8.16
C TYR K 1047 -23.86 -70.55 8.89
N HIS K 1048 -24.69 -69.85 8.14
CA HIS K 1048 -25.61 -68.86 8.69
C HIS K 1048 -27.01 -69.46 8.82
N LEU K 1049 -27.73 -69.05 9.87
CA LEU K 1049 -29.09 -69.52 10.12
C LEU K 1049 -30.11 -68.41 9.99
N MET K 1050 -29.96 -67.33 10.76
CA MET K 1050 -30.89 -66.20 10.70
C MET K 1050 -30.22 -65.04 11.44
N SER K 1051 -30.97 -63.95 11.58
CA SER K 1051 -30.43 -62.77 12.24
C SER K 1051 -31.56 -61.98 12.88
N PHE K 1052 -31.19 -61.15 13.85
CA PHE K 1052 -32.12 -60.27 14.54
C PHE K 1052 -31.57 -58.85 14.48
N PRO K 1053 -32.39 -57.86 14.14
CA PRO K 1053 -31.92 -56.47 14.17
C PRO K 1053 -32.24 -55.78 15.48
N GLN K 1054 -31.39 -54.82 15.84
CA GLN K 1054 -31.59 -54.01 17.02
C GLN K 1054 -31.20 -52.57 16.71
N SER K 1055 -31.87 -51.63 17.37
CA SER K 1055 -31.63 -50.22 17.11
C SER K 1055 -30.44 -49.69 17.92
N ALA K 1056 -29.95 -48.54 17.51
CA ALA K 1056 -28.83 -47.89 18.18
C ALA K 1056 -29.02 -46.38 18.06
N PRO K 1057 -28.38 -45.59 18.92
CA PRO K 1057 -28.55 -44.13 18.84
C PRO K 1057 -28.22 -43.54 17.48
N HIS K 1058 -27.18 -44.02 16.81
CA HIS K 1058 -26.83 -43.54 15.48
C HIS K 1058 -26.39 -44.69 14.59
N GLY K 1059 -27.13 -45.79 14.63
CA GLY K 1059 -26.78 -46.94 13.82
C GLY K 1059 -27.71 -48.10 14.09
N VAL K 1060 -27.28 -49.28 13.65
CA VAL K 1060 -28.04 -50.51 13.81
C VAL K 1060 -27.09 -51.58 14.32
N VAL K 1061 -27.64 -52.55 15.06
CA VAL K 1061 -26.88 -53.65 15.63
C VAL K 1061 -27.53 -54.96 15.20
N PHE K 1062 -26.73 -55.85 14.61
CA PHE K 1062 -27.20 -57.13 14.12
C PHE K 1062 -26.69 -58.25 15.01
N LEU K 1063 -27.55 -59.23 15.28
CA LEU K 1063 -27.18 -60.44 16.00
C LEU K 1063 -27.38 -61.62 15.06
N HIS K 1064 -26.27 -62.25 14.65
CA HIS K 1064 -26.32 -63.40 13.77
C HIS K 1064 -26.23 -64.68 14.59
N VAL K 1065 -27.08 -65.65 14.26
CA VAL K 1065 -27.03 -66.98 14.84
C VAL K 1065 -26.30 -67.89 13.85
N THR K 1066 -25.25 -68.54 14.32
CA THR K 1066 -24.38 -69.31 13.44
C THR K 1066 -24.33 -70.77 13.87
N TYR K 1067 -24.01 -71.63 12.91
CA TYR K 1067 -23.92 -73.07 13.13
C TYR K 1067 -22.48 -73.52 12.92
N VAL K 1068 -21.92 -74.18 13.93
CA VAL K 1068 -20.51 -74.56 13.90
C VAL K 1068 -20.34 -76.00 14.37
N PRO K 1069 -19.69 -76.86 13.59
CA PRO K 1069 -19.48 -78.24 14.04
C PRO K 1069 -18.19 -78.40 14.83
N ALA K 1070 -18.07 -79.56 15.47
CA ALA K 1070 -16.89 -79.89 16.28
C ALA K 1070 -16.88 -81.40 16.50
N GLN K 1071 -15.90 -81.87 17.27
CA GLN K 1071 -15.75 -83.28 17.65
C GLN K 1071 -15.59 -84.16 16.40
N GLU K 1072 -14.47 -83.94 15.72
CA GLU K 1072 -14.18 -84.66 14.49
C GLU K 1072 -13.74 -86.09 14.77
N LYS K 1073 -13.74 -86.91 13.72
CA LYS K 1073 -13.35 -88.32 13.80
C LYS K 1073 -12.48 -88.64 12.60
N ASN K 1074 -12.16 -89.92 12.43
CA ASN K 1074 -11.36 -90.42 11.32
C ASN K 1074 -12.06 -91.61 10.70
N PHE K 1075 -11.88 -91.78 9.40
CA PHE K 1075 -12.52 -92.88 8.68
C PHE K 1075 -11.71 -93.20 7.43
N THR K 1076 -11.95 -94.40 6.90
CA THR K 1076 -11.36 -94.84 5.64
C THR K 1076 -12.43 -94.83 4.56
N THR K 1077 -12.15 -94.13 3.46
CA THR K 1077 -13.15 -93.85 2.45
C THR K 1077 -12.79 -94.53 1.13
N ALA K 1078 -13.69 -94.38 0.16
CA ALA K 1078 -13.50 -94.91 -1.19
C ALA K 1078 -14.41 -94.15 -2.13
N PRO K 1079 -14.03 -93.97 -3.39
CA PRO K 1079 -14.84 -93.16 -4.30
C PRO K 1079 -15.98 -93.92 -4.96
N ALA K 1080 -15.83 -95.23 -5.15
CA ALA K 1080 -16.80 -96.00 -5.92
C ALA K 1080 -16.90 -97.40 -5.36
N ILE K 1081 -18.00 -98.07 -5.69
CA ILE K 1081 -18.27 -99.43 -5.26
C ILE K 1081 -18.51 -100.30 -6.48
N CYS K 1082 -17.84 -101.45 -6.53
CA CYS K 1082 -17.95 -102.40 -7.63
C CYS K 1082 -18.75 -103.61 -7.18
N HIS K 1083 -19.71 -104.03 -8.00
CA HIS K 1083 -20.54 -105.18 -7.68
C HIS K 1083 -21.02 -105.80 -8.98
N ASP K 1084 -20.68 -107.09 -9.19
CA ASP K 1084 -21.09 -107.83 -10.38
C ASP K 1084 -20.62 -107.15 -11.65
N GLY K 1085 -19.41 -106.59 -11.61
CA GLY K 1085 -18.83 -105.94 -12.78
C GLY K 1085 -19.40 -104.58 -13.11
N LYS K 1086 -20.21 -104.00 -12.23
CA LYS K 1086 -20.82 -102.70 -12.45
C LYS K 1086 -20.32 -101.70 -11.42
N ALA K 1087 -20.46 -100.42 -11.74
CA ALA K 1087 -20.04 -99.34 -10.87
C ALA K 1087 -21.26 -98.71 -10.21
N HIS K 1088 -21.18 -98.50 -8.90
CA HIS K 1088 -22.26 -97.91 -8.13
C HIS K 1088 -21.76 -96.61 -7.50
N PHE K 1089 -22.59 -95.57 -7.55
CA PHE K 1089 -22.27 -94.26 -7.01
C PHE K 1089 -23.36 -93.81 -6.06
N PRO K 1090 -23.02 -93.04 -5.02
CA PRO K 1090 -24.05 -92.58 -4.08
C PRO K 1090 -24.88 -91.44 -4.67
N ARG K 1091 -26.18 -91.49 -4.42
CA ARG K 1091 -27.06 -90.43 -4.89
C ARG K 1091 -26.72 -89.09 -4.25
N GLU K 1092 -26.46 -89.10 -2.95
CA GLU K 1092 -26.06 -87.89 -2.23
C GLU K 1092 -25.34 -88.29 -0.96
N GLY K 1093 -24.11 -87.83 -0.78
CA GLY K 1093 -23.35 -88.17 0.39
C GLY K 1093 -21.93 -88.60 0.08
N VAL K 1094 -21.40 -89.54 0.86
CA VAL K 1094 -20.03 -90.02 0.68
C VAL K 1094 -19.93 -91.38 1.35
N PHE K 1095 -19.04 -92.22 0.84
CA PHE K 1095 -18.86 -93.55 1.38
C PHE K 1095 -17.87 -93.53 2.55
N VAL K 1096 -18.21 -94.25 3.61
CA VAL K 1096 -17.35 -94.36 4.78
C VAL K 1096 -17.28 -95.83 5.19
N SER K 1097 -16.23 -96.15 5.95
CA SER K 1097 -16.04 -97.51 6.44
C SER K 1097 -15.13 -97.46 7.65
N ASN K 1098 -15.53 -98.11 8.73
CA ASN K 1098 -14.72 -98.16 9.94
C ASN K 1098 -13.71 -99.30 9.94
N GLY K 1099 -13.74 -100.17 8.93
CA GLY K 1099 -12.78 -101.25 8.85
C GLY K 1099 -13.37 -102.57 8.42
N THR K 1100 -14.65 -102.79 8.72
CA THR K 1100 -15.32 -104.04 8.40
C THR K 1100 -16.61 -103.88 7.61
N HIS K 1101 -17.28 -102.73 7.69
CA HIS K 1101 -18.55 -102.52 7.00
C HIS K 1101 -18.52 -101.15 6.34
N TRP K 1102 -19.33 -101.01 5.29
CA TRP K 1102 -19.38 -99.80 4.48
C TRP K 1102 -20.75 -99.15 4.60
N PHE K 1103 -20.76 -97.85 4.89
CA PHE K 1103 -21.98 -97.09 5.11
C PHE K 1103 -21.91 -95.79 4.34
N VAL K 1104 -23.06 -95.13 4.21
CA VAL K 1104 -23.16 -93.84 3.53
C VAL K 1104 -23.75 -92.83 4.50
N THR K 1105 -23.11 -91.66 4.59
CA THR K 1105 -23.55 -90.60 5.48
C THR K 1105 -23.58 -89.28 4.72
N GLN K 1106 -24.15 -88.26 5.36
CA GLN K 1106 -24.20 -86.94 4.78
C GLN K 1106 -22.85 -86.25 4.91
N ARG K 1107 -22.76 -85.03 4.38
CA ARG K 1107 -21.49 -84.33 4.36
C ARG K 1107 -21.14 -83.73 5.72
N ASN K 1108 -22.14 -83.31 6.51
CA ASN K 1108 -21.90 -82.57 7.72
C ASN K 1108 -22.45 -83.25 8.97
N PHE K 1109 -22.74 -84.54 8.91
CA PHE K 1109 -23.22 -85.26 10.09
C PHE K 1109 -22.95 -86.74 9.88
N TYR K 1110 -22.93 -87.49 10.98
CA TYR K 1110 -22.60 -88.91 10.96
C TYR K 1110 -23.80 -89.72 11.45
N GLU K 1111 -24.63 -90.17 10.51
CA GLU K 1111 -25.74 -91.08 10.80
C GLU K 1111 -25.69 -92.23 9.80
N PRO K 1112 -24.83 -93.22 10.04
CA PRO K 1112 -24.63 -94.28 9.04
C PRO K 1112 -25.91 -95.06 8.78
N GLN K 1113 -26.09 -95.46 7.52
CA GLN K 1113 -27.22 -96.24 7.08
C GLN K 1113 -26.74 -97.39 6.21
N ILE K 1114 -27.53 -98.46 6.17
CA ILE K 1114 -27.18 -99.61 5.36
C ILE K 1114 -27.28 -99.26 3.88
N ILE K 1115 -26.24 -99.58 3.12
CA ILE K 1115 -26.23 -99.27 1.70
C ILE K 1115 -27.21 -100.18 0.97
N THR K 1116 -28.07 -99.58 0.16
CA THR K 1116 -29.05 -100.32 -0.64
C THR K 1116 -29.04 -99.77 -2.06
N THR K 1117 -29.94 -100.28 -2.90
CA THR K 1117 -30.06 -99.79 -4.26
C THR K 1117 -30.93 -98.55 -4.36
N ASP K 1118 -31.58 -98.15 -3.28
CA ASP K 1118 -32.46 -96.98 -3.31
C ASP K 1118 -31.70 -95.67 -3.20
N ASN K 1119 -30.50 -95.68 -2.60
CA ASN K 1119 -29.69 -94.48 -2.46
C ASN K 1119 -28.41 -94.55 -3.28
N THR K 1120 -28.46 -95.24 -4.43
CA THR K 1120 -27.32 -95.34 -5.32
C THR K 1120 -27.83 -95.53 -6.74
N PHE K 1121 -26.96 -95.20 -7.71
CA PHE K 1121 -27.27 -95.37 -9.11
C PHE K 1121 -26.07 -95.95 -9.84
N VAL K 1122 -26.34 -96.64 -10.95
CA VAL K 1122 -25.33 -97.36 -11.70
C VAL K 1122 -25.01 -96.59 -12.98
N SER K 1123 -23.73 -96.58 -13.36
CA SER K 1123 -23.30 -95.90 -14.59
C SER K 1123 -22.08 -96.64 -15.13
N GLY K 1124 -22.31 -97.52 -16.11
CA GLY K 1124 -21.21 -98.22 -16.75
C GLY K 1124 -20.58 -99.27 -15.85
N ASN K 1125 -19.38 -99.69 -16.25
CA ASN K 1125 -18.60 -100.67 -15.51
C ASN K 1125 -17.34 -100.02 -14.95
N CYS K 1126 -16.93 -100.46 -13.77
CA CYS K 1126 -15.79 -99.88 -13.07
C CYS K 1126 -14.53 -100.61 -13.51
N ASP K 1127 -13.87 -100.07 -14.53
CA ASP K 1127 -12.60 -100.59 -15.00
C ASP K 1127 -11.56 -99.48 -15.08
N VAL K 1128 -12.04 -98.25 -15.34
CA VAL K 1128 -11.16 -97.10 -15.43
C VAL K 1128 -11.22 -96.26 -14.15
N VAL K 1129 -12.21 -96.45 -13.30
CA VAL K 1129 -12.29 -95.70 -12.05
C VAL K 1129 -11.11 -96.04 -11.16
N ILE K 1130 -10.53 -95.02 -10.54
CA ILE K 1130 -9.38 -95.18 -9.66
C ILE K 1130 -9.85 -95.24 -8.23
N GLY K 1131 -9.40 -96.25 -7.49
CA GLY K 1131 -9.76 -96.40 -6.09
C GLY K 1131 -10.93 -97.33 -5.82
N ILE K 1132 -11.35 -98.12 -6.80
CA ILE K 1132 -12.48 -99.02 -6.59
C ILE K 1132 -12.16 -100.04 -5.49
N VAL K 1133 -13.20 -100.51 -4.82
CA VAL K 1133 -13.07 -101.49 -3.76
C VAL K 1133 -14.17 -102.53 -3.93
N ASN K 1134 -13.83 -103.79 -3.71
CA ASN K 1134 -14.82 -104.86 -3.81
C ASN K 1134 -15.75 -104.84 -2.60
N ASN K 1135 -17.03 -105.10 -2.84
CA ASN K 1135 -18.05 -105.12 -1.80
C ASN K 1135 -19.29 -105.81 -2.37
N THR K 1136 -20.39 -105.75 -1.63
CA THR K 1136 -21.67 -106.28 -2.06
C THR K 1136 -22.74 -105.24 -1.84
N VAL K 1137 -23.79 -105.30 -2.67
CA VAL K 1137 -24.90 -104.36 -2.62
C VAL K 1137 -26.17 -105.14 -2.28
N TYR K 1138 -26.88 -104.69 -1.26
CA TYR K 1138 -28.11 -105.34 -0.82
C TYR K 1138 -29.31 -104.66 -1.46
N ASP K 1139 -30.25 -105.48 -1.95
CA ASP K 1139 -31.47 -105.00 -2.56
C ASP K 1139 -32.65 -105.21 -1.63
N PRO K 1140 -33.65 -104.32 -1.64
CA PRO K 1140 -34.78 -104.46 -0.74
C PRO K 1140 -35.91 -105.34 -1.25
N LEU K 1141 -35.94 -105.65 -2.55
CA LEU K 1141 -37.01 -106.48 -3.08
C LEU K 1141 -36.85 -107.95 -2.74
N GLN K 1142 -35.61 -108.41 -2.60
CA GLN K 1142 -35.35 -109.84 -2.39
C GLN K 1142 -36.00 -110.40 -1.12
N PRO K 1143 -35.92 -109.75 0.05
CA PRO K 1143 -36.50 -110.37 1.25
C PRO K 1143 -37.98 -110.69 1.13
N GLU K 1144 -38.76 -109.84 0.48
CA GLU K 1144 -40.17 -110.12 0.27
C GLU K 1144 -40.45 -110.82 -1.05
N LEU K 1145 -39.44 -110.99 -1.90
CA LEU K 1145 -39.63 -111.75 -3.14
C LEU K 1145 -39.84 -113.23 -2.89
N ASP K 1146 -39.54 -113.71 -1.69
CA ASP K 1146 -39.71 -115.13 -1.36
C ASP K 1146 -41.07 -115.37 -0.72
N GLU L 1 18.16 33.69 -32.19
CA GLU L 1 18.94 32.89 -33.12
C GLU L 1 18.08 32.38 -34.27
N VAL L 2 17.13 33.20 -34.72
CA VAL L 2 16.25 32.80 -35.80
C VAL L 2 16.99 32.94 -37.13
N GLN L 3 16.72 32.02 -38.06
CA GLN L 3 17.30 32.06 -39.39
C GLN L 3 16.24 31.68 -40.41
N LEU L 4 16.46 32.12 -41.64
CA LEU L 4 15.49 31.91 -42.71
C LEU L 4 16.24 31.57 -43.99
N GLU L 5 15.95 30.41 -44.56
CA GLU L 5 16.66 29.92 -45.73
C GLU L 5 15.67 29.47 -46.79
N GLU L 6 16.07 29.60 -48.05
CA GLU L 6 15.27 29.24 -49.21
C GLU L 6 15.96 28.15 -50.02
N SER L 7 15.37 27.85 -51.18
CA SER L 7 15.90 26.83 -52.07
C SER L 7 17.01 27.41 -52.93
N GLY L 8 17.41 26.67 -53.96
CA GLY L 8 18.51 27.07 -54.82
C GLY L 8 18.03 27.82 -56.05
N PRO L 9 18.98 28.15 -56.92
CA PRO L 9 18.61 28.82 -58.18
C PRO L 9 17.77 27.93 -59.08
N GLY L 10 17.00 28.58 -59.94
CA GLY L 10 16.11 27.91 -60.88
C GLY L 10 16.62 28.05 -62.30
N LEU L 11 16.55 26.93 -63.03
CA LEU L 11 16.93 26.85 -64.44
C LEU L 11 15.65 26.41 -65.15
N VAL L 12 14.93 27.39 -65.67
CA VAL L 12 13.64 27.15 -66.32
C VAL L 12 13.57 27.92 -67.64
N GLN L 13 12.62 27.50 -68.48
CA GLN L 13 12.22 27.99 -69.79
C GLN L 13 10.88 28.72 -69.70
N PRO L 14 10.62 29.70 -70.56
CA PRO L 14 9.33 30.42 -70.47
C PRO L 14 8.19 29.60 -71.05
N SER L 15 7.39 28.99 -70.16
CA SER L 15 6.26 28.14 -70.54
C SER L 15 5.65 27.48 -69.32
N GLN L 16 6.48 26.78 -68.54
CA GLN L 16 6.00 25.92 -67.47
C GLN L 16 5.90 26.70 -66.16
N SER L 17 5.70 25.97 -65.06
CA SER L 17 5.60 26.55 -63.73
C SER L 17 6.79 26.12 -62.88
N LEU L 18 6.91 26.74 -61.71
CA LEU L 18 7.98 26.42 -60.78
C LEU L 18 7.49 26.66 -59.36
N SER L 19 8.19 26.05 -58.40
CA SER L 19 7.89 26.17 -56.99
C SER L 19 9.13 26.60 -56.23
N ILE L 20 8.94 27.47 -55.25
CA ILE L 20 10.02 27.98 -54.41
C ILE L 20 9.70 27.61 -52.96
N THR L 21 10.66 26.98 -52.29
CA THR L 21 10.48 26.52 -50.92
C THR L 21 11.14 27.51 -49.96
N CYS L 22 10.35 28.02 -49.01
CA CYS L 22 10.84 28.91 -47.96
C CYS L 22 10.58 28.25 -46.62
N THR L 23 11.64 28.02 -45.86
CA THR L 23 11.55 27.29 -44.60
C THR L 23 12.06 28.17 -43.46
N VAL L 24 11.31 28.21 -42.37
CA VAL L 24 11.68 28.98 -41.19
C VAL L 24 12.15 28.01 -40.12
N SER L 25 12.83 28.55 -39.10
CA SER L 25 13.28 27.75 -37.99
C SER L 25 13.58 28.66 -36.80
N ASP L 26 13.64 28.06 -35.62
CA ASP L 26 13.96 28.73 -34.35
C ASP L 26 12.91 29.73 -33.93
N PHE L 27 11.75 29.74 -34.58
CA PHE L 27 10.63 30.56 -34.12
C PHE L 27 9.34 29.94 -34.65
N SER L 28 8.23 30.27 -33.99
CA SER L 28 6.95 29.65 -34.29
C SER L 28 6.32 30.33 -35.50
N LEU L 29 6.17 29.60 -36.60
CA LEU L 29 5.52 30.14 -37.78
C LEU L 29 4.01 30.25 -37.60
N THR L 30 3.44 29.50 -36.65
CA THR L 30 2.00 29.50 -36.46
C THR L 30 1.47 30.84 -35.94
N THR L 31 2.36 31.76 -35.54
CA THR L 31 1.95 33.04 -35.01
C THR L 31 2.28 34.22 -35.93
N TYR L 32 3.07 34.02 -36.97
CA TYR L 32 3.44 35.08 -37.88
C TYR L 32 3.26 34.65 -39.32
N GLY L 33 3.05 35.63 -40.20
CA GLY L 33 2.88 35.39 -41.62
C GLY L 33 4.20 35.40 -42.37
N VAL L 34 4.08 35.28 -43.69
CA VAL L 34 5.23 35.22 -44.58
C VAL L 34 4.98 36.13 -45.77
N HIS L 35 5.97 36.96 -46.11
CA HIS L 35 5.90 37.87 -47.24
C HIS L 35 6.81 37.41 -48.37
N TRP L 36 6.42 37.72 -49.60
CA TRP L 36 7.20 37.40 -50.78
C TRP L 36 7.42 38.66 -51.61
N VAL L 37 8.68 38.95 -51.92
CA VAL L 37 9.07 40.13 -52.67
C VAL L 37 10.08 39.73 -53.74
N ARG L 38 9.88 40.21 -54.97
CA ARG L 38 10.77 39.93 -56.07
C ARG L 38 11.54 41.20 -56.46
N GLN L 39 12.69 41.00 -57.10
CA GLN L 39 13.54 42.09 -57.54
C GLN L 39 14.20 41.71 -58.85
N SER L 40 13.72 42.30 -59.96
CA SER L 40 14.33 42.04 -61.26
C SER L 40 15.61 42.83 -61.42
N PRO L 41 16.55 42.34 -62.23
CA PRO L 41 17.77 43.12 -62.52
C PRO L 41 17.42 44.44 -63.19
N GLY L 42 17.86 45.53 -62.59
CA GLY L 42 17.52 46.85 -63.07
C GLY L 42 16.16 47.34 -62.64
N LYS L 43 15.47 46.61 -61.76
CA LYS L 43 14.15 46.99 -61.28
C LYS L 43 14.12 46.88 -59.76
N GLY L 44 13.24 47.66 -59.15
CA GLY L 44 13.11 47.70 -57.71
C GLY L 44 12.38 46.49 -57.15
N LEU L 45 12.24 46.49 -55.83
CA LEU L 45 11.55 45.40 -55.14
C LEU L 45 10.06 45.46 -55.44
N GLU L 46 9.49 44.31 -55.77
CA GLU L 46 8.06 44.19 -56.02
C GLU L 46 7.50 43.09 -55.12
N TRP L 47 6.50 43.44 -54.33
CA TRP L 47 5.86 42.47 -53.44
C TRP L 47 4.83 41.66 -54.20
N LEU L 48 4.85 40.34 -53.98
CA LEU L 48 3.96 39.43 -54.69
C LEU L 48 2.74 39.05 -53.85
N GLY L 49 2.98 38.49 -52.67
CA GLY L 49 1.87 38.03 -51.85
C GLY L 49 2.30 37.82 -50.42
N VAL L 50 1.30 37.66 -49.55
CA VAL L 50 1.54 37.39 -48.14
C VAL L 50 0.54 36.34 -47.67
N ILE L 51 1.01 35.41 -46.84
CA ILE L 51 0.19 34.36 -46.28
C ILE L 51 0.20 34.51 -44.76
N TRP L 52 -0.96 34.28 -44.14
CA TRP L 52 -1.10 34.39 -42.70
C TRP L 52 -1.53 33.03 -42.14
N SER L 53 -1.13 32.77 -40.89
CA SER L 53 -1.36 31.47 -40.28
C SER L 53 -2.84 31.15 -40.12
N GLY L 54 -3.71 32.16 -40.17
CA GLY L 54 -5.14 31.93 -40.07
C GLY L 54 -5.77 31.50 -41.37
N GLY L 55 -4.96 31.00 -42.29
CA GLY L 55 -5.45 30.60 -43.59
C GLY L 55 -5.75 31.74 -44.54
N SER L 56 -5.16 32.91 -44.30
CA SER L 56 -5.39 34.07 -45.15
C SER L 56 -4.34 34.14 -46.26
N THR L 57 -4.81 34.40 -47.47
CA THR L 57 -3.95 34.54 -48.63
C THR L 57 -4.25 35.87 -49.32
N ASP L 58 -3.21 36.68 -49.49
CA ASP L 58 -3.32 37.96 -50.19
C ASP L 58 -2.28 38.01 -51.29
N TYR L 59 -2.67 38.52 -52.45
CA TYR L 59 -1.78 38.59 -53.61
C TYR L 59 -1.74 40.01 -54.16
N ASN L 60 -0.70 40.28 -54.93
CA ASN L 60 -0.57 41.57 -55.59
C ASN L 60 -1.59 41.70 -56.72
N ALA L 61 -1.84 42.94 -57.14
CA ALA L 61 -2.81 43.19 -58.19
C ALA L 61 -2.39 42.57 -59.51
N ALA L 62 -1.10 42.66 -59.85
CA ALA L 62 -0.62 42.14 -61.13
C ALA L 62 -0.34 40.65 -61.11
N PHE L 63 -0.34 40.02 -59.94
CA PHE L 63 -0.03 38.60 -59.81
C PHE L 63 -1.13 37.86 -59.07
N ILE L 64 -2.36 38.37 -59.12
CA ILE L 64 -3.46 37.76 -58.39
C ILE L 64 -3.82 36.42 -58.99
N SER L 65 -3.77 36.29 -60.30
CA SER L 65 -4.22 35.09 -61.01
C SER L 65 -3.08 34.18 -61.43
N ARG L 66 -1.86 34.42 -60.95
CA ARG L 66 -0.71 33.63 -61.37
C ARG L 66 0.15 33.18 -60.18
N LEU L 67 -0.40 33.20 -58.97
CA LEU L 67 0.36 32.86 -57.78
C LEU L 67 -0.40 31.88 -56.93
N SER L 68 0.36 31.06 -56.18
CA SER L 68 -0.21 30.11 -55.24
C SER L 68 0.74 29.98 -54.06
N ILE L 69 0.22 30.25 -52.86
CA ILE L 69 1.01 30.20 -51.64
C ILE L 69 0.38 29.17 -50.71
N SER L 70 1.21 28.27 -50.19
CA SER L 70 0.76 27.22 -49.28
C SER L 70 1.64 27.20 -48.05
N LYS L 71 1.04 26.90 -46.90
CA LYS L 71 1.75 26.82 -45.64
C LYS L 71 1.52 25.46 -45.00
N ASP L 72 2.58 24.89 -44.43
CA ASP L 72 2.51 23.61 -43.73
C ASP L 72 3.24 23.76 -42.40
N ASN L 73 2.47 23.75 -41.30
CA ASN L 73 3.05 23.89 -39.98
C ASN L 73 3.68 22.60 -39.47
N SER L 74 3.49 21.48 -40.17
CA SER L 74 4.10 20.22 -39.74
C SER L 74 5.62 20.31 -39.80
N LYS L 75 6.16 20.91 -40.87
CA LYS L 75 7.60 21.09 -41.02
C LYS L 75 7.99 22.55 -41.16
N SER L 76 7.04 23.48 -41.00
CA SER L 76 7.30 24.92 -41.09
C SER L 76 7.92 25.28 -42.45
N GLN L 77 7.17 24.99 -43.50
CA GLN L 77 7.61 25.23 -44.86
C GLN L 77 6.56 26.03 -45.62
N VAL L 78 7.01 26.97 -46.45
CA VAL L 78 6.14 27.80 -47.26
C VAL L 78 6.45 27.50 -48.72
N PHE L 79 5.41 27.15 -49.49
CA PHE L 79 5.55 26.82 -50.89
C PHE L 79 4.98 27.94 -51.75
N PHE L 80 5.80 28.46 -52.66
CA PHE L 80 5.43 29.58 -53.52
C PHE L 80 5.45 29.08 -54.96
N LYS L 81 4.27 28.89 -55.54
CA LYS L 81 4.12 28.37 -56.89
C LYS L 81 3.62 29.48 -57.80
N MET L 82 4.26 29.63 -58.96
CA MET L 82 3.85 30.59 -59.96
C MET L 82 3.82 29.90 -61.33
N ASN L 83 2.98 30.43 -62.22
CA ASN L 83 2.82 29.89 -63.56
C ASN L 83 3.00 31.02 -64.58
N SER L 84 2.90 30.65 -65.85
CA SER L 84 3.05 31.58 -66.98
C SER L 84 4.41 32.27 -66.93
N LEU L 85 5.46 31.45 -67.01
CA LEU L 85 6.82 31.98 -66.97
C LEU L 85 7.11 32.79 -68.24
N GLN L 86 7.76 33.93 -68.05
CA GLN L 86 8.12 34.83 -69.14
C GLN L 86 9.59 35.21 -69.01
N THR L 87 10.10 35.89 -70.03
CA THR L 87 11.50 36.31 -70.02
C THR L 87 11.79 37.26 -68.87
N ASN L 88 10.86 38.18 -68.58
CA ASN L 88 11.04 39.13 -67.50
C ASN L 88 10.98 38.49 -66.12
N ASP L 89 10.54 37.23 -66.03
CA ASP L 89 10.46 36.56 -64.73
C ASP L 89 11.83 36.29 -64.11
N THR L 90 12.91 36.44 -64.87
CA THR L 90 14.24 36.30 -64.31
C THR L 90 14.50 37.39 -63.28
N ALA L 91 14.58 37.00 -62.02
CA ALA L 91 14.69 37.96 -60.92
C ALA L 91 15.16 37.23 -59.67
N ILE L 92 15.19 37.93 -58.55
CA ILE L 92 15.52 37.36 -57.24
C ILE L 92 14.29 37.51 -56.35
N TYR L 93 13.81 36.39 -55.82
CA TYR L 93 12.59 36.35 -55.03
C TYR L 93 12.93 36.17 -53.56
N TYR L 94 12.50 37.12 -52.73
CA TYR L 94 12.78 37.11 -51.30
C TYR L 94 11.54 36.64 -50.54
N CYS L 95 11.73 35.74 -49.60
CA CYS L 95 10.71 35.36 -48.63
C CYS L 95 11.11 35.88 -47.26
N ALA L 96 10.13 36.39 -46.51
CA ALA L 96 10.39 36.99 -45.20
C ALA L 96 9.16 36.81 -44.33
N ARG L 97 9.36 36.95 -43.03
CA ARG L 97 8.32 36.73 -42.04
C ARG L 97 7.59 38.03 -41.72
N MET L 98 6.41 37.89 -41.11
CA MET L 98 5.58 39.03 -40.75
C MET L 98 5.85 39.41 -39.29
N GLY L 99 6.13 40.69 -39.07
CA GLY L 99 6.42 41.18 -37.74
C GLY L 99 5.18 41.68 -37.01
N ASP L 100 5.30 41.77 -35.70
CA ASP L 100 4.21 42.27 -34.88
C ASP L 100 4.03 43.77 -35.05
N GLY L 101 2.80 44.23 -34.97
CA GLY L 101 2.50 45.65 -35.13
C GLY L 101 1.36 45.90 -36.09
N TYR L 102 1.60 46.69 -37.12
CA TYR L 102 0.60 47.02 -38.11
C TYR L 102 0.82 46.19 -39.38
N TYR L 103 -0.20 46.20 -40.24
CA TYR L 103 -0.19 45.35 -41.43
C TYR L 103 0.94 45.73 -42.37
N VAL L 104 1.16 47.03 -42.58
CA VAL L 104 2.26 47.52 -43.38
C VAL L 104 3.37 47.98 -42.44
N GLY L 105 4.60 47.53 -42.72
CA GLY L 105 5.71 47.76 -41.83
C GLY L 105 6.07 46.51 -41.05
N ALA L 106 6.56 46.69 -39.82
CA ALA L 106 6.94 45.57 -38.95
C ALA L 106 7.96 44.69 -39.64
N MET L 107 8.88 45.33 -40.35
CA MET L 107 9.89 44.66 -41.16
C MET L 107 11.15 44.58 -40.31
N ASP L 108 11.30 43.49 -39.56
CA ASP L 108 12.43 43.35 -38.67
C ASP L 108 13.64 42.78 -39.40
N TYR L 109 13.49 41.62 -40.02
CA TYR L 109 14.56 41.02 -40.80
C TYR L 109 13.95 40.32 -42.00
N TRP L 110 14.81 39.63 -42.76
CA TRP L 110 14.41 39.05 -44.04
C TRP L 110 15.17 37.75 -44.23
N GLY L 111 15.14 37.25 -45.46
CA GLY L 111 15.91 36.06 -45.82
C GLY L 111 16.47 36.18 -47.22
N GLN L 112 17.64 35.59 -47.42
CA GLN L 112 18.28 35.63 -48.72
C GLN L 112 17.46 34.80 -49.72
N GLY L 113 17.28 35.35 -50.92
CA GLY L 113 16.40 34.78 -51.90
C GLY L 113 17.10 33.90 -52.92
N THR L 114 16.30 33.37 -53.85
CA THR L 114 16.78 32.49 -54.90
C THR L 114 16.84 33.26 -56.22
N SER L 115 17.77 32.84 -57.08
CA SER L 115 17.96 33.45 -58.38
C SER L 115 17.34 32.56 -59.46
N VAL L 116 16.23 33.01 -60.03
CA VAL L 116 15.53 32.29 -61.08
C VAL L 116 15.95 32.87 -62.41
N THR L 117 16.44 32.02 -63.31
CA THR L 117 16.87 32.43 -64.64
C THR L 117 15.93 31.81 -65.66
N VAL L 118 15.34 32.65 -66.51
CA VAL L 118 14.39 32.23 -67.53
C VAL L 118 14.93 32.64 -68.88
N SER L 119 15.08 31.68 -69.79
CA SER L 119 15.58 31.94 -71.13
C SER L 119 15.12 30.83 -72.05
N SER L 120 15.20 31.09 -73.35
CA SER L 120 14.81 30.12 -74.36
C SER L 120 16.03 29.41 -74.93
N GLU M 1 -16.78 44.61 15.20
CA GLU M 1 -18.16 44.64 14.74
C GLU M 1 -19.10 44.02 15.77
N VAL M 2 -18.80 44.25 17.05
CA VAL M 2 -19.63 43.70 18.11
C VAL M 2 -20.89 44.55 18.26
N GLN M 3 -22.01 43.88 18.55
CA GLN M 3 -23.28 44.56 18.78
C GLN M 3 -23.99 43.91 19.96
N LEU M 4 -24.88 44.67 20.58
CA LEU M 4 -25.58 44.22 21.78
C LEU M 4 -27.03 44.68 21.70
N GLU M 5 -27.96 43.73 21.74
CA GLU M 5 -29.38 44.02 21.57
C GLU M 5 -30.18 43.36 22.69
N GLU M 6 -31.29 43.99 23.04
CA GLU M 6 -32.17 43.53 24.11
C GLU M 6 -33.56 43.26 23.55
N SER M 7 -34.49 42.96 24.46
CA SER M 7 -35.86 42.65 24.09
C SER M 7 -36.66 43.94 23.88
N GLY M 8 -37.98 43.82 23.78
CA GLY M 8 -38.83 44.96 23.52
C GLY M 8 -39.37 45.59 24.79
N PRO M 9 -40.23 46.58 24.62
CA PRO M 9 -40.86 47.21 25.79
C PRO M 9 -41.77 46.26 26.53
N GLY M 10 -41.95 46.54 27.82
CA GLY M 10 -42.79 45.75 28.70
C GLY M 10 -44.07 46.47 29.07
N LEU M 11 -45.17 45.73 29.05
CA LEU M 11 -46.50 46.21 29.42
C LEU M 11 -46.91 45.33 30.58
N VAL M 12 -46.68 45.82 31.80
CA VAL M 12 -46.94 45.07 33.01
C VAL M 12 -47.67 45.95 34.01
N GLN M 13 -48.29 45.28 35.01
CA GLN M 13 -49.03 45.77 36.16
C GLN M 13 -48.21 45.58 37.44
N PRO M 14 -48.41 46.43 38.46
CA PRO M 14 -47.62 46.25 39.68
C PRO M 14 -48.14 45.10 40.53
N SER M 15 -47.44 43.96 40.48
CA SER M 15 -47.81 42.75 41.20
C SER M 15 -46.91 41.58 40.82
N GLN M 16 -46.83 41.31 39.52
CA GLN M 16 -46.20 40.10 39.01
C GLN M 16 -44.71 40.35 38.74
N SER M 17 -44.06 39.40 38.07
CA SER M 17 -42.65 39.48 37.71
C SER M 17 -42.50 39.60 36.20
N LEU M 18 -41.28 39.88 35.78
CA LEU M 18 -40.97 40.00 34.36
C LEU M 18 -39.52 39.58 34.13
N SER M 19 -39.22 39.26 32.87
CA SER M 19 -37.88 38.84 32.47
C SER M 19 -37.42 39.69 31.29
N ILE M 20 -36.14 40.05 31.30
CA ILE M 20 -35.53 40.85 30.24
C ILE M 20 -34.40 40.04 29.63
N THR M 21 -34.41 39.91 28.31
CA THR M 21 -33.42 39.12 27.59
C THR M 21 -32.36 40.04 26.99
N CYS M 22 -31.11 39.77 27.33
CA CYS M 22 -29.97 40.51 26.79
C CYS M 22 -29.07 39.51 26.07
N THR M 23 -28.86 39.73 24.78
CA THR M 23 -28.11 38.81 23.92
C THR M 23 -26.91 39.52 23.33
N VAL M 24 -25.76 38.87 23.38
CA VAL M 24 -24.53 39.41 22.81
C VAL M 24 -24.22 38.64 21.53
N SER M 25 -23.33 39.21 20.72
CA SER M 25 -22.89 38.55 19.50
C SER M 25 -21.58 39.16 19.05
N ASP M 26 -20.88 38.43 18.17
CA ASP M 26 -19.62 38.84 17.56
C ASP M 26 -18.48 38.96 18.57
N PHE M 27 -18.67 38.47 19.80
CA PHE M 27 -17.59 38.38 20.75
C PHE M 27 -17.92 37.30 21.78
N SER M 28 -16.89 36.78 22.42
CA SER M 28 -17.04 35.65 23.33
C SER M 28 -17.54 36.13 24.68
N LEU M 29 -18.76 35.72 25.05
CA LEU M 29 -19.30 36.07 26.36
C LEU M 29 -18.65 35.28 27.48
N THR M 30 -18.03 34.14 27.16
CA THR M 30 -17.44 33.28 28.18
C THR M 30 -16.23 33.93 28.85
N THR M 31 -15.74 35.05 28.33
CA THR M 31 -14.58 35.72 28.90
C THR M 31 -14.91 37.06 29.56
N TYR M 32 -16.11 37.59 29.38
CA TYR M 32 -16.48 38.87 29.96
C TYR M 32 -17.83 38.76 30.65
N GLY M 33 -18.06 39.64 31.63
CA GLY M 33 -19.29 39.68 32.37
C GLY M 33 -20.32 40.61 31.72
N VAL M 34 -21.44 40.77 32.42
CA VAL M 34 -22.55 41.59 31.94
C VAL M 34 -23.05 42.46 33.10
N HIS M 35 -23.24 43.74 32.82
CA HIS M 35 -23.75 44.70 33.79
C HIS M 35 -25.17 45.11 33.46
N TRP M 36 -25.94 45.44 34.50
CA TRP M 36 -27.32 45.89 34.35
C TRP M 36 -27.49 47.22 35.08
N VAL M 37 -27.99 48.22 34.38
CA VAL M 37 -28.19 49.56 34.92
C VAL M 37 -29.56 50.06 34.50
N ARG M 38 -30.31 50.62 35.45
CA ARG M 38 -31.63 51.17 35.21
C ARG M 38 -31.60 52.69 35.30
N GLN M 39 -32.57 53.33 34.65
CA GLN M 39 -32.69 54.78 34.64
C GLN M 39 -34.15 55.15 34.62
N SER M 40 -34.67 55.62 35.77
CA SER M 40 -36.04 56.06 35.85
C SER M 40 -36.21 57.46 35.25
N PRO M 41 -37.39 57.78 34.72
CA PRO M 41 -37.63 59.14 34.24
C PRO M 41 -37.48 60.16 35.36
N GLY M 42 -36.61 61.13 35.14
CA GLY M 42 -36.30 62.11 36.17
C GLY M 42 -35.30 61.63 37.20
N LYS M 43 -34.70 60.46 37.01
CA LYS M 43 -33.73 59.90 37.94
C LYS M 43 -32.50 59.43 37.18
N GLY M 44 -31.37 59.42 37.87
CA GLY M 44 -30.11 59.03 37.26
C GLY M 44 -29.98 57.53 37.08
N LEU M 45 -28.84 57.15 36.52
CA LEU M 45 -28.56 55.73 36.29
C LEU M 45 -28.33 55.01 37.61
N GLU M 46 -28.97 53.85 37.77
CA GLU M 46 -28.81 53.02 38.96
C GLU M 46 -28.40 51.62 38.51
N TRP M 47 -27.27 51.15 39.04
CA TRP M 47 -26.79 49.82 38.69
C TRP M 47 -27.48 48.77 39.56
N LEU M 48 -27.93 47.69 38.92
CA LEU M 48 -28.67 46.64 39.60
C LEU M 48 -27.79 45.45 39.97
N GLY M 49 -27.13 44.85 38.99
CA GLY M 49 -26.31 43.68 39.26
C GLY M 49 -25.35 43.41 38.13
N VAL M 50 -24.40 42.51 38.41
CA VAL M 50 -23.42 42.09 37.43
C VAL M 50 -23.21 40.59 37.55
N ILE M 51 -23.09 39.93 36.41
CA ILE M 51 -22.86 38.49 36.34
C ILE M 51 -21.53 38.25 35.65
N TRP M 52 -20.77 37.27 36.15
CA TRP M 52 -19.47 36.93 35.59
C TRP M 52 -19.50 35.49 35.10
N SER M 53 -18.69 35.20 34.08
CA SER M 53 -18.71 33.89 33.44
C SER M 53 -18.29 32.78 34.39
N GLY M 54 -17.61 33.10 35.49
CA GLY M 54 -17.19 32.09 36.44
C GLY M 54 -18.30 31.72 37.40
N GLY M 55 -19.54 31.99 37.04
CA GLY M 55 -20.67 31.70 37.91
C GLY M 55 -20.84 32.68 39.05
N SER M 56 -20.28 33.88 38.94
CA SER M 56 -20.38 34.88 39.99
C SER M 56 -21.59 35.78 39.76
N THR M 57 -22.34 36.01 40.83
CA THR M 57 -23.50 36.89 40.78
C THR M 57 -23.37 37.94 41.88
N ASP M 58 -23.46 39.21 41.49
CA ASP M 58 -23.42 40.33 42.41
C ASP M 58 -24.63 41.21 42.18
N TYR M 59 -25.25 41.68 43.26
CA TYR M 59 -26.44 42.50 43.17
C TYR M 59 -26.25 43.79 43.97
N ASN M 60 -27.09 44.77 43.66
CA ASN M 60 -27.09 46.03 44.39
C ASN M 60 -27.66 45.82 45.79
N ALA M 61 -27.37 46.78 46.67
CA ALA M 61 -27.83 46.69 48.05
C ALA M 61 -29.36 46.74 48.13
N ALA M 62 -29.98 47.61 47.35
CA ALA M 62 -31.43 47.78 47.41
C ALA M 62 -32.18 46.74 46.58
N PHE M 63 -31.50 45.97 45.74
CA PHE M 63 -32.14 44.98 44.89
C PHE M 63 -31.53 43.60 45.09
N ILE M 64 -30.97 43.34 46.26
CA ILE M 64 -30.31 42.06 46.52
C ILE M 64 -31.33 40.92 46.55
N SER M 65 -32.50 41.18 47.12
CA SER M 65 -33.50 40.14 47.34
C SER M 65 -34.62 40.15 46.31
N ARG M 66 -34.47 40.91 45.23
CA ARG M 66 -35.53 41.02 44.22
C ARG M 66 -35.01 40.85 42.80
N LEU M 67 -33.82 40.28 42.63
CA LEU M 67 -33.21 40.15 41.32
C LEU M 67 -32.72 38.74 41.09
N SER M 68 -32.71 38.33 39.83
CA SER M 68 -32.19 37.04 39.42
C SER M 68 -31.55 37.17 38.05
N ILE M 69 -30.27 36.82 37.96
CA ILE M 69 -29.50 36.92 36.73
C ILE M 69 -29.01 35.54 36.35
N SER M 70 -29.23 35.15 35.09
CA SER M 70 -28.84 33.85 34.58
C SER M 70 -28.08 34.03 33.28
N LYS M 71 -27.07 33.18 33.06
CA LYS M 71 -26.26 33.21 31.85
C LYS M 71 -26.30 31.85 31.18
N ASP M 72 -26.40 31.85 29.85
CA ASP M 72 -26.39 30.63 29.06
C ASP M 72 -25.42 30.84 27.89
N ASN M 73 -24.28 30.14 27.94
CA ASN M 73 -23.28 30.26 26.89
C ASN M 73 -23.64 29.46 25.64
N SER M 74 -24.69 28.63 25.69
CA SER M 74 -25.09 27.87 24.51
C SER M 74 -25.56 28.81 23.40
N LYS M 75 -26.33 29.84 23.75
CA LYS M 75 -26.81 30.82 22.78
C LYS M 75 -26.37 32.23 23.12
N SER M 76 -25.52 32.40 24.13
CA SER M 76 -25.01 33.71 24.55
C SER M 76 -26.15 34.67 24.88
N GLN M 77 -26.95 34.27 25.88
CA GLN M 77 -28.11 35.04 26.31
C GLN M 77 -28.05 35.26 27.80
N VAL M 78 -28.45 36.45 28.24
CA VAL M 78 -28.49 36.83 29.64
C VAL M 78 -29.94 37.12 30.02
N PHE M 79 -30.43 36.44 31.05
CA PHE M 79 -31.80 36.59 31.52
C PHE M 79 -31.81 37.38 32.82
N PHE M 80 -32.59 38.45 32.84
CA PHE M 80 -32.69 39.35 33.99
C PHE M 80 -34.12 39.31 34.49
N LYS M 81 -34.34 38.63 35.62
CA LYS M 81 -35.66 38.47 36.19
C LYS M 81 -35.76 39.29 37.48
N MET M 82 -36.86 40.04 37.61
CA MET M 82 -37.13 40.82 38.81
C MET M 82 -38.57 40.58 39.23
N ASN M 83 -38.81 40.74 40.53
CA ASN M 83 -40.14 40.55 41.10
C ASN M 83 -40.52 41.78 41.92
N SER M 84 -41.73 41.74 42.49
CA SER M 84 -42.29 42.83 43.28
C SER M 84 -42.33 44.13 42.47
N LEU M 85 -43.09 44.09 41.39
CA LEU M 85 -43.23 45.26 40.52
C LEU M 85 -43.99 46.36 41.24
N GLN M 86 -43.50 47.59 41.10
CA GLN M 86 -44.11 48.76 41.71
C GLN M 86 -44.26 49.85 40.65
N THR M 87 -44.96 50.93 41.04
CA THR M 87 -45.17 52.03 40.11
C THR M 87 -43.86 52.68 39.70
N ASN M 88 -42.91 52.82 40.64
CA ASN M 88 -41.62 53.42 40.33
C ASN M 88 -40.75 52.55 39.45
N ASP M 89 -41.12 51.27 39.24
CA ASP M 89 -40.33 50.39 38.40
C ASP M 89 -40.34 50.79 36.93
N THR M 90 -41.23 51.69 36.53
CA THR M 90 -41.23 52.20 35.16
C THR M 90 -39.94 52.95 34.89
N ALA M 91 -39.08 52.39 34.04
CA ALA M 91 -37.76 52.94 33.80
C ALA M 91 -37.20 52.33 32.51
N ILE M 92 -35.94 52.63 32.23
CA ILE M 92 -35.21 52.06 31.11
C ILE M 92 -34.04 51.27 31.67
N TYR M 93 -33.96 49.99 31.33
CA TYR M 93 -32.96 49.09 31.87
C TYR M 93 -31.92 48.79 30.79
N TYR M 94 -30.66 49.09 31.10
CA TYR M 94 -29.55 48.89 30.17
C TYR M 94 -28.76 47.65 30.57
N CYS M 95 -28.45 46.81 29.60
CA CYS M 95 -27.50 45.72 29.77
C CYS M 95 -26.24 46.03 28.98
N ALA M 96 -25.09 45.71 29.56
CA ALA M 96 -23.80 46.01 28.96
C ALA M 96 -22.79 44.97 29.41
N ARG M 97 -21.69 44.89 28.66
CA ARG M 97 -20.65 43.89 28.90
C ARG M 97 -19.57 44.44 29.81
N MET M 98 -18.77 43.53 30.37
CA MET M 98 -17.69 43.89 31.28
C MET M 98 -16.39 43.98 30.51
N GLY M 99 -15.69 45.10 30.68
CA GLY M 99 -14.44 45.34 29.99
C GLY M 99 -13.24 44.87 30.78
N ASP M 100 -12.13 44.69 30.08
CA ASP M 100 -10.89 44.28 30.71
C ASP M 100 -10.28 45.42 31.52
N GLY M 101 -9.63 45.08 32.63
CA GLY M 101 -9.04 46.07 33.49
C GLY M 101 -9.38 45.86 34.95
N TYR M 102 -9.94 46.89 35.59
CA TYR M 102 -10.32 46.81 36.99
C TYR M 102 -11.83 46.58 37.12
N TYR M 103 -12.24 46.23 38.34
CA TYR M 103 -13.62 45.84 38.58
C TYR M 103 -14.58 47.01 38.32
N VAL M 104 -14.21 48.20 38.77
CA VAL M 104 -14.98 49.41 38.51
C VAL M 104 -14.32 50.16 37.36
N GLY M 105 -15.12 50.57 36.37
CA GLY M 105 -14.61 51.15 35.16
C GLY M 105 -14.64 50.18 34.00
N ALA M 106 -13.67 50.29 33.09
CA ALA M 106 -13.58 49.41 31.91
C ALA M 106 -14.87 49.45 31.11
N MET M 107 -15.44 50.64 31.01
CA MET M 107 -16.73 50.85 30.36
C MET M 107 -16.44 51.31 28.94
N ASP M 108 -16.35 50.33 28.03
CA ASP M 108 -16.01 50.64 26.65
C ASP M 108 -17.24 51.04 25.85
N TYR M 109 -18.26 50.18 25.81
CA TYR M 109 -19.51 50.49 25.14
C TYR M 109 -20.66 49.88 25.92
N TRP M 110 -21.85 49.99 25.37
CA TRP M 110 -23.08 49.62 26.09
C TRP M 110 -24.07 49.05 25.08
N GLY M 111 -25.32 48.92 25.51
CA GLY M 111 -26.38 48.49 24.62
C GLY M 111 -27.67 49.24 24.94
N GLN M 112 -28.46 49.48 23.89
CA GLN M 112 -29.73 50.16 24.07
C GLN M 112 -30.69 49.30 24.86
N GLY M 113 -31.38 49.93 25.81
CA GLY M 113 -32.21 49.21 26.75
C GLY M 113 -33.68 49.14 26.36
N THR M 114 -34.45 48.51 27.23
CA THR M 114 -35.88 48.32 27.05
C THR M 114 -36.65 49.28 27.95
N SER M 115 -37.84 49.67 27.48
CA SER M 115 -38.70 50.59 28.22
C SER M 115 -39.83 49.79 28.89
N VAL M 116 -39.76 49.66 30.21
CA VAL M 116 -40.76 48.94 30.98
C VAL M 116 -41.73 49.97 31.55
N THR M 117 -43.02 49.78 31.28
CA THR M 117 -44.07 50.66 31.76
C THR M 117 -44.93 49.89 32.76
N VAL M 118 -45.07 50.43 33.96
CA VAL M 118 -45.84 49.81 35.03
C VAL M 118 -46.94 50.76 35.45
N SER M 119 -48.18 50.29 35.40
CA SER M 119 -49.32 51.10 35.78
C SER M 119 -50.47 50.19 36.15
N SER M 120 -51.46 50.75 36.84
CA SER M 120 -52.63 49.99 37.26
C SER M 120 -53.81 50.25 36.32
N ASP N 1 -23.05 54.93 52.26
CA ASP N 1 -22.81 55.11 50.84
C ASP N 1 -22.14 56.46 50.57
N ILE N 2 -21.73 56.68 49.33
CA ILE N 2 -21.09 57.91 48.90
C ILE N 2 -21.97 58.59 47.87
N GLN N 3 -21.78 59.90 47.73
CA GLN N 3 -22.57 60.70 46.81
C GLN N 3 -21.65 61.60 45.99
N LEU N 4 -22.13 61.98 44.81
CA LEU N 4 -21.40 62.84 43.90
C LEU N 4 -22.24 64.06 43.56
N THR N 5 -21.63 65.24 43.65
CA THR N 5 -22.27 66.49 43.31
C THR N 5 -21.60 67.09 42.08
N GLN N 6 -22.42 67.48 41.09
CA GLN N 6 -21.90 68.11 39.89
C GLN N 6 -21.66 69.58 40.18
N SER N 7 -20.86 70.24 39.34
CA SER N 7 -20.56 71.66 39.54
C SER N 7 -21.80 72.54 39.38
N PRO N 8 -22.24 72.75 38.13
CA PRO N 8 -23.43 73.55 37.84
C PRO N 8 -24.55 72.64 37.34
N ALA N 9 -25.80 73.08 37.48
CA ALA N 9 -26.92 72.29 37.00
C ALA N 9 -26.94 72.37 35.48
N ILE N 10 -26.95 73.60 34.97
CA ILE N 10 -26.95 73.89 33.55
C ILE N 10 -25.92 74.98 33.29
N LEU N 11 -25.00 74.73 32.38
CA LEU N 11 -23.95 75.68 32.02
C LEU N 11 -24.21 76.19 30.61
N SER N 12 -24.30 77.51 30.45
CA SER N 12 -24.53 78.15 29.17
C SER N 12 -23.22 78.77 28.70
N VAL N 13 -22.80 78.40 27.48
CA VAL N 13 -21.54 78.90 26.93
C VAL N 13 -21.60 78.75 25.42
N SER N 14 -20.93 79.65 24.72
CA SER N 14 -20.85 79.58 23.28
C SER N 14 -19.90 78.45 22.86
N PRO N 15 -20.10 77.86 21.68
CA PRO N 15 -19.13 76.90 21.17
C PRO N 15 -17.80 77.57 20.86
N GLY N 16 -16.71 76.83 21.08
CA GLY N 16 -15.38 77.29 20.74
C GLY N 16 -14.56 77.85 21.88
N GLU N 17 -15.14 77.99 23.07
CA GLU N 17 -14.43 78.53 24.22
C GLU N 17 -14.11 77.44 25.24
N ARG N 18 -13.17 77.76 26.13
CA ARG N 18 -12.74 76.81 27.14
C ARG N 18 -13.85 76.55 28.15
N VAL N 19 -14.08 75.29 28.47
CA VAL N 19 -15.09 74.88 29.43
C VAL N 19 -14.50 73.86 30.40
N SER N 20 -15.11 73.76 31.57
CA SER N 20 -14.70 72.79 32.57
C SER N 20 -15.90 72.40 33.41
N PHE N 21 -15.98 71.12 33.75
CA PHE N 21 -17.07 70.57 34.55
C PHE N 21 -16.49 69.93 35.80
N SER N 22 -17.14 70.18 36.94
CA SER N 22 -16.64 69.77 38.24
C SER N 22 -17.54 68.71 38.87
N CYS N 23 -16.91 67.69 39.44
CA CYS N 23 -17.60 66.66 40.22
C CYS N 23 -16.92 66.57 41.58
N ARG N 24 -17.71 66.60 42.64
CA ARG N 24 -17.21 66.59 44.01
C ARG N 24 -17.71 65.34 44.74
N ALA N 25 -16.83 64.75 45.53
CA ALA N 25 -17.15 63.54 46.31
C ALA N 25 -17.02 63.85 47.79
N SER N 26 -17.91 63.23 48.57
CA SER N 26 -17.88 63.41 50.02
C SER N 26 -16.67 62.73 50.64
N GLN N 27 -16.25 61.59 50.10
CA GLN N 27 -15.15 60.81 50.63
C GLN N 27 -14.07 60.66 49.56
N SER N 28 -12.81 60.67 50.00
CA SER N 28 -11.69 60.51 49.08
C SER N 28 -11.76 59.15 48.40
N ILE N 29 -11.58 59.15 47.07
CA ILE N 29 -11.66 57.94 46.27
C ILE N 29 -10.39 57.69 45.45
N GLY N 30 -9.36 58.50 45.63
CA GLY N 30 -8.17 58.37 44.82
C GLY N 30 -8.37 58.83 43.40
N THR N 31 -8.40 57.87 42.45
CA THR N 31 -8.60 58.19 41.05
C THR N 31 -9.69 57.33 40.42
N SER N 32 -10.57 56.74 41.23
CA SER N 32 -11.62 55.86 40.73
C SER N 32 -12.86 56.68 40.37
N ILE N 33 -12.71 57.48 39.31
CA ILE N 33 -13.79 58.30 38.78
C ILE N 33 -13.83 58.14 37.27
N HIS N 34 -14.99 58.43 36.69
CA HIS N 34 -15.18 58.36 35.25
C HIS N 34 -16.13 59.46 34.82
N TRP N 35 -16.00 59.88 33.56
CA TRP N 35 -16.81 60.94 32.98
C TRP N 35 -17.57 60.40 31.77
N TYR N 36 -18.86 60.71 31.69
CA TYR N 36 -19.71 60.22 30.62
C TYR N 36 -20.46 61.39 29.98
N GLN N 37 -20.77 61.24 28.69
CA GLN N 37 -21.51 62.25 27.94
C GLN N 37 -22.79 61.63 27.42
N GLN N 38 -23.93 62.18 27.82
CA GLN N 38 -25.24 61.72 27.38
C GLN N 38 -25.91 62.82 26.57
N ARG N 39 -26.30 62.49 25.34
CA ARG N 39 -26.97 63.42 24.46
C ARG N 39 -28.48 63.17 24.50
N THR N 40 -29.23 64.04 23.82
CA THR N 40 -30.67 63.86 23.75
C THR N 40 -31.01 62.61 22.93
N ASN N 41 -31.99 61.86 23.42
CA ASN N 41 -32.41 60.60 22.80
C ASN N 41 -31.22 59.65 22.62
N GLY N 42 -30.32 59.67 23.59
CA GLY N 42 -29.12 58.85 23.53
C GLY N 42 -28.60 58.53 24.91
N SER N 43 -28.00 57.36 25.03
CA SER N 43 -27.41 56.90 26.28
C SER N 43 -26.04 57.54 26.49
N PRO N 44 -25.56 57.58 27.73
CA PRO N 44 -24.26 58.22 27.99
C PRO N 44 -23.11 57.53 27.25
N ARG N 45 -22.13 58.34 26.87
CA ARG N 45 -20.94 57.87 26.17
C ARG N 45 -19.72 58.11 27.05
N HIS N 46 -18.88 57.08 27.21
CA HIS N 46 -17.71 57.19 28.07
C HIS N 46 -16.68 58.16 27.49
N LEU N 47 -16.36 59.20 28.25
CA LEU N 47 -15.36 60.18 27.83
C LEU N 47 -13.98 59.88 28.42
N ILE N 48 -13.88 59.85 29.75
CA ILE N 48 -12.62 59.72 30.45
C ILE N 48 -12.76 58.68 31.55
N LYS N 49 -11.78 57.78 31.66
CA LYS N 49 -11.73 56.80 32.74
C LYS N 49 -10.55 57.10 33.65
N TYR N 50 -10.78 57.01 34.95
CA TYR N 50 -9.78 57.15 36.00
C TYR N 50 -9.15 58.54 36.04
N ALA N 51 -9.72 59.52 35.33
CA ALA N 51 -9.28 60.91 35.35
C ALA N 51 -7.82 61.09 34.96
N SER N 52 -7.22 60.09 34.32
CA SER N 52 -5.81 60.16 33.94
C SER N 52 -5.54 59.75 32.50
N GLU N 53 -6.42 58.97 31.87
CA GLU N 53 -6.23 58.54 30.50
C GLU N 53 -7.53 58.72 29.72
N SER N 54 -7.39 58.86 28.41
CA SER N 54 -8.53 59.08 27.54
C SER N 54 -9.07 57.74 27.03
N ILE N 55 -10.05 57.80 26.14
CA ILE N 55 -10.68 56.62 25.55
C ILE N 55 -10.45 56.68 24.05
N SER N 56 -10.17 55.52 23.44
CA SER N 56 -9.98 55.46 22.00
C SER N 56 -11.20 55.97 21.27
N GLY N 57 -10.99 56.84 20.28
CA GLY N 57 -12.06 57.46 19.55
C GLY N 57 -12.58 58.76 20.13
N ILE N 58 -12.09 59.16 21.29
CA ILE N 58 -12.51 60.41 21.93
C ILE N 58 -11.62 61.54 21.43
N PRO N 59 -12.19 62.69 21.07
CA PRO N 59 -11.35 63.81 20.63
C PRO N 59 -10.38 64.26 21.71
N SER N 60 -9.21 64.73 21.27
CA SER N 60 -8.13 65.11 22.18
C SER N 60 -8.49 66.31 23.05
N ARG N 61 -9.54 67.05 22.71
CA ARG N 61 -9.91 68.22 23.51
C ARG N 61 -10.34 67.83 24.92
N PHE N 62 -10.88 66.62 25.08
CA PHE N 62 -11.31 66.14 26.39
C PHE N 62 -10.10 65.78 27.24
N SER N 63 -10.12 66.21 28.50
CA SER N 63 -9.04 65.89 29.44
C SER N 63 -9.61 65.84 30.85
N GLY N 64 -8.89 65.15 31.72
CA GLY N 64 -9.31 65.03 33.10
C GLY N 64 -8.20 65.45 34.05
N SER N 65 -8.62 65.98 35.20
CA SER N 65 -7.68 66.45 36.21
C SER N 65 -8.31 66.34 37.58
N GLY N 66 -7.47 66.38 38.61
CA GLY N 66 -7.92 66.29 39.97
C GLY N 66 -7.85 64.88 40.52
N SER N 67 -7.78 64.79 41.85
CA SER N 67 -7.72 63.51 42.53
C SER N 67 -8.29 63.66 43.93
N GLY N 68 -8.69 62.53 44.51
CA GLY N 68 -9.24 62.53 45.85
C GLY N 68 -10.73 62.76 45.87
N THR N 69 -11.14 64.00 46.18
CA THR N 69 -12.55 64.36 46.23
C THR N 69 -12.98 65.31 45.12
N ASP N 70 -12.03 65.95 44.44
CA ASP N 70 -12.33 66.93 43.40
C ASP N 70 -11.82 66.41 42.07
N PHE N 71 -12.67 66.48 41.04
CA PHE N 71 -12.31 66.09 39.69
C PHE N 71 -12.89 67.09 38.70
N THR N 72 -12.11 67.41 37.68
CA THR N 72 -12.51 68.39 36.68
C THR N 72 -12.31 67.82 35.29
N LEU N 73 -13.36 67.91 34.47
CA LEU N 73 -13.30 67.50 33.07
C LEU N 73 -13.21 68.75 32.20
N THR N 74 -12.09 68.89 31.48
CA THR N 74 -11.81 70.10 30.71
C THR N 74 -11.84 69.79 29.22
N ILE N 75 -12.47 70.67 28.45
CA ILE N 75 -12.57 70.53 27.00
C ILE N 75 -12.03 71.80 26.36
N ASN N 76 -11.16 71.62 25.36
CA ASN N 76 -10.55 72.74 24.63
C ASN N 76 -11.38 73.02 23.38
N GLY N 77 -11.97 74.21 23.31
CA GLY N 77 -12.75 74.58 22.15
C GLY N 77 -13.99 73.74 21.96
N VAL N 78 -14.97 73.89 22.86
CA VAL N 78 -16.19 73.09 22.78
C VAL N 78 -16.89 73.34 21.45
N GLU N 79 -17.41 72.26 20.86
CA GLU N 79 -18.08 72.30 19.58
C GLU N 79 -19.57 72.03 19.76
N SER N 80 -20.30 72.07 18.65
CA SER N 80 -21.75 71.85 18.70
C SER N 80 -22.09 70.43 19.15
N GLU N 81 -21.32 69.44 18.69
CA GLU N 81 -21.58 68.05 19.05
C GLU N 81 -21.37 67.80 20.54
N ASP N 82 -20.56 68.62 21.21
CA ASP N 82 -20.27 68.43 22.63
C ASP N 82 -21.32 69.05 23.54
N ILE N 83 -22.34 69.69 22.99
CA ILE N 83 -23.40 70.31 23.79
C ILE N 83 -24.34 69.20 24.23
N ALA N 84 -24.13 68.67 25.44
CA ALA N 84 -24.93 67.58 25.96
C ALA N 84 -24.74 67.51 27.46
N ASP N 85 -25.45 66.59 28.10
CA ASP N 85 -25.35 66.40 29.53
C ASP N 85 -24.15 65.52 29.87
N TYR N 86 -23.49 65.85 30.98
CA TYR N 86 -22.30 65.15 31.42
C TYR N 86 -22.55 64.50 32.79
N TYR N 87 -21.91 63.36 33.01
CA TYR N 87 -22.06 62.62 34.25
C TYR N 87 -20.70 62.18 34.76
N CYS N 88 -20.56 62.16 36.09
CA CYS N 88 -19.38 61.64 36.77
C CYS N 88 -19.78 60.42 37.57
N GLN N 89 -18.97 59.36 37.45
CA GLN N 89 -19.28 58.07 38.05
C GLN N 89 -18.15 57.61 38.96
N GLN N 90 -18.51 57.15 40.14
CA GLN N 90 -17.56 56.70 41.16
C GLN N 90 -17.71 55.21 41.39
N GLY N 91 -16.60 54.55 41.68
CA GLY N 91 -16.61 53.12 41.94
C GLY N 91 -15.70 52.66 43.06
N HIS N 92 -15.20 53.61 43.86
CA HIS N 92 -14.33 53.22 44.98
C HIS N 92 -15.07 52.37 45.98
N ASN N 93 -16.31 52.74 46.32
CA ASN N 93 -17.15 51.90 47.14
C ASN N 93 -17.78 50.80 46.31
N TRP N 94 -18.26 49.76 46.99
CA TRP N 94 -18.90 48.66 46.27
C TRP N 94 -20.13 49.08 45.50
N PRO N 95 -21.10 49.84 46.06
CA PRO N 95 -22.21 50.34 45.25
C PRO N 95 -21.78 51.55 44.44
N LEU N 96 -21.56 51.35 43.15
CA LEU N 96 -21.15 52.44 42.27
C LEU N 96 -22.33 53.37 42.02
N THR N 97 -22.04 54.67 41.98
CA THR N 97 -23.07 55.70 41.84
C THR N 97 -22.65 56.70 40.77
N PHE N 98 -23.64 57.43 40.27
CA PHE N 98 -23.42 58.46 39.26
C PHE N 98 -23.68 59.84 39.86
N GLY N 99 -23.16 60.86 39.18
CA GLY N 99 -23.32 62.22 39.63
C GLY N 99 -24.70 62.78 39.34
N ALA N 100 -24.91 64.02 39.79
CA ALA N 100 -26.20 64.66 39.57
C ALA N 100 -26.48 64.86 38.08
N GLY N 101 -25.47 65.26 37.33
CA GLY N 101 -25.63 65.45 35.89
C GLY N 101 -25.69 66.91 35.47
N THR N 102 -24.58 67.43 34.97
CA THR N 102 -24.53 68.80 34.47
C THR N 102 -24.88 68.83 32.99
N LYS N 103 -25.61 69.88 32.59
CA LYS N 103 -26.10 70.03 31.23
C LYS N 103 -25.42 71.21 30.56
N LEU N 104 -24.88 71.00 29.38
CA LEU N 104 -24.24 72.05 28.61
C LEU N 104 -25.29 72.73 27.73
N GLU N 105 -25.30 74.06 27.75
CA GLU N 105 -26.27 74.85 27.02
C GLU N 105 -25.56 75.82 26.08
N LEU N 106 -26.12 75.99 24.88
CA LEU N 106 -25.57 76.94 23.93
C LEU N 106 -25.87 78.37 24.36
N LYS N 107 -25.01 79.29 23.93
CA LYS N 107 -25.18 80.71 24.24
C LYS N 107 -25.75 81.51 23.08
N ARG N 108 -25.39 81.17 21.85
CA ARG N 108 -25.89 81.89 20.67
C ARG N 108 -27.40 81.75 20.54
N ASP O 1 75.88 18.28 13.56
CA ASP O 1 74.71 18.91 14.15
C ASP O 1 74.90 20.41 14.29
N ILE O 2 73.85 21.11 14.69
CA ILE O 2 73.87 22.55 14.87
C ILE O 2 73.58 22.85 16.33
N GLN O 3 74.01 24.03 16.78
CA GLN O 3 73.85 24.44 18.16
C GLN O 3 73.31 25.87 18.21
N LEU O 4 72.64 26.18 19.32
CA LEU O 4 72.05 27.50 19.54
C LEU O 4 72.60 28.08 20.84
N THR O 5 73.03 29.33 20.78
CA THR O 5 73.52 30.05 21.95
C THR O 5 72.56 31.19 22.28
N GLN O 6 72.17 31.28 23.54
CA GLN O 6 71.29 32.36 23.99
C GLN O 6 72.15 33.60 24.24
N SER O 7 71.52 34.77 24.30
CA SER O 7 72.24 36.02 24.53
C SER O 7 72.89 36.06 25.92
N PRO O 8 72.08 36.27 26.95
CA PRO O 8 72.56 36.31 28.33
C PRO O 8 72.06 35.10 29.10
N ALA O 9 72.75 34.72 30.16
CA ALA O 9 72.32 33.57 30.96
C ALA O 9 71.09 34.00 31.75
N ILE O 10 71.24 35.08 32.51
CA ILE O 10 70.17 35.66 33.32
C ILE O 10 70.17 37.17 33.09
N LEU O 11 69.01 37.70 32.72
CA LEU O 11 68.84 39.12 32.46
C LEU O 11 67.97 39.72 33.56
N SER O 12 68.48 40.75 34.22
CA SER O 12 67.77 41.45 35.29
C SER O 12 67.28 42.78 34.76
N VAL O 13 65.96 43.02 34.88
CA VAL O 13 65.36 44.25 34.38
C VAL O 13 64.04 44.45 35.12
N SER O 14 63.67 45.72 35.30
CA SER O 14 62.40 46.04 35.93
C SER O 14 61.26 45.78 34.95
N PRO O 15 60.06 45.48 35.46
CA PRO O 15 58.90 45.38 34.58
C PRO O 15 58.55 46.73 33.97
N GLY O 16 58.06 46.69 32.73
CA GLY O 16 57.60 47.88 32.04
C GLY O 16 58.57 48.51 31.07
N GLU O 17 59.80 48.02 30.98
CA GLU O 17 60.79 48.57 30.07
C GLU O 17 61.04 47.64 28.90
N ARG O 18 61.65 48.20 27.85
CA ARG O 18 61.93 47.44 26.64
C ARG O 18 62.98 46.38 26.91
N VAL O 19 62.74 45.16 26.42
CA VAL O 19 63.66 44.05 26.57
C VAL O 19 63.82 43.34 25.23
N SER O 20 64.93 42.62 25.09
CA SER O 20 65.20 41.85 23.88
C SER O 20 66.08 40.67 24.25
N PHE O 21 65.79 39.52 23.64
CA PHE O 21 66.53 38.29 23.86
C PHE O 21 67.11 37.80 22.54
N SER O 22 68.36 37.36 22.59
CA SER O 22 69.11 37.01 21.39
C SER O 22 69.42 35.52 21.36
N CYS O 23 69.23 34.91 20.18
CA CYS O 23 69.62 33.54 19.92
C CYS O 23 70.50 33.51 18.69
N ARG O 24 71.65 32.84 18.79
CA ARG O 24 72.62 32.78 17.72
C ARG O 24 72.81 31.34 17.25
N ALA O 25 72.93 31.16 15.94
CA ALA O 25 73.12 29.85 15.34
C ALA O 25 74.47 29.80 14.62
N SER O 26 75.10 28.62 14.68
CA SER O 26 76.38 28.45 14.00
C SER O 26 76.22 28.42 12.49
N GLN O 27 75.12 27.88 11.99
CA GLN O 27 74.87 27.75 10.57
C GLN O 27 73.59 28.49 10.20
N SER O 28 73.58 29.10 9.01
CA SER O 28 72.40 29.81 8.55
C SER O 28 71.22 28.86 8.40
N ILE O 29 70.07 29.27 8.90
CA ILE O 29 68.86 28.46 8.90
C ILE O 29 67.68 29.16 8.22
N GLY O 30 67.90 30.35 7.66
CA GLY O 30 66.81 31.10 7.08
C GLY O 30 65.89 31.68 8.13
N THR O 31 64.67 31.14 8.24
CA THR O 31 63.70 31.62 9.21
C THR O 31 63.11 30.48 10.03
N SER O 32 63.78 29.32 10.07
CA SER O 32 63.26 28.16 10.79
C SER O 32 63.71 28.21 12.26
N ILE O 33 63.15 29.18 12.97
CA ILE O 33 63.42 29.34 14.40
C ILE O 33 62.09 29.58 15.12
N HIS O 34 62.08 29.30 16.42
CA HIS O 34 60.91 29.47 17.25
C HIS O 34 61.34 29.92 18.64
N TRP O 35 60.45 30.63 19.32
CA TRP O 35 60.70 31.15 20.66
C TRP O 35 59.66 30.60 21.61
N TYR O 36 60.12 30.14 22.79
CA TYR O 36 59.26 29.54 23.79
C TYR O 36 59.48 30.20 25.14
N GLN O 37 58.44 30.22 25.96
CA GLN O 37 58.49 30.78 27.30
C GLN O 37 58.15 29.70 28.31
N GLN O 38 59.09 29.40 29.21
CA GLN O 38 58.90 28.41 30.26
C GLN O 38 58.94 29.11 31.61
N ARG O 39 57.87 28.94 32.39
CA ARG O 39 57.77 29.52 33.72
C ARG O 39 58.12 28.46 34.76
N THR O 40 58.20 28.89 36.02
CA THR O 40 58.49 27.96 37.10
C THR O 40 57.33 26.98 37.28
N ASN O 41 57.68 25.71 37.51
CA ASN O 41 56.71 24.63 37.63
C ASN O 41 55.76 24.59 36.42
N GLY O 42 56.31 24.87 35.25
CA GLY O 42 55.52 24.89 34.04
C GLY O 42 56.37 24.61 32.83
N SER O 43 55.75 23.97 31.83
CA SER O 43 56.42 23.65 30.58
C SER O 43 56.47 24.86 29.67
N PRO O 44 57.38 24.88 28.69
CA PRO O 44 57.50 26.04 27.81
C PRO O 44 56.23 26.31 27.03
N ARG O 45 55.98 27.59 26.77
CA ARG O 45 54.82 28.05 26.01
C ARG O 45 55.31 28.70 24.72
N HIS O 46 54.72 28.31 23.60
CA HIS O 46 55.13 28.86 22.30
C HIS O 46 54.79 30.34 22.17
N LEU O 47 55.81 31.17 21.96
CA LEU O 47 55.61 32.60 21.78
C LEU O 47 55.54 32.99 20.30
N ILE O 48 56.61 32.70 19.55
CA ILE O 48 56.76 33.13 18.17
C ILE O 48 57.24 31.96 17.34
N LYS O 49 56.63 31.77 16.16
CA LYS O 49 57.06 30.77 15.21
C LYS O 49 57.61 31.44 13.96
N TYR O 50 58.73 30.91 13.46
CA TYR O 50 59.37 31.35 12.22
C TYR O 50 59.84 32.80 12.26
N ALA O 51 59.87 33.42 13.44
CA ALA O 51 60.40 34.76 13.64
C ALA O 51 59.73 35.81 12.77
N SER O 52 58.56 35.51 12.22
CA SER O 52 57.85 36.44 11.36
C SER O 52 56.37 36.61 11.70
N GLU O 53 55.75 35.66 12.38
CA GLU O 53 54.34 35.74 12.74
C GLU O 53 54.17 35.35 14.20
N SER O 54 53.10 35.86 14.80
CA SER O 54 52.82 35.61 16.21
C SER O 54 51.94 34.36 16.35
N ILE O 55 51.51 34.07 17.56
CA ILE O 55 50.66 32.94 17.88
C ILE O 55 49.36 33.46 18.48
N SER O 56 48.24 32.84 18.10
CA SER O 56 46.95 33.25 18.64
C SER O 56 46.94 33.14 20.15
N GLY O 57 46.45 34.19 20.81
CA GLY O 57 46.44 34.26 22.25
C GLY O 57 47.68 34.86 22.88
N ILE O 58 48.70 35.18 22.08
CA ILE O 58 49.94 35.78 22.58
C ILE O 58 49.77 37.30 22.59
N PRO O 59 50.17 37.98 23.65
CA PRO O 59 50.07 39.45 23.68
C PRO O 59 50.88 40.08 22.56
N SER O 60 50.39 41.21 22.05
CA SER O 60 51.01 41.89 20.92
C SER O 60 52.39 42.45 21.24
N ARG O 61 52.77 42.54 22.52
CA ARG O 61 54.08 43.07 22.87
C ARG O 61 55.20 42.17 22.35
N PHE O 62 54.94 40.87 22.21
CA PHE O 62 55.95 39.94 21.71
C PHE O 62 56.13 40.12 20.21
N SER O 63 57.38 40.14 19.76
CA SER O 63 57.69 40.27 18.34
C SER O 63 59.02 39.59 18.06
N GLY O 64 59.22 39.23 16.80
CA GLY O 64 60.43 38.56 16.38
C GLY O 64 61.09 39.28 15.22
N SER O 65 62.42 39.19 15.19
CA SER O 65 63.20 39.86 14.16
C SER O 65 64.48 39.08 13.92
N GLY O 66 65.10 39.35 12.77
CA GLY O 66 66.35 38.70 12.41
C GLY O 66 66.13 37.47 11.53
N SER O 67 67.18 37.13 10.79
CA SER O 67 67.13 35.98 9.89
C SER O 67 68.55 35.44 9.71
N GLY O 68 68.62 34.19 9.27
CA GLY O 68 69.91 33.56 9.04
C GLY O 68 70.48 32.91 10.28
N THR O 69 71.43 33.59 10.92
CA THR O 69 72.07 33.08 12.13
C THR O 69 71.69 33.86 13.39
N ASP O 70 71.15 35.07 13.25
CA ASP O 70 70.81 35.92 14.37
C ASP O 70 69.31 36.12 14.44
N PHE O 71 68.74 35.93 15.64
CA PHE O 71 67.33 36.16 15.86
C PHE O 71 67.14 36.85 17.20
N THR O 72 66.19 37.79 17.23
CA THR O 72 65.94 38.60 18.41
C THR O 72 64.45 38.57 18.73
N LEU O 73 64.11 38.27 19.98
CA LEU O 73 62.75 38.31 20.48
C LEU O 73 62.58 39.56 21.32
N THR O 74 61.70 40.46 20.88
CA THR O 74 61.53 41.76 21.51
C THR O 74 60.14 41.86 22.14
N ILE O 75 60.10 42.40 23.36
CA ILE O 75 58.86 42.58 24.11
C ILE O 75 58.75 44.05 24.50
N ASN O 76 57.58 44.63 24.26
CA ASN O 76 57.30 46.02 24.59
C ASN O 76 56.63 46.09 25.96
N GLY O 77 57.30 46.71 26.92
CA GLY O 77 56.73 46.86 28.25
C GLY O 77 56.56 45.54 28.97
N VAL O 78 57.67 44.89 29.34
CA VAL O 78 57.60 43.61 30.01
C VAL O 78 56.82 43.72 31.31
N GLU O 79 55.98 42.72 31.58
CA GLU O 79 55.13 42.69 32.76
C GLU O 79 55.61 41.60 33.71
N SER O 80 54.92 41.49 34.85
CA SER O 80 55.29 40.49 35.84
C SER O 80 55.11 39.08 35.33
N GLU O 81 54.04 38.82 34.57
CA GLU O 81 53.78 37.49 34.05
C GLU O 81 54.83 37.05 33.04
N ASP O 82 55.53 38.00 32.41
CA ASP O 82 56.53 37.66 31.41
C ASP O 82 57.90 37.35 32.01
N ILE O 83 58.05 37.42 33.33
CA ILE O 83 59.31 37.14 33.99
C ILE O 83 59.46 35.62 34.07
N ALA O 84 60.15 35.04 33.10
CA ALA O 84 60.33 33.59 33.03
C ALA O 84 61.49 33.29 32.11
N ASP O 85 61.82 32.01 31.99
CA ASP O 85 62.90 31.57 31.12
C ASP O 85 62.41 31.45 29.68
N TYR O 86 63.29 31.81 28.75
CA TYR O 86 62.97 31.82 27.33
C TYR O 86 63.89 30.84 26.59
N TYR O 87 63.36 30.23 25.54
CA TYR O 87 64.10 29.26 24.75
C TYR O 87 63.92 29.56 23.27
N CYS O 88 64.98 29.28 22.50
CA CYS O 88 64.95 29.38 21.05
C CYS O 88 65.17 27.99 20.46
N GLN O 89 64.34 27.62 19.48
CA GLN O 89 64.33 26.28 18.92
C GLN O 89 64.55 26.34 17.42
N GLN O 90 65.43 25.47 16.92
CA GLN O 90 65.79 25.42 15.51
C GLN O 90 65.34 24.08 14.92
N GLY O 91 64.95 24.11 13.66
CA GLY O 91 64.50 22.91 12.98
C GLY O 91 64.95 22.78 11.54
N HIS O 92 65.91 23.63 11.12
CA HIS O 92 66.40 23.54 9.75
C HIS O 92 67.07 22.19 9.48
N ASN O 93 67.88 21.73 10.42
CA ASN O 93 68.45 20.39 10.33
C ASN O 93 67.43 19.37 10.80
N TRP O 94 67.66 18.11 10.43
CA TRP O 94 66.75 17.04 10.84
C TRP O 94 66.66 16.89 12.35
N PRO O 95 67.78 16.81 13.11
CA PRO O 95 67.66 16.78 14.57
C PRO O 95 67.41 18.18 15.12
N LEU O 96 66.17 18.45 15.52
CA LEU O 96 65.83 19.75 16.06
C LEU O 96 66.40 19.90 17.47
N THR O 97 66.89 21.10 17.78
CA THR O 97 67.54 21.37 19.04
C THR O 97 66.98 22.67 19.64
N PHE O 98 67.19 22.82 20.94
CA PHE O 98 66.77 23.99 21.68
C PHE O 98 67.97 24.80 22.14
N GLY O 99 67.73 26.07 22.46
CA GLY O 99 68.78 26.95 22.90
C GLY O 99 69.21 26.69 24.33
N ALA O 100 70.22 27.45 24.76
CA ALA O 100 70.73 27.31 26.12
C ALA O 100 69.66 27.67 27.15
N GLY O 101 68.90 28.73 26.91
CA GLY O 101 67.85 29.13 27.81
C GLY O 101 68.18 30.34 28.64
N THR O 102 67.67 31.51 28.24
CA THR O 102 67.88 32.74 28.98
C THR O 102 66.76 32.93 30.01
N LYS O 103 67.14 33.45 31.17
CA LYS O 103 66.21 33.62 32.28
C LYS O 103 66.00 35.10 32.56
N LEU O 104 64.74 35.51 32.65
CA LEU O 104 64.39 36.89 32.95
C LEU O 104 64.28 37.07 34.46
N GLU O 105 64.93 38.10 34.98
CA GLU O 105 64.98 38.37 36.41
C GLU O 105 64.43 39.76 36.70
N LEU O 106 63.68 39.87 37.80
CA LEU O 106 63.14 41.17 38.21
C LEU O 106 64.25 42.03 38.81
N LYS O 107 64.07 43.34 38.70
CA LYS O 107 65.03 44.30 39.25
C LYS O 107 64.61 44.89 40.59
N ARG O 108 63.31 45.12 40.77
CA ARG O 108 62.81 45.69 42.02
C ARG O 108 63.08 44.77 43.21
#